data_9K2A
#
_entry.id   9K2A
#
_cell.length_a   94.416
_cell.length_b   190.263
_cell.length_c   96.201
_cell.angle_alpha   90.00
_cell.angle_beta   117.82
_cell.angle_gamma   90.00
#
_symmetry.space_group_name_H-M   'P 1 21 1'
#
loop_
_entity.id
_entity.type
_entity.pdbx_description
1 polymer 'ATP-dependent Clp protease proteolytic subunit'
2 non-polymer (6~{S},9~{a}~{S})-6-(3-azidopropyl)-8-(naphthalen-1-ylmethyl)-4,7-bis(oxidanylidene)-~{N}-[4,4,4-tris(fluoranyl)butyl]-3,6,9,9~{a}-tetrahydro-2~{H}-pyrazino[1,2-a]pyrimidine-1-carboxamide
3 non-polymer (4S)-2-METHYL-2,4-PENTANEDIOL
4 non-polymer 'TERTIARY-BUTYL ALCOHOL'
5 water water
#
_entity_poly.entity_id   1
_entity_poly.type   'polypeptide(L)'
_entity_poly.pdbx_seq_one_letter_code
;MNLIPTVIETTNRGERAYDIYSRLLKDRIIMLGSQIDDNVANSIVSQLLFLQAQDSEKDIYLYINSPGGSVTAGFAIYDT
IQHIKPDVQTICIGMAASMGSFLLAAGAKGKRFALPNAEVMIHQPLGGAQGQATEIEIAANHILKTREKLNRILSERTGQ
SIEKIQKDTDRDNFLTAEEAKEYGLIDEVMVPETKHHHHHH
;
_entity_poly.pdbx_strand_id   A,B,C,D,E,F,G,H,I,J,K,L,M,N
#
loop_
_chem_comp.id
_chem_comp.type
_chem_comp.name
_chem_comp.formula
A1EEE non-polymer (6~{S},9~{a}~{S})-6-(3-azidopropyl)-8-(naphthalen-1-ylmethyl)-4,7-bis(oxidanylidene)-~{N}-[4,4,4-tris(fluoranyl)butyl]-3,6,9,9~{a}-tetrahydro-2~{H}-pyrazino[1,2-a]pyrimidine-1-carboxamide 'C26 H30 F3 N7 O3'
MPD non-polymer (4S)-2-METHYL-2,4-PENTANEDIOL 'C6 H14 O2'
TBU non-polymer 'TERTIARY-BUTYL ALCOHOL' 'C4 H10 O'
#
# COMPACT_ATOMS: atom_id res chain seq x y z
N LEU A 3 -5.34 8.48 28.34
CA LEU A 3 -4.94 9.50 29.35
C LEU A 3 -4.94 8.91 30.77
N ILE A 4 -3.78 8.93 31.42
CA ILE A 4 -3.58 8.39 32.77
C ILE A 4 -3.92 9.51 33.79
N PRO A 5 -4.77 9.20 34.80
CA PRO A 5 -5.15 10.25 35.77
C PRO A 5 -4.04 10.58 36.78
N THR A 6 -4.13 11.78 37.35
CA THR A 6 -3.17 12.31 38.32
C THR A 6 -3.80 12.35 39.72
N VAL A 7 -2.97 12.19 40.74
CA VAL A 7 -3.40 12.34 42.15
C VAL A 7 -2.45 13.32 42.86
N ILE A 8 -2.97 13.99 43.89
CA ILE A 8 -2.22 14.99 44.65
C ILE A 8 -2.16 14.60 46.13
N ALA A 17 1.92 15.96 43.18
CA ALA A 17 1.25 15.52 41.96
C ALA A 17 1.90 14.28 41.33
N TYR A 18 1.27 13.12 41.50
CA TYR A 18 1.71 11.84 40.90
C TYR A 18 0.74 11.37 39.83
N ASP A 19 1.26 10.83 38.72
CA ASP A 19 0.44 9.94 37.86
C ASP A 19 0.11 8.69 38.68
N ILE A 20 -1.01 8.04 38.39
CA ILE A 20 -1.54 6.95 39.25
C ILE A 20 -0.53 5.81 39.45
N TYR A 21 0.23 5.45 38.41
CA TYR A 21 1.20 4.36 38.52
C TYR A 21 2.37 4.74 39.44
N SER A 22 2.90 5.95 39.28
CA SER A 22 3.91 6.49 40.20
C SER A 22 3.45 6.53 41.65
N ARG A 23 2.18 6.83 41.87
CA ARG A 23 1.59 6.76 43.22
C ARG A 23 1.64 5.35 43.79
N LEU A 24 1.33 4.36 42.95
CA LEU A 24 1.42 2.95 43.37
C LEU A 24 2.86 2.56 43.70
N LEU A 25 3.81 3.01 42.88
CA LEU A 25 5.23 2.79 43.12
C LEU A 25 5.71 3.36 44.45
N LYS A 26 5.11 4.46 44.92
CA LYS A 26 5.40 5.04 46.24
C LYS A 26 5.11 4.05 47.38
N ASP A 27 4.08 3.20 47.21
CA ASP A 27 3.78 2.10 48.13
C ASP A 27 4.35 0.73 47.68
N ARG A 28 5.45 0.75 46.92
CA ARG A 28 6.20 -0.45 46.56
C ARG A 28 5.40 -1.46 45.70
N ILE A 29 4.49 -0.95 44.87
CA ILE A 29 3.73 -1.76 43.91
C ILE A 29 4.30 -1.47 42.52
N ILE A 30 4.74 -2.51 41.81
CA ILE A 30 5.22 -2.40 40.43
C ILE A 30 4.17 -3.03 39.49
N MET A 31 3.94 -2.37 38.35
CA MET A 31 2.90 -2.75 37.39
C MET A 31 3.48 -3.40 36.13
N LEU A 32 3.33 -4.72 36.01
CA LEU A 32 3.63 -5.45 34.78
C LEU A 32 2.30 -5.73 34.09
N GLY A 33 1.87 -4.76 33.29
CA GLY A 33 0.54 -4.77 32.70
C GLY A 33 0.49 -4.73 31.18
N SER A 34 1.52 -5.25 30.53
CA SER A 34 1.62 -5.20 29.07
C SER A 34 2.50 -6.34 28.54
N GLN A 35 2.61 -6.44 27.21
CA GLN A 35 3.51 -7.42 26.61
C GLN A 35 4.94 -7.11 27.05
N ILE A 36 5.68 -8.17 27.40
CA ILE A 36 7.02 -8.04 27.93
C ILE A 36 7.98 -7.85 26.74
N ASP A 37 8.48 -6.63 26.60
CA ASP A 37 9.60 -6.35 25.71
C ASP A 37 10.73 -5.74 26.56
N ASP A 38 11.83 -5.37 25.92
CA ASP A 38 13.00 -4.87 26.62
C ASP A 38 12.74 -3.56 27.37
N ASN A 39 11.94 -2.66 26.78
CA ASN A 39 11.55 -1.40 27.44
C ASN A 39 10.84 -1.63 28.77
N VAL A 40 9.88 -2.55 28.76
CA VAL A 40 9.13 -2.93 29.96
C VAL A 40 10.04 -3.58 30.99
N ALA A 41 10.94 -4.45 30.54
CA ALA A 41 11.88 -5.14 31.44
C ALA A 41 12.82 -4.16 32.12
N ASN A 42 13.40 -3.25 31.34
CA ASN A 42 14.33 -2.24 31.86
C ASN A 42 13.68 -1.33 32.91
N SER A 43 12.41 -0.99 32.69
CA SER A 43 11.66 -0.15 33.61
C SER A 43 11.42 -0.89 34.93
N ILE A 44 10.93 -2.12 34.85
CA ILE A 44 10.70 -2.95 36.04
C ILE A 44 12.00 -3.25 36.81
N VAL A 45 13.08 -3.57 36.09
CA VAL A 45 14.40 -3.78 36.71
C VAL A 45 14.85 -2.54 37.49
N SER A 46 14.75 -1.38 36.84
CA SER A 46 15.06 -0.10 37.48
C SER A 46 14.21 0.15 38.74
N GLN A 47 12.91 -0.14 38.65
CA GLN A 47 12.00 0.03 39.78
C GLN A 47 12.34 -0.90 40.94
N LEU A 48 12.58 -2.18 40.63
CA LEU A 48 13.00 -3.18 41.63
C LEU A 48 14.28 -2.77 42.38
N LEU A 49 15.26 -2.24 41.63
CA LEU A 49 16.52 -1.80 42.22
C LEU A 49 16.33 -0.58 43.12
N PHE A 50 15.48 0.35 42.69
CA PHE A 50 15.12 1.54 43.47
C PHE A 50 14.42 1.20 44.79
N LEU A 51 13.44 0.30 44.74
CA LEU A 51 12.69 -0.07 45.95
C LEU A 51 13.58 -0.79 46.98
N GLN A 52 14.54 -1.59 46.49
CA GLN A 52 15.56 -2.22 47.34
CA GLN A 52 15.54 -2.22 47.35
C GLN A 52 16.36 -1.14 48.09
N ALA A 53 16.81 -0.14 47.35
CA ALA A 53 17.61 0.97 47.91
C ALA A 53 16.85 1.80 48.95
N GLN A 54 15.54 1.98 48.76
CA GLN A 54 14.67 2.65 49.74
C GLN A 54 14.52 1.83 51.03
N ASP A 55 14.21 0.55 50.87
CA ASP A 55 13.96 -0.35 51.99
C ASP A 55 14.28 -1.78 51.56
N SER A 56 15.36 -2.32 52.10
CA SER A 56 15.81 -3.67 51.78
C SER A 56 15.03 -4.78 52.49
N GLU A 57 14.20 -4.42 53.47
CA GLU A 57 13.42 -5.39 54.26
C GLU A 57 11.98 -5.57 53.77
N LYS A 58 11.31 -4.48 53.43
CA LYS A 58 9.87 -4.48 53.15
C LYS A 58 9.52 -5.12 51.82
N ASP A 59 8.39 -5.82 51.79
CA ASP A 59 7.92 -6.50 50.60
C ASP A 59 7.67 -5.55 49.43
N ILE A 60 7.91 -6.08 48.23
CA ILE A 60 7.53 -5.43 46.98
C ILE A 60 6.34 -6.23 46.42
N TYR A 61 5.47 -5.54 45.68
CA TYR A 61 4.26 -6.15 45.13
C TYR A 61 4.28 -6.00 43.61
N LEU A 62 4.39 -7.12 42.89
CA LEU A 62 4.41 -7.14 41.44
C LEU A 62 3.06 -7.57 40.90
N TYR A 63 2.30 -6.59 40.41
CA TYR A 63 1.04 -6.81 39.70
C TYR A 63 1.36 -7.38 38.33
N ILE A 64 0.70 -8.49 37.98
CA ILE A 64 0.88 -9.10 36.66
C ILE A 64 -0.47 -9.19 35.92
N ASN A 65 -0.61 -8.36 34.89
CA ASN A 65 -1.65 -8.54 33.87
C ASN A 65 -0.96 -8.52 32.51
N SER A 66 -0.39 -9.65 32.12
CA SER A 66 0.49 -9.72 30.96
C SER A 66 0.27 -10.98 30.11
N PRO A 67 0.30 -10.84 28.76
CA PRO A 67 0.29 -12.00 27.87
C PRO A 67 1.66 -12.64 27.60
N GLY A 68 2.73 -12.12 28.21
CA GLY A 68 4.09 -12.63 28.02
C GLY A 68 4.83 -11.78 27.02
N GLY A 69 5.76 -12.39 26.29
CA GLY A 69 6.58 -11.69 25.29
C GLY A 69 8.00 -12.24 25.26
N SER A 70 8.99 -11.35 25.21
CA SER A 70 10.40 -11.75 25.10
C SER A 70 10.87 -12.57 26.31
N VAL A 71 11.54 -13.69 26.03
CA VAL A 71 12.06 -14.59 27.07
C VAL A 71 13.22 -13.92 27.79
N THR A 72 14.15 -13.34 27.04
CA THR A 72 15.32 -12.66 27.62
C THR A 72 14.92 -11.46 28.48
N ALA A 73 13.95 -10.68 28.00
CA ALA A 73 13.35 -9.59 28.79
C ALA A 73 12.69 -10.10 30.08
N GLY A 74 12.01 -11.23 29.98
CA GLY A 74 11.43 -11.87 31.16
C GLY A 74 12.48 -12.30 32.17
N PHE A 75 13.60 -12.87 31.69
CA PHE A 75 14.71 -13.27 32.57
C PHE A 75 15.46 -12.09 33.19
N ALA A 76 15.51 -10.96 32.50
CA ALA A 76 16.00 -9.72 33.11
C ALA A 76 15.23 -9.42 34.39
N ILE A 77 13.89 -9.49 34.30
CA ILE A 77 13.01 -9.28 35.46
C ILE A 77 13.22 -10.39 36.49
N TYR A 78 13.15 -11.66 36.04
CA TYR A 78 13.33 -12.82 36.92
C TYR A 78 14.60 -12.73 37.76
N ASP A 79 15.74 -12.51 37.11
CA ASP A 79 17.03 -12.48 37.81
C ASP A 79 17.12 -11.36 38.82
N THR A 80 16.61 -10.17 38.45
CA THR A 80 16.60 -9.02 39.35
C THR A 80 15.74 -9.31 40.60
N ILE A 81 14.57 -9.93 40.42
CA ILE A 81 13.74 -10.37 41.55
C ILE A 81 14.55 -11.26 42.51
N GLN A 82 15.23 -12.26 41.95
CA GLN A 82 16.01 -13.20 42.77
C GLN A 82 17.23 -12.53 43.42
N HIS A 83 17.87 -11.62 42.70
CA HIS A 83 19.06 -10.92 43.21
C HIS A 83 18.80 -10.02 44.44
N ILE A 84 17.69 -9.28 44.45
CA ILE A 84 17.41 -8.32 45.53
C ILE A 84 16.97 -9.03 46.83
N LYS A 85 17.16 -8.33 47.95
CA LYS A 85 16.83 -8.88 49.28
C LYS A 85 15.33 -8.96 49.56
N PRO A 86 14.57 -7.87 49.28
CA PRO A 86 13.14 -7.92 49.61
C PRO A 86 12.38 -9.04 48.89
N ASP A 87 11.47 -9.69 49.61
CA ASP A 87 10.48 -10.57 48.99
C ASP A 87 9.67 -9.79 47.95
N VAL A 88 9.50 -10.39 46.77
CA VAL A 88 8.66 -9.82 45.72
C VAL A 88 7.40 -10.68 45.63
N GLN A 89 6.28 -10.12 46.09
CA GLN A 89 4.99 -10.77 45.93
C GLN A 89 4.59 -10.65 44.47
N THR A 90 3.86 -11.65 43.98
CA THR A 90 3.32 -11.64 42.63
C THR A 90 1.82 -11.82 42.74
N ILE A 91 1.08 -10.99 42.00
CA ILE A 91 -0.39 -10.99 42.05
C ILE A 91 -0.94 -10.95 40.63
N CYS A 92 -1.48 -12.08 40.18
CA CYS A 92 -2.08 -12.18 38.84
C CYS A 92 -3.49 -11.63 38.88
N ILE A 93 -3.74 -10.59 38.08
CA ILE A 93 -5.06 -9.99 37.93
C ILE A 93 -5.30 -9.86 36.43
N GLY A 94 -6.43 -10.40 35.97
CA GLY A 94 -6.73 -10.47 34.55
C GLY A 94 -6.16 -11.73 33.93
N MET A 95 -4.94 -11.64 33.42
CA MET A 95 -4.24 -12.82 32.93
C MET A 95 -2.73 -12.80 33.20
N ALA A 96 -2.16 -13.98 33.31
CA ALA A 96 -0.72 -14.18 33.25
C ALA A 96 -0.46 -15.32 32.27
N ALA A 97 0.11 -15.00 31.11
CA ALA A 97 0.34 -15.98 30.04
C ALA A 97 1.82 -16.05 29.67
N SER A 98 2.29 -17.26 29.37
CA SER A 98 3.64 -17.49 28.85
C SER A 98 4.70 -16.99 29.84
N MET A 99 5.61 -16.10 29.44
CA MET A 99 6.54 -15.49 30.39
C MET A 99 5.88 -14.75 31.54
N GLY A 100 4.63 -14.31 31.35
CA GLY A 100 3.82 -13.73 32.43
C GLY A 100 3.58 -14.71 33.56
N SER A 101 3.17 -15.94 33.21
CA SER A 101 2.92 -16.98 34.20
C SER A 101 4.21 -17.52 34.81
N PHE A 102 5.29 -17.52 34.04
CA PHE A 102 6.64 -17.83 34.55
C PHE A 102 7.05 -16.87 35.66
N LEU A 103 6.86 -15.58 35.43
CA LEU A 103 7.14 -14.55 36.43
C LEU A 103 6.19 -14.61 37.64
N LEU A 104 4.93 -14.99 37.40
CA LEU A 104 3.96 -15.23 38.49
C LEU A 104 4.46 -16.34 39.44
N ALA A 105 4.98 -17.42 38.87
CA ALA A 105 5.56 -18.53 39.63
C ALA A 105 6.87 -18.19 40.31
N ALA A 106 7.56 -17.17 39.80
CA ALA A 106 8.86 -16.71 40.32
C ALA A 106 8.79 -15.81 41.56
N GLY A 107 7.58 -15.47 42.04
CA GLY A 107 7.42 -14.64 43.23
C GLY A 107 7.88 -15.35 44.50
N ALA A 108 8.03 -14.58 45.57
CA ALA A 108 8.51 -15.11 46.85
C ALA A 108 7.60 -16.23 47.34
N LYS A 109 8.19 -17.31 47.81
CA LYS A 109 7.43 -18.49 48.27
C LYS A 109 6.47 -18.12 49.39
N GLY A 110 5.25 -18.64 49.29
CA GLY A 110 4.14 -18.24 50.15
C GLY A 110 3.41 -16.95 49.75
N LYS A 111 3.95 -16.19 48.79
CA LYS A 111 3.43 -14.86 48.45
C LYS A 111 3.16 -14.69 46.95
N ARG A 112 2.77 -15.79 46.29
CA ARG A 112 2.36 -15.74 44.89
C ARG A 112 0.85 -15.91 44.86
N PHE A 113 0.14 -14.93 44.31
CA PHE A 113 -1.32 -14.87 44.34
C PHE A 113 -1.94 -14.70 42.97
N ALA A 114 -3.19 -15.13 42.86
CA ALA A 114 -4.08 -14.73 41.78
C ALA A 114 -5.44 -14.46 42.39
N LEU A 115 -6.19 -13.54 41.80
CA LEU A 115 -7.57 -13.27 42.22
C LEU A 115 -8.51 -14.30 41.53
N PRO A 116 -9.70 -14.56 42.11
CA PRO A 116 -10.49 -15.76 41.79
C PRO A 116 -10.79 -16.04 40.31
N ASN A 117 -11.03 -14.99 39.53
CA ASN A 117 -11.39 -15.11 38.11
C ASN A 117 -10.24 -14.81 37.17
N ALA A 118 -9.02 -14.68 37.70
CA ALA A 118 -7.84 -14.50 36.86
C ALA A 118 -7.53 -15.77 36.07
N GLU A 119 -6.93 -15.58 34.90
CA GLU A 119 -6.60 -16.65 33.96
C GLU A 119 -5.09 -16.83 33.96
N VAL A 120 -4.64 -18.07 34.11
CA VAL A 120 -3.21 -18.39 34.00
C VAL A 120 -3.03 -19.35 32.84
N MET A 121 -2.14 -19.00 31.91
CA MET A 121 -1.82 -19.85 30.77
C MET A 121 -0.33 -20.13 30.70
N ILE A 122 0.02 -21.38 30.40
CA ILE A 122 1.41 -21.80 30.24
C ILE A 122 1.56 -22.46 28.87
N HIS A 123 2.62 -22.11 28.15
CA HIS A 123 2.99 -22.82 26.94
C HIS A 123 4.51 -22.74 26.70
N GLN A 124 4.97 -23.49 25.73
CA GLN A 124 6.37 -23.46 25.32
C GLN A 124 6.70 -22.17 24.58
N PRO A 125 7.99 -21.74 24.60
CA PRO A 125 8.35 -20.49 23.92
C PRO A 125 8.23 -20.58 22.39
N LEU A 126 7.99 -19.42 21.78
CA LEU A 126 7.82 -19.29 20.34
C LEU A 126 9.02 -18.55 19.78
N GLY A 127 9.40 -18.86 18.55
CA GLY A 127 10.53 -18.21 17.89
C GLY A 127 10.49 -18.38 16.39
N GLY A 128 11.65 -18.25 15.76
CA GLY A 128 11.75 -18.32 14.31
C GLY A 128 13.17 -18.45 13.80
N ALA A 129 13.31 -18.85 12.54
CA ALA A 129 14.62 -19.00 11.89
C ALA A 129 14.46 -19.06 10.37
N GLN A 130 15.32 -18.36 9.65
CA GLN A 130 15.34 -18.35 8.19
C GLN A 130 16.78 -18.30 7.71
N GLY A 131 17.08 -19.03 6.63
CA GLY A 131 18.42 -19.06 6.04
C GLY A 131 18.94 -20.47 5.81
N GLN A 132 20.23 -20.65 6.01
CA GLN A 132 20.91 -21.93 5.78
C GLN A 132 20.60 -22.96 6.85
N ALA A 133 20.67 -24.24 6.49
CA ALA A 133 20.44 -25.37 7.42
C ALA A 133 21.22 -25.25 8.73
N THR A 134 22.46 -24.79 8.64
CA THR A 134 23.35 -24.60 9.79
C THR A 134 22.83 -23.47 10.70
N GLU A 135 22.33 -22.38 10.09
CA GLU A 135 21.69 -21.29 10.83
C GLU A 135 20.37 -21.73 11.48
N ILE A 136 19.60 -22.56 10.78
CA ILE A 136 18.37 -23.14 11.34
C ILE A 136 18.70 -24.07 12.51
N GLU A 137 19.79 -24.84 12.37
CA GLU A 137 20.26 -25.73 13.44
C GLU A 137 20.63 -24.94 14.70
N ILE A 138 21.46 -23.93 14.53
CA ILE A 138 21.88 -23.05 15.63
C ILE A 138 20.68 -22.41 16.34
N ALA A 139 19.74 -21.87 15.57
CA ALA A 139 18.51 -21.28 16.14
C ALA A 139 17.65 -22.34 16.86
N ALA A 140 17.56 -23.54 16.27
CA ALA A 140 16.80 -24.65 16.89
C ALA A 140 17.39 -25.10 18.23
N ASN A 141 18.71 -25.29 18.27
CA ASN A 141 19.41 -25.66 19.50
C ASN A 141 19.32 -24.57 20.58
N HIS A 142 19.34 -23.30 20.15
CA HIS A 142 19.21 -22.16 21.06
C HIS A 142 17.84 -22.11 21.76
N ILE A 143 16.75 -22.21 20.98
CA ILE A 143 15.39 -22.15 21.55
C ILE A 143 15.06 -23.39 22.40
N LEU A 144 15.57 -24.56 22.03
CA LEU A 144 15.40 -25.78 22.85
C LEU A 144 16.11 -25.67 24.20
N LYS A 145 17.33 -25.14 24.21
CA LYS A 145 18.07 -24.85 25.46
C LYS A 145 17.31 -23.87 26.35
N THR A 146 16.77 -22.82 25.73
CA THR A 146 15.96 -21.82 26.42
C THR A 146 14.71 -22.47 27.03
N ARG A 147 14.05 -23.35 26.29
CA ARG A 147 12.90 -24.11 26.82
C ARG A 147 13.27 -24.97 28.04
N GLU A 148 14.38 -25.71 27.93
CA GLU A 148 14.88 -26.54 29.04
C GLU A 148 15.20 -25.71 30.30
N LYS A 149 15.81 -24.55 30.09
CA LYS A 149 16.10 -23.58 31.16
C LYS A 149 14.81 -23.10 31.85
N LEU A 150 13.82 -22.70 31.04
CA LEU A 150 12.50 -22.31 31.54
C LEU A 150 11.81 -23.44 32.30
N ASN A 151 11.87 -24.65 31.76
CA ASN A 151 11.23 -25.82 32.36
C ASN A 151 11.90 -26.27 33.66
N ARG A 152 13.23 -26.17 33.70
CA ARG A 152 13.98 -26.51 34.92
C ARG A 152 13.57 -25.60 36.07
N ILE A 153 13.52 -24.29 35.81
CA ILE A 153 13.14 -23.31 36.83
C ILE A 153 11.67 -23.47 37.22
N LEU A 154 10.77 -23.65 36.25
CA LEU A 154 9.36 -23.95 36.57
C LEU A 154 9.19 -25.21 37.42
N SER A 155 10.02 -26.22 37.16
CA SER A 155 10.01 -27.45 37.95
C SER A 155 10.36 -27.16 39.41
N GLU A 156 11.45 -26.41 39.60
CA GLU A 156 11.91 -25.98 40.93
C GLU A 156 10.84 -25.14 41.66
N ARG A 157 10.18 -24.25 40.94
CA ARG A 157 9.23 -23.31 41.53
C ARG A 157 7.87 -23.92 41.89
N THR A 158 7.47 -24.94 41.14
CA THR A 158 6.15 -25.54 41.28
C THR A 158 6.14 -26.85 42.09
N GLY A 159 7.26 -27.58 42.07
CA GLY A 159 7.31 -28.95 42.60
C GLY A 159 6.97 -30.04 41.58
N GLN A 160 6.58 -29.66 40.36
CA GLN A 160 6.26 -30.63 39.30
C GLN A 160 7.54 -31.05 38.59
N SER A 161 7.54 -32.25 38.01
CA SER A 161 8.69 -32.75 37.26
C SER A 161 8.90 -31.97 35.96
N ILE A 162 10.13 -31.98 35.47
CA ILE A 162 10.48 -31.32 34.20
C ILE A 162 9.66 -31.89 33.02
N GLU A 163 9.49 -33.22 32.98
CA GLU A 163 8.75 -33.85 31.87
C GLU A 163 7.25 -33.58 31.96
N LYS A 164 6.69 -33.46 33.17
CA LYS A 164 5.31 -33.04 33.35
C LYS A 164 5.10 -31.59 32.88
N ILE A 165 6.08 -30.72 33.15
CA ILE A 165 6.06 -29.35 32.63
C ILE A 165 6.12 -29.36 31.09
N GLN A 166 6.95 -30.23 30.52
CA GLN A 166 7.12 -30.31 29.06
C GLN A 166 5.84 -30.76 28.34
N LYS A 167 5.19 -31.81 28.85
CA LYS A 167 3.90 -32.24 28.30
C LYS A 167 2.82 -31.18 28.46
N ASP A 168 2.76 -30.56 29.64
CA ASP A 168 1.71 -29.58 29.94
C ASP A 168 1.89 -28.24 29.24
N THR A 169 3.11 -27.94 28.78
CA THR A 169 3.39 -26.72 28.00
C THR A 169 3.56 -26.97 26.49
N ASP A 170 3.31 -28.20 26.03
CA ASP A 170 3.48 -28.52 24.60
C ASP A 170 2.54 -27.68 23.74
N ARG A 171 1.33 -27.50 24.26
CA ARG A 171 0.36 -26.60 23.60
C ARG A 171 -0.16 -25.64 24.67
N ASP A 172 -0.98 -24.68 24.27
CA ASP A 172 -1.60 -23.74 25.19
C ASP A 172 -2.39 -24.50 26.24
N ASN A 173 -2.17 -24.16 27.51
CA ASN A 173 -2.78 -24.85 28.65
C ASN A 173 -3.34 -23.79 29.61
N PHE A 174 -4.65 -23.58 29.53
CA PHE A 174 -5.33 -22.57 30.34
C PHE A 174 -5.70 -23.17 31.68
N LEU A 175 -5.44 -22.41 32.75
CA LEU A 175 -5.70 -22.82 34.12
C LEU A 175 -6.49 -21.74 34.85
N THR A 176 -7.48 -22.15 35.64
CA THR A 176 -8.15 -21.23 36.57
C THR A 176 -7.18 -20.89 37.70
N ALA A 177 -7.53 -19.87 38.49
CA ALA A 177 -6.74 -19.48 39.67
C ALA A 177 -6.58 -20.65 40.64
N GLU A 178 -7.66 -21.38 40.88
CA GLU A 178 -7.62 -22.55 41.76
C GLU A 178 -6.75 -23.67 41.18
N GLU A 179 -6.89 -23.94 39.87
CA GLU A 179 -6.05 -24.93 39.18
C GLU A 179 -4.57 -24.55 39.23
N ALA A 180 -4.27 -23.26 39.06
CA ALA A 180 -2.90 -22.74 39.19
C ALA A 180 -2.32 -23.00 40.58
N LYS A 181 -3.15 -22.88 41.61
CA LYS A 181 -2.73 -23.12 43.00
C LYS A 181 -2.31 -24.56 43.23
N GLU A 182 -3.19 -25.50 42.87
CA GLU A 182 -2.87 -26.92 42.98
C GLU A 182 -1.76 -27.38 42.04
N TYR A 183 -1.52 -26.65 40.95
CA TYR A 183 -0.36 -26.89 40.08
C TYR A 183 0.97 -26.47 40.73
N GLY A 184 0.93 -25.45 41.60
CA GLY A 184 2.13 -24.90 42.25
C GLY A 184 2.65 -23.60 41.62
N LEU A 185 1.91 -23.04 40.67
CA LEU A 185 2.27 -21.77 40.04
C LEU A 185 2.02 -20.59 40.99
N ILE A 186 0.97 -20.70 41.80
CA ILE A 186 0.71 -19.77 42.89
C ILE A 186 0.51 -20.53 44.21
N ASP A 187 0.61 -19.78 45.30
CA ASP A 187 0.42 -20.32 46.66
C ASP A 187 -1.01 -20.17 47.17
N GLU A 188 -1.73 -19.16 46.69
CA GLU A 188 -3.04 -18.83 47.24
C GLU A 188 -3.92 -18.10 46.23
N VAL A 189 -5.22 -18.38 46.26
CA VAL A 189 -6.23 -17.58 45.57
C VAL A 189 -6.62 -16.46 46.53
N MET A 190 -6.27 -15.22 46.20
CA MET A 190 -6.53 -14.09 47.09
C MET A 190 -8.03 -13.83 47.22
N VAL A 191 -8.49 -13.85 48.47
CA VAL A 191 -9.91 -13.73 48.79
C VAL A 191 -10.20 -12.24 49.03
N PRO A 192 -11.48 -11.81 48.96
CA PRO A 192 -11.76 -10.38 49.22
C PRO A 192 -11.38 -9.91 50.63
N GLU A 193 -10.99 -8.64 50.75
CA GLU A 193 -10.67 -8.05 52.07
C GLU A 193 -11.88 -7.98 53.00
N THR A 194 -11.59 -7.91 54.30
CA THR A 194 -12.62 -7.96 55.34
C THR A 194 -13.29 -6.58 55.52
N LYS A 195 -14.60 -6.51 55.28
CA LYS A 195 -15.37 -5.27 55.34
C LYS A 195 -15.95 -5.07 56.75
N LEU B 3 5.01 4.29 29.31
CA LEU B 3 4.99 5.38 30.35
C LEU B 3 5.98 5.08 31.49
N ILE B 4 7.00 5.93 31.62
CA ILE B 4 8.08 5.75 32.59
C ILE B 4 7.66 6.40 33.92
N PRO B 5 7.70 5.63 35.03
CA PRO B 5 7.25 6.19 36.30
C PRO B 5 8.18 7.25 36.91
N THR B 6 7.60 8.06 37.79
CA THR B 6 8.28 9.15 38.46
C THR B 6 8.50 8.80 39.95
N VAL B 7 9.64 9.23 40.48
CA VAL B 7 10.06 8.96 41.85
C VAL B 7 10.44 10.30 42.51
N ILE B 8 10.13 10.45 43.80
CA ILE B 8 10.39 11.70 44.54
C ILE B 8 11.43 11.50 45.65
N ARG B 16 13.05 16.55 45.22
CA ARG B 16 13.10 16.62 43.76
C ARG B 16 12.44 15.40 43.13
N ALA B 17 11.91 15.58 41.92
CA ALA B 17 11.20 14.54 41.16
C ALA B 17 12.02 14.03 39.97
N TYR B 18 12.30 12.73 39.95
CA TYR B 18 13.07 12.08 38.89
C TYR B 18 12.21 11.04 38.16
N ASP B 19 12.35 10.96 36.84
CA ASP B 19 11.94 9.73 36.13
C ASP B 19 12.91 8.62 36.57
N ILE B 20 12.44 7.37 36.56
CA ILE B 20 13.20 6.26 37.17
C ILE B 20 14.63 6.11 36.62
N TYR B 21 14.83 6.35 35.33
CA TYR B 21 16.16 6.23 34.71
C TYR B 21 17.10 7.36 35.15
N SER B 22 16.55 8.56 35.27
CA SER B 22 17.31 9.72 35.77
C SER B 22 17.71 9.55 37.24
N ARG B 23 16.84 8.90 38.02
CA ARG B 23 17.16 8.55 39.41
C ARG B 23 18.34 7.57 39.47
N LEU B 24 18.34 6.57 38.59
CA LEU B 24 19.45 5.60 38.51
C LEU B 24 20.78 6.26 38.16
N LEU B 25 20.74 7.22 37.22
CA LEU B 25 21.91 8.01 36.87
C LEU B 25 22.50 8.79 38.05
N LYS B 26 21.66 9.19 39.00
CA LYS B 26 22.10 9.86 40.23
C LYS B 26 23.08 9.00 41.05
N ASP B 27 22.81 7.70 41.12
CA ASP B 27 23.73 6.73 41.75
C ASP B 27 24.71 6.08 40.73
N ARG B 28 25.05 6.82 39.68
CA ARG B 28 26.07 6.43 38.70
C ARG B 28 25.75 5.14 37.91
N ILE B 29 24.46 4.87 37.71
CA ILE B 29 24.00 3.71 36.91
C ILE B 29 23.48 4.21 35.56
N ILE B 30 24.12 3.76 34.48
CA ILE B 30 23.69 4.06 33.10
C ILE B 30 22.99 2.83 32.51
N MET B 31 21.94 3.08 31.72
CA MET B 31 21.10 2.01 31.15
C MET B 31 21.31 1.88 29.65
N LEU B 32 22.04 0.84 29.24
CA LEU B 32 22.11 0.45 27.83
C LEU B 32 21.06 -0.64 27.66
N GLY B 33 19.84 -0.23 27.33
CA GLY B 33 18.68 -1.10 27.35
C GLY B 33 17.96 -1.35 26.03
N SER B 34 18.57 -0.96 24.91
CA SER B 34 17.91 -1.07 23.60
C SER B 34 18.95 -1.35 22.51
N GLN B 35 18.49 -1.38 21.26
CA GLN B 35 19.40 -1.48 20.11
C GLN B 35 20.35 -0.28 20.07
N ILE B 36 21.60 -0.55 19.73
CA ILE B 36 22.66 0.47 19.73
C ILE B 36 22.64 1.20 18.39
N ASP B 37 22.07 2.41 18.39
CA ASP B 37 22.22 3.34 17.27
C ASP B 37 22.93 4.60 17.78
N ASP B 38 23.11 5.58 16.90
CA ASP B 38 23.84 6.81 17.24
C ASP B 38 23.22 7.62 18.39
N ASN B 39 21.88 7.67 18.45
CA ASN B 39 21.18 8.36 19.55
C ASN B 39 21.51 7.75 20.92
N VAL B 40 21.43 6.43 20.99
CA VAL B 40 21.77 5.69 22.22
C VAL B 40 23.24 5.91 22.61
N ALA B 41 24.12 5.86 21.62
CA ALA B 41 25.55 6.08 21.84
C ALA B 41 25.83 7.48 22.39
N ASN B 42 25.29 8.50 21.71
CA ASN B 42 25.48 9.91 22.11
C ASN B 42 25.01 10.19 23.53
N SER B 43 23.90 9.55 23.92
CA SER B 43 23.36 9.65 25.27
C SER B 43 24.26 8.99 26.31
N ILE B 44 24.71 7.77 26.02
CA ILE B 44 25.60 7.02 26.92
C ILE B 44 27.00 7.66 27.02
N VAL B 45 27.48 8.25 25.94
CA VAL B 45 28.74 9.02 25.96
C VAL B 45 28.61 10.21 26.92
N SER B 46 27.56 10.99 26.73
CA SER B 46 27.30 12.20 27.54
C SER B 46 27.11 11.88 29.04
N GLN B 47 26.44 10.77 29.33
CA GLN B 47 26.29 10.29 30.70
C GLN B 47 27.63 9.89 31.32
N LEU B 48 28.45 9.19 30.55
CA LEU B 48 29.81 8.82 31.00
C LEU B 48 30.66 10.05 31.27
N LEU B 49 30.60 11.04 30.39
CA LEU B 49 31.34 12.29 30.56
C LEU B 49 30.87 13.07 31.80
N PHE B 50 29.55 13.17 31.96
CA PHE B 50 28.94 13.84 33.12
C PHE B 50 29.35 13.19 34.44
N LEU B 51 29.25 11.86 34.51
CA LEU B 51 29.58 11.11 35.73
C LEU B 51 31.07 11.21 36.10
N GLN B 52 31.93 11.27 35.08
CA GLN B 52 33.37 11.56 35.27
C GLN B 52 33.54 12.89 35.99
N ALA B 53 32.89 13.93 35.48
CA ALA B 53 32.99 15.29 36.02
C ALA B 53 32.46 15.39 37.46
N GLN B 54 31.42 14.64 37.78
CA GLN B 54 30.91 14.55 39.16
C GLN B 54 31.92 13.91 40.11
N ASP B 55 32.52 12.79 39.69
CA ASP B 55 33.50 12.09 40.52
C ASP B 55 34.34 11.14 39.66
N SER B 56 35.65 11.38 39.62
CA SER B 56 36.56 10.55 38.82
C SER B 56 36.99 9.26 39.53
N GLU B 57 36.66 9.11 40.81
CA GLU B 57 37.11 8.00 41.65
C GLU B 57 36.07 6.87 41.72
N LYS B 58 34.82 7.24 42.00
CA LYS B 58 33.74 6.26 42.19
C LYS B 58 33.37 5.53 40.91
N ASP B 59 33.01 4.26 41.06
CA ASP B 59 32.69 3.41 39.93
C ASP B 59 31.39 3.86 39.25
N ILE B 60 31.34 3.65 37.94
CA ILE B 60 30.14 3.78 37.14
C ILE B 60 29.63 2.36 36.86
N TYR B 61 28.32 2.21 36.74
CA TYR B 61 27.70 0.92 36.50
C TYR B 61 26.96 0.96 35.18
N LEU B 62 27.39 0.16 34.21
CA LEU B 62 26.70 0.05 32.92
C LEU B 62 25.84 -1.21 32.89
N TYR B 63 24.53 -0.99 32.92
CA TYR B 63 23.54 -2.05 32.74
C TYR B 63 23.45 -2.34 31.24
N ILE B 64 23.55 -3.61 30.87
CA ILE B 64 23.47 -4.03 29.45
C ILE B 64 22.35 -5.05 29.28
N ASN B 65 21.30 -4.61 28.59
CA ASN B 65 20.27 -5.48 28.06
C ASN B 65 20.06 -5.05 26.62
N SER B 66 20.86 -5.60 25.71
CA SER B 66 20.95 -5.10 24.33
C SER B 66 21.18 -6.20 23.30
N PRO B 67 20.52 -6.11 22.13
CA PRO B 67 20.79 -7.03 21.02
C PRO B 67 21.96 -6.60 20.12
N GLY B 68 22.58 -5.45 20.42
CA GLY B 68 23.67 -4.91 19.59
C GLY B 68 23.15 -3.84 18.65
N GLY B 69 23.83 -3.66 17.51
CA GLY B 69 23.44 -2.67 16.51
C GLY B 69 24.64 -2.12 15.74
N SER B 70 24.76 -0.81 15.69
CA SER B 70 25.83 -0.16 14.92
C SER B 70 27.19 -0.40 15.59
N VAL B 71 28.18 -0.77 14.77
CA VAL B 71 29.54 -1.02 15.24
C VAL B 71 30.19 0.30 15.68
N THR B 72 30.08 1.32 14.82
CA THR B 72 30.66 2.64 15.08
C THR B 72 30.08 3.30 16.33
N ALA B 73 28.75 3.23 16.48
CA ALA B 73 28.07 3.71 17.68
C ALA B 73 28.49 2.93 18.93
N GLY B 74 28.64 1.61 18.77
CA GLY B 74 29.21 0.78 19.83
C GLY B 74 30.63 1.17 20.21
N PHE B 75 31.44 1.57 19.23
CA PHE B 75 32.81 2.04 19.49
C PHE B 75 32.90 3.44 20.11
N ALA B 76 31.91 4.30 19.85
CA ALA B 76 31.80 5.57 20.56
C ALA B 76 31.72 5.35 22.08
N ILE B 77 30.95 4.33 22.48
CA ILE B 77 30.80 3.97 23.88
C ILE B 77 32.06 3.28 24.41
N TYR B 78 32.60 2.35 23.62
CA TYR B 78 33.84 1.64 23.98
C TYR B 78 34.95 2.63 24.33
N ASP B 79 35.24 3.54 23.40
CA ASP B 79 36.33 4.50 23.60
C ASP B 79 36.10 5.40 24.80
N THR B 80 34.88 5.90 24.96
CA THR B 80 34.53 6.76 26.09
C THR B 80 34.69 6.04 27.44
N ILE B 81 34.39 4.73 27.48
CA ILE B 81 34.65 3.93 28.68
C ILE B 81 36.15 3.88 29.02
N GLN B 82 36.99 3.64 28.00
CA GLN B 82 38.44 3.53 28.21
C GLN B 82 39.09 4.88 28.50
N HIS B 83 38.57 5.95 27.91
CA HIS B 83 39.10 7.31 28.10
C HIS B 83 38.98 7.83 29.53
N ILE B 84 37.79 7.70 30.11
CA ILE B 84 37.52 8.27 31.45
C ILE B 84 38.25 7.53 32.57
N LYS B 85 38.48 8.25 33.67
CA LYS B 85 39.24 7.71 34.80
C LYS B 85 38.51 6.61 35.59
N PRO B 86 37.19 6.79 35.88
CA PRO B 86 36.53 5.79 36.71
C PRO B 86 36.44 4.42 36.05
N ASP B 87 36.48 3.37 36.87
CA ASP B 87 36.13 2.02 36.42
C ASP B 87 34.66 2.00 36.03
N VAL B 88 34.37 1.45 34.86
CA VAL B 88 33.00 1.25 34.40
C VAL B 88 32.69 -0.23 34.54
N GLN B 89 31.92 -0.58 35.57
CA GLN B 89 31.42 -1.95 35.72
C GLN B 89 30.43 -2.23 34.59
N THR B 90 30.37 -3.47 34.14
CA THR B 90 29.38 -3.89 33.14
C THR B 90 28.61 -5.06 33.71
N ILE B 91 27.28 -4.99 33.62
CA ILE B 91 26.41 -6.01 34.16
C ILE B 91 25.42 -6.43 33.06
N CYS B 92 25.55 -7.68 32.60
CA CYS B 92 24.61 -8.21 31.62
C CYS B 92 23.39 -8.74 32.33
N ILE B 93 22.23 -8.20 31.96
CA ILE B 93 20.94 -8.64 32.49
C ILE B 93 20.00 -8.80 31.29
N GLY B 94 19.29 -9.93 31.24
CA GLY B 94 18.49 -10.28 30.06
C GLY B 94 19.36 -10.83 28.95
N MET B 95 19.84 -9.96 28.07
CA MET B 95 20.80 -10.38 27.04
C MET B 95 21.82 -9.33 26.64
N ALA B 96 22.99 -9.81 26.22
CA ALA B 96 24.00 -8.98 25.57
C ALA B 96 24.45 -9.72 24.31
N ALA B 97 24.03 -9.23 23.15
CA ALA B 97 24.32 -9.87 21.87
C ALA B 97 25.10 -8.93 20.98
N SER B 98 26.00 -9.50 20.17
CA SER B 98 26.73 -8.75 19.14
C SER B 98 27.55 -7.61 19.79
N MET B 99 27.43 -6.36 19.35
CA MET B 99 28.10 -5.24 20.03
C MET B 99 27.71 -5.06 21.51
N GLY B 100 26.56 -5.60 21.91
CA GLY B 100 26.17 -5.67 23.31
C GLY B 100 27.16 -6.48 24.13
N SER B 101 27.51 -7.67 23.65
CA SER B 101 28.48 -8.55 24.32
C SER B 101 29.91 -8.00 24.25
N PHE B 102 30.23 -7.28 23.18
CA PHE B 102 31.52 -6.59 23.04
C PHE B 102 31.74 -5.59 24.18
N LEU B 103 30.74 -4.72 24.36
CA LEU B 103 30.75 -3.72 25.44
C LEU B 103 30.72 -4.33 26.84
N LEU B 104 30.03 -5.46 27.00
CA LEU B 104 30.07 -6.23 28.25
C LEU B 104 31.50 -6.66 28.62
N ALA B 105 32.26 -7.12 27.62
CA ALA B 105 33.67 -7.50 27.78
C ALA B 105 34.62 -6.29 27.93
N ALA B 106 34.16 -5.12 27.50
CA ALA B 106 34.90 -3.87 27.60
C ALA B 106 34.89 -3.19 28.98
N GLY B 107 34.22 -3.78 29.96
CA GLY B 107 34.20 -3.22 31.32
C GLY B 107 35.54 -3.36 32.03
N ALA B 108 35.69 -2.61 33.12
CA ALA B 108 36.90 -2.64 33.94
C ALA B 108 37.19 -4.06 34.44
N LYS B 109 38.46 -4.45 34.38
CA LYS B 109 38.87 -5.83 34.73
C LYS B 109 38.52 -6.21 36.16
N GLY B 110 37.94 -7.40 36.32
CA GLY B 110 37.39 -7.88 37.59
C GLY B 110 36.01 -7.37 37.97
N LYS B 111 35.40 -6.53 37.13
CA LYS B 111 34.11 -5.89 37.43
C LYS B 111 33.10 -6.02 36.26
N ARG B 112 33.24 -7.08 35.48
CA ARG B 112 32.31 -7.42 34.40
C ARG B 112 31.47 -8.58 34.90
N PHE B 113 30.16 -8.38 34.95
CA PHE B 113 29.24 -9.36 35.55
C PHE B 113 28.12 -9.79 34.61
N ALA B 114 27.50 -10.91 34.95
CA ALA B 114 26.22 -11.31 34.37
C ALA B 114 25.40 -12.00 35.44
N LEU B 115 24.09 -11.84 35.37
CA LEU B 115 23.19 -12.53 36.28
C LEU B 115 22.92 -13.93 35.73
N PRO B 116 22.58 -14.92 36.60
CA PRO B 116 22.64 -16.36 36.26
C PRO B 116 21.95 -16.82 34.97
N ASN B 117 20.80 -16.24 34.67
CA ASN B 117 19.99 -16.62 33.49
C ASN B 117 20.14 -15.66 32.30
N ALA B 118 21.08 -14.71 32.39
CA ALA B 118 21.39 -13.82 31.28
C ALA B 118 22.01 -14.59 30.10
N GLU B 119 21.78 -14.08 28.90
CA GLU B 119 22.18 -14.72 27.65
C GLU B 119 23.19 -13.83 26.96
N VAL B 120 24.40 -14.34 26.74
CA VAL B 120 25.44 -13.63 26.00
C VAL B 120 25.57 -14.28 24.61
N MET B 121 25.66 -13.46 23.57
CA MET B 121 25.83 -13.97 22.20
C MET B 121 26.90 -13.20 21.47
N ILE B 122 27.76 -13.93 20.76
CA ILE B 122 28.83 -13.32 19.97
C ILE B 122 28.68 -13.79 18.53
N HIS B 123 28.87 -12.86 17.59
CA HIS B 123 28.94 -13.18 16.17
C HIS B 123 29.80 -12.17 15.41
N GLN B 124 29.90 -12.31 14.10
CA GLN B 124 30.66 -11.37 13.28
C GLN B 124 29.76 -10.20 12.85
N PRO B 125 30.36 -9.04 12.49
CA PRO B 125 29.54 -7.90 12.10
C PRO B 125 28.75 -8.12 10.81
N LEU B 126 27.59 -7.46 10.73
CA LEU B 126 26.69 -7.55 9.60
C LEU B 126 26.70 -6.22 8.84
N GLY B 127 26.55 -6.29 7.52
CA GLY B 127 26.51 -5.10 6.69
C GLY B 127 26.03 -5.40 5.29
N GLY B 128 26.30 -4.48 4.38
CA GLY B 128 25.88 -4.64 2.99
C GLY B 128 26.63 -3.75 2.02
N ALA B 129 26.42 -4.03 0.74
CA ALA B 129 26.99 -3.24 -0.34
C ALA B 129 26.28 -3.57 -1.64
N GLN B 130 26.02 -2.53 -2.44
CA GLN B 130 25.46 -2.70 -3.78
C GLN B 130 26.05 -1.67 -4.73
N GLY B 131 26.09 -2.03 -6.02
CA GLY B 131 26.68 -1.17 -7.06
C GLY B 131 27.80 -1.88 -7.79
N GLN B 132 28.79 -1.08 -8.22
CA GLN B 132 29.91 -1.57 -9.03
C GLN B 132 30.84 -2.49 -8.23
N ALA B 133 31.54 -3.37 -8.95
CA ALA B 133 32.51 -4.32 -8.34
C ALA B 133 33.57 -3.65 -7.46
N THR B 134 33.97 -2.43 -7.83
CA THR B 134 34.94 -1.64 -7.05
C THR B 134 34.32 -1.15 -5.73
N GLU B 135 33.06 -0.75 -5.77
CA GLU B 135 32.33 -0.34 -4.56
C GLU B 135 32.12 -1.52 -3.61
N ILE B 136 31.75 -2.68 -4.17
CA ILE B 136 31.64 -3.92 -3.39
C ILE B 136 32.98 -4.23 -2.70
N GLU B 137 34.07 -4.11 -3.45
CA GLU B 137 35.43 -4.39 -2.95
C GLU B 137 35.79 -3.48 -1.76
N ILE B 138 35.51 -2.19 -1.89
CA ILE B 138 35.77 -1.22 -0.80
C ILE B 138 34.96 -1.56 0.46
N ALA B 139 33.67 -1.84 0.28
CA ALA B 139 32.80 -2.21 1.40
C ALA B 139 33.24 -3.52 2.04
N ALA B 140 33.62 -4.50 1.21
CA ALA B 140 34.13 -5.79 1.71
C ALA B 140 35.45 -5.63 2.49
N ASN B 141 36.38 -4.86 1.94
CA ASN B 141 37.65 -4.56 2.62
C ASN B 141 37.43 -3.82 3.95
N HIS B 142 36.50 -2.86 3.95
CA HIS B 142 36.16 -2.09 5.16
C HIS B 142 35.60 -2.96 6.28
N ILE B 143 34.58 -3.75 5.97
CA ILE B 143 33.94 -4.63 6.98
C ILE B 143 34.88 -5.74 7.49
N LEU B 144 35.80 -6.20 6.64
CA LEU B 144 36.82 -7.18 7.05
C LEU B 144 37.84 -6.57 8.02
N LYS B 145 38.27 -5.34 7.75
CA LYS B 145 39.12 -4.57 8.70
C LYS B 145 38.40 -4.32 10.03
N THR B 146 37.10 -4.00 9.93
CA THR B 146 36.28 -3.77 11.13
C THR B 146 36.17 -5.03 11.99
N ARG B 147 35.96 -6.18 11.35
CA ARG B 147 35.90 -7.45 12.07
C ARG B 147 37.21 -7.75 12.79
N GLU B 148 38.34 -7.61 12.09
CA GLU B 148 39.65 -7.84 12.70
C GLU B 148 39.92 -6.90 13.87
N LYS B 149 39.49 -5.64 13.74
CA LYS B 149 39.56 -4.66 14.84
C LYS B 149 38.80 -5.13 16.08
N LEU B 150 37.57 -5.61 15.85
CA LEU B 150 36.73 -6.17 16.93
C LEU B 150 37.31 -7.46 17.52
N ASN B 151 37.82 -8.34 16.66
CA ASN B 151 38.42 -9.60 17.10
C ASN B 151 39.73 -9.39 17.88
N ARG B 152 40.53 -8.41 17.44
CA ARG B 152 41.73 -8.00 18.17
C ARG B 152 41.41 -7.62 19.62
N ILE B 153 40.47 -6.69 19.80
CA ILE B 153 40.09 -6.18 21.12
C ILE B 153 39.47 -7.27 22.00
N LEU B 154 38.60 -8.11 21.42
CA LEU B 154 38.06 -9.26 22.15
C LEU B 154 39.16 -10.20 22.64
N SER B 155 40.15 -10.45 21.79
CA SER B 155 41.30 -11.32 22.14
C SER B 155 42.07 -10.76 23.33
N GLU B 156 42.34 -9.47 23.28
CA GLU B 156 42.98 -8.72 24.38
C GLU B 156 42.13 -8.76 25.66
N ARG B 157 40.83 -8.54 25.51
CA ARG B 157 39.89 -8.47 26.65
C ARG B 157 39.58 -9.84 27.28
N THR B 158 39.51 -10.87 26.45
CA THR B 158 39.10 -12.21 26.90
C THR B 158 40.29 -13.09 27.30
N GLY B 159 41.41 -12.94 26.61
CA GLY B 159 42.56 -13.84 26.76
C GLY B 159 42.45 -15.09 25.90
N GLN B 160 41.59 -15.07 24.89
CA GLN B 160 41.56 -16.11 23.85
C GLN B 160 42.35 -15.57 22.67
N SER B 161 42.88 -16.48 21.86
CA SER B 161 43.60 -16.09 20.64
C SER B 161 42.66 -15.49 19.61
N ILE B 162 43.21 -14.70 18.68
CA ILE B 162 42.42 -14.05 17.61
C ILE B 162 41.77 -15.11 16.71
N GLU B 163 42.50 -16.20 16.42
CA GLU B 163 41.98 -17.31 15.62
C GLU B 163 40.80 -18.03 16.28
N LYS B 164 40.84 -18.17 17.60
CA LYS B 164 39.71 -18.78 18.35
C LYS B 164 38.47 -17.88 18.32
N ILE B 165 38.67 -16.56 18.48
CA ILE B 165 37.59 -15.59 18.38
C ILE B 165 36.94 -15.64 16.99
N GLN B 166 37.74 -15.75 15.93
CA GLN B 166 37.21 -15.75 14.55
C GLN B 166 36.35 -16.99 14.25
N LYS B 167 36.82 -18.16 14.68
CA LYS B 167 36.06 -19.42 14.56
C LYS B 167 34.75 -19.39 15.34
N ASP B 168 34.82 -18.91 16.58
CA ASP B 168 33.66 -18.89 17.48
C ASP B 168 32.62 -17.82 17.12
N THR B 169 33.02 -16.80 16.37
CA THR B 169 32.11 -15.73 15.92
C THR B 169 31.71 -15.85 14.44
N ASP B 170 32.14 -16.91 13.76
CA ASP B 170 31.81 -17.13 12.36
C ASP B 170 30.29 -17.23 12.18
N ARG B 171 29.62 -17.90 13.12
CA ARG B 171 28.15 -17.96 13.18
C ARG B 171 27.71 -17.57 14.59
N ASP B 172 26.41 -17.37 14.78
CA ASP B 172 25.84 -16.99 16.08
C ASP B 172 26.22 -18.04 17.12
N ASN B 173 26.81 -17.58 18.22
CA ASN B 173 27.31 -18.45 19.28
C ASN B 173 26.72 -17.98 20.60
N PHE B 174 25.74 -18.72 21.09
CA PHE B 174 25.03 -18.38 22.32
C PHE B 174 25.74 -19.02 23.50
N LEU B 175 26.01 -18.20 24.52
CA LEU B 175 26.71 -18.63 25.72
C LEU B 175 25.84 -18.34 26.94
N THR B 176 25.82 -19.26 27.90
CA THR B 176 25.26 -18.99 29.22
C THR B 176 26.20 -18.04 29.99
N ALA B 177 25.69 -17.45 31.07
CA ALA B 177 26.47 -16.60 31.96
C ALA B 177 27.77 -17.31 32.41
N GLU B 178 27.62 -18.54 32.90
CA GLU B 178 28.75 -19.34 33.36
C GLU B 178 29.74 -19.67 32.22
N GLU B 179 29.20 -19.90 31.03
CA GLU B 179 30.02 -20.11 29.83
C GLU B 179 30.76 -18.85 29.38
N ALA B 180 30.12 -17.69 29.47
CA ALA B 180 30.78 -16.41 29.17
C ALA B 180 31.90 -16.05 30.17
N LYS B 181 31.81 -16.54 31.40
CA LYS B 181 32.86 -16.35 32.41
C LYS B 181 34.12 -17.13 32.04
N GLU B 182 33.94 -18.45 31.88
CA GLU B 182 35.06 -19.33 31.49
C GLU B 182 35.62 -19.04 30.09
N TYR B 183 34.86 -18.38 29.23
CA TYR B 183 35.36 -17.84 27.96
C TYR B 183 36.20 -16.57 28.17
N GLY B 184 35.88 -15.81 29.22
CA GLY B 184 36.61 -14.58 29.55
C GLY B 184 35.90 -13.28 29.17
N LEU B 185 34.63 -13.38 28.74
CA LEU B 185 33.83 -12.19 28.43
C LEU B 185 33.43 -11.44 29.72
N ILE B 186 33.11 -12.19 30.77
CA ILE B 186 32.85 -11.63 32.10
C ILE B 186 33.80 -12.24 33.13
N ASP B 187 33.85 -11.61 34.31
CA ASP B 187 34.69 -12.09 35.43
C ASP B 187 33.93 -12.92 36.46
N GLU B 188 32.60 -12.71 36.56
CA GLU B 188 31.82 -13.36 37.60
C GLU B 188 30.34 -13.50 37.21
N VAL B 189 29.74 -14.62 37.59
CA VAL B 189 28.30 -14.79 37.55
C VAL B 189 27.76 -14.27 38.89
N MET B 190 27.05 -13.14 38.86
CA MET B 190 26.55 -12.50 40.08
C MET B 190 25.36 -13.29 40.63
N VAL B 191 25.63 -14.12 41.63
CA VAL B 191 24.61 -15.02 42.22
C VAL B 191 23.74 -14.29 43.24
N PRO B 192 22.50 -14.78 43.46
CA PRO B 192 21.68 -14.22 44.54
C PRO B 192 22.15 -14.72 45.91
N GLU B 193 22.88 -13.85 46.63
CA GLU B 193 23.42 -14.17 47.97
C GLU B 193 22.31 -14.35 49.01
N THR B 194 21.36 -13.42 49.01
CA THR B 194 20.26 -13.39 49.99
C THR B 194 19.35 -14.62 49.90
N LYS B 195 19.17 -15.15 48.69
CA LYS B 195 18.38 -16.38 48.46
C LYS B 195 19.26 -17.62 48.62
N LEU C 3 14.34 8.22 25.26
CA LEU C 3 14.13 9.09 26.46
C LEU C 3 15.46 9.61 27.02
N ILE C 4 15.66 10.91 26.92
CA ILE C 4 16.91 11.57 27.32
C ILE C 4 16.87 11.79 28.84
N PRO C 5 17.85 11.24 29.59
CA PRO C 5 17.80 11.41 31.05
C PRO C 5 18.08 12.85 31.52
N THR C 6 17.74 13.11 32.77
CA THR C 6 17.82 14.43 33.38
C THR C 6 18.84 14.41 34.53
N VAL C 7 19.64 15.48 34.62
CA VAL C 7 20.61 15.65 35.70
C VAL C 7 20.31 16.95 36.45
N ILE C 8 20.52 16.93 37.77
CA ILE C 8 20.20 18.05 38.66
C ILE C 8 21.49 18.52 39.35
N GLU C 9 22.01 19.66 38.89
CA GLU C 9 23.26 20.22 39.41
C GLU C 9 23.44 21.68 38.97
N ARG C 16 19.36 23.33 39.77
CA ARG C 16 18.57 23.38 38.55
C ARG C 16 18.66 22.06 37.79
N ALA C 17 17.56 21.68 37.13
CA ALA C 17 17.47 20.44 36.35
C ALA C 17 17.77 20.69 34.87
N TYR C 18 18.71 19.90 34.33
CA TYR C 18 19.07 19.94 32.91
C TYR C 18 18.85 18.58 32.27
N ASP C 19 18.39 18.56 31.02
CA ASP C 19 18.52 17.36 30.18
C ASP C 19 20.03 17.21 29.88
N ILE C 20 20.47 15.97 29.64
CA ILE C 20 21.92 15.67 29.59
C ILE C 20 22.68 16.50 28.54
N TYR C 21 22.09 16.71 27.37
CA TYR C 21 22.73 17.49 26.30
C TYR C 21 22.81 18.99 26.63
N SER C 22 21.83 19.49 27.38
CA SER C 22 21.85 20.87 27.88
C SER C 22 22.85 21.08 29.02
N ARG C 23 23.03 20.06 29.86
CA ARG C 23 24.10 20.08 30.87
C ARG C 23 25.49 20.14 30.23
N LEU C 24 25.67 19.41 29.12
CA LEU C 24 26.92 19.47 28.35
C LEU C 24 27.13 20.84 27.70
N LEU C 25 26.05 21.44 27.21
CA LEU C 25 26.12 22.80 26.63
C LEU C 25 26.50 23.87 27.66
N LYS C 26 26.13 23.67 28.92
CA LYS C 26 26.55 24.56 30.03
C LYS C 26 28.08 24.65 30.14
N ASP C 27 28.78 23.53 29.94
CA ASP C 27 30.25 23.49 29.86
C ASP C 27 30.79 23.59 28.42
N ARG C 28 30.04 24.26 27.54
CA ARG C 28 30.47 24.62 26.18
C ARG C 28 30.74 23.41 25.25
N ILE C 29 30.03 22.29 25.50
CA ILE C 29 30.14 21.11 24.63
C ILE C 29 28.88 21.03 23.76
N ILE C 30 29.07 21.16 22.45
CA ILE C 30 28.01 20.99 21.44
C ILE C 30 28.08 19.56 20.88
N MET C 31 26.91 18.97 20.64
CA MET C 31 26.79 17.60 20.14
C MET C 31 26.31 17.61 18.69
N LEU C 32 27.20 17.23 17.76
CA LEU C 32 26.82 16.91 16.39
C LEU C 32 26.74 15.39 16.27
N GLY C 33 25.58 14.85 16.63
CA GLY C 33 25.42 13.41 16.83
C GLY C 33 24.46 12.68 15.90
N SER C 34 24.08 13.31 14.80
CA SER C 34 23.13 12.72 13.85
C SER C 34 23.45 13.18 12.43
N GLN C 35 22.63 12.75 11.47
CA GLN C 35 22.74 13.22 10.09
C GLN C 35 22.58 14.74 10.04
N ILE C 36 23.35 15.38 9.15
CA ILE C 36 23.37 16.84 9.03
C ILE C 36 22.31 17.26 8.03
N ASP C 37 21.17 17.73 8.56
CA ASP C 37 20.15 18.42 7.77
C ASP C 37 20.11 19.89 8.24
N ASP C 38 19.18 20.66 7.68
CA ASP C 38 19.01 22.07 8.07
C ASP C 38 18.68 22.27 9.55
N ASN C 39 17.83 21.41 10.12
CA ASN C 39 17.44 21.52 11.53
C ASN C 39 18.64 21.37 12.48
N VAL C 40 19.49 20.37 12.21
CA VAL C 40 20.69 20.14 13.02
C VAL C 40 21.66 21.32 12.89
N ALA C 41 21.85 21.81 11.67
CA ALA C 41 22.74 22.95 11.41
C ALA C 41 22.28 24.23 12.14
N ASN C 42 20.97 24.51 12.10
CA ASN C 42 20.41 25.69 12.77
C ASN C 42 20.54 25.63 14.28
N SER C 43 20.29 24.45 14.86
CA SER C 43 20.50 24.22 16.29
C SER C 43 21.96 24.44 16.74
N ILE C 44 22.90 24.01 15.90
CA ILE C 44 24.34 24.12 16.19
C ILE C 44 24.85 25.54 15.99
N VAL C 45 24.45 26.18 14.89
CA VAL C 45 24.74 27.60 14.65
C VAL C 45 24.30 28.47 15.83
N SER C 46 23.09 28.19 16.35
CA SER C 46 22.52 28.91 17.48
C SER C 46 23.30 28.67 18.78
N GLN C 47 23.70 27.41 18.99
CA GLN C 47 24.55 27.04 20.13
C GLN C 47 25.93 27.73 20.05
N LEU C 48 26.51 27.78 18.85
CA LEU C 48 27.80 28.43 18.63
C LEU C 48 27.75 29.92 18.99
N LEU C 49 26.82 30.63 18.36
CA LEU C 49 26.60 32.07 18.60
C LEU C 49 26.34 32.37 20.08
N PHE C 50 25.51 31.55 20.72
CA PHE C 50 25.19 31.69 22.15
C PHE C 50 26.42 31.56 23.05
N LEU C 51 27.25 30.55 22.78
CA LEU C 51 28.45 30.29 23.58
C LEU C 51 29.51 31.38 23.41
N GLN C 52 29.59 31.97 22.21
CA GLN C 52 30.38 33.20 21.99
C GLN C 52 29.90 34.34 22.91
N ALA C 53 28.60 34.60 22.93
CA ALA C 53 28.02 35.69 23.73
C ALA C 53 28.23 35.51 25.23
N GLN C 54 28.25 34.25 25.69
CA GLN C 54 28.59 33.94 27.07
C GLN C 54 30.08 34.22 27.36
N ASP C 55 30.95 33.77 26.46
CA ASP C 55 32.39 33.98 26.61
C ASP C 55 33.08 33.88 25.24
N SER C 56 33.58 35.01 24.76
CA SER C 56 34.27 35.09 23.46
C SER C 56 35.69 34.48 23.46
N GLU C 57 36.22 34.14 24.63
CA GLU C 57 37.61 33.65 24.76
C GLU C 57 37.71 32.13 24.93
N LYS C 58 36.94 31.58 25.88
CA LYS C 58 36.99 30.15 26.23
C LYS C 58 36.70 29.21 25.07
N ASP C 59 37.30 28.02 25.10
CA ASP C 59 37.15 27.03 24.04
C ASP C 59 35.74 26.42 24.01
N ILE C 60 35.29 26.13 22.79
CA ILE C 60 34.08 25.37 22.53
C ILE C 60 34.52 23.96 22.08
N TYR C 61 33.76 22.95 22.47
CA TYR C 61 34.06 21.56 22.10
C TYR C 61 32.93 20.99 21.24
N LEU C 62 33.22 20.75 19.97
CA LEU C 62 32.26 20.13 19.05
C LEU C 62 32.50 18.62 18.93
N TYR C 63 31.64 17.84 19.59
CA TYR C 63 31.57 16.38 19.46
C TYR C 63 31.00 16.04 18.08
N ILE C 64 31.65 15.13 17.35
CA ILE C 64 31.18 14.72 16.01
C ILE C 64 31.04 13.19 15.92
N ASN C 65 29.78 12.73 15.95
CA ASN C 65 29.40 11.35 15.62
C ASN C 65 28.30 11.43 14.56
N SER C 66 28.70 11.56 13.29
CA SER C 66 27.75 11.83 12.20
C SER C 66 28.20 11.22 10.86
N PRO C 67 27.24 10.74 10.05
CA PRO C 67 27.54 10.26 8.69
C PRO C 67 27.50 11.35 7.60
N GLY C 68 27.54 12.62 7.98
CA GLY C 68 27.41 13.72 7.02
C GLY C 68 25.95 14.01 6.73
N GLY C 69 25.66 14.39 5.49
CA GLY C 69 24.30 14.76 5.08
C GLY C 69 24.35 15.91 4.09
N SER C 70 23.57 16.97 4.34
CA SER C 70 23.50 18.12 3.43
C SER C 70 24.78 18.96 3.48
N VAL C 71 25.25 19.34 2.29
CA VAL C 71 26.48 20.12 2.13
C VAL C 71 26.28 21.58 2.58
N THR C 72 25.15 22.16 2.20
CA THR C 72 24.82 23.54 2.58
C THR C 72 24.60 23.67 4.08
N ALA C 73 23.95 22.67 4.68
CA ALA C 73 23.80 22.62 6.14
C ALA C 73 25.15 22.50 6.83
N GLY C 74 26.00 21.64 6.29
CA GLY C 74 27.39 21.50 6.76
C GLY C 74 28.15 22.81 6.70
N PHE C 75 27.97 23.56 5.61
CA PHE C 75 28.61 24.89 5.46
C PHE C 75 28.05 25.98 6.39
N ALA C 76 26.79 25.86 6.78
CA ALA C 76 26.24 26.72 7.84
C ALA C 76 27.00 26.55 9.16
N ILE C 77 27.34 25.30 9.47
CA ILE C 77 28.15 24.99 10.65
C ILE C 77 29.61 25.42 10.45
N TYR C 78 30.16 25.21 9.24
CA TYR C 78 31.55 25.59 8.95
C TYR C 78 31.77 27.08 9.10
N ASP C 79 31.00 27.87 8.35
CA ASP C 79 31.11 29.33 8.37
C ASP C 79 30.88 29.96 9.74
N THR C 80 29.95 29.40 10.52
CA THR C 80 29.68 29.88 11.87
C THR C 80 30.83 29.53 12.84
N ILE C 81 31.48 28.38 12.63
CA ILE C 81 32.72 28.05 13.39
C ILE C 81 33.81 29.08 13.10
N GLN C 82 34.05 29.37 11.82
CA GLN C 82 35.12 30.29 11.43
C GLN C 82 34.83 31.75 11.81
N HIS C 83 33.56 32.14 11.79
CA HIS C 83 33.17 33.52 12.08
C HIS C 83 33.43 33.93 13.54
N ILE C 84 33.09 33.05 14.48
CA ILE C 84 33.22 33.36 15.92
C ILE C 84 34.68 33.37 16.41
N LYS C 85 34.91 34.06 17.53
CA LYS C 85 36.24 34.24 18.11
C LYS C 85 36.76 32.99 18.83
N PRO C 86 35.92 32.32 19.64
CA PRO C 86 36.42 31.14 20.34
C PRO C 86 36.95 30.04 19.42
N ASP C 87 37.95 29.33 19.91
CA ASP C 87 38.40 28.09 19.25
C ASP C 87 37.32 27.03 19.44
N VAL C 88 36.94 26.39 18.33
CA VAL C 88 36.05 25.25 18.36
C VAL C 88 36.91 24.00 18.18
N GLN C 89 37.09 23.24 19.26
CA GLN C 89 37.76 21.96 19.20
C GLN C 89 36.81 20.95 18.56
N THR C 90 37.34 20.08 17.69
CA THR C 90 36.54 19.00 17.09
C THR C 90 37.01 17.66 17.62
N ILE C 91 36.05 16.80 17.96
CA ILE C 91 36.32 15.50 18.59
C ILE C 91 35.52 14.42 17.88
N CYS C 92 36.17 13.62 17.04
CA CYS C 92 35.51 12.48 16.42
C CYS C 92 35.42 11.32 17.40
N ILE C 93 34.19 10.98 17.77
CA ILE C 93 33.90 9.79 18.54
C ILE C 93 32.87 9.02 17.74
N GLY C 94 33.04 7.69 17.63
CA GLY C 94 32.19 6.87 16.78
C GLY C 94 32.60 6.95 15.32
N MET C 95 31.94 7.82 14.55
CA MET C 95 32.35 8.07 13.16
C MET C 95 32.14 9.50 12.71
N ALA C 96 32.96 9.90 11.74
CA ALA C 96 32.79 11.16 11.02
C ALA C 96 32.98 10.86 9.54
N ALA C 97 31.87 10.86 8.78
CA ALA C 97 31.89 10.55 7.35
C ALA C 97 31.37 11.70 6.49
N SER C 98 31.93 11.83 5.29
CA SER C 98 31.51 12.84 4.31
C SER C 98 31.61 14.26 4.89
N MET C 99 30.51 15.01 5.00
CA MET C 99 30.56 16.36 5.63
C MET C 99 30.89 16.35 7.12
N GLY C 100 30.69 15.22 7.80
CA GLY C 100 31.15 15.04 9.18
C GLY C 100 32.67 15.14 9.31
N SER C 101 33.39 14.47 8.41
CA SER C 101 34.86 14.51 8.38
C SER C 101 35.40 15.87 7.96
N PHE C 102 34.68 16.53 7.07
CA PHE C 102 34.97 17.92 6.68
C PHE C 102 34.92 18.85 7.88
N LEU C 103 33.83 18.77 8.65
CA LEU C 103 33.66 19.57 9.87
C LEU C 103 34.62 19.17 10.99
N LEU C 104 35.05 17.90 11.01
CA LEU C 104 36.14 17.47 11.88
C LEU C 104 37.42 18.22 11.56
N ALA C 105 37.74 18.29 10.26
CA ALA C 105 38.93 18.99 9.76
C ALA C 105 38.90 20.51 9.95
N ALA C 106 37.70 21.08 10.06
CA ALA C 106 37.50 22.52 10.25
C ALA C 106 37.73 23.02 11.68
N GLY C 107 37.97 22.10 12.62
CA GLY C 107 38.29 22.47 13.99
C GLY C 107 39.55 23.31 14.10
N ALA C 108 39.65 24.05 15.21
CA ALA C 108 40.78 24.94 15.45
C ALA C 108 42.11 24.16 15.37
N LYS C 109 43.07 24.72 14.63
CA LYS C 109 44.37 24.07 14.41
C LYS C 109 45.07 23.75 15.73
N GLY C 110 45.54 22.50 15.84
CA GLY C 110 46.09 21.95 17.07
C GLY C 110 45.10 21.31 18.02
N LYS C 111 43.79 21.43 17.73
CA LYS C 111 42.73 20.97 18.63
C LYS C 111 41.67 20.08 17.94
N ARG C 112 42.06 19.45 16.83
CA ARG C 112 41.21 18.48 16.14
C ARG C 112 41.61 17.09 16.62
N PHE C 113 40.70 16.40 17.29
CA PHE C 113 40.98 15.08 17.89
C PHE C 113 40.12 13.98 17.28
N ALA C 114 40.55 12.74 17.49
CA ALA C 114 39.71 11.57 17.26
C ALA C 114 40.14 10.50 18.25
N LEU C 115 39.18 9.80 18.84
CA LEU C 115 39.49 8.71 19.77
C LEU C 115 39.98 7.50 18.96
N PRO C 116 40.76 6.58 19.60
CA PRO C 116 41.55 5.59 18.84
C PRO C 116 40.75 4.77 17.82
N ASN C 117 39.63 4.21 18.26
CA ASN C 117 38.78 3.35 17.43
C ASN C 117 37.73 4.09 16.59
N ALA C 118 37.79 5.42 16.57
CA ALA C 118 36.88 6.23 15.75
C ALA C 118 37.17 6.05 14.27
N GLU C 119 36.12 6.11 13.47
CA GLU C 119 36.20 5.88 12.04
C GLU C 119 36.03 7.21 11.31
N VAL C 120 36.91 7.45 10.34
CA VAL C 120 36.83 8.63 9.50
C VAL C 120 36.69 8.16 8.06
N MET C 121 35.82 8.82 7.30
CA MET C 121 35.59 8.47 5.91
C MET C 121 35.43 9.75 5.10
N ILE C 122 36.07 9.79 3.94
CA ILE C 122 35.94 10.90 3.00
C ILE C 122 35.45 10.36 1.68
N HIS C 123 34.61 11.15 1.02
CA HIS C 123 34.20 10.86 -0.35
C HIS C 123 33.73 12.13 -1.03
N GLN C 124 33.41 12.03 -2.30
CA GLN C 124 32.88 13.14 -3.05
C GLN C 124 31.39 13.33 -2.73
N PRO C 125 30.85 14.55 -2.96
CA PRO C 125 29.44 14.79 -2.64
C PRO C 125 28.46 14.01 -3.53
N LEU C 126 27.27 13.73 -2.98
CA LEU C 126 26.23 12.97 -3.65
C LEU C 126 25.05 13.89 -3.94
N GLY C 127 24.44 13.71 -5.10
CA GLY C 127 23.27 14.49 -5.51
C GLY C 127 22.45 13.80 -6.56
N GLY C 128 21.62 14.59 -7.25
CA GLY C 128 20.75 14.06 -8.29
C GLY C 128 20.07 15.13 -9.10
N ALA C 129 19.52 14.73 -10.24
CA ALA C 129 18.84 15.63 -11.16
C ALA C 129 18.04 14.80 -12.16
N GLN C 130 16.80 15.23 -12.42
CA GLN C 130 15.97 14.61 -13.45
C GLN C 130 15.17 15.68 -14.20
N GLY C 131 15.02 15.48 -15.51
CA GLY C 131 14.31 16.42 -16.38
C GLY C 131 15.04 16.63 -17.71
N GLN C 132 14.93 17.85 -18.23
CA GLN C 132 15.55 18.23 -19.49
C GLN C 132 17.08 18.29 -19.38
N ALA C 133 17.76 18.09 -20.51
CA ALA C 133 19.23 18.12 -20.57
C ALA C 133 19.84 19.40 -19.99
N THR C 134 19.16 20.53 -20.19
CA THR C 134 19.60 21.84 -19.72
C THR C 134 19.55 21.91 -18.19
N GLU C 135 18.52 21.31 -17.59
CA GLU C 135 18.43 21.20 -16.13
C GLU C 135 19.47 20.22 -15.55
N ILE C 136 19.77 19.14 -16.28
CA ILE C 136 20.79 18.16 -15.86
C ILE C 136 22.18 18.82 -15.84
N GLU C 137 22.45 19.60 -16.89
CA GLU C 137 23.70 20.36 -17.03
C GLU C 137 23.92 21.33 -15.86
N ILE C 138 22.89 22.12 -15.56
CA ILE C 138 22.91 23.10 -14.46
C ILE C 138 23.15 22.43 -13.10
N ALA C 139 22.53 21.28 -12.88
CA ALA C 139 22.73 20.51 -11.65
C ALA C 139 24.12 19.86 -11.61
N ALA C 140 24.60 19.40 -12.76
CA ALA C 140 25.94 18.81 -12.87
C ALA C 140 27.04 19.84 -12.63
N ASN C 141 26.90 21.03 -13.21
CA ASN C 141 27.85 22.12 -12.99
C ASN C 141 27.87 22.58 -11.53
N HIS C 142 26.69 22.63 -10.91
CA HIS C 142 26.55 23.02 -9.50
C HIS C 142 27.25 22.05 -8.55
N ILE C 143 27.01 20.74 -8.72
CA ILE C 143 27.65 19.74 -7.86
C ILE C 143 29.17 19.63 -8.08
N LEU C 144 29.63 19.91 -9.30
CA LEU C 144 31.09 19.98 -9.59
C LEU C 144 31.75 21.17 -8.90
N LYS C 145 31.16 22.36 -9.02
CA LYS C 145 31.59 23.55 -8.28
C LYS C 145 31.63 23.29 -6.77
N THR C 146 30.55 22.69 -6.25
CA THR C 146 30.46 22.31 -4.83
C THR C 146 31.61 21.42 -4.39
N ARG C 147 31.99 20.47 -5.25
CA ARG C 147 33.12 19.58 -4.95
C ARG C 147 34.47 20.30 -4.99
N GLU C 148 34.66 21.18 -5.99
CA GLU C 148 35.85 22.03 -6.05
C GLU C 148 35.99 22.89 -4.78
N LYS C 149 34.88 23.47 -4.34
CA LYS C 149 34.85 24.29 -3.12
C LYS C 149 35.21 23.48 -1.87
N LEU C 150 34.66 22.26 -1.78
CA LEU C 150 34.99 21.35 -0.68
C LEU C 150 36.46 20.90 -0.73
N ASN C 151 36.95 20.59 -1.92
CA ASN C 151 38.34 20.15 -2.11
C ASN C 151 39.35 21.27 -1.82
N ARG C 152 39.03 22.49 -2.25
CA ARG C 152 39.81 23.70 -1.94
C ARG C 152 40.05 23.81 -0.44
N ILE C 153 38.96 23.77 0.32
CA ILE C 153 39.01 23.96 1.77
C ILE C 153 39.70 22.78 2.47
N LEU C 154 39.43 21.56 2.01
CA LEU C 154 40.12 20.37 2.56
C LEU C 154 41.63 20.42 2.35
N SER C 155 42.08 20.89 1.18
CA SER C 155 43.50 21.11 0.90
C SER C 155 44.12 22.12 1.88
N GLU C 156 43.47 23.27 2.02
CA GLU C 156 43.90 24.33 2.95
C GLU C 156 43.96 23.85 4.41
N ARG C 157 43.02 22.99 4.79
CA ARG C 157 42.89 22.49 6.17
C ARG C 157 43.84 21.34 6.50
N THR C 158 44.08 20.46 5.53
CA THR C 158 44.91 19.27 5.73
C THR C 158 46.39 19.50 5.40
N GLY C 159 46.65 20.25 4.33
CA GLY C 159 48.00 20.42 3.77
C GLY C 159 48.25 19.59 2.52
N GLN C 160 47.28 18.75 2.15
CA GLN C 160 47.38 17.94 0.93
C GLN C 160 47.08 18.80 -0.28
N SER C 161 47.54 18.38 -1.45
CA SER C 161 47.24 19.07 -2.69
C SER C 161 45.78 18.81 -3.09
N ILE C 162 45.23 19.71 -3.91
CA ILE C 162 43.87 19.56 -4.44
C ILE C 162 43.75 18.28 -5.27
N GLU C 163 44.79 17.97 -6.05
CA GLU C 163 44.80 16.79 -6.93
C GLU C 163 44.77 15.48 -6.12
N LYS C 164 45.49 15.46 -4.99
CA LYS C 164 45.47 14.30 -4.09
C LYS C 164 44.12 14.14 -3.38
N ILE C 165 43.51 15.24 -2.95
CA ILE C 165 42.19 15.20 -2.32
C ILE C 165 41.15 14.64 -3.32
N GLN C 166 41.20 15.10 -4.57
CA GLN C 166 40.24 14.64 -5.59
C GLN C 166 40.39 13.16 -5.93
N LYS C 167 41.62 12.67 -6.03
CA LYS C 167 41.87 11.23 -6.23
C LYS C 167 41.41 10.40 -5.02
N ASP C 168 41.82 10.83 -3.82
CA ASP C 168 41.50 10.10 -2.58
C ASP C 168 40.02 10.12 -2.17
N THR C 169 39.24 11.07 -2.70
CA THR C 169 37.79 11.16 -2.47
C THR C 169 36.94 10.70 -3.67
N ASP C 170 37.56 10.12 -4.70
CA ASP C 170 36.84 9.66 -5.89
C ASP C 170 35.83 8.56 -5.58
N ARG C 171 36.20 7.73 -4.61
CA ARG C 171 35.29 6.68 -4.10
C ARG C 171 35.44 6.67 -2.58
N ASP C 172 34.60 5.93 -1.88
CA ASP C 172 34.61 5.92 -0.42
C ASP C 172 35.99 5.50 0.09
N ASN C 173 36.54 6.28 1.02
CA ASN C 173 37.89 6.08 1.53
C ASN C 173 37.84 6.10 3.05
N PHE C 174 37.88 4.91 3.65
CA PHE C 174 37.84 4.78 5.11
C PHE C 174 39.24 4.92 5.70
N LEU C 175 39.31 5.58 6.86
CA LEU C 175 40.57 5.87 7.54
C LEU C 175 40.43 5.57 9.03
N THR C 176 41.46 4.97 9.63
CA THR C 176 41.53 4.88 11.09
C THR C 176 41.85 6.26 11.68
N ALA C 177 41.79 6.37 13.00
CA ALA C 177 42.13 7.61 13.70
C ALA C 177 43.58 8.02 13.43
N GLU C 178 44.49 7.05 13.48
CA GLU C 178 45.91 7.28 13.20
C GLU C 178 46.13 7.71 11.75
N GLU C 179 45.47 7.03 10.81
CA GLU C 179 45.51 7.40 9.39
C GLU C 179 44.92 8.79 9.13
N ALA C 180 43.90 9.17 9.89
CA ALA C 180 43.32 10.52 9.80
C ALA C 180 44.30 11.60 10.24
N LYS C 181 45.09 11.32 11.29
CA LYS C 181 46.15 12.23 11.77
C LYS C 181 47.30 12.39 10.76
N GLU C 182 47.75 11.26 10.21
CA GLU C 182 48.76 11.27 9.14
C GLU C 182 48.30 12.03 7.90
N TYR C 183 47.00 11.94 7.60
CA TYR C 183 46.40 12.65 6.45
C TYR C 183 46.24 14.16 6.70
N GLY C 184 46.11 14.56 7.97
CA GLY C 184 45.93 15.97 8.35
C GLY C 184 44.48 16.40 8.61
N LEU C 185 43.58 15.43 8.79
CA LEU C 185 42.16 15.70 9.14
C LEU C 185 41.98 15.92 10.63
N ILE C 186 42.86 15.32 11.44
CA ILE C 186 42.98 15.62 12.87
C ILE C 186 44.45 15.88 13.22
N ASP C 187 44.67 16.44 14.41
CA ASP C 187 46.01 16.77 14.91
C ASP C 187 46.56 15.73 15.88
N GLU C 188 45.68 15.05 16.60
CA GLU C 188 46.08 14.12 17.66
C GLU C 188 45.07 13.00 17.78
N VAL C 189 45.55 11.81 18.13
CA VAL C 189 44.70 10.70 18.51
C VAL C 189 44.64 10.68 20.04
N MET C 190 43.46 11.01 20.60
CA MET C 190 43.31 11.19 22.05
C MET C 190 43.37 9.84 22.79
N VAL C 191 44.59 9.48 23.23
CA VAL C 191 44.83 8.19 23.89
C VAL C 191 44.25 8.14 25.31
N PRO C 192 43.90 6.93 25.79
CA PRO C 192 43.49 6.79 27.20
C PRO C 192 44.68 6.97 28.15
N GLU C 193 44.78 8.16 28.75
CA GLU C 193 45.90 8.51 29.63
C GLU C 193 45.90 7.71 30.93
N THR C 194 44.76 7.71 31.61
CA THR C 194 44.61 7.01 32.89
C THR C 194 44.51 5.51 32.69
N LEU D 3 15.66 17.12 21.47
CA LEU D 3 16.26 17.59 20.18
C LEU D 3 16.87 18.99 20.35
N ILE D 4 16.06 19.94 20.80
CA ILE D 4 16.49 21.33 20.98
C ILE D 4 17.03 21.51 22.40
N PRO D 5 18.27 22.03 22.54
CA PRO D 5 18.83 22.23 23.89
C PRO D 5 18.27 23.45 24.62
N THR D 6 18.21 23.34 25.95
CA THR D 6 17.73 24.39 26.85
C THR D 6 18.93 25.18 27.40
N VAL D 7 18.70 26.45 27.68
CA VAL D 7 19.73 27.38 28.15
C VAL D 7 19.22 28.09 29.42
N ILE D 8 20.07 28.16 30.45
CA ILE D 8 19.77 28.88 31.69
C ILE D 8 20.69 30.09 31.80
N GLU D 9 20.20 31.25 31.36
CA GLU D 9 20.97 32.51 31.35
C GLU D 9 20.17 33.64 31.98
N ARG D 16 15.76 32.11 34.65
CA ARG D 16 14.81 31.83 33.57
C ARG D 16 15.39 30.84 32.56
N ALA D 17 14.57 29.89 32.11
CA ALA D 17 14.99 28.79 31.23
C ALA D 17 14.42 28.90 29.82
N TYR D 18 15.29 29.14 28.84
CA TYR D 18 14.92 29.28 27.42
C TYR D 18 15.35 28.06 26.59
N ASP D 19 14.53 27.69 25.61
CA ASP D 19 15.03 26.87 24.49
C ASP D 19 15.94 27.77 23.64
N ILE D 20 16.94 27.19 22.98
CA ILE D 20 18.01 27.98 22.32
C ILE D 20 17.47 29.04 21.37
N TYR D 21 16.48 28.70 20.56
CA TYR D 21 15.93 29.64 19.56
C TYR D 21 15.24 30.81 20.24
N SER D 22 14.54 30.55 21.33
CA SER D 22 13.91 31.59 22.14
C SER D 22 14.93 32.52 22.81
N ARG D 23 16.08 31.98 23.21
CA ARG D 23 17.19 32.77 23.73
C ARG D 23 17.71 33.76 22.68
N LEU D 24 17.78 33.32 21.42
CA LEU D 24 18.18 34.21 20.31
C LEU D 24 17.17 35.31 20.03
N LEU D 25 15.88 35.00 20.16
CA LEU D 25 14.81 35.99 19.99
C LEU D 25 14.90 37.13 21.03
N LYS D 26 15.32 36.80 22.26
CA LYS D 26 15.59 37.78 23.33
C LYS D 26 16.61 38.84 22.90
N ASP D 27 17.60 38.44 22.09
CA ASP D 27 18.55 39.35 21.45
C ASP D 27 18.14 39.78 20.03
N ARG D 28 16.83 39.77 19.75
CA ARG D 28 16.25 40.27 18.49
C ARG D 28 16.69 39.53 17.20
N ILE D 29 17.08 38.26 17.35
CA ILE D 29 17.43 37.41 16.22
C ILE D 29 16.27 36.45 15.95
N ILE D 30 15.82 36.41 14.69
CA ILE D 30 14.74 35.54 14.25
C ILE D 30 15.32 34.50 13.30
N MET D 31 14.92 33.24 13.49
CA MET D 31 15.41 32.12 12.68
C MET D 31 14.41 31.72 11.59
N LEU D 32 14.73 32.05 10.33
CA LEU D 32 14.07 31.44 9.17
C LEU D 32 14.95 30.30 8.68
N GLY D 33 14.76 29.13 9.31
CA GLY D 33 15.66 27.99 9.13
C GLY D 33 15.04 26.78 8.46
N SER D 34 13.99 26.99 7.67
CA SER D 34 13.24 25.88 7.08
C SER D 34 12.45 26.32 5.84
N GLN D 35 11.76 25.35 5.23
CA GLN D 35 10.89 25.60 4.08
C GLN D 35 9.78 26.57 4.47
N ILE D 36 9.50 27.54 3.60
CA ILE D 36 8.55 28.61 3.91
C ILE D 36 7.12 28.14 3.63
N ASP D 37 6.40 27.82 4.71
CA ASP D 37 4.95 27.59 4.65
C ASP D 37 4.23 28.64 5.53
N ASP D 38 2.92 28.54 5.60
CA ASP D 38 2.12 29.51 6.36
C ASP D 38 2.42 29.48 7.85
N ASN D 39 2.66 28.30 8.42
CA ASN D 39 3.01 28.18 9.84
C ASN D 39 4.30 28.96 10.17
N VAL D 40 5.30 28.81 9.30
CA VAL D 40 6.58 29.54 9.45
C VAL D 40 6.35 31.06 9.31
N ALA D 41 5.65 31.48 8.27
CA ALA D 41 5.38 32.91 8.05
C ALA D 41 4.61 33.57 9.20
N ASN D 42 3.60 32.88 9.74
CA ASN D 42 2.83 33.42 10.87
C ASN D 42 3.71 33.63 12.11
N SER D 43 4.60 32.67 12.36
CA SER D 43 5.54 32.74 13.49
C SER D 43 6.47 33.93 13.34
N ILE D 44 7.08 34.06 12.16
CA ILE D 44 8.03 35.13 11.87
C ILE D 44 7.36 36.51 11.90
N VAL D 45 6.16 36.61 11.33
CA VAL D 45 5.36 37.84 11.39
C VAL D 45 5.10 38.22 12.86
N SER D 46 4.67 37.26 13.66
CA SER D 46 4.41 37.48 15.09
C SER D 46 5.67 37.91 15.86
N GLN D 47 6.82 37.37 15.47
CA GLN D 47 8.11 37.74 16.06
C GLN D 47 8.50 39.18 15.70
N LEU D 48 8.41 39.51 14.40
CA LEU D 48 8.67 40.87 13.92
C LEU D 48 7.83 41.94 14.63
N LEU D 49 6.54 41.64 14.84
CA LEU D 49 5.62 42.57 15.51
C LEU D 49 5.96 42.73 16.99
N PHE D 50 6.28 41.61 17.64
CA PHE D 50 6.71 41.61 19.04
C PHE D 50 7.98 42.44 19.26
N LEU D 51 8.97 42.26 18.40
CA LEU D 51 10.25 42.96 18.54
C LEU D 51 10.09 44.47 18.30
N GLN D 52 9.22 44.85 17.36
CA GLN D 52 8.82 46.25 17.16
C GLN D 52 8.27 46.87 18.45
N ALA D 53 7.32 46.17 19.08
CA ALA D 53 6.69 46.64 20.32
C ALA D 53 7.65 46.77 21.50
N GLN D 54 8.64 45.88 21.58
CA GLN D 54 9.69 46.00 22.60
C GLN D 54 10.59 47.19 22.35
N ASP D 55 10.99 47.38 21.09
CA ASP D 55 11.86 48.49 20.71
C ASP D 55 11.74 48.75 19.21
N SER D 56 11.26 49.94 18.87
CA SER D 56 11.11 50.38 17.49
C SER D 56 12.39 50.96 16.86
N GLU D 57 13.44 51.16 17.66
CA GLU D 57 14.71 51.72 17.20
C GLU D 57 15.72 50.63 16.81
N LYS D 58 15.97 49.71 17.73
CA LYS D 58 17.03 48.68 17.58
C LYS D 58 16.81 47.74 16.39
N ASP D 59 17.91 47.24 15.84
CA ASP D 59 17.84 46.36 14.67
C ASP D 59 17.30 44.97 15.03
N ILE D 60 16.72 44.33 14.02
CA ILE D 60 16.28 42.95 14.08
C ILE D 60 17.16 42.18 13.09
N TYR D 61 17.49 40.94 13.42
CA TYR D 61 18.37 40.11 12.59
C TYR D 61 17.62 38.87 12.12
N LEU D 62 17.40 38.78 10.80
CA LEU D 62 16.79 37.61 10.17
C LEU D 62 17.85 36.66 9.63
N TYR D 63 18.12 35.60 10.38
CA TYR D 63 18.92 34.46 9.92
C TYR D 63 18.12 33.71 8.85
N ILE D 64 18.74 33.46 7.69
CA ILE D 64 18.09 32.76 6.57
C ILE D 64 18.91 31.54 6.16
N ASN D 65 18.41 30.35 6.54
CA ASN D 65 18.87 29.07 5.97
C ASN D 65 17.63 28.33 5.45
N SER D 66 17.26 28.61 4.20
CA SER D 66 15.97 28.20 3.66
C SER D 66 16.03 27.88 2.16
N PRO D 67 15.32 26.83 1.70
CA PRO D 67 15.18 26.53 0.26
C PRO D 67 14.01 27.24 -0.45
N GLY D 68 13.29 28.12 0.24
CA GLY D 68 12.11 28.78 -0.31
C GLY D 68 10.82 28.08 0.10
N GLY D 69 9.78 28.22 -0.74
CA GLY D 69 8.49 27.59 -0.49
C GLY D 69 7.33 28.42 -1.01
N SER D 70 6.27 28.56 -0.20
CA SER D 70 5.07 29.30 -0.60
C SER D 70 5.39 30.78 -0.85
N VAL D 71 4.99 31.28 -2.02
CA VAL D 71 5.21 32.68 -2.41
C VAL D 71 4.43 33.64 -1.50
N THR D 72 3.16 33.32 -1.24
CA THR D 72 2.27 34.15 -0.42
C THR D 72 2.77 34.23 1.03
N ALA D 73 3.22 33.11 1.57
CA ALA D 73 3.86 33.06 2.89
C ALA D 73 5.15 33.90 2.93
N GLY D 74 5.91 33.87 1.84
CA GLY D 74 7.09 34.71 1.70
C GLY D 74 6.74 36.19 1.69
N PHE D 75 5.66 36.55 1.00
CA PHE D 75 5.18 37.95 0.98
C PHE D 75 4.57 38.40 2.31
N ALA D 76 4.03 37.47 3.10
CA ALA D 76 3.61 37.77 4.47
C ALA D 76 4.79 38.25 5.32
N ILE D 77 5.93 37.58 5.18
CA ILE D 77 7.16 37.98 5.85
C ILE D 77 7.66 39.30 5.28
N TYR D 78 7.74 39.39 3.96
CA TYR D 78 8.23 40.58 3.26
C TYR D 78 7.47 41.84 3.69
N ASP D 79 6.15 41.82 3.58
CA ASP D 79 5.33 42.99 3.94
C ASP D 79 5.43 43.38 5.40
N THR D 80 5.54 42.39 6.29
CA THR D 80 5.75 42.67 7.71
C THR D 80 7.12 43.29 7.97
N ILE D 81 8.15 42.86 7.21
CA ILE D 81 9.48 43.49 7.30
C ILE D 81 9.42 44.96 6.89
N GLN D 82 8.84 45.23 5.72
CA GLN D 82 8.73 46.61 5.22
C GLN D 82 7.82 47.49 6.06
N HIS D 83 6.78 46.90 6.67
CA HIS D 83 5.82 47.69 7.46
C HIS D 83 6.41 48.25 8.74
N ILE D 84 7.23 47.46 9.44
CA ILE D 84 7.75 47.86 10.75
C ILE D 84 8.87 48.93 10.67
N LYS D 85 9.04 49.66 11.77
CA LYS D 85 10.03 50.76 11.85
C LYS D 85 11.48 50.25 11.84
N PRO D 86 11.84 49.30 12.73
CA PRO D 86 13.23 48.82 12.79
C PRO D 86 13.79 48.34 11.45
N ASP D 87 15.09 48.57 11.24
CA ASP D 87 15.82 47.93 10.16
C ASP D 87 15.91 46.45 10.47
N VAL D 88 15.55 45.61 9.50
CA VAL D 88 15.68 44.15 9.62
C VAL D 88 16.89 43.73 8.79
N GLN D 89 17.95 43.27 9.47
CA GLN D 89 19.13 42.75 8.78
C GLN D 89 18.82 41.33 8.30
N THR D 90 19.38 40.96 7.16
CA THR D 90 19.24 39.59 6.64
C THR D 90 20.63 38.97 6.48
N ILE D 91 20.82 37.78 7.03
CA ILE D 91 22.11 37.08 6.99
C ILE D 91 21.91 35.65 6.45
N CYS D 92 22.39 35.41 5.24
CA CYS D 92 22.32 34.08 4.65
C CYS D 92 23.45 33.20 5.18
N ILE D 93 23.08 32.14 5.88
CA ILE D 93 24.04 31.14 6.36
C ILE D 93 23.53 29.78 5.91
N GLY D 94 24.39 28.99 5.28
CA GLY D 94 23.99 27.72 4.66
C GLY D 94 23.50 27.92 3.25
N MET D 95 22.19 28.15 3.10
CA MET D 95 21.62 28.53 1.79
C MET D 95 20.38 29.40 1.88
N ALA D 96 20.15 30.17 0.82
CA ALA D 96 18.94 30.94 0.63
C ALA D 96 18.57 30.80 -0.84
N ALA D 97 17.51 30.05 -1.12
CA ALA D 97 17.09 29.73 -2.49
C ALA D 97 15.64 30.13 -2.73
N SER D 98 15.34 30.51 -3.97
CA SER D 98 13.99 30.88 -4.39
C SER D 98 13.41 32.04 -3.56
N MET D 99 12.33 31.85 -2.79
CA MET D 99 11.82 32.89 -1.89
C MET D 99 12.76 33.19 -0.71
N GLY D 100 13.64 32.25 -0.37
CA GLY D 100 14.69 32.48 0.63
C GLY D 100 15.61 33.62 0.21
N SER D 101 16.09 33.58 -1.04
CA SER D 101 16.94 34.63 -1.59
C SER D 101 16.18 35.95 -1.82
N PHE D 102 14.89 35.85 -2.18
CA PHE D 102 14.03 37.04 -2.28
C PHE D 102 13.96 37.78 -0.94
N LEU D 103 13.78 37.02 0.13
CA LEU D 103 13.73 37.59 1.47
C LEU D 103 15.10 38.07 1.96
N LEU D 104 16.17 37.38 1.56
CA LEU D 104 17.54 37.86 1.79
C LEU D 104 17.77 39.24 1.16
N ALA D 105 17.30 39.38 -0.08
CA ALA D 105 17.37 40.64 -0.83
C ALA D 105 16.42 41.74 -0.33
N ALA D 106 15.48 41.40 0.54
CA ALA D 106 14.50 42.34 1.11
C ALA D 106 14.94 43.01 2.42
N GLY D 107 16.15 42.70 2.90
CA GLY D 107 16.68 43.31 4.11
C GLY D 107 16.97 44.78 3.92
N ALA D 108 17.09 45.49 5.04
CA ALA D 108 17.38 46.92 5.03
C ALA D 108 18.69 47.19 4.28
N LYS D 109 18.67 48.19 3.39
CA LYS D 109 19.83 48.53 2.55
C LYS D 109 21.08 48.81 3.38
N GLY D 110 22.18 48.22 2.94
CA GLY D 110 23.45 48.21 3.69
C GLY D 110 23.56 47.18 4.80
N LYS D 111 22.51 46.37 5.01
CA LYS D 111 22.48 45.37 6.10
C LYS D 111 22.04 43.96 5.64
N ARG D 112 22.28 43.66 4.36
CA ARG D 112 22.04 42.34 3.81
C ARG D 112 23.38 41.64 3.69
N PHE D 113 23.55 40.54 4.41
CA PHE D 113 24.83 39.84 4.54
C PHE D 113 24.76 38.38 4.11
N ALA D 114 25.94 37.83 3.81
CA ALA D 114 26.12 36.39 3.63
C ALA D 114 27.50 36.00 4.15
N LEU D 115 27.60 34.84 4.78
CA LEU D 115 28.90 34.30 5.17
C LEU D 115 29.56 33.68 3.92
N PRO D 116 30.90 33.56 3.89
CA PRO D 116 31.63 33.31 2.63
C PRO D 116 31.23 32.07 1.81
N ASN D 117 30.91 30.96 2.50
CA ASN D 117 30.52 29.70 1.85
C ASN D 117 29.01 29.45 1.83
N ALA D 118 28.21 30.50 2.04
CA ALA D 118 26.75 30.41 1.87
C ALA D 118 26.42 30.36 0.39
N GLU D 119 25.36 29.63 0.06
CA GLU D 119 24.88 29.45 -1.32
C GLU D 119 23.60 30.25 -1.54
N VAL D 120 23.53 30.97 -2.64
CA VAL D 120 22.32 31.71 -3.01
C VAL D 120 21.83 31.15 -4.34
N MET D 121 20.50 31.02 -4.49
CA MET D 121 19.90 30.57 -5.74
C MET D 121 18.65 31.36 -6.05
N ILE D 122 18.50 31.77 -7.30
CA ILE D 122 17.30 32.46 -7.77
C ILE D 122 16.67 31.67 -8.92
N HIS D 123 15.35 31.55 -8.91
CA HIS D 123 14.60 31.05 -10.05
C HIS D 123 13.21 31.66 -10.12
N GLN D 124 12.49 31.31 -11.18
CA GLN D 124 11.08 31.65 -11.31
C GLN D 124 10.20 30.77 -10.40
N PRO D 125 8.98 31.24 -10.08
CA PRO D 125 8.10 30.46 -9.20
C PRO D 125 7.57 29.16 -9.83
N LEU D 126 7.25 28.21 -8.95
CA LEU D 126 6.75 26.89 -9.33
C LEU D 126 5.29 26.77 -8.93
N GLY D 127 4.50 26.08 -9.75
CA GLY D 127 3.08 25.88 -9.48
C GLY D 127 2.46 24.74 -10.26
N GLY D 128 1.15 24.69 -10.26
CA GLY D 128 0.41 23.64 -10.94
C GLY D 128 -1.01 24.00 -11.26
N ALA D 129 -1.61 23.22 -12.16
CA ALA D 129 -3.00 23.38 -12.54
C ALA D 129 -3.47 22.10 -13.26
N GLN D 130 -4.67 21.64 -12.93
CA GLN D 130 -5.28 20.50 -13.62
C GLN D 130 -6.79 20.71 -13.72
N GLY D 131 -7.35 20.42 -14.88
CA GLY D 131 -8.78 20.55 -15.15
C GLY D 131 -9.07 21.17 -16.50
N GLN D 132 -10.17 21.92 -16.57
CA GLN D 132 -10.63 22.52 -17.83
C GLN D 132 -9.68 23.59 -18.34
N ALA D 133 -9.59 23.72 -19.66
CA ALA D 133 -8.79 24.78 -20.33
C ALA D 133 -8.91 26.16 -19.69
N THR D 134 -10.12 26.52 -19.24
CA THR D 134 -10.40 27.83 -18.64
C THR D 134 -9.74 27.95 -17.26
N GLU D 135 -9.80 26.87 -16.48
CA GLU D 135 -9.12 26.81 -15.18
C GLU D 135 -7.59 26.83 -15.32
N ILE D 136 -7.07 26.22 -16.39
CA ILE D 136 -5.61 26.22 -16.65
C ILE D 136 -5.14 27.64 -17.01
N GLU D 137 -5.92 28.33 -17.83
CA GLU D 137 -5.67 29.74 -18.20
C GLU D 137 -5.61 30.67 -16.97
N ILE D 138 -6.62 30.57 -16.11
CA ILE D 138 -6.67 31.35 -14.86
C ILE D 138 -5.41 31.12 -13.99
N ALA D 139 -5.04 29.86 -13.81
CA ALA D 139 -3.86 29.50 -13.01
C ALA D 139 -2.55 29.98 -13.65
N ALA D 140 -2.47 29.88 -14.98
CA ALA D 140 -1.31 30.36 -15.74
C ALA D 140 -1.12 31.86 -15.65
N ASN D 141 -2.22 32.61 -15.78
CA ASN D 141 -2.18 34.07 -15.68
C ASN D 141 -1.83 34.52 -14.26
N HIS D 142 -2.36 33.80 -13.26
CA HIS D 142 -2.05 34.10 -11.87
C HIS D 142 -0.56 33.94 -11.54
N ILE D 143 0.03 32.83 -11.94
CA ILE D 143 1.44 32.57 -11.65
C ILE D 143 2.38 33.50 -12.46
N LEU D 144 1.97 33.88 -13.66
CA LEU D 144 2.70 34.89 -14.44
C LEU D 144 2.69 36.27 -13.78
N LYS D 145 1.53 36.73 -13.30
CA LYS D 145 1.44 37.98 -12.51
C LYS D 145 2.29 37.92 -11.24
N THR D 146 2.30 36.76 -10.58
CA THR D 146 3.14 36.53 -9.41
C THR D 146 4.64 36.65 -9.76
N ARG D 147 5.04 36.09 -10.90
CA ARG D 147 6.45 36.21 -11.34
C ARG D 147 6.85 37.66 -11.62
N GLU D 148 6.02 38.39 -12.37
CA GLU D 148 6.24 39.82 -12.65
C GLU D 148 6.34 40.64 -11.37
N LYS D 149 5.45 40.34 -10.41
CA LYS D 149 5.46 40.97 -9.09
C LYS D 149 6.76 40.70 -8.33
N LEU D 150 7.22 39.45 -8.38
CA LEU D 150 8.51 39.05 -7.77
C LEU D 150 9.71 39.73 -8.47
N ASN D 151 9.68 39.76 -9.80
CA ASN D 151 10.77 40.35 -10.59
C ASN D 151 10.85 41.87 -10.44
N ARG D 152 9.70 42.53 -10.36
CA ARG D 152 9.63 43.98 -10.16
C ARG D 152 10.31 44.37 -8.84
N ILE D 153 10.01 43.63 -7.78
CA ILE D 153 10.60 43.89 -6.46
C ILE D 153 12.09 43.51 -6.43
N LEU D 154 12.48 42.42 -7.10
CA LEU D 154 13.90 42.06 -7.24
C LEU D 154 14.70 43.12 -8.02
N SER D 155 14.08 43.72 -9.04
CA SER D 155 14.72 44.80 -9.79
C SER D 155 15.01 46.00 -8.87
N GLU D 156 13.98 46.43 -8.15
CA GLU D 156 14.08 47.56 -7.21
C GLU D 156 15.10 47.31 -6.09
N ARG D 157 15.16 46.07 -5.59
CA ARG D 157 16.05 45.72 -4.47
C ARG D 157 17.51 45.52 -4.87
N THR D 158 17.75 45.04 -6.09
CA THR D 158 19.10 44.74 -6.58
C THR D 158 19.72 45.86 -7.41
N GLY D 159 18.89 46.55 -8.20
CA GLY D 159 19.36 47.56 -9.16
C GLY D 159 19.51 47.02 -10.58
N GLN D 160 19.19 45.75 -10.79
CA GLN D 160 19.19 45.14 -12.12
C GLN D 160 17.86 45.44 -12.80
N SER D 161 17.84 45.40 -14.13
CA SER D 161 16.62 45.64 -14.90
C SER D 161 15.71 44.42 -14.89
N ILE D 162 14.41 44.65 -15.09
CA ILE D 162 13.38 43.59 -15.07
C ILE D 162 13.67 42.47 -16.09
N GLU D 163 14.13 42.85 -17.28
CA GLU D 163 14.47 41.86 -18.33
C GLU D 163 15.72 41.03 -18.00
N LYS D 164 16.70 41.62 -17.30
CA LYS D 164 17.87 40.86 -16.83
C LYS D 164 17.50 39.86 -15.74
N ILE D 165 16.60 40.26 -14.83
CA ILE D 165 16.11 39.35 -13.80
C ILE D 165 15.36 38.18 -14.45
N GLN D 166 14.56 38.47 -15.48
CA GLN D 166 13.74 37.43 -16.12
C GLN D 166 14.59 36.36 -16.84
N LYS D 167 15.67 36.77 -17.50
CA LYS D 167 16.62 35.82 -18.11
C LYS D 167 17.41 35.01 -17.07
N ASP D 168 17.87 35.70 -16.02
CA ASP D 168 18.68 35.07 -14.98
C ASP D 168 17.88 34.19 -13.99
N THR D 169 16.55 34.26 -14.01
CA THR D 169 15.68 33.40 -13.21
C THR D 169 14.93 32.34 -14.02
N ASP D 170 15.10 32.34 -15.35
CA ASP D 170 14.40 31.38 -16.23
C ASP D 170 14.66 29.92 -15.81
N ARG D 171 15.88 29.63 -15.38
CA ARG D 171 16.24 28.32 -14.84
C ARG D 171 17.01 28.52 -13.52
N ASP D 172 17.23 27.43 -12.78
CA ASP D 172 17.96 27.47 -11.52
C ASP D 172 19.32 28.15 -11.74
N ASN D 173 19.58 29.23 -11.00
CA ASN D 173 20.81 30.02 -11.15
C ASN D 173 21.51 30.06 -9.80
N PHE D 174 22.54 29.24 -9.65
CA PHE D 174 23.32 29.18 -8.40
C PHE D 174 24.39 30.26 -8.38
N LEU D 175 24.52 30.93 -7.24
CA LEU D 175 25.46 32.05 -7.05
C LEU D 175 26.22 31.86 -5.73
N THR D 176 27.51 32.20 -5.73
CA THR D 176 28.30 32.24 -4.50
C THR D 176 27.92 33.46 -3.66
N ALA D 177 28.43 33.51 -2.43
CA ALA D 177 28.25 34.67 -1.55
C ALA D 177 28.78 35.95 -2.20
N GLU D 178 29.93 35.84 -2.87
CA GLU D 178 30.53 36.98 -3.58
C GLU D 178 29.73 37.38 -4.81
N GLU D 179 29.30 36.40 -5.61
CA GLU D 179 28.46 36.65 -6.79
C GLU D 179 27.10 37.25 -6.44
N ALA D 180 26.57 36.86 -5.27
CA ALA D 180 25.33 37.45 -4.73
C ALA D 180 25.49 38.93 -4.39
N LYS D 181 26.65 39.31 -3.84
CA LYS D 181 26.96 40.72 -3.53
C LYS D 181 26.97 41.58 -4.79
N GLU D 182 27.75 41.18 -5.78
CA GLU D 182 27.86 41.96 -7.03
C GLU D 182 26.61 41.91 -7.92
N TYR D 183 25.73 40.94 -7.69
CA TYR D 183 24.40 40.94 -8.31
C TYR D 183 23.48 42.01 -7.67
N GLY D 184 23.73 42.32 -6.40
CA GLY D 184 22.91 43.27 -5.63
C GLY D 184 21.92 42.62 -4.67
N LEU D 185 22.00 41.28 -4.52
CA LEU D 185 21.15 40.54 -3.59
C LEU D 185 21.57 40.73 -2.14
N ILE D 186 22.87 40.87 -1.90
CA ILE D 186 23.41 41.31 -0.60
C ILE D 186 24.31 42.54 -0.75
N ASP D 187 24.70 43.12 0.38
CA ASP D 187 25.58 44.30 0.41
C ASP D 187 27.04 43.96 0.76
N GLU D 188 27.26 42.92 1.55
CA GLU D 188 28.59 42.61 2.08
C GLU D 188 28.73 41.12 2.38
N VAL D 189 29.87 40.53 2.00
CA VAL D 189 30.23 39.20 2.46
C VAL D 189 30.85 39.35 3.84
N MET D 190 30.24 38.74 4.85
CA MET D 190 30.67 38.88 6.23
C MET D 190 31.87 37.94 6.49
N VAL D 191 33.05 38.43 6.16
CA VAL D 191 34.30 37.66 6.31
C VAL D 191 34.67 37.46 7.80
N PRO D 192 35.40 36.37 8.12
CA PRO D 192 35.84 36.16 9.50
C PRO D 192 37.02 37.06 9.88
N GLU D 193 36.78 38.04 10.74
CA GLU D 193 37.80 39.04 11.12
C GLU D 193 38.87 38.48 12.08
N THR D 194 38.44 37.65 13.03
CA THR D 194 39.35 37.08 14.05
C THR D 194 40.34 36.06 13.48
N LYS D 195 39.96 35.37 12.41
CA LYS D 195 40.84 34.41 11.72
C LYS D 195 41.75 35.11 10.72
N ILE E 4 7.50 26.95 17.86
CA ILE E 4 6.91 28.26 18.28
C ILE E 4 7.78 28.87 19.40
N PRO E 5 8.43 30.02 19.14
CA PRO E 5 9.34 30.59 20.13
C PRO E 5 8.63 31.22 21.34
N THR E 6 9.29 31.14 22.49
CA THR E 6 8.79 31.73 23.73
C THR E 6 9.38 33.14 23.88
N VAL E 7 8.54 34.08 24.35
CA VAL E 7 9.01 35.44 24.68
C VAL E 7 8.91 35.61 26.18
N ILE E 8 9.93 36.23 26.76
CA ILE E 8 9.97 36.55 28.18
C ILE E 8 10.17 38.05 28.29
N GLU E 9 9.12 38.78 28.68
CA GLU E 9 9.20 40.23 28.85
C GLU E 9 9.57 40.58 30.30
N THR E 10 10.32 41.68 30.45
CA THR E 10 10.78 42.15 31.75
C THR E 10 9.82 43.20 32.32
N THR E 11 9.09 42.83 33.36
CA THR E 11 8.05 43.68 33.97
C THR E 11 8.51 44.29 35.30
N ASN E 12 7.68 45.16 35.88
CA ASN E 12 7.92 45.70 37.23
C ASN E 12 7.78 44.63 38.34
N ARG E 13 7.00 43.58 38.07
CA ARG E 13 6.82 42.45 39.01
C ARG E 13 7.68 41.22 38.66
N GLY E 14 8.74 41.39 37.86
CA GLY E 14 9.64 40.30 37.48
C GLY E 14 9.61 39.97 36.00
N GLU E 15 9.72 38.69 35.66
CA GLU E 15 9.71 38.21 34.26
C GLU E 15 8.60 37.18 34.07
N ARG E 16 7.75 37.40 33.06
CA ARG E 16 6.66 36.48 32.70
C ARG E 16 6.91 35.91 31.31
N ALA E 17 6.57 34.64 31.12
CA ALA E 17 6.82 33.90 29.87
C ALA E 17 5.54 33.67 29.08
N TYR E 18 5.61 33.88 27.76
CA TYR E 18 4.50 33.64 26.82
C TYR E 18 5.01 32.92 25.59
N ASP E 19 4.22 31.98 25.05
CA ASP E 19 4.39 31.58 23.66
C ASP E 19 3.92 32.76 22.79
N ILE E 20 4.54 32.93 21.62
CA ILE E 20 4.39 34.16 20.82
C ILE E 20 2.94 34.48 20.45
N TYR E 21 2.12 33.46 20.17
CA TYR E 21 0.71 33.67 19.82
C TYR E 21 -0.12 34.13 21.01
N SER E 22 0.18 33.60 22.20
CA SER E 22 -0.46 34.05 23.43
C SER E 22 -0.04 35.49 23.84
N ARG E 23 1.17 35.90 23.47
CA ARG E 23 1.62 37.28 23.68
C ARG E 23 0.82 38.27 22.81
N LEU E 24 0.59 37.90 21.55
CA LEU E 24 -0.26 38.69 20.65
C LEU E 24 -1.71 38.79 21.18
N LEU E 25 -2.24 37.69 21.72
CA LEU E 25 -3.60 37.66 22.27
C LEU E 25 -3.78 38.56 23.51
N LYS E 26 -2.71 38.73 24.29
CA LYS E 26 -2.70 39.69 25.41
C LYS E 26 -3.01 41.11 24.91
N ASP E 27 -2.53 41.47 23.72
CA ASP E 27 -2.85 42.76 23.07
C ASP E 27 -4.00 42.68 22.04
N ARG E 28 -4.93 41.76 22.25
CA ARG E 28 -6.18 41.66 21.48
C ARG E 28 -5.99 41.37 19.97
N ILE E 29 -4.93 40.64 19.63
CA ILE E 29 -4.69 40.18 18.26
C ILE E 29 -4.97 38.68 18.17
N ILE E 30 -5.92 38.30 17.32
CA ILE E 30 -6.23 36.89 17.04
C ILE E 30 -5.63 36.51 15.68
N MET E 31 -4.98 35.35 15.64
CA MET E 31 -4.33 34.85 14.41
C MET E 31 -5.20 33.78 13.74
N LEU E 32 -5.75 34.11 12.57
CA LEU E 32 -6.33 33.11 11.66
C LEU E 32 -5.31 32.82 10.58
N GLY E 33 -4.41 31.88 10.89
CA GLY E 33 -3.26 31.58 10.04
C GLY E 33 -3.23 30.19 9.41
N SER E 34 -4.36 29.50 9.36
CA SER E 34 -4.41 28.15 8.80
C SER E 34 -5.71 27.92 8.04
N GLN E 35 -5.83 26.72 7.45
CA GLN E 35 -7.08 26.27 6.84
C GLN E 35 -8.19 26.32 7.88
N ILE E 36 -9.36 26.82 7.48
CA ILE E 36 -10.49 26.96 8.40
C ILE E 36 -11.22 25.61 8.49
N ASP E 37 -10.99 24.91 9.59
CA ASP E 37 -11.81 23.77 9.98
C ASP E 37 -12.48 24.11 11.31
N ASP E 38 -13.23 23.18 11.88
CA ASP E 38 -13.99 23.42 13.10
C ASP E 38 -13.11 23.77 14.30
N ASN E 39 -11.98 23.08 14.46
CA ASN E 39 -11.06 23.34 15.56
C ASN E 39 -10.56 24.78 15.58
N VAL E 40 -10.15 25.28 14.40
CA VAL E 40 -9.72 26.68 14.23
C VAL E 40 -10.84 27.65 14.59
N ALA E 41 -12.04 27.37 14.07
CA ALA E 41 -13.22 28.20 14.32
C ALA E 41 -13.59 28.25 15.81
N ASN E 42 -13.58 27.09 16.47
CA ASN E 42 -13.89 27.01 17.91
C ASN E 42 -12.92 27.83 18.75
N SER E 43 -11.64 27.74 18.37
CA SER E 43 -10.56 28.48 19.01
C SER E 43 -10.76 29.98 18.84
N ILE E 44 -11.00 30.42 17.61
CA ILE E 44 -11.19 31.85 17.31
C ILE E 44 -12.48 32.38 17.94
N VAL E 45 -13.56 31.61 17.86
CA VAL E 45 -14.81 31.95 18.54
C VAL E 45 -14.56 32.21 20.04
N SER E 46 -13.82 31.30 20.68
CA SER E 46 -13.51 31.42 22.11
C SER E 46 -12.62 32.62 22.43
N GLN E 47 -11.68 32.93 21.54
CA GLN E 47 -10.83 34.11 21.68
C GLN E 47 -11.64 35.41 21.60
N LEU E 48 -12.54 35.49 20.61
CA LEU E 48 -13.44 36.66 20.47
C LEU E 48 -14.30 36.89 21.70
N LEU E 49 -14.81 35.80 22.27
CA LEU E 49 -15.63 35.86 23.47
C LEU E 49 -14.84 36.28 24.70
N PHE E 50 -13.61 35.79 24.81
CA PHE E 50 -12.71 36.14 25.92
C PHE E 50 -12.31 37.62 25.88
N LEU E 51 -11.92 38.08 24.70
CA LEU E 51 -11.54 39.47 24.50
C LEU E 51 -12.69 40.45 24.79
N GLN E 52 -13.91 40.11 24.36
CA GLN E 52 -15.11 40.87 24.73
C GLN E 52 -15.25 41.02 26.25
N ALA E 53 -15.09 39.92 26.97
CA ALA E 53 -15.27 39.90 28.42
C ALA E 53 -14.22 40.74 29.16
N GLN E 54 -12.99 40.75 28.64
CA GLN E 54 -11.94 41.64 29.16
C GLN E 54 -12.32 43.10 28.98
N ASP E 55 -12.62 43.48 27.75
CA ASP E 55 -12.99 44.85 27.39
C ASP E 55 -13.95 44.83 26.19
N SER E 56 -15.17 45.33 26.40
CA SER E 56 -16.19 45.38 25.37
C SER E 56 -16.11 46.62 24.47
N GLU E 57 -15.16 47.53 24.73
CA GLU E 57 -14.99 48.77 23.97
C GLU E 57 -13.82 48.69 22.99
N LYS E 58 -12.65 48.27 23.50
CA LYS E 58 -11.40 48.29 22.73
C LYS E 58 -11.45 47.38 21.51
N ASP E 59 -10.85 47.82 20.41
CA ASP E 59 -10.82 47.05 19.17
C ASP E 59 -10.13 45.68 19.34
N ILE E 60 -10.48 44.77 18.44
CA ILE E 60 -9.81 43.47 18.29
C ILE E 60 -9.21 43.45 16.89
N TYR E 61 -8.07 42.75 16.75
CA TYR E 61 -7.37 42.64 15.48
C TYR E 61 -7.31 41.18 15.01
N LEU E 62 -8.00 40.87 13.92
CA LEU E 62 -8.00 39.55 13.32
C LEU E 62 -7.02 39.52 12.13
N TYR E 63 -5.87 38.88 12.36
CA TYR E 63 -4.88 38.63 11.31
C TYR E 63 -5.41 37.49 10.43
N ILE E 64 -5.34 37.66 9.10
CA ILE E 64 -5.83 36.64 8.18
C ILE E 64 -4.77 36.25 7.15
N ASN E 65 -4.21 35.05 7.33
CA ASN E 65 -3.40 34.37 6.32
C ASN E 65 -3.95 32.95 6.17
N SER E 66 -4.95 32.80 5.31
CA SER E 66 -5.74 31.56 5.26
C SER E 66 -6.23 31.26 3.84
N PRO E 67 -6.13 29.98 3.42
CA PRO E 67 -6.68 29.60 2.11
C PRO E 67 -8.18 29.31 2.12
N GLY E 68 -8.86 29.53 3.25
CA GLY E 68 -10.28 29.20 3.40
C GLY E 68 -10.44 27.84 4.06
N GLY E 69 -11.54 27.16 3.74
CA GLY E 69 -11.87 25.84 4.30
C GLY E 69 -13.37 25.65 4.43
N SER E 70 -13.81 25.17 5.59
CA SER E 70 -15.24 24.92 5.84
C SER E 70 -16.09 26.21 5.91
N VAL E 71 -17.21 26.20 5.18
CA VAL E 71 -18.14 27.33 5.13
C VAL E 71 -18.87 27.51 6.45
N THR E 72 -19.34 26.42 7.05
CA THR E 72 -20.01 26.49 8.35
C THR E 72 -19.07 26.93 9.46
N ALA E 73 -17.82 26.44 9.42
CA ALA E 73 -16.79 26.86 10.37
C ALA E 73 -16.49 28.36 10.22
N GLY E 74 -16.44 28.83 8.98
CA GLY E 74 -16.31 30.26 8.68
C GLY E 74 -17.45 31.09 9.26
N PHE E 75 -18.68 30.60 9.11
CA PHE E 75 -19.85 31.31 9.65
C PHE E 75 -19.92 31.33 11.18
N ALA E 76 -19.30 30.34 11.83
CA ALA E 76 -19.13 30.40 13.28
C ALA E 76 -18.31 31.64 13.65
N ILE E 77 -17.20 31.84 12.94
CA ILE E 77 -16.34 33.01 13.13
C ILE E 77 -17.09 34.28 12.72
N TYR E 78 -17.76 34.26 11.56
CA TYR E 78 -18.51 35.42 11.07
C TYR E 78 -19.55 35.89 12.07
N ASP E 79 -20.44 34.99 12.48
CA ASP E 79 -21.51 35.33 13.41
C ASP E 79 -21.01 35.82 14.76
N THR E 80 -19.94 35.21 15.28
CA THR E 80 -19.38 35.65 16.55
C THR E 80 -18.78 37.06 16.45
N ILE E 81 -18.19 37.39 15.29
CA ILE E 81 -17.71 38.75 15.04
C ILE E 81 -18.86 39.75 15.12
N GLN E 82 -19.97 39.48 14.42
CA GLN E 82 -21.09 40.41 14.39
C GLN E 82 -21.85 40.49 15.72
N HIS E 83 -21.84 39.39 16.48
CA HIS E 83 -22.52 39.35 17.78
C HIS E 83 -21.89 40.25 18.83
N ILE E 84 -20.56 40.21 18.93
CA ILE E 84 -19.85 40.95 19.99
C ILE E 84 -19.85 42.47 19.77
N LYS E 85 -19.65 43.20 20.87
CA LYS E 85 -19.65 44.67 20.89
C LYS E 85 -18.43 45.31 20.22
N PRO E 86 -17.20 44.86 20.57
CA PRO E 86 -16.00 45.49 19.99
C PRO E 86 -15.94 45.40 18.47
N ASP E 87 -15.38 46.43 17.83
CA ASP E 87 -15.06 46.37 16.41
C ASP E 87 -13.96 45.33 16.22
N VAL E 88 -14.12 44.46 15.22
CA VAL E 88 -13.09 43.51 14.84
C VAL E 88 -12.43 44.00 13.56
N GLN E 89 -11.18 44.45 13.66
CA GLN E 89 -10.40 44.80 12.49
C GLN E 89 -9.94 43.51 11.82
N THR E 90 -9.89 43.52 10.49
CA THR E 90 -9.32 42.40 9.74
C THR E 90 -8.15 42.91 8.92
N ILE E 91 -7.07 42.14 8.90
CA ILE E 91 -5.86 42.49 8.16
C ILE E 91 -5.39 41.25 7.39
N CYS E 92 -5.39 41.33 6.06
CA CYS E 92 -4.86 40.26 5.21
C CYS E 92 -3.35 40.42 5.02
N ILE E 93 -2.59 39.42 5.45
CA ILE E 93 -1.15 39.38 5.28
C ILE E 93 -0.83 38.03 4.64
N GLY E 94 -0.17 38.04 3.49
CA GLY E 94 0.07 36.83 2.71
C GLY E 94 -1.07 36.54 1.77
N MET E 95 -2.07 35.78 2.23
CA MET E 95 -3.29 35.58 1.43
C MET E 95 -4.56 35.35 2.24
N ALA E 96 -5.67 35.78 1.64
CA ALA E 96 -7.01 35.47 2.13
C ALA E 96 -7.79 34.93 0.94
N ALA E 97 -8.09 33.63 0.96
CA ALA E 97 -8.77 32.96 -0.15
C ALA E 97 -10.07 32.33 0.29
N SER E 98 -11.08 32.37 -0.59
CA SER E 98 -12.40 31.74 -0.37
C SER E 98 -13.09 32.26 0.91
N MET E 99 -13.32 31.40 1.91
CA MET E 99 -13.87 31.86 3.19
C MET E 99 -12.91 32.75 3.97
N GLY E 100 -11.61 32.69 3.65
CA GLY E 100 -10.65 33.64 4.19
C GLY E 100 -10.97 35.07 3.79
N SER E 101 -11.23 35.27 2.50
CA SER E 101 -11.56 36.59 1.97
C SER E 101 -12.95 37.06 2.39
N PHE E 102 -13.86 36.11 2.64
CA PHE E 102 -15.20 36.41 3.19
C PHE E 102 -15.09 37.03 4.57
N LEU E 103 -14.31 36.40 5.45
CA LEU E 103 -14.06 36.95 6.78
C LEU E 103 -13.27 38.27 6.75
N LEU E 104 -12.34 38.40 5.80
CA LEU E 104 -11.63 39.67 5.55
C LEU E 104 -12.62 40.80 5.29
N ALA E 105 -13.60 40.52 4.42
CA ALA E 105 -14.70 41.46 4.11
C ALA E 105 -15.66 41.71 5.27
N ALA E 106 -15.75 40.75 6.19
CA ALA E 106 -16.63 40.83 7.36
C ALA E 106 -16.15 41.73 8.50
N GLY E 107 -14.94 42.29 8.42
CA GLY E 107 -14.41 43.13 9.49
C GLY E 107 -15.17 44.45 9.63
N ALA E 108 -14.91 45.16 10.73
CA ALA E 108 -15.58 46.44 11.00
C ALA E 108 -15.37 47.44 9.87
N LYS E 109 -16.46 48.10 9.46
CA LYS E 109 -16.39 49.07 8.36
C LYS E 109 -15.36 50.18 8.64
N GLY E 110 -14.58 50.50 7.61
CA GLY E 110 -13.41 51.37 7.74
C GLY E 110 -12.16 50.74 8.34
N LYS E 111 -12.23 49.49 8.82
CA LYS E 111 -11.12 48.85 9.54
C LYS E 111 -10.70 47.49 8.94
N ARG E 112 -10.89 47.35 7.62
CA ARG E 112 -10.52 46.14 6.89
C ARG E 112 -9.31 46.50 6.03
N PHE E 113 -8.20 45.81 6.27
CA PHE E 113 -6.91 46.17 5.69
C PHE E 113 -6.26 45.00 4.97
N ALA E 114 -5.26 45.33 4.17
CA ALA E 114 -4.37 44.35 3.57
C ALA E 114 -3.04 45.02 3.29
N LEU E 115 -1.94 44.32 3.55
CA LEU E 115 -0.61 44.85 3.23
C LEU E 115 -0.38 44.77 1.71
N PRO E 116 0.48 45.64 1.15
CA PRO E 116 0.53 45.90 -0.32
C PRO E 116 0.63 44.68 -1.25
N ASN E 117 1.40 43.66 -0.84
CA ASN E 117 1.64 42.47 -1.66
C ASN E 117 0.78 41.26 -1.28
N ALA E 118 -0.18 41.46 -0.38
CA ALA E 118 -1.13 40.42 -0.01
C ALA E 118 -2.02 40.07 -1.20
N GLU E 119 -2.33 38.78 -1.32
CA GLU E 119 -3.13 38.22 -2.39
C GLU E 119 -4.53 37.92 -1.84
N VAL E 120 -5.57 38.30 -2.58
CA VAL E 120 -6.96 38.02 -2.18
C VAL E 120 -7.63 37.28 -3.32
N MET E 121 -8.26 36.15 -3.01
CA MET E 121 -8.97 35.34 -4.00
C MET E 121 -10.38 35.06 -3.53
N ILE E 122 -11.33 35.18 -4.47
CA ILE E 122 -12.72 34.84 -4.20
C ILE E 122 -13.17 33.81 -5.23
N HIS E 123 -14.00 32.88 -4.78
CA HIS E 123 -14.65 31.92 -5.67
C HIS E 123 -15.91 31.35 -5.03
N GLN E 124 -16.63 30.52 -5.77
CA GLN E 124 -17.82 29.84 -5.26
C GLN E 124 -17.43 28.67 -4.36
N PRO E 125 -18.33 28.27 -3.43
CA PRO E 125 -18.01 27.18 -2.51
C PRO E 125 -17.91 25.81 -3.18
N LEU E 126 -17.18 24.91 -2.53
CA LEU E 126 -16.89 23.57 -3.03
C LEU E 126 -17.61 22.53 -2.18
N GLY E 127 -17.93 21.40 -2.80
CA GLY E 127 -18.63 20.33 -2.10
C GLY E 127 -18.73 19.07 -2.91
N GLY E 128 -19.64 18.20 -2.52
CA GLY E 128 -19.78 16.92 -3.18
C GLY E 128 -20.96 16.12 -2.70
N ALA E 129 -21.37 15.17 -3.54
CA ALA E 129 -22.45 14.25 -3.23
C ALA E 129 -22.29 12.99 -4.06
N GLN E 130 -22.69 11.86 -3.47
CA GLN E 130 -22.81 10.61 -4.21
C GLN E 130 -23.94 9.79 -3.62
N GLY E 131 -24.57 8.97 -4.45
CA GLY E 131 -25.72 8.17 -4.07
C GLY E 131 -26.88 8.35 -5.04
N GLN E 132 -28.09 8.27 -4.52
CA GLN E 132 -29.30 8.31 -5.34
C GLN E 132 -29.56 9.72 -5.86
N ALA E 133 -30.22 9.81 -7.01
CA ALA E 133 -30.63 11.10 -7.61
C ALA E 133 -31.26 12.10 -6.61
N THR E 134 -32.06 11.59 -5.66
CA THR E 134 -32.75 12.39 -4.67
C THR E 134 -31.75 12.96 -3.66
N GLU E 135 -30.77 12.15 -3.27
CA GLU E 135 -29.67 12.58 -2.39
C GLU E 135 -28.76 13.62 -3.08
N ILE E 136 -28.55 13.45 -4.39
CA ILE E 136 -27.76 14.42 -5.17
C ILE E 136 -28.51 15.76 -5.24
N GLU E 137 -29.83 15.68 -5.46
CA GLU E 137 -30.71 16.86 -5.51
C GLU E 137 -30.67 17.69 -4.22
N ILE E 138 -30.83 17.01 -3.08
CA ILE E 138 -30.78 17.66 -1.75
C ILE E 138 -29.45 18.38 -1.55
N ALA E 139 -28.35 17.65 -1.68
CA ALA E 139 -26.99 18.22 -1.56
C ALA E 139 -26.76 19.42 -2.51
N ALA E 140 -27.28 19.35 -3.73
CA ALA E 140 -27.12 20.44 -4.71
C ALA E 140 -27.92 21.69 -4.31
N ASN E 141 -29.18 21.49 -3.90
CA ASN E 141 -30.00 22.59 -3.37
C ASN E 141 -29.34 23.22 -2.14
N HIS E 142 -28.72 22.39 -1.30
CA HIS E 142 -28.05 22.87 -0.10
C HIS E 142 -26.86 23.79 -0.42
N ILE E 143 -25.93 23.30 -1.23
CA ILE E 143 -24.75 24.12 -1.58
C ILE E 143 -25.12 25.35 -2.43
N LEU E 144 -26.19 25.27 -3.22
CA LEU E 144 -26.73 26.45 -3.92
C LEU E 144 -27.31 27.49 -2.95
N LYS E 145 -28.10 27.05 -1.97
CA LYS E 145 -28.58 27.95 -0.90
C LYS E 145 -27.45 28.55 -0.07
N THR E 146 -26.40 27.77 0.16
CA THR E 146 -25.21 28.24 0.85
C THR E 146 -24.49 29.32 0.03
N ARG E 147 -24.35 29.10 -1.27
CA ARG E 147 -23.74 30.11 -2.15
C ARG E 147 -24.55 31.42 -2.17
N GLU E 148 -25.87 31.31 -2.26
CA GLU E 148 -26.76 32.49 -2.22
C GLU E 148 -26.56 33.26 -0.92
N LYS E 149 -26.45 32.53 0.19
CA LYS E 149 -26.20 33.12 1.51
C LYS E 149 -24.86 33.85 1.56
N LEU E 150 -23.81 33.23 1.01
CA LEU E 150 -22.48 33.86 0.94
C LEU E 150 -22.49 35.12 0.06
N ASN E 151 -23.11 35.01 -1.10
CA ASN E 151 -23.17 36.10 -2.07
C ASN E 151 -23.98 37.30 -1.57
N ARG E 152 -25.08 37.02 -0.88
CA ARG E 152 -25.94 38.06 -0.31
C ARG E 152 -25.15 38.93 0.69
N ILE E 153 -24.41 38.27 1.58
CA ILE E 153 -23.62 38.96 2.60
C ILE E 153 -22.44 39.71 1.98
N LEU E 154 -21.76 39.09 1.01
CA LEU E 154 -20.70 39.79 0.26
C LEU E 154 -21.21 41.05 -0.45
N SER E 155 -22.40 40.96 -1.02
CA SER E 155 -23.04 42.11 -1.70
C SER E 155 -23.27 43.27 -0.73
N GLU E 156 -23.80 42.95 0.45
CA GLU E 156 -24.04 43.92 1.53
C GLU E 156 -22.75 44.55 2.05
N ARG E 157 -21.69 43.75 2.13
CA ARG E 157 -20.38 44.18 2.67
C ARG E 157 -19.52 44.95 1.66
N THR E 158 -19.61 44.61 0.38
CA THR E 158 -18.77 45.19 -0.67
C THR E 158 -19.42 46.35 -1.45
N GLY E 159 -20.75 46.35 -1.54
CA GLY E 159 -21.47 47.27 -2.40
C GLY E 159 -21.75 46.74 -3.80
N GLN E 160 -21.20 45.58 -4.15
CA GLN E 160 -21.45 44.95 -5.44
C GLN E 160 -22.82 44.31 -5.44
N SER E 161 -23.47 44.25 -6.61
CA SER E 161 -24.73 43.52 -6.74
C SER E 161 -24.50 42.01 -6.57
N ILE E 162 -25.54 41.31 -6.16
CA ILE E 162 -25.55 39.84 -6.07
C ILE E 162 -25.14 39.21 -7.40
N GLU E 163 -25.63 39.78 -8.51
CA GLU E 163 -25.41 39.20 -9.85
C GLU E 163 -23.96 39.34 -10.32
N LYS E 164 -23.32 40.47 -10.01
CA LYS E 164 -21.89 40.63 -10.29
C LYS E 164 -21.02 39.71 -9.42
N ILE E 165 -21.40 39.55 -8.15
CA ILE E 165 -20.68 38.64 -7.23
C ILE E 165 -20.72 37.19 -7.77
N GLN E 166 -21.88 36.76 -8.28
CA GLN E 166 -22.02 35.40 -8.82
C GLN E 166 -21.12 35.19 -10.05
N LYS E 167 -21.07 36.18 -10.95
CA LYS E 167 -20.17 36.12 -12.12
C LYS E 167 -18.69 36.14 -11.71
N ASP E 168 -18.34 37.06 -10.81
CA ASP E 168 -16.95 37.22 -10.38
C ASP E 168 -16.40 36.07 -9.51
N THR E 169 -17.29 35.24 -8.95
CA THR E 169 -16.91 34.06 -8.14
C THR E 169 -17.15 32.72 -8.85
N ASP E 170 -17.62 32.76 -10.10
CA ASP E 170 -17.87 31.54 -10.89
C ASP E 170 -16.60 30.69 -11.03
N ARG E 171 -15.47 31.35 -11.29
CA ARG E 171 -14.16 30.69 -11.35
C ARG E 171 -13.21 31.44 -10.44
N ASP E 172 -12.08 30.82 -10.08
CA ASP E 172 -11.07 31.47 -9.23
C ASP E 172 -10.76 32.88 -9.72
N ASN E 173 -10.92 33.87 -8.85
CA ASN E 173 -10.69 35.28 -9.18
C ASN E 173 -9.63 35.85 -8.24
N PHE E 174 -8.41 36.00 -8.76
CA PHE E 174 -7.29 36.55 -8.00
C PHE E 174 -7.28 38.07 -8.06
N LEU E 175 -7.02 38.69 -6.91
CA LEU E 175 -7.03 40.14 -6.77
C LEU E 175 -5.81 40.57 -5.98
N THR E 176 -5.18 41.65 -6.44
CA THR E 176 -4.16 42.34 -5.67
C THR E 176 -4.80 43.03 -4.46
N ALA E 177 -3.97 43.46 -3.51
CA ALA E 177 -4.45 44.22 -2.36
C ALA E 177 -5.20 45.49 -2.82
N GLU E 178 -4.64 46.19 -3.80
CA GLU E 178 -5.28 47.38 -4.36
C GLU E 178 -6.62 47.03 -5.02
N GLU E 179 -6.66 45.95 -5.80
CA GLU E 179 -7.90 45.49 -6.45
C GLU E 179 -9.00 45.08 -5.47
N ALA E 180 -8.61 44.46 -4.34
CA ALA E 180 -9.55 44.10 -3.27
C ALA E 180 -10.14 45.33 -2.58
N LYS E 181 -9.34 46.39 -2.46
CA LYS E 181 -9.81 47.67 -1.91
C LYS E 181 -10.90 48.23 -2.81
N GLU E 182 -10.59 48.42 -4.08
CA GLU E 182 -11.57 48.98 -5.01
C GLU E 182 -12.81 48.08 -5.19
N TYR E 183 -12.65 46.77 -5.06
CA TYR E 183 -13.79 45.82 -5.07
C TYR E 183 -14.73 45.98 -3.86
N GLY E 184 -14.20 46.48 -2.75
CA GLY E 184 -14.98 46.67 -1.52
C GLY E 184 -14.77 45.58 -0.47
N LEU E 185 -13.83 44.67 -0.70
CA LEU E 185 -13.48 43.62 0.27
C LEU E 185 -12.66 44.17 1.45
N ILE E 186 -11.85 45.19 1.18
CA ILE E 186 -11.14 45.93 2.23
C ILE E 186 -11.35 47.42 2.02
N ASP E 187 -10.96 48.20 3.03
CA ASP E 187 -11.11 49.66 3.02
C ASP E 187 -9.84 50.39 2.63
N GLU E 188 -8.69 49.85 3.04
CA GLU E 188 -7.42 50.54 2.87
C GLU E 188 -6.28 49.54 2.68
N VAL E 189 -5.40 49.83 1.72
CA VAL E 189 -4.11 49.16 1.62
C VAL E 189 -3.19 49.85 2.63
N MET E 190 -2.73 49.11 3.63
CA MET E 190 -1.87 49.64 4.68
C MET E 190 -0.44 49.76 4.15
N VAL E 191 -0.04 50.98 3.79
CA VAL E 191 1.31 51.23 3.22
C VAL E 191 2.38 51.37 4.32
N PRO E 192 3.67 51.17 3.95
CA PRO E 192 4.75 51.43 4.91
C PRO E 192 4.93 52.92 5.19
N GLU E 193 5.02 53.30 6.47
CA GLU E 193 5.10 54.71 6.90
C GLU E 193 6.53 55.28 6.96
N THR E 194 7.54 54.41 7.13
CA THR E 194 8.95 54.83 7.09
C THR E 194 9.40 55.09 5.65
N LEU F 3 -1.18 25.10 18.97
CA LEU F 3 -2.52 25.17 18.32
C LEU F 3 -3.50 25.97 19.19
N ILE F 4 -3.69 25.52 20.43
CA ILE F 4 -4.63 26.16 21.37
C ILE F 4 -3.91 27.27 22.15
N PRO F 5 -4.37 28.54 22.04
CA PRO F 5 -3.67 29.61 22.74
C PRO F 5 -3.95 29.64 24.25
N THR F 6 -3.03 30.24 24.99
CA THR F 6 -3.14 30.40 26.44
C THR F 6 -3.51 31.84 26.72
N VAL F 7 -4.39 32.06 27.70
CA VAL F 7 -4.82 33.40 28.10
C VAL F 7 -4.38 33.70 29.52
N ILE F 8 -4.15 34.98 29.79
CA ILE F 8 -3.66 35.45 31.08
C ILE F 8 -4.72 36.35 31.73
N GLU F 9 -5.32 35.85 32.81
CA GLU F 9 -6.26 36.61 33.63
C GLU F 9 -5.49 37.47 34.62
N THR F 10 -5.54 38.79 34.44
CA THR F 10 -4.85 39.74 35.31
C THR F 10 -5.82 40.17 36.43
N THR F 11 -5.63 39.60 37.63
CA THR F 11 -6.52 39.84 38.78
C THR F 11 -5.82 40.67 39.88
N ASN F 12 -6.51 40.87 41.00
CA ASN F 12 -5.93 41.47 42.23
C ASN F 12 -4.62 40.84 42.69
N ARG F 13 -4.54 39.50 42.61
CA ARG F 13 -3.38 38.73 43.06
C ARG F 13 -2.48 38.34 41.89
N GLY F 14 -2.22 39.28 40.98
CA GLY F 14 -1.34 39.05 39.83
C GLY F 14 -1.98 38.35 38.65
N GLU F 15 -1.13 37.76 37.81
CA GLU F 15 -1.54 37.08 36.58
C GLU F 15 -1.68 35.57 36.79
N ARG F 16 -2.69 34.98 36.13
CA ARG F 16 -2.94 33.53 36.16
C ARG F 16 -3.26 33.03 34.74
N ALA F 17 -2.70 31.86 34.38
CA ALA F 17 -2.76 31.34 33.00
C ALA F 17 -3.78 30.20 32.83
N TYR F 18 -4.52 30.24 31.72
CA TYR F 18 -5.43 29.16 31.32
C TYR F 18 -5.31 28.90 29.83
N ASP F 19 -5.50 27.64 29.41
CA ASP F 19 -5.81 27.36 28.00
C ASP F 19 -7.22 27.92 27.75
N ILE F 20 -7.47 28.38 26.52
CA ILE F 20 -8.70 29.15 26.20
C ILE F 20 -9.99 28.41 26.61
N TYR F 21 -10.06 27.09 26.38
CA TYR F 21 -11.27 26.30 26.69
C TYR F 21 -11.50 26.13 28.20
N SER F 22 -10.42 25.92 28.96
CA SER F 22 -10.48 25.88 30.43
C SER F 22 -10.94 27.20 31.04
N ARG F 23 -10.52 28.32 30.43
CA ARG F 23 -11.00 29.65 30.82
C ARG F 23 -12.52 29.77 30.60
N LEU F 24 -13.02 29.25 29.48
CA LEU F 24 -14.47 29.23 29.23
C LEU F 24 -15.23 28.35 30.23
N LEU F 25 -14.63 27.23 30.62
CA LEU F 25 -15.24 26.34 31.63
C LEU F 25 -15.33 26.97 33.02
N LYS F 26 -14.39 27.88 33.33
CA LYS F 26 -14.47 28.69 34.55
C LYS F 26 -15.77 29.52 34.61
N ASP F 27 -16.20 30.05 33.46
CA ASP F 27 -17.50 30.76 33.34
C ASP F 27 -18.65 29.86 32.85
N ARG F 28 -18.57 28.56 33.16
CA ARG F 28 -19.66 27.59 32.95
C ARG F 28 -20.05 27.37 31.47
N ILE F 29 -19.08 27.57 30.56
CA ILE F 29 -19.28 27.34 29.13
C ILE F 29 -18.56 26.04 28.71
N ILE F 30 -19.35 25.07 28.25
CA ILE F 30 -18.85 23.80 27.72
C ILE F 30 -18.86 23.85 26.20
N MET F 31 -17.79 23.36 25.59
CA MET F 31 -17.60 23.43 24.14
C MET F 31 -17.79 22.07 23.46
N LEU F 32 -18.94 21.86 22.82
CA LEU F 32 -19.17 20.71 21.95
C LEU F 32 -18.89 21.16 20.52
N GLY F 33 -17.63 21.03 20.11
CA GLY F 33 -17.13 21.60 18.87
C GLY F 33 -16.53 20.61 17.89
N SER F 34 -16.97 19.37 17.95
CA SER F 34 -16.42 18.31 17.09
C SER F 34 -17.42 17.18 16.93
N GLN F 35 -17.02 16.16 16.16
CA GLN F 35 -17.80 14.94 16.04
C GLN F 35 -18.02 14.31 17.43
N ILE F 36 -19.24 13.84 17.67
CA ILE F 36 -19.62 13.22 18.94
C ILE F 36 -19.20 11.74 18.93
N ASP F 37 -18.05 11.45 19.52
CA ASP F 37 -17.66 10.08 19.84
C ASP F 37 -17.70 9.91 21.37
N ASP F 38 -17.36 8.72 21.85
CA ASP F 38 -17.37 8.43 23.28
C ASP F 38 -16.45 9.34 24.11
N ASN F 39 -15.25 9.65 23.59
CA ASN F 39 -14.30 10.55 24.27
C ASN F 39 -14.92 11.93 24.54
N VAL F 40 -15.52 12.51 23.49
CA VAL F 40 -16.17 13.81 23.60
C VAL F 40 -17.34 13.76 24.60
N ALA F 41 -18.17 12.73 24.52
CA ALA F 41 -19.29 12.56 25.45
C ALA F 41 -18.82 12.45 26.90
N ASN F 42 -17.78 11.66 27.14
CA ASN F 42 -17.23 11.49 28.49
C ASN F 42 -16.74 12.81 29.09
N SER F 43 -16.04 13.59 28.27
CA SER F 43 -15.53 14.91 28.69
C SER F 43 -16.66 15.89 29.00
N ILE F 44 -17.65 15.95 28.12
CA ILE F 44 -18.83 16.79 28.33
C ILE F 44 -19.66 16.34 29.53
N VAL F 45 -19.82 15.02 29.72
CA VAL F 45 -20.48 14.47 30.92
C VAL F 45 -19.75 14.91 32.20
N SER F 46 -18.42 14.77 32.18
CA SER F 46 -17.60 15.19 33.31
C SER F 46 -17.76 16.67 33.63
N GLN F 47 -17.68 17.51 32.59
CA GLN F 47 -17.79 18.95 32.75
C GLN F 47 -19.15 19.35 33.33
N LEU F 48 -20.23 18.78 32.78
CA LEU F 48 -21.57 18.99 33.32
C LEU F 48 -21.67 18.64 34.81
N LEU F 49 -21.13 17.48 35.21
CA LEU F 49 -21.14 17.03 36.61
C LEU F 49 -20.29 17.93 37.54
N PHE F 50 -19.15 18.39 37.05
CA PHE F 50 -18.29 19.35 37.77
C PHE F 50 -19.02 20.67 38.03
N LEU F 51 -19.54 21.29 36.97
CA LEU F 51 -20.24 22.57 37.05
C LEU F 51 -21.47 22.52 37.99
N GLN F 52 -22.18 21.40 37.99
CA GLN F 52 -23.28 21.18 38.92
CA GLN F 52 -23.29 21.17 38.92
C GLN F 52 -22.80 21.23 40.37
N ALA F 53 -21.67 20.57 40.63
CA ALA F 53 -21.08 20.53 41.98
C ALA F 53 -20.61 21.90 42.46
N GLN F 54 -20.07 22.70 41.55
CA GLN F 54 -19.70 24.09 41.88
C GLN F 54 -20.92 24.94 42.22
N ASP F 55 -21.94 24.85 41.37
CA ASP F 55 -23.18 25.61 41.56
C ASP F 55 -24.35 24.88 40.91
N SER F 56 -25.27 24.39 41.74
CA SER F 56 -26.48 23.71 41.28
C SER F 56 -27.57 24.66 40.75
N GLU F 57 -27.40 25.98 40.95
CA GLU F 57 -28.42 26.99 40.62
C GLU F 57 -28.15 27.69 39.29
N LYS F 58 -26.90 28.11 39.07
CA LYS F 58 -26.53 28.96 37.94
C LYS F 58 -26.56 28.20 36.61
N ASP F 59 -26.95 28.90 35.54
CA ASP F 59 -27.05 28.29 34.20
C ASP F 59 -25.70 27.82 33.67
N ILE F 60 -25.74 26.73 32.90
CA ILE F 60 -24.59 26.24 32.13
C ILE F 60 -24.88 26.57 30.66
N TYR F 61 -23.81 26.78 29.88
CA TYR F 61 -23.91 27.15 28.48
C TYR F 61 -23.21 26.13 27.59
N LEU F 62 -23.98 25.38 26.81
CA LEU F 62 -23.43 24.39 25.87
C LEU F 62 -23.35 24.99 24.46
N TYR F 63 -22.12 25.27 24.02
CA TYR F 63 -21.83 25.70 22.64
C TYR F 63 -21.84 24.47 21.75
N ILE F 64 -22.58 24.52 20.63
CA ILE F 64 -22.66 23.41 19.68
C ILE F 64 -22.20 23.84 18.28
N ASN F 65 -21.08 23.27 17.86
CA ASN F 65 -20.62 23.29 16.46
C ASN F 65 -20.18 21.87 16.12
N SER F 66 -21.14 21.03 15.77
CA SER F 66 -20.90 19.59 15.62
C SER F 66 -21.70 19.02 14.44
N PRO F 67 -21.07 18.11 13.65
CA PRO F 67 -21.83 17.38 12.63
C PRO F 67 -22.55 16.12 13.17
N GLY F 68 -22.52 15.91 14.50
CA GLY F 68 -23.12 14.73 15.11
C GLY F 68 -22.09 13.63 15.30
N GLY F 69 -22.53 12.38 15.26
CA GLY F 69 -21.67 11.21 15.47
C GLY F 69 -22.46 10.06 16.08
N SER F 70 -21.91 9.47 17.14
CA SER F 70 -22.52 8.31 17.79
C SER F 70 -23.81 8.68 18.54
N VAL F 71 -24.83 7.84 18.39
CA VAL F 71 -26.14 8.07 19.02
C VAL F 71 -26.07 7.82 20.54
N THR F 72 -25.39 6.75 20.93
CA THR F 72 -25.24 6.41 22.35
C THR F 72 -24.36 7.43 23.10
N ALA F 73 -23.32 7.94 22.43
CA ALA F 73 -22.51 9.04 22.96
C ALA F 73 -23.35 10.30 23.15
N GLY F 74 -24.18 10.61 22.15
CA GLY F 74 -25.12 11.72 22.25
C GLY F 74 -26.11 11.58 23.41
N PHE F 75 -26.61 10.36 23.63
CA PHE F 75 -27.55 10.10 24.73
C PHE F 75 -26.91 10.12 26.11
N ALA F 76 -25.59 9.93 26.18
CA ALA F 76 -24.84 10.15 27.42
C ALA F 76 -24.87 11.63 27.80
N ILE F 77 -24.65 12.49 26.80
CA ILE F 77 -24.74 13.94 27.00
C ILE F 77 -26.19 14.33 27.34
N TYR F 78 -27.15 13.83 26.56
CA TYR F 78 -28.57 14.16 26.74
C TYR F 78 -29.06 13.82 28.15
N ASP F 79 -28.83 12.57 28.56
CA ASP F 79 -29.29 12.11 29.88
C ASP F 79 -28.61 12.86 31.03
N THR F 80 -27.35 13.25 30.85
CA THR F 80 -26.66 14.03 31.88
C THR F 80 -27.21 15.45 31.98
N ILE F 81 -27.52 16.08 30.84
CA ILE F 81 -28.18 17.39 30.82
C ILE F 81 -29.48 17.35 31.64
N GLN F 82 -30.38 16.42 31.28
CA GLN F 82 -31.68 16.33 31.94
C GLN F 82 -31.57 15.91 33.41
N HIS F 83 -30.53 15.13 33.76
CA HIS F 83 -30.35 14.68 35.14
C HIS F 83 -29.96 15.82 36.10
N ILE F 84 -28.99 16.65 35.69
CA ILE F 84 -28.49 17.72 36.57
C ILE F 84 -29.51 18.82 36.84
N LYS F 85 -29.35 19.50 37.97
CA LYS F 85 -30.28 20.55 38.43
C LYS F 85 -30.25 21.81 37.56
N PRO F 86 -29.06 22.39 37.30
CA PRO F 86 -29.04 23.63 36.54
C PRO F 86 -29.63 23.52 35.13
N ASP F 87 -30.19 24.62 34.64
CA ASP F 87 -30.57 24.73 33.23
C ASP F 87 -29.28 24.72 32.39
N VAL F 88 -29.29 23.93 31.33
CA VAL F 88 -28.22 23.94 30.33
C VAL F 88 -28.77 24.63 29.07
N GLN F 89 -28.28 25.85 28.82
CA GLN F 89 -28.61 26.57 27.59
C GLN F 89 -27.83 25.92 26.47
N THR F 90 -28.40 25.94 25.26
CA THR F 90 -27.71 25.44 24.07
C THR F 90 -27.63 26.56 23.04
N ILE F 91 -26.46 26.69 22.42
CA ILE F 91 -26.23 27.74 21.42
C ILE F 91 -25.54 27.12 20.19
N CYS F 92 -26.27 27.06 19.07
CA CYS F 92 -25.72 26.59 17.81
C CYS F 92 -24.96 27.70 17.10
N ILE F 93 -23.66 27.48 16.93
CA ILE F 93 -22.79 28.38 16.19
C ILE F 93 -22.08 27.52 15.14
N GLY F 94 -22.08 27.96 13.89
CA GLY F 94 -21.52 27.16 12.79
C GLY F 94 -22.52 26.16 12.26
N MET F 95 -22.51 24.94 12.80
CA MET F 95 -23.52 23.93 12.45
C MET F 95 -23.89 22.99 13.59
N ALA F 96 -25.15 22.56 13.59
CA ALA F 96 -25.61 21.46 14.43
C ALA F 96 -26.34 20.48 13.50
N ALA F 97 -25.72 19.32 13.25
CA ALA F 97 -26.31 18.30 12.38
C ALA F 97 -26.52 17.00 13.16
N SER F 98 -27.63 16.31 12.83
CA SER F 98 -27.92 14.98 13.35
C SER F 98 -27.98 14.97 14.90
N MET F 99 -27.16 14.17 15.59
CA MET F 99 -27.11 14.22 17.06
C MET F 99 -26.70 15.59 17.63
N GLY F 100 -25.98 16.38 16.82
CA GLY F 100 -25.72 17.78 17.17
C GLY F 100 -27.00 18.58 17.34
N SER F 101 -27.91 18.46 16.36
CA SER F 101 -29.18 19.17 16.37
C SER F 101 -30.14 18.60 17.41
N PHE F 102 -30.04 17.29 17.67
CA PHE F 102 -30.79 16.65 18.76
C PHE F 102 -30.41 17.24 20.13
N LEU F 103 -29.11 17.45 20.35
CA LEU F 103 -28.63 18.08 21.58
C LEU F 103 -28.94 19.58 21.67
N LEU F 104 -28.96 20.26 20.52
CA LEU F 104 -29.42 21.65 20.45
C LEU F 104 -30.86 21.79 20.96
N ALA F 105 -31.73 20.89 20.49
CA ALA F 105 -33.13 20.79 20.93
C ALA F 105 -33.31 20.36 22.40
N ALA F 106 -32.30 19.67 22.95
CA ALA F 106 -32.32 19.18 24.33
C ALA F 106 -32.03 20.22 25.42
N GLY F 107 -31.65 21.43 25.04
CA GLY F 107 -31.37 22.49 26.02
C GLY F 107 -32.62 22.92 26.76
N ALA F 108 -32.43 23.58 27.92
CA ALA F 108 -33.55 24.03 28.75
C ALA F 108 -34.57 24.86 27.95
N LYS F 109 -35.85 24.64 28.22
CA LYS F 109 -36.93 25.32 27.49
C LYS F 109 -36.88 26.82 27.72
N GLY F 110 -36.95 27.57 26.63
CA GLY F 110 -36.73 29.02 26.62
C GLY F 110 -35.29 29.48 26.48
N LYS F 111 -34.34 28.54 26.41
CA LYS F 111 -32.90 28.87 26.44
C LYS F 111 -32.08 28.13 25.37
N ARG F 112 -32.73 27.77 24.26
CA ARG F 112 -32.07 27.13 23.13
C ARG F 112 -31.95 28.17 22.02
N PHE F 113 -30.72 28.44 21.59
CA PHE F 113 -30.41 29.54 20.67
C PHE F 113 -29.64 29.08 19.44
N ALA F 114 -29.71 29.89 18.39
CA ALA F 114 -28.79 29.77 17.26
C ALA F 114 -28.43 31.17 16.76
N LEU F 115 -27.20 31.34 16.30
CA LEU F 115 -26.78 32.60 15.66
C LEU F 115 -27.27 32.61 14.20
N PRO F 116 -27.52 33.81 13.62
CA PRO F 116 -28.36 33.94 12.41
C PRO F 116 -27.99 33.08 11.18
N ASN F 117 -26.70 32.89 10.95
CA ASN F 117 -26.21 32.13 9.78
C ASN F 117 -25.82 30.68 10.12
N ALA F 118 -26.12 30.22 11.34
CA ALA F 118 -25.85 28.84 11.74
C ALA F 118 -26.76 27.87 10.96
N GLU F 119 -26.20 26.70 10.67
CA GLU F 119 -26.85 25.67 9.89
C GLU F 119 -27.32 24.54 10.81
N VAL F 120 -28.60 24.19 10.73
CA VAL F 120 -29.17 23.09 11.53
C VAL F 120 -29.64 22.02 10.55
N MET F 121 -29.38 20.76 10.88
CA MET F 121 -29.75 19.65 10.00
C MET F 121 -30.27 18.46 10.81
N ILE F 122 -31.38 17.89 10.35
CA ILE F 122 -31.96 16.70 10.97
C ILE F 122 -32.03 15.57 9.94
N HIS F 123 -31.71 14.36 10.39
CA HIS F 123 -31.92 13.16 9.59
C HIS F 123 -32.10 11.93 10.48
N GLN F 124 -32.43 10.82 9.85
CA GLN F 124 -32.52 9.54 10.54
C GLN F 124 -31.12 8.96 10.80
N PRO F 125 -30.97 8.09 11.82
CA PRO F 125 -29.64 7.58 12.15
C PRO F 125 -29.08 6.62 11.10
N LEU F 126 -27.75 6.53 11.09
CA LEU F 126 -27.01 5.73 10.11
C LEU F 126 -26.30 4.61 10.85
N GLY F 127 -26.12 3.49 10.15
CA GLY F 127 -25.48 2.32 10.72
C GLY F 127 -25.20 1.27 9.68
N GLY F 128 -25.00 0.04 10.14
CA GLY F 128 -24.68 -1.05 9.25
C GLY F 128 -24.68 -2.39 9.94
N ALA F 129 -24.69 -3.43 9.11
CA ALA F 129 -24.65 -4.79 9.61
C ALA F 129 -24.24 -5.74 8.48
N GLN F 130 -23.47 -6.76 8.83
CA GLN F 130 -23.08 -7.79 7.89
C GLN F 130 -22.94 -9.12 8.60
N GLY F 131 -23.30 -10.19 7.91
CA GLY F 131 -23.30 -11.54 8.44
C GLY F 131 -24.58 -12.26 8.08
N GLN F 132 -25.06 -13.10 8.99
CA GLN F 132 -26.22 -13.96 8.73
C GLN F 132 -27.52 -13.14 8.73
N ALA F 133 -28.52 -13.63 7.99
CA ALA F 133 -29.86 -13.03 7.96
C ALA F 133 -30.43 -12.66 9.34
N THR F 134 -30.14 -13.47 10.35
CA THR F 134 -30.62 -13.29 11.71
C THR F 134 -29.88 -12.14 12.39
N GLU F 135 -28.58 -12.04 12.13
CA GLU F 135 -27.77 -10.91 12.61
C GLU F 135 -28.23 -9.59 11.96
N ILE F 136 -28.55 -9.63 10.68
CA ILE F 136 -29.03 -8.45 9.94
C ILE F 136 -30.37 -7.99 10.53
N GLU F 137 -31.26 -8.93 10.79
CA GLU F 137 -32.58 -8.67 11.42
C GLU F 137 -32.46 -7.96 12.77
N ILE F 138 -31.57 -8.46 13.63
CA ILE F 138 -31.36 -7.89 14.97
C ILE F 138 -30.86 -6.44 14.85
N ALA F 139 -29.86 -6.21 14.00
CA ALA F 139 -29.31 -4.88 13.79
C ALA F 139 -30.35 -3.91 13.22
N ALA F 140 -31.17 -4.39 12.29
CA ALA F 140 -32.26 -3.60 11.69
C ALA F 140 -33.29 -3.21 12.74
N ASN F 141 -33.75 -4.19 13.51
CA ASN F 141 -34.68 -3.92 14.63
C ASN F 141 -34.09 -2.93 15.63
N HIS F 142 -32.81 -3.09 15.94
CA HIS F 142 -32.15 -2.21 16.92
C HIS F 142 -32.09 -0.74 16.47
N ILE F 143 -31.64 -0.52 15.24
CA ILE F 143 -31.57 0.85 14.68
C ILE F 143 -32.96 1.48 14.43
N LEU F 144 -33.97 0.66 14.10
CA LEU F 144 -35.36 1.13 14.01
C LEU F 144 -35.92 1.56 15.37
N LYS F 145 -35.65 0.77 16.42
CA LYS F 145 -35.99 1.17 17.82
C LYS F 145 -35.29 2.46 18.23
N THR F 146 -34.01 2.56 17.86
CA THR F 146 -33.21 3.76 18.14
C THR F 146 -33.80 4.98 17.42
N ARG F 147 -34.26 4.82 16.18
CA ARG F 147 -34.89 5.92 15.46
C ARG F 147 -36.21 6.34 16.11
N GLU F 148 -37.05 5.36 16.48
CA GLU F 148 -38.28 5.63 17.24
C GLU F 148 -38.00 6.39 18.54
N LYS F 149 -36.92 6.01 19.23
CA LYS F 149 -36.52 6.67 20.49
C LYS F 149 -36.11 8.12 20.25
N LEU F 150 -35.29 8.34 19.24
CA LEU F 150 -34.87 9.70 18.83
C LEU F 150 -36.06 10.58 18.43
N ASN F 151 -36.94 10.04 17.58
CA ASN F 151 -38.11 10.77 17.08
C ASN F 151 -39.11 11.10 18.20
N ARG F 152 -39.29 10.18 19.13
CA ARG F 152 -40.16 10.40 20.29
C ARG F 152 -39.70 11.61 21.10
N ILE F 153 -38.39 11.70 21.36
CA ILE F 153 -37.82 12.79 22.16
C ILE F 153 -37.79 14.11 21.37
N LEU F 154 -37.52 14.05 20.07
CA LEU F 154 -37.64 15.26 19.22
C LEU F 154 -39.06 15.83 19.23
N SER F 155 -40.06 14.95 19.24
CA SER F 155 -41.48 15.36 19.34
C SER F 155 -41.78 16.07 20.66
N GLU F 156 -41.37 15.46 21.77
CA GLU F 156 -41.51 16.06 23.11
C GLU F 156 -40.75 17.37 23.29
N ARG F 157 -39.66 17.54 22.53
CA ARG F 157 -38.83 18.75 22.56
C ARG F 157 -39.28 19.87 21.61
N THR F 158 -39.76 19.50 20.42
CA THR F 158 -40.14 20.47 19.38
C THR F 158 -41.64 20.82 19.36
N GLY F 159 -42.48 19.90 19.87
CA GLY F 159 -43.94 20.03 19.76
C GLY F 159 -44.53 19.48 18.47
N GLN F 160 -43.69 18.91 17.59
CA GLN F 160 -44.15 18.33 16.32
C GLN F 160 -44.57 16.90 16.55
N SER F 161 -45.44 16.39 15.67
CA SER F 161 -45.92 15.00 15.76
C SER F 161 -44.82 14.03 15.34
N ILE F 162 -44.84 12.83 15.93
CA ILE F 162 -43.92 11.74 15.56
C ILE F 162 -43.94 11.45 14.06
N GLU F 163 -45.12 11.53 13.45
CA GLU F 163 -45.27 11.24 12.00
C GLU F 163 -44.75 12.39 11.13
N LYS F 164 -44.82 13.63 11.64
CA LYS F 164 -44.14 14.75 10.97
C LYS F 164 -42.61 14.64 11.08
N ILE F 165 -42.12 14.28 12.27
CA ILE F 165 -40.66 14.10 12.48
C ILE F 165 -40.13 13.01 11.54
N GLN F 166 -40.87 11.90 11.41
CA GLN F 166 -40.39 10.77 10.61
C GLN F 166 -40.27 11.12 9.12
N LYS F 167 -41.26 11.84 8.59
CA LYS F 167 -41.22 12.36 7.20
C LYS F 167 -40.12 13.38 6.97
N ASP F 168 -39.99 14.32 7.92
CA ASP F 168 -39.00 15.39 7.82
C ASP F 168 -37.55 14.93 8.05
N THR F 169 -37.35 13.76 8.67
CA THR F 169 -36.01 13.20 8.88
C THR F 169 -35.67 12.02 7.95
N ASP F 170 -36.56 11.70 7.02
CA ASP F 170 -36.36 10.57 6.11
C ASP F 170 -35.08 10.74 5.29
N ARG F 171 -34.83 11.99 4.91
CA ARG F 171 -33.58 12.33 4.18
C ARG F 171 -32.98 13.56 4.86
N ASP F 172 -31.76 13.94 4.47
CA ASP F 172 -31.10 15.11 5.03
C ASP F 172 -31.96 16.35 4.82
N ASN F 173 -32.15 17.13 5.88
CA ASN F 173 -33.07 18.26 5.89
C ASN F 173 -32.38 19.45 6.54
N PHE F 174 -31.85 20.34 5.70
CA PHE F 174 -31.11 21.51 6.16
C PHE F 174 -32.08 22.64 6.46
N LEU F 175 -31.91 23.25 7.63
CA LEU F 175 -32.76 24.34 8.09
C LEU F 175 -31.90 25.54 8.43
N THR F 176 -32.36 26.73 8.05
CA THR F 176 -31.77 27.97 8.55
C THR F 176 -32.07 28.09 10.06
N ALA F 177 -31.39 28.99 10.74
CA ALA F 177 -31.65 29.25 12.16
C ALA F 177 -33.11 29.64 12.41
N GLU F 178 -33.66 30.47 11.53
CA GLU F 178 -35.06 30.90 11.63
C GLU F 178 -36.03 29.73 11.42
N GLU F 179 -35.76 28.89 10.41
CA GLU F 179 -36.54 27.67 10.19
C GLU F 179 -36.46 26.70 11.37
N ALA F 180 -35.28 26.60 12.00
CA ALA F 180 -35.12 25.80 13.22
C ALA F 180 -35.97 26.31 14.39
N LYS F 181 -36.11 27.64 14.49
CA LYS F 181 -36.99 28.25 15.51
C LYS F 181 -38.46 27.95 15.23
N GLU F 182 -38.89 28.15 13.99
CA GLU F 182 -40.27 27.83 13.58
C GLU F 182 -40.59 26.34 13.76
N TYR F 183 -39.59 25.48 13.56
CA TYR F 183 -39.74 24.04 13.81
C TYR F 183 -39.83 23.68 15.30
N GLY F 184 -39.28 24.54 16.16
CA GLY F 184 -39.23 24.28 17.60
C GLY F 184 -37.95 23.59 18.08
N LEU F 185 -36.94 23.52 17.21
CA LEU F 185 -35.62 22.97 17.60
C LEU F 185 -34.91 23.95 18.52
N ILE F 186 -35.12 25.24 18.29
CA ILE F 186 -34.63 26.30 19.16
C ILE F 186 -35.76 27.25 19.55
N ASP F 187 -35.49 28.10 20.52
CA ASP F 187 -36.46 29.08 21.03
C ASP F 187 -36.31 30.45 20.38
N GLU F 188 -35.06 30.84 20.12
CA GLU F 188 -34.75 32.21 19.71
C GLU F 188 -33.53 32.22 18.78
N VAL F 189 -33.57 33.09 17.76
CA VAL F 189 -32.40 33.42 16.97
C VAL F 189 -31.73 34.62 17.65
N MET F 190 -30.45 34.46 18.02
CA MET F 190 -29.72 35.49 18.75
C MET F 190 -29.17 36.52 17.76
N VAL F 191 -29.95 37.58 17.54
CA VAL F 191 -29.57 38.64 16.59
C VAL F 191 -28.49 39.57 17.17
N PRO F 192 -27.61 40.13 16.31
CA PRO F 192 -26.61 41.10 16.76
C PRO F 192 -27.19 42.51 16.89
N LEU G 3 -8.38 17.61 23.39
CA LEU G 3 -7.86 18.47 24.51
C LEU G 3 -8.79 18.42 25.74
N ILE G 4 -8.32 17.81 26.82
CA ILE G 4 -9.10 17.65 28.06
C ILE G 4 -8.96 18.94 28.88
N PRO G 5 -10.09 19.56 29.28
CA PRO G 5 -10.02 20.82 30.03
C PRO G 5 -9.52 20.69 31.46
N THR G 6 -8.98 21.78 31.98
CA THR G 6 -8.38 21.86 33.32
C THR G 6 -9.27 22.71 34.24
N VAL G 7 -9.35 22.33 35.52
CA VAL G 7 -10.10 23.06 36.54
C VAL G 7 -9.24 23.27 37.79
N ILE G 8 -9.44 24.42 38.47
CA ILE G 8 -8.58 24.85 39.58
C ILE G 8 -9.34 24.95 40.92
N ARG G 16 -4.48 24.17 43.49
CA ARG G 16 -4.33 22.85 42.90
C ARG G 16 -5.10 22.74 41.58
N ALA G 17 -4.37 22.42 40.50
CA ALA G 17 -4.94 22.27 39.16
C ALA G 17 -5.15 20.78 38.83
N TYR G 18 -6.34 20.45 38.29
CA TYR G 18 -6.71 19.10 37.89
C TYR G 18 -7.20 19.09 36.45
N ASP G 19 -6.77 18.12 35.66
CA ASP G 19 -7.51 17.75 34.44
C ASP G 19 -8.87 17.19 34.89
N ILE G 20 -9.91 17.35 34.07
CA ILE G 20 -11.29 17.10 34.50
C ILE G 20 -11.51 15.68 35.07
N TYR G 21 -10.87 14.67 34.47
CA TYR G 21 -11.02 13.28 34.96
C TYR G 21 -10.35 13.06 36.32
N SER G 22 -9.16 13.64 36.50
CA SER G 22 -8.47 13.62 37.79
C SER G 22 -9.24 14.34 38.90
N ARG G 23 -9.94 15.43 38.54
CA ARG G 23 -10.86 16.10 39.45
C ARG G 23 -11.98 15.14 39.88
N LEU G 24 -12.58 14.46 38.91
CA LEU G 24 -13.61 13.45 39.21
C LEU G 24 -13.07 12.33 40.12
N LEU G 25 -11.81 11.91 39.87
CA LEU G 25 -11.15 10.89 40.71
C LEU G 25 -10.97 11.33 42.17
N LYS G 26 -10.73 12.63 42.39
CA LYS G 26 -10.65 13.18 43.73
C LYS G 26 -11.93 12.94 44.54
N ASP G 27 -13.09 13.04 43.87
CA ASP G 27 -14.38 12.72 44.50
C ASP G 27 -14.84 11.27 44.29
N ARG G 28 -13.88 10.35 44.14
CA ARG G 28 -14.12 8.90 44.10
C ARG G 28 -14.94 8.42 42.89
N ILE G 29 -14.86 9.16 41.78
CA ILE G 29 -15.51 8.77 40.52
C ILE G 29 -14.45 8.24 39.56
N ILE G 30 -14.69 7.03 39.02
CA ILE G 30 -13.81 6.41 38.03
C ILE G 30 -14.56 6.33 36.70
N MET G 31 -13.86 6.68 35.61
CA MET G 31 -14.45 6.70 34.27
C MET G 31 -14.02 5.48 33.46
N LEU G 32 -14.98 4.60 33.17
CA LEU G 32 -14.79 3.51 32.20
C LEU G 32 -15.52 3.96 30.94
N GLY G 33 -14.81 4.71 30.11
CA GLY G 33 -15.42 5.45 29.01
C GLY G 33 -14.94 5.07 27.63
N SER G 34 -14.49 3.82 27.48
CA SER G 34 -13.86 3.38 26.23
C SER G 34 -13.90 1.88 26.12
N GLN G 35 -13.35 1.37 25.02
CA GLN G 35 -13.15 -0.08 24.86
C GLN G 35 -12.26 -0.60 25.98
N ILE G 36 -12.57 -1.79 26.49
CA ILE G 36 -11.81 -2.41 27.57
C ILE G 36 -10.64 -3.17 26.95
N ASP G 37 -9.44 -2.62 27.09
CA ASP G 37 -8.20 -3.36 26.84
C ASP G 37 -7.41 -3.44 28.15
N ASP G 38 -6.23 -4.04 28.11
CA ASP G 38 -5.41 -4.18 29.31
C ASP G 38 -5.01 -2.83 29.94
N ASN G 39 -4.69 -1.83 29.11
CA ASN G 39 -4.31 -0.48 29.58
C ASN G 39 -5.40 0.19 30.42
N VAL G 40 -6.62 0.18 29.89
CA VAL G 40 -7.80 0.72 30.58
C VAL G 40 -8.00 -0.01 31.91
N ALA G 41 -8.00 -1.34 31.87
CA ALA G 41 -8.14 -2.19 33.05
C ALA G 41 -7.11 -1.89 34.12
N ASN G 42 -5.84 -1.81 33.72
CA ASN G 42 -4.74 -1.50 34.64
C ASN G 42 -4.92 -0.14 35.32
N SER G 43 -5.35 0.86 34.54
CA SER G 43 -5.64 2.19 35.06
C SER G 43 -6.74 2.13 36.11
N ILE G 44 -7.85 1.48 35.75
CA ILE G 44 -9.01 1.37 36.64
C ILE G 44 -8.69 0.58 37.91
N VAL G 45 -7.96 -0.53 37.76
CA VAL G 45 -7.51 -1.33 38.91
C VAL G 45 -6.74 -0.46 39.89
N SER G 46 -5.78 0.30 39.36
CA SER G 46 -4.96 1.20 40.17
C SER G 46 -5.77 2.28 40.87
N GLN G 47 -6.76 2.83 40.18
CA GLN G 47 -7.66 3.83 40.77
C GLN G 47 -8.51 3.25 41.91
N LEU G 48 -9.05 2.05 41.69
CA LEU G 48 -9.80 1.35 42.75
C LEU G 48 -8.97 1.11 44.00
N LEU G 49 -7.72 0.70 43.83
CA LEU G 49 -6.80 0.44 44.94
C LEU G 49 -6.40 1.74 45.65
N PHE G 50 -6.20 2.81 44.88
CA PHE G 50 -5.91 4.14 45.43
C PHE G 50 -7.09 4.66 46.27
N LEU G 51 -8.31 4.59 45.73
CA LEU G 51 -9.50 5.06 46.45
C LEU G 51 -9.78 4.27 47.74
N GLN G 52 -9.51 2.97 47.73
CA GLN G 52 -9.58 2.14 48.96
C GLN G 52 -8.65 2.67 50.06
N ALA G 53 -7.39 2.94 49.70
CA ALA G 53 -6.39 3.48 50.62
C ALA G 53 -6.73 4.89 51.11
N GLN G 54 -7.40 5.67 50.26
CA GLN G 54 -7.86 7.02 50.62
C GLN G 54 -9.01 6.96 51.64
N ASP G 55 -9.93 6.02 51.44
CA ASP G 55 -11.01 5.77 52.39
C ASP G 55 -11.60 4.38 52.13
N SER G 56 -11.57 3.53 53.16
CA SER G 56 -12.07 2.16 53.07
C SER G 56 -13.59 2.05 53.19
N GLU G 57 -14.25 3.12 53.63
CA GLU G 57 -15.68 3.14 53.95
C GLU G 57 -16.53 3.75 52.83
N LYS G 58 -16.09 4.89 52.30
CA LYS G 58 -16.90 5.69 51.37
C LYS G 58 -17.08 5.03 50.02
N ASP G 59 -18.25 5.25 49.42
CA ASP G 59 -18.57 4.68 48.12
C ASP G 59 -17.67 5.20 46.99
N ILE G 60 -17.50 4.35 45.98
CA ILE G 60 -16.80 4.68 44.75
C ILE G 60 -17.85 4.62 43.66
N TYR G 61 -17.70 5.47 42.65
CA TYR G 61 -18.68 5.59 41.58
C TYR G 61 -18.02 5.25 40.24
N LEU G 62 -18.43 4.11 39.66
CA LEU G 62 -17.90 3.66 38.36
C LEU G 62 -18.84 4.06 37.23
N TYR G 63 -18.44 5.11 36.51
CA TYR G 63 -19.14 5.55 35.29
C TYR G 63 -18.82 4.56 34.17
N ILE G 64 -19.84 3.99 33.55
CA ILE G 64 -19.66 3.04 32.44
C ILE G 64 -20.32 3.58 31.16
N ASN G 65 -19.47 3.90 30.17
CA ASN G 65 -19.88 4.17 28.80
C ASN G 65 -18.89 3.41 27.92
N SER G 66 -19.17 2.13 27.69
CA SER G 66 -18.20 1.22 27.08
C SER G 66 -18.87 0.18 26.19
N PRO G 67 -18.25 -0.12 25.01
CA PRO G 67 -18.71 -1.23 24.17
C PRO G 67 -18.17 -2.61 24.58
N GLY G 68 -17.45 -2.71 25.69
CA GLY G 68 -16.81 -3.96 26.11
C GLY G 68 -15.40 -4.05 25.57
N GLY G 69 -14.93 -5.28 25.33
CA GLY G 69 -13.56 -5.52 24.85
C GLY G 69 -13.02 -6.83 25.38
N SER G 70 -11.79 -6.80 25.90
CA SER G 70 -11.11 -8.02 26.38
C SER G 70 -11.79 -8.57 27.64
N VAL G 71 -12.06 -9.89 27.66
CA VAL G 71 -12.72 -10.55 28.79
C VAL G 71 -11.80 -10.61 30.01
N THR G 72 -10.53 -10.92 29.78
CA THR G 72 -9.53 -10.97 30.86
C THR G 72 -9.30 -9.58 31.48
N ALA G 73 -9.23 -8.55 30.63
CA ALA G 73 -9.14 -7.17 31.10
C ALA G 73 -10.39 -6.78 31.91
N GLY G 74 -11.55 -7.22 31.47
CA GLY G 74 -12.80 -7.03 32.21
C GLY G 74 -12.81 -7.72 33.56
N PHE G 75 -12.28 -8.94 33.61
CA PHE G 75 -12.18 -9.69 34.87
C PHE G 75 -11.14 -9.14 35.84
N ALA G 76 -10.13 -8.43 35.32
CA ALA G 76 -9.22 -7.66 36.17
C ALA G 76 -9.98 -6.58 36.95
N ILE G 77 -10.86 -5.86 36.25
CA ILE G 77 -11.72 -4.85 36.88
C ILE G 77 -12.74 -5.49 37.83
N TYR G 78 -13.36 -6.59 37.38
CA TYR G 78 -14.36 -7.30 38.18
C TYR G 78 -13.80 -7.75 39.52
N ASP G 79 -12.71 -8.51 39.47
CA ASP G 79 -12.10 -9.07 40.67
C ASP G 79 -11.63 -7.99 41.64
N THR G 80 -11.08 -6.90 41.11
CA THR G 80 -10.62 -5.79 41.93
C THR G 80 -11.79 -5.09 42.63
N ILE G 81 -12.91 -4.94 41.94
CA ILE G 81 -14.15 -4.42 42.54
C ILE G 81 -14.58 -5.29 43.73
N GLN G 82 -14.66 -6.60 43.54
CA GLN G 82 -15.11 -7.50 44.61
C GLN G 82 -14.07 -7.61 45.73
N HIS G 83 -12.79 -7.43 45.41
CA HIS G 83 -11.71 -7.49 46.41
C HIS G 83 -11.77 -6.36 47.43
N ILE G 84 -11.89 -5.12 46.96
CA ILE G 84 -11.81 -3.94 47.84
C ILE G 84 -12.98 -3.79 48.82
N LYS G 85 -12.72 -3.03 49.88
CA LYS G 85 -13.69 -2.83 50.98
C LYS G 85 -14.87 -1.93 50.57
N PRO G 86 -14.60 -0.76 49.95
CA PRO G 86 -15.69 0.12 49.60
C PRO G 86 -16.68 -0.47 48.58
N ASP G 87 -17.96 -0.16 48.76
CA ASP G 87 -18.97 -0.44 47.74
C ASP G 87 -18.65 0.35 46.48
N VAL G 88 -18.70 -0.31 45.32
CA VAL G 88 -18.52 0.34 44.03
C VAL G 88 -19.89 0.46 43.36
N GLN G 89 -20.39 1.69 43.23
CA GLN G 89 -21.62 1.95 42.48
C GLN G 89 -21.28 1.89 41.00
N THR G 90 -22.20 1.34 40.20
CA THR G 90 -22.06 1.35 38.73
C THR G 90 -23.18 2.18 38.10
N ILE G 91 -22.81 3.05 37.17
CA ILE G 91 -23.74 3.96 36.52
C ILE G 91 -23.50 3.93 35.00
N CYS G 92 -24.40 3.26 34.27
CA CYS G 92 -24.36 3.20 32.81
C CYS G 92 -24.96 4.48 32.24
N ILE G 93 -24.13 5.25 31.55
CA ILE G 93 -24.54 6.44 30.81
C ILE G 93 -24.07 6.22 29.37
N GLY G 94 -24.95 6.47 28.41
CA GLY G 94 -24.66 6.18 27.00
C GLY G 94 -24.87 4.71 26.63
N MET G 95 -23.86 3.87 26.87
CA MET G 95 -24.02 2.43 26.64
C MET G 95 -23.14 1.55 27.53
N ALA G 96 -23.62 0.33 27.78
CA ALA G 96 -22.81 -0.73 28.36
C ALA G 96 -23.07 -1.98 27.53
N ALA G 97 -22.08 -2.38 26.74
CA ALA G 97 -22.21 -3.56 25.88
C ALA G 97 -21.18 -4.62 26.27
N SER G 98 -21.59 -5.89 26.16
CA SER G 98 -20.71 -7.04 26.40
C SER G 98 -20.07 -7.00 27.79
N MET G 99 -18.75 -7.01 27.91
CA MET G 99 -18.08 -6.84 29.20
C MET G 99 -18.43 -5.54 29.92
N GLY G 100 -18.81 -4.51 29.16
CA GLY G 100 -19.37 -3.30 29.74
C GLY G 100 -20.62 -3.56 30.57
N SER G 101 -21.56 -4.33 30.05
CA SER G 101 -22.79 -4.68 30.80
C SER G 101 -22.51 -5.69 31.93
N PHE G 102 -21.52 -6.57 31.74
CA PHE G 102 -21.06 -7.46 32.80
C PHE G 102 -20.57 -6.68 34.02
N LEU G 103 -19.74 -5.65 33.76
CA LEU G 103 -19.24 -4.79 34.83
C LEU G 103 -20.32 -3.90 35.44
N LEU G 104 -21.29 -3.48 34.64
CA LEU G 104 -22.49 -2.79 35.15
C LEU G 104 -23.20 -3.64 36.19
N ALA G 105 -23.47 -4.89 35.81
CA ALA G 105 -24.09 -5.89 36.72
C ALA G 105 -23.21 -6.26 37.92
N ALA G 106 -21.90 -6.06 37.82
CA ALA G 106 -20.96 -6.35 38.90
C ALA G 106 -20.92 -5.33 40.05
N GLY G 107 -21.66 -4.22 39.93
CA GLY G 107 -21.68 -3.19 40.97
C GLY G 107 -22.33 -3.66 42.26
N ALA G 108 -22.07 -2.95 43.35
CA ALA G 108 -22.59 -3.32 44.68
C ALA G 108 -24.11 -3.40 44.67
N LYS G 109 -24.66 -4.42 45.34
CA LYS G 109 -26.11 -4.68 45.31
C LYS G 109 -26.91 -3.48 45.83
N GLY G 110 -27.96 -3.13 45.09
CA GLY G 110 -28.77 -1.94 45.38
C GLY G 110 -28.24 -0.62 44.82
N LYS G 111 -27.01 -0.62 44.29
CA LYS G 111 -26.37 0.59 43.80
C LYS G 111 -25.87 0.47 42.35
N ARG G 112 -26.60 -0.28 41.52
CA ARG G 112 -26.34 -0.38 40.08
C ARG G 112 -27.42 0.41 39.36
N PHE G 113 -27.01 1.38 38.55
CA PHE G 113 -27.91 2.35 37.96
C PHE G 113 -27.68 2.49 36.45
N ALA G 114 -28.73 2.89 35.74
CA ALA G 114 -28.62 3.39 34.38
C ALA G 114 -29.51 4.61 34.24
N LEU G 115 -29.08 5.57 33.43
CA LEU G 115 -29.91 6.72 33.10
C LEU G 115 -30.91 6.30 31.99
N PRO G 116 -32.05 7.03 31.87
CA PRO G 116 -33.24 6.49 31.16
C PRO G 116 -33.05 6.08 29.70
N ASN G 117 -32.22 6.82 28.95
CA ASN G 117 -31.95 6.51 27.55
C ASN G 117 -30.65 5.72 27.32
N ALA G 118 -30.06 5.17 28.39
CA ALA G 118 -28.84 4.39 28.27
C ALA G 118 -29.15 3.03 27.68
N GLU G 119 -28.21 2.54 26.87
CA GLU G 119 -28.36 1.31 26.09
C GLU G 119 -27.54 0.19 26.73
N VAL G 120 -28.19 -0.93 27.04
CA VAL G 120 -27.51 -2.08 27.62
C VAL G 120 -27.61 -3.22 26.61
N MET G 121 -26.49 -3.89 26.38
CA MET G 121 -26.44 -5.00 25.43
C MET G 121 -25.65 -6.16 26.04
N ILE G 122 -26.21 -7.35 25.93
CA ILE G 122 -25.56 -8.58 26.37
C ILE G 122 -25.40 -9.51 25.18
N HIS G 123 -24.25 -10.16 25.11
CA HIS G 123 -24.00 -11.22 24.12
C HIS G 123 -22.91 -12.18 24.59
N GLN G 124 -22.67 -13.22 23.81
CA GLN G 124 -21.63 -14.21 24.13
C GLN G 124 -20.24 -13.71 23.71
N PRO G 125 -19.16 -14.25 24.32
CA PRO G 125 -17.81 -13.77 23.97
C PRO G 125 -17.39 -14.10 22.53
N LEU G 126 -16.50 -13.26 22.00
CA LEU G 126 -15.98 -13.40 20.65
C LEU G 126 -14.49 -13.71 20.72
N GLY G 127 -14.01 -14.49 19.75
CA GLY G 127 -12.61 -14.81 19.66
C GLY G 127 -12.26 -15.45 18.34
N GLY G 128 -11.25 -16.30 18.36
CA GLY G 128 -10.84 -16.98 17.16
C GLY G 128 -9.70 -17.94 17.36
N ALA G 129 -9.35 -18.63 16.29
CA ALA G 129 -8.27 -19.61 16.28
C ALA G 129 -7.90 -19.95 14.85
N GLN G 130 -6.62 -20.14 14.60
CA GLN G 130 -6.13 -20.67 13.34
C GLN G 130 -4.93 -21.58 13.58
N GLY G 131 -4.86 -22.66 12.81
CA GLY G 131 -3.79 -23.65 12.91
C GLY G 131 -4.36 -25.04 12.86
N GLN G 132 -3.70 -25.94 13.58
CA GLN G 132 -4.04 -27.37 13.58
C GLN G 132 -5.36 -27.63 14.31
N ALA G 133 -6.02 -28.74 13.95
CA ALA G 133 -7.27 -29.13 14.60
C ALA G 133 -7.19 -29.14 16.13
N THR G 134 -6.05 -29.61 16.66
CA THR G 134 -5.81 -29.71 18.08
C THR G 134 -5.69 -28.32 18.73
N GLU G 135 -5.07 -27.38 18.01
CA GLU G 135 -5.03 -25.99 18.44
C GLU G 135 -6.42 -25.36 18.42
N ILE G 136 -7.22 -25.67 17.40
CA ILE G 136 -8.59 -25.17 17.28
C ILE G 136 -9.45 -25.68 18.44
N GLU G 137 -9.30 -26.97 18.76
CA GLU G 137 -10.01 -27.63 19.88
C GLU G 137 -9.72 -26.95 21.22
N ILE G 138 -8.44 -26.70 21.50
CA ILE G 138 -8.01 -26.00 22.71
C ILE G 138 -8.61 -24.60 22.80
N ALA G 139 -8.54 -23.84 21.70
CA ALA G 139 -9.13 -22.51 21.65
C ALA G 139 -10.66 -22.55 21.82
N ALA G 140 -11.29 -23.58 21.25
CA ALA G 140 -12.74 -23.80 21.39
C ALA G 140 -13.14 -24.14 22.83
N ASN G 141 -12.39 -25.05 23.46
CA ASN G 141 -12.64 -25.42 24.86
C ASN G 141 -12.43 -24.23 25.80
N HIS G 142 -11.37 -23.47 25.57
CA HIS G 142 -11.08 -22.27 26.36
C HIS G 142 -12.19 -21.22 26.32
N ILE G 143 -12.64 -20.84 25.12
CA ILE G 143 -13.69 -19.82 25.01
C ILE G 143 -15.07 -20.29 25.53
N LEU G 144 -15.36 -21.59 25.43
CA LEU G 144 -16.60 -22.15 25.98
C LEU G 144 -16.61 -22.12 27.50
N LYS G 145 -15.48 -22.49 28.13
CA LYS G 145 -15.31 -22.37 29.60
C LYS G 145 -15.43 -20.92 30.08
N THR G 146 -14.83 -20.00 29.33
CA THR G 146 -14.97 -18.56 29.59
C THR G 146 -16.44 -18.11 29.55
N ARG G 147 -17.20 -18.60 28.56
CA ARG G 147 -18.63 -18.28 28.50
C ARG G 147 -19.40 -18.84 29.70
N GLU G 148 -19.12 -20.10 30.06
CA GLU G 148 -19.68 -20.71 31.27
C GLU G 148 -19.36 -19.89 32.53
N LYS G 149 -18.13 -19.38 32.61
CA LYS G 149 -17.69 -18.52 33.73
C LYS G 149 -18.45 -17.18 33.79
N LEU G 150 -18.61 -16.55 32.63
CA LEU G 150 -19.38 -15.31 32.50
C LEU G 150 -20.86 -15.50 32.81
N ASN G 151 -21.43 -16.60 32.33
CA ASN G 151 -22.85 -16.88 32.52
C ASN G 151 -23.22 -17.27 33.96
N ARG G 152 -22.34 -18.04 34.61
CA ARG G 152 -22.49 -18.39 36.02
C ARG G 152 -22.53 -17.14 36.91
N ILE G 153 -21.59 -16.23 36.71
CA ILE G 153 -21.54 -14.98 37.47
C ILE G 153 -22.71 -14.04 37.16
N LEU G 154 -23.11 -13.94 35.89
CA LEU G 154 -24.32 -13.16 35.53
C LEU G 154 -25.57 -13.71 36.19
N SER G 155 -25.71 -15.04 36.20
CA SER G 155 -26.83 -15.72 36.88
C SER G 155 -26.93 -15.31 38.35
N GLU G 156 -25.80 -15.37 39.05
CA GLU G 156 -25.71 -14.91 40.44
C GLU G 156 -26.05 -13.43 40.60
N ARG G 157 -25.53 -12.59 39.71
CA ARG G 157 -25.69 -11.13 39.77
C ARG G 157 -27.07 -10.62 39.34
N THR G 158 -27.78 -11.36 38.49
CA THR G 158 -29.10 -10.97 37.98
C THR G 158 -30.27 -11.72 38.61
N GLY G 159 -30.01 -12.91 39.16
CA GLY G 159 -31.08 -13.78 39.63
C GLY G 159 -31.70 -14.67 38.54
N GLN G 160 -31.20 -14.56 37.31
CA GLN G 160 -31.68 -15.39 36.20
C GLN G 160 -30.95 -16.72 36.22
N SER G 161 -31.57 -17.76 35.66
CA SER G 161 -30.91 -19.08 35.58
C SER G 161 -29.87 -19.05 34.46
N ILE G 162 -28.84 -19.89 34.61
CA ILE G 162 -27.77 -20.02 33.62
C ILE G 162 -28.32 -20.31 32.22
N GLU G 163 -29.30 -21.21 32.13
CA GLU G 163 -29.91 -21.57 30.82
C GLU G 163 -30.67 -20.41 30.16
N LYS G 164 -31.25 -19.52 30.97
CA LYS G 164 -31.86 -18.29 30.43
C LYS G 164 -30.79 -17.31 29.92
N ILE G 165 -29.71 -17.15 30.68
CA ILE G 165 -28.58 -16.32 30.25
C ILE G 165 -28.03 -16.84 28.90
N GLN G 166 -27.82 -18.16 28.82
CA GLN G 166 -27.31 -18.82 27.61
C GLN G 166 -28.16 -18.52 26.37
N LYS G 167 -29.48 -18.68 26.49
CA LYS G 167 -30.41 -18.36 25.40
C LYS G 167 -30.41 -16.87 25.04
N ASP G 168 -30.41 -16.01 26.04
CA ASP G 168 -30.52 -14.56 25.85
C ASP G 168 -29.24 -13.89 25.34
N THR G 169 -28.09 -14.54 25.53
CA THR G 169 -26.80 -14.05 25.04
C THR G 169 -26.32 -14.73 23.75
N ASP G 170 -27.11 -15.65 23.21
CA ASP G 170 -26.72 -16.41 22.01
C ASP G 170 -26.42 -15.47 20.83
N ARG G 171 -27.28 -14.47 20.66
CA ARG G 171 -27.07 -13.39 19.71
C ARG G 171 -27.12 -12.07 20.46
N ASP G 172 -26.74 -10.98 19.77
CA ASP G 172 -26.81 -9.62 20.34
C ASP G 172 -28.22 -9.30 20.85
N ASN G 173 -28.31 -8.91 22.12
CA ASN G 173 -29.59 -8.67 22.80
C ASN G 173 -29.56 -7.28 23.45
N PHE G 174 -30.18 -6.31 22.78
CA PHE G 174 -30.24 -4.93 23.25
C PHE G 174 -31.38 -4.76 24.25
N LEU G 175 -31.12 -3.99 25.29
CA LEU G 175 -32.08 -3.75 26.36
C LEU G 175 -32.15 -2.27 26.69
N THR G 176 -33.36 -1.75 26.86
CA THR G 176 -33.57 -0.42 27.41
C THR G 176 -33.17 -0.42 28.89
N ALA G 177 -32.99 0.77 29.46
CA ALA G 177 -32.62 0.90 30.89
C ALA G 177 -33.65 0.21 31.79
N GLU G 178 -34.93 0.45 31.52
CA GLU G 178 -36.03 -0.20 32.24
C GLU G 178 -35.98 -1.72 32.11
N GLU G 179 -35.76 -2.21 30.88
CA GLU G 179 -35.59 -3.66 30.62
C GLU G 179 -34.39 -4.27 31.35
N ALA G 180 -33.31 -3.50 31.46
CA ALA G 180 -32.12 -3.93 32.22
C ALA G 180 -32.43 -4.12 33.71
N LYS G 181 -33.27 -3.25 34.26
CA LYS G 181 -33.70 -3.35 35.66
C LYS G 181 -34.51 -4.61 35.91
N GLU G 182 -35.55 -4.83 35.14
CA GLU G 182 -36.37 -6.05 35.29
C GLU G 182 -35.61 -7.35 34.98
N TYR G 183 -34.54 -7.27 34.20
CA TYR G 183 -33.64 -8.41 33.98
C TYR G 183 -32.75 -8.69 35.21
N GLY G 184 -32.38 -7.64 35.92
CA GLY G 184 -31.51 -7.73 37.11
C GLY G 184 -30.09 -7.25 36.91
N LEU G 185 -29.79 -6.69 35.74
CA LEU G 185 -28.47 -6.13 35.46
C LEU G 185 -28.24 -4.86 36.27
N ILE G 186 -29.30 -4.07 36.44
CA ILE G 186 -29.29 -2.90 37.32
C ILE G 186 -30.43 -3.00 38.35
N ASP G 187 -30.36 -2.14 39.36
CA ASP G 187 -31.37 -2.05 40.41
C ASP G 187 -32.38 -0.92 40.17
N GLU G 188 -31.92 0.18 39.57
CA GLU G 188 -32.76 1.38 39.43
C GLU G 188 -32.46 2.14 38.13
N VAL G 189 -33.49 2.71 37.54
CA VAL G 189 -33.33 3.71 36.49
C VAL G 189 -33.28 5.07 37.19
N MET G 190 -32.13 5.74 37.11
CA MET G 190 -31.91 7.02 37.80
C MET G 190 -32.67 8.16 37.09
N VAL G 191 -33.79 8.57 37.69
CA VAL G 191 -34.66 9.61 37.10
C VAL G 191 -34.10 11.03 37.30
N PRO G 192 -34.53 12.00 36.47
CA PRO G 192 -34.11 13.40 36.64
C PRO G 192 -34.50 14.03 37.98
N GLU G 193 -33.53 14.63 38.67
CA GLU G 193 -33.76 15.27 39.97
C GLU G 193 -34.24 16.71 39.79
N LEU H 3 8.17 -12.97 -25.77
CA LEU H 3 7.70 -13.62 -27.04
C LEU H 3 8.68 -14.70 -27.52
N ILE H 4 8.22 -15.96 -27.52
CA ILE H 4 9.02 -17.10 -27.95
C ILE H 4 8.82 -17.31 -29.46
N PRO H 5 9.91 -17.35 -30.24
CA PRO H 5 9.75 -17.50 -31.69
C PRO H 5 9.27 -18.88 -32.13
N THR H 6 8.57 -18.90 -33.27
CA THR H 6 7.99 -20.10 -33.86
C THR H 6 8.86 -20.57 -35.04
N VAL H 7 8.89 -21.89 -35.23
CA VAL H 7 9.69 -22.54 -36.26
C VAL H 7 8.76 -23.47 -37.05
N ILE H 8 8.93 -23.51 -38.38
CA ILE H 8 8.15 -24.39 -39.26
C ILE H 8 9.12 -25.24 -40.08
N GLU H 9 8.74 -26.50 -40.30
CA GLU H 9 9.55 -27.47 -41.06
C GLU H 9 8.81 -27.91 -42.32
N ARG H 16 4.02 -28.65 -39.65
CA ARG H 16 4.40 -28.77 -38.25
C ARG H 16 5.02 -27.48 -37.71
N ALA H 17 4.23 -26.71 -36.94
CA ALA H 17 4.66 -25.44 -36.35
C ALA H 17 5.00 -25.61 -34.86
N TYR H 18 6.29 -25.64 -34.54
CA TYR H 18 6.77 -25.71 -33.15
C TYR H 18 7.17 -24.32 -32.64
N ASP H 19 6.91 -24.06 -31.36
CA ASP H 19 7.66 -23.03 -30.62
C ASP H 19 9.09 -23.56 -30.42
N ILE H 20 10.06 -22.65 -30.28
CA ILE H 20 11.49 -23.04 -30.37
C ILE H 20 11.92 -24.09 -29.34
N TYR H 21 11.36 -24.05 -28.13
CA TYR H 21 11.65 -25.06 -27.10
C TYR H 21 11.08 -26.42 -27.47
N SER H 22 9.87 -26.42 -28.02
CA SER H 22 9.24 -27.65 -28.52
C SER H 22 10.00 -28.24 -29.71
N ARG H 23 10.57 -27.40 -30.57
CA ARG H 23 11.45 -27.88 -31.64
C ARG H 23 12.65 -28.62 -31.07
N LEU H 24 13.28 -28.05 -30.05
CA LEU H 24 14.40 -28.73 -29.36
C LEU H 24 13.99 -30.08 -28.75
N LEU H 25 12.79 -30.16 -28.17
CA LEU H 25 12.29 -31.41 -27.58
C LEU H 25 12.15 -32.55 -28.61
N LYS H 26 11.82 -32.20 -29.85
CA LYS H 26 11.79 -33.15 -30.98
C LYS H 26 13.12 -33.91 -31.15
N ASP H 27 14.24 -33.22 -30.93
CA ASP H 27 15.57 -33.85 -30.94
C ASP H 27 16.08 -34.16 -29.53
N ARG H 28 15.17 -34.49 -28.62
CA ARG H 28 15.48 -35.05 -27.30
C ARG H 28 16.30 -34.10 -26.40
N ILE H 29 16.11 -32.78 -26.58
CA ILE H 29 16.73 -31.75 -25.76
C ILE H 29 15.66 -31.17 -24.83
N ILE H 30 15.91 -31.22 -23.52
CA ILE H 30 15.02 -30.64 -22.50
C ILE H 30 15.72 -29.41 -21.93
N MET H 31 14.94 -28.33 -21.73
CA MET H 31 15.46 -27.04 -21.24
C MET H 31 15.07 -26.79 -19.78
N LEU H 32 16.05 -26.92 -18.88
CA LEU H 32 15.92 -26.46 -17.49
C LEU H 32 16.52 -25.05 -17.42
N GLY H 33 15.71 -24.07 -17.79
CA GLY H 33 16.18 -22.70 -17.95
C GLY H 33 15.62 -21.70 -16.96
N SER H 34 15.26 -22.16 -15.76
CA SER H 34 14.60 -21.29 -14.78
C SER H 34 14.76 -21.81 -13.37
N GLN H 35 14.25 -21.04 -12.41
CA GLN H 35 14.18 -21.47 -11.03
C GLN H 35 13.39 -22.76 -10.95
N ILE H 36 13.89 -23.71 -10.17
CA ILE H 36 13.26 -25.01 -10.02
C ILE H 36 12.09 -24.88 -9.04
N ASP H 37 10.87 -25.00 -9.56
CA ASP H 37 9.66 -25.19 -8.74
C ASP H 37 8.91 -26.44 -9.24
N ASP H 38 7.81 -26.76 -8.57
CA ASP H 38 7.02 -27.94 -8.91
C ASP H 38 6.55 -27.98 -10.38
N ASN H 39 6.09 -26.84 -10.90
CA ASN H 39 5.63 -26.77 -12.31
C ASN H 39 6.74 -27.16 -13.28
N VAL H 40 7.94 -26.61 -13.06
CA VAL H 40 9.11 -26.90 -13.90
C VAL H 40 9.49 -28.37 -13.80
N ALA H 41 9.53 -28.90 -12.58
CA ALA H 41 9.82 -30.31 -12.34
C ALA H 41 8.81 -31.24 -13.01
N ASN H 42 7.51 -30.96 -12.84
CA ASN H 42 6.46 -31.76 -13.48
C ASN H 42 6.61 -31.80 -14.99
N SER H 43 6.93 -30.64 -15.58
CA SER H 43 7.14 -30.55 -17.02
C SER H 43 8.35 -31.36 -17.47
N ILE H 44 9.45 -31.27 -16.73
CA ILE H 44 10.67 -31.99 -17.07
C ILE H 44 10.51 -33.50 -16.85
N VAL H 45 9.88 -33.88 -15.74
CA VAL H 45 9.53 -35.29 -15.49
C VAL H 45 8.74 -35.86 -16.67
N SER H 46 7.72 -35.13 -17.13
CA SER H 46 6.87 -35.58 -18.24
C SER H 46 7.61 -35.69 -19.55
N GLN H 47 8.49 -34.74 -19.83
CA GLN H 47 9.33 -34.80 -21.03
C GLN H 47 10.24 -36.02 -21.01
N LEU H 48 10.89 -36.27 -19.87
CA LEU H 48 11.74 -37.46 -19.71
C LEU H 48 10.96 -38.76 -19.98
N LEU H 49 9.76 -38.84 -19.41
CA LEU H 49 8.91 -40.01 -19.58
C LEU H 49 8.51 -40.15 -21.05
N PHE H 50 8.17 -39.03 -21.70
CA PHE H 50 7.78 -39.05 -23.11
C PHE H 50 8.94 -39.46 -24.02
N LEU H 51 10.11 -38.86 -23.80
CA LEU H 51 11.30 -39.19 -24.60
C LEU H 51 11.73 -40.66 -24.46
N GLN H 52 11.65 -41.21 -23.26
CA GLN H 52 11.89 -42.64 -23.04
C GLN H 52 10.99 -43.51 -23.92
N ALA H 53 9.70 -43.17 -23.96
CA ALA H 53 8.70 -43.92 -24.72
C ALA H 53 8.91 -43.84 -26.23
N GLN H 54 9.41 -42.70 -26.71
CA GLN H 54 9.79 -42.55 -28.12
C GLN H 54 10.95 -43.46 -28.50
N ASP H 55 12.01 -43.43 -27.68
CA ASP H 55 13.22 -44.21 -27.92
C ASP H 55 13.96 -44.46 -26.60
N SER H 56 13.97 -45.72 -26.17
CA SER H 56 14.61 -46.10 -24.90
C SER H 56 16.14 -46.22 -24.97
N GLU H 57 16.72 -46.11 -26.17
CA GLU H 57 18.15 -46.28 -26.40
C GLU H 57 18.92 -44.96 -26.53
N LYS H 58 18.35 -44.00 -27.27
CA LYS H 58 19.03 -42.75 -27.64
C LYS H 58 19.21 -41.81 -26.45
N ASP H 59 20.33 -41.08 -26.45
CA ASP H 59 20.61 -40.09 -25.41
C ASP H 59 19.57 -38.96 -25.37
N ILE H 60 19.36 -38.45 -24.15
CA ILE H 60 18.56 -37.25 -23.90
C ILE H 60 19.55 -36.18 -23.43
N TYR H 61 19.26 -34.93 -23.75
CA TYR H 61 20.14 -33.81 -23.43
C TYR H 61 19.42 -32.80 -22.52
N LEU H 62 19.89 -32.67 -21.28
CA LEU H 62 19.34 -31.70 -20.34
C LEU H 62 20.20 -30.43 -20.29
N TYR H 63 19.66 -29.36 -20.87
CA TYR H 63 20.25 -28.03 -20.80
C TYR H 63 19.95 -27.43 -19.41
N ILE H 64 20.98 -26.97 -18.70
CA ILE H 64 20.82 -26.38 -17.39
C ILE H 64 21.38 -24.95 -17.35
N ASN H 65 20.48 -23.96 -17.31
CA ASN H 65 20.78 -22.58 -16.94
C ASN H 65 19.80 -22.18 -15.83
N SER H 66 20.16 -22.44 -14.58
CA SER H 66 19.22 -22.34 -13.46
C SER H 66 19.91 -21.95 -12.16
N PRO H 67 19.28 -21.07 -11.35
CA PRO H 67 19.81 -20.76 -10.02
C PRO H 67 19.41 -21.77 -8.92
N GLY H 68 18.70 -22.84 -9.29
CA GLY H 68 18.24 -23.85 -8.32
C GLY H 68 16.82 -23.54 -7.90
N GLY H 69 16.45 -23.97 -6.70
CA GLY H 69 15.12 -23.72 -6.14
C GLY H 69 14.70 -24.79 -5.16
N SER H 70 13.53 -25.39 -5.38
CA SER H 70 13.00 -26.38 -4.45
C SER H 70 13.81 -27.67 -4.52
N VAL H 71 14.17 -28.20 -3.34
CA VAL H 71 14.91 -29.46 -3.23
C VAL H 71 14.05 -30.67 -3.67
N THR H 72 12.78 -30.71 -3.25
CA THR H 72 11.88 -31.83 -3.59
C THR H 72 11.56 -31.84 -5.09
N ALA H 73 11.35 -30.66 -5.67
CA ALA H 73 11.17 -30.51 -7.11
C ALA H 73 12.43 -30.94 -7.88
N GLY H 74 13.58 -30.59 -7.33
CA GLY H 74 14.85 -31.06 -7.89
C GLY H 74 15.03 -32.56 -7.82
N PHE H 75 14.61 -33.17 -6.71
CA PHE H 75 14.64 -34.63 -6.58
C PHE H 75 13.61 -35.36 -7.45
N ALA H 76 12.52 -34.69 -7.81
CA ALA H 76 11.57 -35.24 -8.79
C ALA H 76 12.28 -35.47 -10.11
N ILE H 77 13.11 -34.49 -10.50
CA ILE H 77 13.90 -34.55 -11.72
C ILE H 77 15.06 -35.54 -11.57
N TYR H 78 15.78 -35.48 -10.46
CA TYR H 78 16.88 -36.42 -10.19
C TYR H 78 16.44 -37.88 -10.35
N ASP H 79 15.37 -38.25 -9.63
CA ASP H 79 14.92 -39.65 -9.63
C ASP H 79 14.42 -40.11 -10.99
N THR H 80 13.74 -39.23 -11.72
CA THR H 80 13.23 -39.58 -13.05
C THR H 80 14.37 -39.78 -14.04
N ILE H 81 15.42 -38.96 -13.95
CA ILE H 81 16.65 -39.19 -14.71
C ILE H 81 17.21 -40.58 -14.41
N GLN H 82 17.37 -40.92 -13.14
CA GLN H 82 17.94 -42.23 -12.77
C GLN H 82 17.03 -43.39 -13.14
N HIS H 83 15.71 -43.19 -13.07
CA HIS H 83 14.76 -44.27 -13.37
C HIS H 83 14.79 -44.73 -14.83
N ILE H 84 14.83 -43.78 -15.76
CA ILE H 84 14.71 -44.11 -17.19
C ILE H 84 15.95 -44.80 -17.76
N LYS H 85 15.74 -45.57 -18.82
CA LYS H 85 16.80 -46.34 -19.51
C LYS H 85 17.83 -45.45 -20.22
N PRO H 86 17.37 -44.46 -21.03
CA PRO H 86 18.33 -43.61 -21.76
C PRO H 86 19.29 -42.84 -20.85
N ASP H 87 20.53 -42.68 -21.31
CA ASP H 87 21.47 -41.79 -20.66
C ASP H 87 20.96 -40.35 -20.79
N VAL H 88 21.02 -39.60 -19.69
CA VAL H 88 20.65 -38.18 -19.72
C VAL H 88 21.94 -37.37 -19.57
N GLN H 89 22.38 -36.78 -20.68
CA GLN H 89 23.53 -35.86 -20.65
C GLN H 89 23.10 -34.57 -19.94
N THR H 90 24.07 -33.88 -19.32
CA THR H 90 23.80 -32.58 -18.71
C THR H 90 24.79 -31.57 -19.26
N ILE H 91 24.30 -30.39 -19.62
CA ILE H 91 25.13 -29.33 -20.18
C ILE H 91 24.82 -28.01 -19.48
N CYS H 92 25.74 -27.55 -18.65
CA CYS H 92 25.59 -26.26 -17.99
C CYS H 92 26.00 -25.15 -18.95
N ILE H 93 25.05 -24.25 -19.25
CA ILE H 93 25.32 -23.07 -20.07
C ILE H 93 24.80 -21.85 -19.28
N GLY H 94 25.66 -20.86 -19.07
CA GLY H 94 25.33 -19.69 -18.25
C GLY H 94 25.62 -19.93 -16.79
N MET H 95 24.69 -20.55 -16.07
CA MET H 95 24.94 -20.96 -14.68
C MET H 95 24.14 -22.18 -14.20
N ALA H 96 24.71 -22.89 -13.24
CA ALA H 96 24.03 -23.94 -12.50
C ALA H 96 24.37 -23.74 -11.03
N ALA H 97 23.39 -23.33 -10.24
CA ALA H 97 23.59 -23.00 -8.83
C ALA H 97 22.73 -23.88 -7.95
N SER H 98 23.26 -24.23 -6.77
CA SER H 98 22.50 -24.96 -5.76
C SER H 98 21.94 -26.29 -6.34
N MET H 99 20.61 -26.48 -6.33
CA MET H 99 20.00 -27.68 -6.94
C MET H 99 20.25 -27.79 -8.44
N GLY H 100 20.50 -26.66 -9.11
CA GLY H 100 20.91 -26.67 -10.50
C GLY H 100 22.20 -27.46 -10.69
N SER H 101 23.20 -27.15 -9.86
CA SER H 101 24.51 -27.81 -9.91
C SER H 101 24.44 -29.25 -9.43
N PHE H 102 23.51 -29.55 -8.51
CA PHE H 102 23.21 -30.93 -8.11
C PHE H 102 22.76 -31.77 -9.29
N LEU H 103 21.80 -31.24 -10.05
CA LEU H 103 21.27 -31.93 -11.23
C LEU H 103 22.30 -32.06 -12.34
N LEU H 104 23.14 -31.04 -12.50
CA LEU H 104 24.28 -31.09 -13.42
C LEU H 104 25.16 -32.31 -13.14
N ALA H 105 25.49 -32.49 -11.85
CA ALA H 105 26.26 -33.64 -11.39
C ALA H 105 25.57 -35.00 -11.53
N ALA H 106 24.23 -34.98 -11.63
CA ALA H 106 23.42 -36.19 -11.77
C ALA H 106 23.33 -36.76 -13.19
N GLY H 107 23.91 -36.09 -14.17
CA GLY H 107 23.90 -36.59 -15.55
C GLY H 107 24.66 -37.89 -15.70
N ALA H 108 24.40 -38.61 -16.79
CA ALA H 108 25.07 -39.89 -17.07
C ALA H 108 26.59 -39.73 -17.02
N LYS H 109 27.25 -40.63 -16.29
CA LYS H 109 28.69 -40.54 -16.04
C LYS H 109 29.43 -40.59 -17.37
N GLY H 110 30.38 -39.67 -17.53
CA GLY H 110 31.07 -39.44 -18.81
C GLY H 110 30.38 -38.45 -19.75
N LYS H 111 29.16 -38.03 -19.42
CA LYS H 111 28.37 -37.16 -20.30
C LYS H 111 27.77 -35.95 -19.55
N ARG H 112 28.57 -35.34 -18.69
CA ARG H 112 28.19 -34.13 -17.96
C ARG H 112 29.13 -33.04 -18.41
N PHE H 113 28.58 -31.97 -18.97
CA PHE H 113 29.35 -30.92 -19.61
C PHE H 113 29.05 -29.54 -19.06
N ALA H 114 29.98 -28.62 -19.33
CA ALA H 114 29.77 -27.20 -19.11
C ALA H 114 30.55 -26.49 -20.21
N LEU H 115 30.03 -25.34 -20.65
CA LEU H 115 30.75 -24.51 -21.62
C LEU H 115 31.74 -23.63 -20.83
N PRO H 116 32.82 -23.13 -21.49
CA PRO H 116 33.99 -22.58 -20.78
C PRO H 116 33.71 -21.51 -19.71
N ASN H 117 32.78 -20.60 -20.00
CA ASN H 117 32.48 -19.47 -19.11
C ASN H 117 31.25 -19.68 -18.23
N ALA H 118 30.78 -20.92 -18.12
CA ALA H 118 29.63 -21.24 -17.28
C ALA H 118 30.01 -21.15 -15.81
N GLU H 119 29.15 -20.50 -15.03
CA GLU H 119 29.33 -20.38 -13.58
C GLU H 119 28.63 -21.57 -12.92
N VAL H 120 29.36 -22.30 -12.06
CA VAL H 120 28.76 -23.37 -11.28
C VAL H 120 28.90 -22.96 -9.82
N MET H 121 27.85 -23.14 -9.02
CA MET H 121 27.84 -22.76 -7.60
C MET H 121 27.26 -23.85 -6.72
N ILE H 122 27.97 -24.20 -5.64
CA ILE H 122 27.49 -25.17 -4.66
C ILE H 122 27.38 -24.53 -3.27
N HIS H 123 26.21 -24.62 -2.65
CA HIS H 123 26.05 -24.29 -1.23
C HIS H 123 25.12 -25.28 -0.52
N GLN H 124 24.87 -25.02 0.76
CA GLN H 124 23.95 -25.83 1.55
C GLN H 124 22.50 -25.38 1.33
N PRO H 125 21.51 -26.28 1.57
CA PRO H 125 20.12 -25.90 1.33
C PRO H 125 19.60 -24.80 2.26
N LEU H 126 18.66 -24.01 1.74
CA LEU H 126 18.07 -22.89 2.46
C LEU H 126 16.63 -23.24 2.85
N GLY H 127 16.19 -22.67 3.98
CA GLY H 127 14.84 -22.95 4.50
C GLY H 127 14.41 -22.00 5.59
N GLY H 128 13.38 -22.39 6.33
CA GLY H 128 12.83 -21.54 7.38
C GLY H 128 11.78 -22.21 8.23
N ALA H 129 11.56 -21.64 9.42
CA ALA H 129 10.58 -22.17 10.37
C ALA H 129 10.15 -21.10 11.38
N GLN H 130 8.84 -20.98 11.59
CA GLN H 130 8.26 -20.03 12.54
C GLN H 130 7.30 -20.78 13.48
N GLY H 131 7.33 -20.43 14.76
CA GLY H 131 6.38 -20.96 15.74
C GLY H 131 7.04 -21.56 16.98
N GLN H 132 6.43 -22.62 17.49
CA GLN H 132 6.86 -23.25 18.74
C GLN H 132 8.25 -23.89 18.60
N ALA H 133 8.98 -23.96 19.72
CA ALA H 133 10.30 -24.62 19.78
C ALA H 133 10.30 -26.03 19.18
N THR H 134 9.23 -26.78 19.42
CA THR H 134 9.05 -28.13 18.90
C THR H 134 8.93 -28.12 17.37
N GLU H 135 8.16 -27.16 16.85
CA GLU H 135 7.99 -26.99 15.40
C GLU H 135 9.31 -26.56 14.74
N ILE H 136 10.10 -25.71 15.43
CA ILE H 136 11.43 -25.28 14.96
C ILE H 136 12.40 -26.49 14.91
N GLU H 137 12.33 -27.34 15.93
CA GLU H 137 13.16 -28.56 16.03
C GLU H 137 12.89 -29.50 14.86
N ILE H 138 11.61 -29.77 14.60
CA ILE H 138 11.19 -30.63 13.48
C ILE H 138 11.67 -30.11 12.12
N ALA H 139 11.52 -28.81 11.89
CA ALA H 139 11.98 -28.19 10.65
C ALA H 139 13.51 -28.20 10.53
N ALA H 140 14.21 -28.01 11.65
CA ALA H 140 15.68 -28.09 11.69
C ALA H 140 16.19 -29.51 11.41
N ASN H 141 15.61 -30.50 12.07
CA ASN H 141 15.98 -31.90 11.82
C ASN H 141 15.70 -32.32 10.37
N HIS H 142 14.63 -31.78 9.78
CA HIS H 142 14.25 -32.12 8.40
C HIS H 142 15.27 -31.60 7.38
N ILE H 143 15.62 -30.32 7.49
CA ILE H 143 16.57 -29.70 6.56
C ILE H 143 18.00 -30.24 6.73
N LEU H 144 18.39 -30.59 7.96
CA LEU H 144 19.68 -31.24 8.22
C LEU H 144 19.74 -32.65 7.59
N LYS H 145 18.67 -33.42 7.73
CA LYS H 145 18.54 -34.71 7.02
C LYS H 145 18.62 -34.51 5.50
N THR H 146 17.91 -33.50 4.99
CA THR H 146 17.94 -33.15 3.57
C THR H 146 19.35 -32.80 3.08
N ARG H 147 20.10 -32.05 3.89
CA ARG H 147 21.48 -31.72 3.54
C ARG H 147 22.38 -32.95 3.51
N GLU H 148 22.26 -33.82 4.52
CA GLU H 148 22.96 -35.12 4.53
C GLU H 148 22.67 -35.95 3.28
N LYS H 149 21.38 -35.99 2.90
CA LYS H 149 20.94 -36.70 1.70
C LYS H 149 21.59 -36.17 0.43
N LEU H 150 21.56 -34.83 0.27
CA LEU H 150 22.21 -34.15 -0.84
C LEU H 150 23.72 -34.39 -0.88
N ASN H 151 24.34 -34.34 0.29
CA ASN H 151 25.79 -34.49 0.43
C ASN H 151 26.27 -35.91 0.17
N ARG H 152 25.49 -36.89 0.62
CA ARG H 152 25.76 -38.31 0.34
C ARG H 152 25.72 -38.59 -1.18
N ILE H 153 24.73 -38.05 -1.88
CA ILE H 153 24.61 -38.27 -3.32
C ILE H 153 25.73 -37.55 -4.07
N LEU H 154 25.99 -36.29 -3.72
CA LEU H 154 27.11 -35.53 -4.29
C LEU H 154 28.44 -36.27 -4.13
N SER H 155 28.67 -36.88 -2.96
CA SER H 155 29.85 -37.71 -2.71
C SER H 155 29.97 -38.85 -3.74
N GLU H 156 28.87 -39.61 -3.89
CA GLU H 156 28.79 -40.73 -4.85
C GLU H 156 28.98 -40.30 -6.32
N ARG H 157 28.53 -39.10 -6.64
CA ARG H 157 28.55 -38.56 -8.01
C ARG H 157 29.87 -37.87 -8.39
N THR H 158 30.54 -37.26 -7.42
CA THR H 158 31.78 -36.52 -7.64
C THR H 158 33.05 -37.33 -7.31
N GLY H 159 32.94 -38.29 -6.39
CA GLY H 159 34.10 -38.99 -5.85
C GLY H 159 34.75 -38.33 -4.63
N GLN H 160 34.22 -37.17 -4.21
CA GLN H 160 34.73 -36.48 -3.00
C GLN H 160 34.11 -37.10 -1.75
N SER H 161 34.81 -36.98 -0.63
CA SER H 161 34.29 -37.47 0.66
C SER H 161 33.15 -36.58 1.17
N ILE H 162 32.26 -37.16 1.96
CA ILE H 162 31.12 -36.42 2.54
C ILE H 162 31.59 -35.20 3.36
N GLU H 163 32.66 -35.36 4.12
CA GLU H 163 33.17 -34.28 4.99
C GLU H 163 33.74 -33.10 4.19
N LYS H 164 34.38 -33.39 3.05
CA LYS H 164 34.85 -32.34 2.14
C LYS H 164 33.68 -31.58 1.51
N ILE H 165 32.66 -32.31 1.07
CA ILE H 165 31.42 -31.70 0.54
C ILE H 165 30.85 -30.75 1.60
N GLN H 166 30.74 -31.25 2.83
CA GLN H 166 30.23 -30.47 3.96
C GLN H 166 30.96 -29.13 4.11
N LYS H 167 32.29 -29.15 4.13
CA LYS H 167 33.09 -27.92 4.28
C LYS H 167 32.99 -26.98 3.08
N ASP H 168 32.95 -27.53 1.86
CA ASP H 168 32.92 -26.72 0.64
C ASP H 168 31.54 -26.16 0.30
N THR H 169 30.49 -26.68 0.94
CA THR H 169 29.13 -26.15 0.76
C THR H 169 28.62 -25.32 1.96
N ASP H 170 29.43 -25.20 3.01
CA ASP H 170 29.06 -24.42 4.21
C ASP H 170 28.69 -22.98 3.86
N ARG H 171 29.48 -22.38 2.97
CA ARG H 171 29.17 -21.07 2.40
C ARG H 171 29.08 -21.17 0.88
N ASP H 172 28.54 -20.13 0.24
CA ASP H 172 28.47 -20.06 -1.21
C ASP H 172 29.87 -20.26 -1.80
N ASN H 173 29.98 -21.23 -2.71
CA ASN H 173 31.26 -21.63 -3.30
C ASN H 173 31.10 -21.61 -4.82
N PHE H 174 31.61 -20.55 -5.45
CA PHE H 174 31.59 -20.40 -6.90
C PHE H 174 32.73 -21.18 -7.52
N LEU H 175 32.43 -21.88 -8.62
CA LEU H 175 33.41 -22.64 -9.38
C LEU H 175 33.32 -22.28 -10.85
N THR H 176 34.47 -22.17 -11.52
CA THR H 176 34.51 -22.08 -12.98
C THR H 176 34.17 -23.46 -13.56
N ALA H 177 33.90 -23.49 -14.87
CA ALA H 177 33.68 -24.75 -15.56
C ALA H 177 34.83 -25.75 -15.29
N GLU H 178 36.07 -25.29 -15.47
CA GLU H 178 37.26 -26.13 -15.25
C GLU H 178 37.36 -26.64 -13.82
N GLU H 179 37.13 -25.74 -12.85
CA GLU H 179 37.11 -26.12 -11.43
C GLU H 179 35.99 -27.13 -11.11
N ALA H 180 34.85 -27.01 -11.77
CA ALA H 180 33.76 -27.99 -11.63
C ALA H 180 34.16 -29.37 -12.13
N LYS H 181 34.92 -29.40 -13.23
CA LYS H 181 35.47 -30.65 -13.79
C LYS H 181 36.40 -31.35 -12.80
N GLU H 182 37.42 -30.63 -12.32
CA GLU H 182 38.37 -31.23 -11.37
C GLU H 182 37.76 -31.52 -10.00
N TYR H 183 36.67 -30.83 -9.65
CA TYR H 183 35.87 -31.18 -8.46
C TYR H 183 35.06 -32.48 -8.65
N GLY H 184 34.71 -32.81 -9.90
CA GLY H 184 33.94 -34.02 -10.21
C GLY H 184 32.45 -33.79 -10.45
N LEU H 185 32.04 -32.54 -10.55
CA LEU H 185 30.65 -32.20 -10.86
C LEU H 185 30.33 -32.43 -12.35
N ILE H 186 31.31 -32.18 -13.20
CA ILE H 186 31.21 -32.48 -14.64
C ILE H 186 32.41 -33.31 -15.10
N ASP H 187 32.27 -33.92 -16.27
CA ASP H 187 33.31 -34.77 -16.86
C ASP H 187 34.18 -34.06 -17.89
N GLU H 188 33.63 -33.02 -18.54
CA GLU H 188 34.31 -32.33 -19.64
C GLU H 188 33.88 -30.86 -19.73
N VAL H 189 34.85 -29.99 -20.04
CA VAL H 189 34.55 -28.62 -20.46
C VAL H 189 34.48 -28.64 -21.99
N MET H 190 33.33 -28.27 -22.52
CA MET H 190 33.09 -28.34 -23.96
C MET H 190 33.68 -27.10 -24.65
N VAL H 191 34.95 -27.23 -25.05
CA VAL H 191 35.69 -26.15 -25.72
C VAL H 191 35.19 -25.93 -27.15
N PRO H 192 35.27 -24.68 -27.65
CA PRO H 192 34.89 -24.39 -29.03
C PRO H 192 35.98 -24.76 -30.04
N GLU H 193 35.57 -25.01 -31.29
CA GLU H 193 36.53 -25.19 -32.39
C GLU H 193 37.28 -23.88 -32.64
N THR H 194 38.56 -24.00 -32.99
CA THR H 194 39.47 -22.85 -33.09
C THR H 194 38.96 -21.75 -34.04
N LYS H 195 38.94 -20.51 -33.54
CA LYS H 195 38.46 -19.32 -34.27
C LYS H 195 36.96 -19.38 -34.60
N LEU I 3 5.56 -21.99 -19.64
CA LEU I 3 5.39 -22.42 -21.07
C LEU I 3 5.50 -23.93 -21.21
N ILE I 4 4.35 -24.60 -21.32
CA ILE I 4 4.28 -26.06 -21.38
C ILE I 4 4.65 -26.51 -22.80
N PRO I 5 5.68 -27.36 -22.95
CA PRO I 5 6.08 -27.78 -24.30
C PRO I 5 5.05 -28.67 -24.97
N THR I 6 5.03 -28.63 -26.29
CA THR I 6 4.08 -29.40 -27.09
C THR I 6 4.88 -30.44 -27.90
N VAL I 7 4.29 -31.62 -28.07
CA VAL I 7 4.93 -32.71 -28.80
C VAL I 7 4.09 -33.02 -30.02
N ILE I 8 4.76 -33.21 -31.15
CA ILE I 8 4.10 -33.46 -32.42
C ILE I 8 4.63 -34.78 -32.98
N GLU I 9 3.72 -35.74 -33.17
CA GLU I 9 4.04 -37.04 -33.75
C GLU I 9 3.39 -37.15 -35.14
N THR I 10 4.09 -37.82 -36.05
CA THR I 10 3.63 -37.99 -37.42
C THR I 10 2.67 -39.18 -37.53
N THR I 11 1.53 -38.94 -38.19
CA THR I 11 0.57 -39.99 -38.52
C THR I 11 0.54 -40.17 -40.05
N ASN I 12 -0.26 -41.13 -40.52
CA ASN I 12 -0.52 -41.30 -41.95
C ASN I 12 -1.33 -40.15 -42.58
N ARG I 13 -2.12 -39.43 -41.77
CA ARG I 13 -2.95 -38.31 -42.24
C ARG I 13 -2.54 -36.93 -41.65
N GLY I 14 -1.23 -36.72 -41.46
CA GLY I 14 -0.69 -35.40 -41.05
C GLY I 14 0.14 -35.41 -39.77
N GLU I 15 -0.04 -34.37 -38.95
CA GLU I 15 0.67 -34.21 -37.67
C GLU I 15 -0.33 -33.97 -36.53
N ARG I 16 -0.18 -34.74 -35.44
CA ARG I 16 -1.02 -34.60 -34.25
C ARG I 16 -0.22 -33.91 -33.16
N ALA I 17 -0.71 -32.76 -32.68
CA ALA I 17 -0.03 -31.95 -31.66
C ALA I 17 -0.74 -32.08 -30.31
N TYR I 18 0.01 -32.48 -29.28
CA TYR I 18 -0.44 -32.51 -27.88
C TYR I 18 0.45 -31.61 -27.03
N ASP I 19 -0.13 -30.92 -26.04
CA ASP I 19 0.66 -30.43 -24.92
C ASP I 19 1.09 -31.66 -24.10
N ILE I 20 2.26 -31.58 -23.46
CA ILE I 20 2.93 -32.75 -22.85
C ILE I 20 2.05 -33.51 -21.85
N TYR I 21 1.30 -32.77 -21.02
CA TYR I 21 0.41 -33.39 -20.02
C TYR I 21 -0.76 -34.12 -20.68
N SER I 22 -1.32 -33.52 -21.73
CA SER I 22 -2.36 -34.16 -22.52
C SER I 22 -1.88 -35.42 -23.23
N ARG I 23 -0.61 -35.43 -23.65
CA ARG I 23 -0.01 -36.62 -24.24
C ARG I 23 0.15 -37.73 -23.20
N LEU I 24 0.52 -37.37 -21.97
CA LEU I 24 0.55 -38.34 -20.86
C LEU I 24 -0.84 -38.93 -20.55
N LEU I 25 -1.89 -38.10 -20.62
CA LEU I 25 -3.27 -38.55 -20.40
C LEU I 25 -3.74 -39.59 -21.42
N LYS I 26 -3.26 -39.47 -22.66
CA LYS I 26 -3.52 -40.47 -23.71
C LYS I 26 -3.08 -41.89 -23.27
N ASP I 27 -1.94 -41.98 -22.56
CA ASP I 27 -1.47 -43.23 -21.97
C ASP I 27 -1.90 -43.44 -20.50
N ARG I 28 -3.06 -42.88 -20.12
CA ARG I 28 -3.70 -43.12 -18.81
C ARG I 28 -2.89 -42.64 -17.58
N ILE I 29 -2.05 -41.63 -17.78
CA ILE I 29 -1.24 -41.02 -16.72
C ILE I 29 -1.91 -39.70 -16.36
N ILE I 30 -2.31 -39.55 -15.10
CA ILE I 30 -2.90 -38.31 -14.59
C ILE I 30 -1.87 -37.63 -13.69
N MET I 31 -1.72 -36.31 -13.85
CA MET I 31 -0.72 -35.55 -13.08
C MET I 31 -1.37 -34.76 -11.94
N LEU I 32 -1.14 -35.20 -10.70
CA LEU I 32 -1.45 -34.38 -9.51
C LEU I 32 -0.14 -33.67 -9.13
N GLY I 33 0.06 -32.47 -9.69
CA GLY I 33 1.34 -31.78 -9.62
C GLY I 33 1.37 -30.45 -8.88
N SER I 34 0.33 -30.18 -8.10
CA SER I 34 0.18 -28.87 -7.46
C SER I 34 -0.60 -28.96 -6.18
N GLN I 35 -0.78 -27.81 -5.52
CA GLN I 35 -1.66 -27.70 -4.37
C GLN I 35 -3.06 -28.16 -4.76
N ILE I 36 -3.68 -28.97 -3.91
CA ILE I 36 -5.00 -29.53 -4.17
C ILE I 36 -6.08 -28.52 -3.81
N ASP I 37 -6.57 -27.79 -4.81
CA ASP I 37 -7.77 -26.97 -4.65
C ASP I 37 -8.91 -27.60 -5.46
N ASP I 38 -10.08 -26.96 -5.46
CA ASP I 38 -11.24 -27.48 -6.17
C ASP I 38 -11.03 -27.61 -7.68
N ASN I 39 -10.34 -26.66 -8.31
CA ASN I 39 -10.01 -26.75 -9.74
C ASN I 39 -9.17 -27.98 -10.09
N VAL I 40 -8.17 -28.27 -9.25
CA VAL I 40 -7.33 -29.46 -9.44
C VAL I 40 -8.15 -30.74 -9.26
N ALA I 41 -8.98 -30.78 -8.23
CA ALA I 41 -9.84 -31.94 -7.96
C ALA I 41 -10.82 -32.22 -9.09
N ASN I 42 -11.51 -31.19 -9.57
CA ASN I 42 -12.53 -31.34 -10.61
C ASN I 42 -11.94 -31.90 -11.89
N SER I 43 -10.75 -31.39 -12.23
CA SER I 43 -10.01 -31.84 -13.40
C SER I 43 -9.59 -33.31 -13.27
N ILE I 44 -9.04 -33.65 -12.11
CA ILE I 44 -8.61 -35.03 -11.86
C ILE I 44 -9.82 -35.96 -11.83
N VAL I 45 -10.90 -35.55 -11.18
CA VAL I 45 -12.14 -36.31 -11.17
C VAL I 45 -12.60 -36.62 -12.59
N SER I 46 -12.67 -35.57 -13.42
CA SER I 46 -13.07 -35.68 -14.82
C SER I 46 -12.16 -36.60 -15.61
N GLN I 47 -10.86 -36.48 -15.37
CA GLN I 47 -9.87 -37.36 -16.03
C GLN I 47 -10.08 -38.83 -15.67
N LEU I 48 -10.31 -39.12 -14.39
CA LEU I 48 -10.58 -40.49 -13.95
C LEU I 48 -11.81 -41.08 -14.66
N LEU I 49 -12.89 -40.32 -14.69
CA LEU I 49 -14.13 -40.71 -15.29
C LEU I 49 -13.96 -40.97 -16.78
N PHE I 50 -13.25 -40.09 -17.45
CA PHE I 50 -12.93 -40.27 -18.86
C PHE I 50 -12.16 -41.57 -19.13
N LEU I 51 -11.10 -41.81 -18.37
CA LEU I 51 -10.27 -42.99 -18.56
C LEU I 51 -11.02 -44.30 -18.29
N GLN I 52 -11.88 -44.32 -17.27
CA GLN I 52 -12.81 -45.46 -17.04
C GLN I 52 -13.65 -45.77 -18.29
N ALA I 53 -14.24 -44.74 -18.88
CA ALA I 53 -15.09 -44.90 -20.08
C ALA I 53 -14.30 -45.40 -21.29
N GLN I 54 -13.07 -44.96 -21.46
CA GLN I 54 -12.18 -45.47 -22.52
C GLN I 54 -11.82 -46.95 -22.34
N ASP I 55 -11.50 -47.33 -21.11
CA ASP I 55 -11.19 -48.72 -20.76
C ASP I 55 -11.40 -48.95 -19.27
N SER I 56 -12.34 -49.83 -18.94
CA SER I 56 -12.66 -50.15 -17.54
C SER I 56 -11.71 -51.19 -16.91
N GLU I 57 -10.85 -51.82 -17.71
CA GLU I 57 -9.92 -52.85 -17.22
C GLU I 57 -8.47 -52.37 -17.04
N LYS I 58 -7.99 -51.50 -17.92
CA LYS I 58 -6.58 -51.05 -17.91
C LYS I 58 -6.27 -50.12 -16.73
N ASP I 59 -5.09 -50.27 -16.14
CA ASP I 59 -4.68 -49.44 -15.01
C ASP I 59 -4.59 -47.95 -15.38
N ILE I 60 -4.88 -47.11 -14.39
CA ILE I 60 -4.62 -45.67 -14.44
C ILE I 60 -3.42 -45.41 -13.54
N TYR I 61 -2.62 -44.41 -13.89
CA TYR I 61 -1.44 -44.02 -13.13
C TYR I 61 -1.59 -42.59 -12.64
N LEU I 62 -1.69 -42.42 -11.32
CA LEU I 62 -1.73 -41.11 -10.69
C LEU I 62 -0.33 -40.71 -10.21
N TYR I 63 0.23 -39.70 -10.87
CA TYR I 63 1.52 -39.11 -10.46
C TYR I 63 1.23 -38.08 -9.39
N ILE I 64 1.93 -38.17 -8.25
CA ILE I 64 1.73 -37.25 -7.13
C ILE I 64 3.03 -36.51 -6.82
N ASN I 65 3.03 -35.20 -7.06
CA ASN I 65 4.05 -34.28 -6.54
C ASN I 65 3.30 -33.05 -6.01
N SER I 66 2.87 -33.13 -4.75
CA SER I 66 1.89 -32.21 -4.20
C SER I 66 2.11 -31.95 -2.71
N PRO I 67 2.05 -30.67 -2.29
CA PRO I 67 2.09 -30.35 -0.86
C PRO I 67 0.75 -30.54 -0.11
N GLY I 68 -0.28 -31.03 -0.79
CA GLY I 68 -1.61 -31.17 -0.18
C GLY I 68 -2.48 -29.97 -0.49
N GLY I 69 -3.41 -29.67 0.40
CA GLY I 69 -4.35 -28.56 0.23
C GLY I 69 -5.69 -28.85 0.88
N SER I 70 -6.77 -28.61 0.14
CA SER I 70 -8.13 -28.79 0.66
C SER I 70 -8.49 -30.26 0.92
N VAL I 71 -8.97 -30.54 2.13
CA VAL I 71 -9.39 -31.88 2.51
C VAL I 71 -10.56 -32.35 1.67
N THR I 72 -11.58 -31.50 1.51
CA THR I 72 -12.77 -31.85 0.73
C THR I 72 -12.44 -32.08 -0.74
N ALA I 73 -11.54 -31.26 -1.29
CA ALA I 73 -11.04 -31.45 -2.66
C ALA I 73 -10.32 -32.80 -2.79
N GLY I 74 -9.46 -33.11 -1.83
CA GLY I 74 -8.81 -34.43 -1.77
C GLY I 74 -9.80 -35.58 -1.72
N PHE I 75 -10.87 -35.43 -0.95
CA PHE I 75 -11.91 -36.47 -0.88
C PHE I 75 -12.74 -36.60 -2.17
N ALA I 76 -12.85 -35.53 -2.96
CA ALA I 76 -13.39 -35.65 -4.30
C ALA I 76 -12.58 -36.63 -5.15
N ILE I 77 -11.26 -36.48 -5.13
CA ILE I 77 -10.35 -37.38 -5.83
C ILE I 77 -10.45 -38.79 -5.22
N TYR I 78 -10.30 -38.88 -3.90
CA TYR I 78 -10.32 -40.15 -3.17
C TYR I 78 -11.55 -41.00 -3.51
N ASP I 79 -12.74 -40.42 -3.37
CA ASP I 79 -13.99 -41.15 -3.61
C ASP I 79 -14.12 -41.57 -5.08
N THR I 80 -13.64 -40.73 -5.98
CA THR I 80 -13.72 -41.04 -7.42
C THR I 80 -12.80 -42.20 -7.77
N ILE I 81 -11.61 -42.24 -7.19
CA ILE I 81 -10.70 -43.38 -7.33
C ILE I 81 -11.40 -44.66 -6.86
N GLN I 82 -11.99 -44.64 -5.67
CA GLN I 82 -12.62 -45.83 -5.13
C GLN I 82 -13.84 -46.26 -5.93
N HIS I 83 -14.57 -45.30 -6.51
CA HIS I 83 -15.77 -45.60 -7.27
C HIS I 83 -15.50 -46.30 -8.61
N ILE I 84 -14.50 -45.84 -9.35
CA ILE I 84 -14.21 -46.41 -10.68
C ILE I 84 -13.66 -47.85 -10.59
N LYS I 85 -13.82 -48.60 -11.67
CA LYS I 85 -13.43 -50.01 -11.74
C LYS I 85 -11.91 -50.21 -11.89
N PRO I 86 -11.26 -49.48 -12.83
CA PRO I 86 -9.80 -49.64 -12.99
C PRO I 86 -8.98 -49.36 -11.74
N ASP I 87 -7.95 -50.17 -11.50
CA ASP I 87 -6.95 -49.89 -10.47
C ASP I 87 -6.23 -48.58 -10.77
N VAL I 88 -6.07 -47.73 -9.74
CA VAL I 88 -5.36 -46.47 -9.88
C VAL I 88 -4.03 -46.59 -9.13
N GLN I 89 -2.95 -46.72 -9.89
CA GLN I 89 -1.61 -46.74 -9.30
C GLN I 89 -1.28 -45.32 -8.84
N THR I 90 -0.58 -45.21 -7.72
CA THR I 90 -0.10 -43.93 -7.24
C THR I 90 1.42 -43.99 -7.20
N ILE I 91 2.07 -42.94 -7.71
CA ILE I 91 3.52 -42.82 -7.59
C ILE I 91 3.91 -41.43 -7.08
N CYS I 92 4.63 -41.42 -5.95
CA CYS I 92 5.17 -40.20 -5.37
C CYS I 92 6.52 -39.90 -5.99
N ILE I 93 6.62 -38.74 -6.62
CA ILE I 93 7.87 -38.24 -7.18
C ILE I 93 8.00 -36.82 -6.66
N GLY I 94 9.17 -36.47 -6.13
CA GLY I 94 9.38 -35.17 -5.50
C GLY I 94 8.87 -35.16 -4.07
N MET I 95 7.63 -34.72 -3.86
CA MET I 95 6.99 -34.84 -2.53
C MET I 95 5.50 -35.19 -2.56
N ALA I 96 5.04 -35.82 -1.48
CA ALA I 96 3.62 -35.99 -1.21
C ALA I 96 3.41 -35.66 0.26
N ALA I 97 2.70 -34.55 0.51
CA ALA I 97 2.48 -34.06 1.87
C ALA I 97 1.00 -33.95 2.16
N SER I 98 0.63 -34.25 3.41
CA SER I 98 -0.72 -34.01 3.94
C SER I 98 -1.78 -34.77 3.11
N MET I 99 -2.73 -34.08 2.46
CA MET I 99 -3.67 -34.75 1.56
C MET I 99 -3.01 -35.39 0.34
N GLY I 100 -1.82 -34.91 -0.04
CA GLY I 100 -1.01 -35.58 -1.06
C GLY I 100 -0.61 -36.98 -0.66
N SER I 101 -0.11 -37.14 0.57
CA SER I 101 0.30 -38.44 1.08
C SER I 101 -0.90 -39.35 1.36
N PHE I 102 -2.04 -38.74 1.73
CA PHE I 102 -3.30 -39.47 1.90
C PHE I 102 -3.76 -40.09 0.59
N LEU I 103 -3.67 -39.31 -0.48
CA LEU I 103 -4.04 -39.82 -1.81
C LEU I 103 -3.04 -40.84 -2.33
N LEU I 104 -1.75 -40.64 -2.05
CA LEU I 104 -0.72 -41.66 -2.29
C LEU I 104 -1.10 -43.01 -1.64
N ALA I 105 -1.48 -42.96 -0.36
CA ALA I 105 -1.92 -44.14 0.39
C ALA I 105 -3.20 -44.79 -0.14
N ALA I 106 -4.02 -44.03 -0.86
CA ALA I 106 -5.31 -44.48 -1.38
C ALA I 106 -5.24 -45.26 -2.69
N GLY I 107 -4.06 -45.40 -3.28
CA GLY I 107 -3.91 -46.16 -4.53
C GLY I 107 -4.22 -47.63 -4.36
N ALA I 108 -4.44 -48.32 -5.47
CA ALA I 108 -4.77 -49.75 -5.45
C ALA I 108 -3.75 -50.54 -4.63
N LYS I 109 -4.23 -51.44 -3.78
CA LYS I 109 -3.37 -52.27 -2.92
C LYS I 109 -2.36 -53.03 -3.76
N GLY I 110 -1.08 -52.85 -3.44
CA GLY I 110 0.01 -53.45 -4.19
C GLY I 110 0.63 -52.58 -5.29
N LYS I 111 -0.03 -51.48 -5.65
CA LYS I 111 0.44 -50.60 -6.74
C LYS I 111 0.65 -49.15 -6.30
N ARG I 112 1.06 -48.95 -5.05
CA ARG I 112 1.41 -47.62 -4.54
C ARG I 112 2.93 -47.54 -4.46
N PHE I 113 3.51 -46.55 -5.14
CA PHE I 113 4.96 -46.44 -5.30
C PHE I 113 5.51 -45.08 -4.90
N ALA I 114 6.83 -45.04 -4.69
CA ALA I 114 7.56 -43.79 -4.58
C ALA I 114 8.96 -44.03 -5.12
N LEU I 115 9.55 -43.01 -5.74
CA LEU I 115 10.94 -43.09 -6.19
C LEU I 115 11.85 -42.82 -4.99
N PRO I 116 13.09 -43.38 -5.00
CA PRO I 116 13.92 -43.49 -3.78
C PRO I 116 14.12 -42.22 -2.95
N ASN I 117 14.26 -41.07 -3.60
CA ASN I 117 14.54 -39.79 -2.93
C ASN I 117 13.30 -38.93 -2.72
N ALA I 118 12.11 -39.44 -3.08
CA ALA I 118 10.87 -38.73 -2.85
C ALA I 118 10.59 -38.61 -1.35
N GLU I 119 10.03 -37.48 -0.98
CA GLU I 119 9.72 -37.16 0.42
C GLU I 119 8.23 -37.32 0.65
N VAL I 120 7.86 -37.92 1.78
CA VAL I 120 6.46 -38.11 2.16
C VAL I 120 6.25 -37.57 3.57
N MET I 121 5.23 -36.73 3.73
CA MET I 121 4.94 -36.10 5.02
C MET I 121 3.48 -36.27 5.39
N ILE I 122 3.23 -36.55 6.66
CA ILE I 122 1.87 -36.65 7.18
C ILE I 122 1.74 -35.72 8.37
N HIS I 123 0.59 -35.06 8.46
CA HIS I 123 0.25 -34.23 9.62
C HIS I 123 -1.26 -34.11 9.75
N GLN I 124 -1.70 -33.47 10.83
CA GLN I 124 -3.13 -33.27 11.07
C GLN I 124 -3.67 -32.11 10.22
N PRO I 125 -4.99 -32.09 9.96
CA PRO I 125 -5.54 -31.03 9.11
C PRO I 125 -5.50 -29.64 9.75
N LEU I 126 -5.46 -28.61 8.90
CA LEU I 126 -5.36 -27.22 9.30
C LEU I 126 -6.66 -26.48 8.97
N GLY I 127 -6.99 -25.49 9.79
CA GLY I 127 -8.19 -24.71 9.58
C GLY I 127 -8.17 -23.42 10.36
N GLY I 128 -9.35 -22.88 10.59
CA GLY I 128 -9.51 -21.67 11.36
C GLY I 128 -10.95 -21.38 11.68
N ALA I 129 -11.15 -20.49 12.66
CA ALA I 129 -12.49 -20.06 13.04
C ALA I 129 -12.39 -18.72 13.77
N GLN I 130 -13.32 -17.81 13.47
CA GLN I 130 -13.46 -16.56 14.20
C GLN I 130 -14.92 -16.18 14.32
N GLY I 131 -15.25 -15.52 15.44
CA GLY I 131 -16.61 -15.13 15.75
C GLY I 131 -16.98 -15.55 17.16
N GLN I 132 -18.25 -15.88 17.35
CA GLN I 132 -18.80 -16.21 18.66
C GLN I 132 -18.35 -17.59 19.13
N ALA I 133 -18.29 -17.77 20.45
CA ALA I 133 -17.92 -19.05 21.07
C ALA I 133 -18.60 -20.27 20.42
N THR I 134 -19.89 -20.12 20.13
CA THR I 134 -20.72 -21.17 19.53
C THR I 134 -20.28 -21.46 18.08
N GLU I 135 -19.91 -20.42 17.34
CA GLU I 135 -19.33 -20.59 16.00
C GLU I 135 -17.95 -21.30 16.05
N ILE I 136 -17.17 -21.00 17.09
CA ILE I 136 -15.85 -21.64 17.30
C ILE I 136 -16.04 -23.12 17.61
N GLU I 137 -17.02 -23.43 18.48
CA GLU I 137 -17.38 -24.81 18.83
C GLU I 137 -17.73 -25.65 17.59
N ILE I 138 -18.60 -25.11 16.74
CA ILE I 138 -19.03 -25.81 15.53
C ILE I 138 -17.87 -26.13 14.60
N ALA I 139 -17.03 -25.12 14.34
CA ALA I 139 -15.85 -25.30 13.48
C ALA I 139 -14.85 -26.29 14.09
N ALA I 140 -14.65 -26.20 15.40
CA ALA I 140 -13.77 -27.13 16.12
C ALA I 140 -14.27 -28.58 16.02
N ASN I 141 -15.54 -28.78 16.33
CA ASN I 141 -16.17 -30.10 16.20
C ASN I 141 -16.11 -30.62 14.76
N HIS I 142 -16.28 -29.73 13.79
CA HIS I 142 -16.21 -30.09 12.37
C HIS I 142 -14.83 -30.59 11.93
N ILE I 143 -13.79 -29.83 12.24
CA ILE I 143 -12.41 -30.22 11.88
C ILE I 143 -11.92 -31.47 12.65
N LEU I 144 -12.41 -31.65 13.89
CA LEU I 144 -12.10 -32.85 14.67
C LEU I 144 -12.70 -34.11 14.06
N LYS I 145 -13.96 -34.02 13.64
CA LYS I 145 -14.60 -35.10 12.88
C LYS I 145 -13.88 -35.40 11.57
N THR I 146 -13.44 -34.35 10.87
CA THR I 146 -12.67 -34.49 9.61
C THR I 146 -11.36 -35.25 9.85
N ARG I 147 -10.70 -34.96 10.97
CA ARG I 147 -9.47 -35.64 11.34
C ARG I 147 -9.70 -37.13 11.65
N GLU I 148 -10.75 -37.42 12.42
CA GLU I 148 -11.15 -38.81 12.71
C GLU I 148 -11.41 -39.57 11.41
N LYS I 149 -12.09 -38.91 10.48
CA LYS I 149 -12.37 -39.49 9.16
C LYS I 149 -11.09 -39.77 8.38
N LEU I 150 -10.16 -38.82 8.36
CA LEU I 150 -8.85 -39.02 7.72
C LEU I 150 -8.05 -40.15 8.38
N ASN I 151 -7.98 -40.13 9.71
CA ASN I 151 -7.23 -41.14 10.47
C ASN I 151 -7.80 -42.56 10.33
N ARG I 152 -9.12 -42.67 10.32
CA ARG I 152 -9.79 -43.97 10.17
C ARG I 152 -9.47 -44.62 8.82
N ILE I 153 -9.52 -43.84 7.74
CA ILE I 153 -9.20 -44.35 6.41
C ILE I 153 -7.71 -44.66 6.26
N LEU I 154 -6.85 -43.79 6.80
CA LEU I 154 -5.41 -44.07 6.83
C LEU I 154 -5.08 -45.37 7.58
N SER I 155 -5.80 -45.64 8.67
CA SER I 155 -5.61 -46.86 9.46
C SER I 155 -5.93 -48.11 8.65
N GLU I 156 -7.05 -48.08 7.95
CA GLU I 156 -7.47 -49.15 7.03
C GLU I 156 -6.44 -49.37 5.91
N ARG I 157 -5.91 -48.27 5.36
CA ARG I 157 -4.98 -48.32 4.22
C ARG I 157 -3.53 -48.69 4.58
N THR I 158 -3.10 -48.34 5.79
CA THR I 158 -1.73 -48.60 6.25
C THR I 158 -1.56 -49.84 7.14
N GLY I 159 -2.63 -50.24 7.83
CA GLY I 159 -2.54 -51.25 8.89
C GLY I 159 -2.10 -50.73 10.26
N GLN I 160 -1.85 -49.42 10.37
CA GLN I 160 -1.52 -48.78 11.64
C GLN I 160 -2.81 -48.50 12.40
N SER I 161 -2.75 -48.57 13.73
CA SER I 161 -3.92 -48.26 14.57
C SER I 161 -4.27 -46.78 14.49
N ILE I 162 -5.54 -46.46 14.71
CA ILE I 162 -6.02 -45.07 14.76
C ILE I 162 -5.23 -44.22 15.75
N GLU I 163 -4.92 -44.80 16.92
CA GLU I 163 -4.25 -44.05 17.99
C GLU I 163 -2.77 -43.75 17.66
N LYS I 164 -2.11 -44.65 16.95
CA LYS I 164 -0.74 -44.38 16.46
C LYS I 164 -0.74 -43.33 15.35
N ILE I 165 -1.70 -43.41 14.43
CA ILE I 165 -1.85 -42.39 13.38
C ILE I 165 -2.02 -41.00 14.03
N GLN I 166 -2.83 -40.91 15.09
CA GLN I 166 -3.10 -39.64 15.76
C GLN I 166 -1.83 -39.04 16.37
N LYS I 167 -1.04 -39.87 17.05
CA LYS I 167 0.25 -39.43 17.61
C LYS I 167 1.29 -39.08 16.54
N ASP I 168 1.36 -39.88 15.48
CA ASP I 168 2.33 -39.65 14.41
C ASP I 168 2.01 -38.45 13.52
N THR I 169 0.76 -37.99 13.52
CA THR I 169 0.33 -36.84 12.71
C THR I 169 0.14 -35.56 13.54
N ASP I 170 0.37 -35.65 14.85
CA ASP I 170 0.15 -34.52 15.76
C ASP I 170 0.97 -33.31 15.32
N ARG I 171 2.22 -33.57 14.92
CA ARG I 171 3.10 -32.57 14.34
C ARG I 171 3.55 -33.07 12.96
N ASP I 172 4.19 -32.20 12.19
CA ASP I 172 4.74 -32.56 10.88
C ASP I 172 5.70 -33.75 10.99
N ASN I 173 5.38 -34.83 10.29
CA ASN I 173 6.16 -36.05 10.31
C ASN I 173 6.72 -36.35 8.92
N PHE I 174 8.01 -36.05 8.72
CA PHE I 174 8.69 -36.29 7.45
C PHE I 174 9.20 -37.73 7.37
N LEU I 175 8.96 -38.38 6.24
CA LEU I 175 9.38 -39.75 5.99
C LEU I 175 10.12 -39.86 4.66
N THR I 176 11.24 -40.57 4.65
CA THR I 176 11.87 -41.03 3.41
C THR I 176 10.92 -42.01 2.69
N ALA I 177 11.21 -42.27 1.43
CA ALA I 177 10.45 -43.24 0.63
C ALA I 177 10.43 -44.63 1.27
N GLU I 178 11.59 -45.09 1.73
CA GLU I 178 11.68 -46.38 2.43
C GLU I 178 10.85 -46.38 3.72
N GLU I 179 10.95 -45.31 4.50
CA GLU I 179 10.14 -45.15 5.71
C GLU I 179 8.64 -45.17 5.42
N ALA I 180 8.24 -44.56 4.30
CA ALA I 180 6.84 -44.54 3.88
C ALA I 180 6.34 -45.93 3.49
N LYS I 181 7.21 -46.72 2.86
CA LYS I 181 6.91 -48.12 2.57
C LYS I 181 6.64 -48.88 3.86
N GLU I 182 7.61 -48.87 4.77
CA GLU I 182 7.47 -49.62 6.02
C GLU I 182 6.29 -49.14 6.88
N TYR I 183 5.91 -47.87 6.76
CA TYR I 183 4.72 -47.33 7.43
C TYR I 183 3.40 -47.87 6.86
N GLY I 184 3.42 -48.33 5.61
CA GLY I 184 2.23 -48.81 4.92
C GLY I 184 1.55 -47.76 4.05
N LEU I 185 2.21 -46.62 3.82
CA LEU I 185 1.67 -45.58 2.92
C LEU I 185 1.89 -45.98 1.47
N ILE I 186 3.01 -46.64 1.18
CA ILE I 186 3.26 -47.23 -0.13
C ILE I 186 3.62 -48.71 0.04
N ASP I 187 3.64 -49.41 -1.09
CA ASP I 187 3.97 -50.85 -1.14
C ASP I 187 5.41 -51.11 -1.56
N GLU I 188 5.92 -50.29 -2.48
CA GLU I 188 7.27 -50.51 -3.02
C GLU I 188 7.99 -49.19 -3.30
N VAL I 189 9.29 -49.17 -3.02
CA VAL I 189 10.19 -48.14 -3.52
C VAL I 189 10.67 -48.61 -4.88
N MET I 190 10.23 -47.92 -5.93
CA MET I 190 10.58 -48.27 -7.30
C MET I 190 12.04 -47.89 -7.55
N VAL I 191 12.91 -48.90 -7.65
CA VAL I 191 14.36 -48.69 -7.77
C VAL I 191 14.79 -48.56 -9.23
N PRO I 192 15.94 -47.88 -9.49
CA PRO I 192 16.45 -47.80 -10.88
C PRO I 192 17.07 -49.11 -11.36
N LEU J 3 -3.18 -26.14 -18.78
CA LEU J 3 -3.63 -26.40 -17.37
C LEU J 3 -4.74 -27.45 -17.35
N ILE J 4 -5.79 -27.21 -18.14
CA ILE J 4 -6.89 -28.17 -18.32
C ILE J 4 -6.52 -29.08 -19.49
N PRO J 5 -6.44 -30.41 -19.26
CA PRO J 5 -5.98 -31.29 -20.35
C PRO J 5 -6.97 -31.44 -21.51
N THR J 6 -6.43 -31.74 -22.68
CA THR J 6 -7.19 -31.98 -23.90
C THR J 6 -7.21 -33.49 -24.18
N VAL J 7 -8.35 -34.01 -24.62
CA VAL J 7 -8.48 -35.40 -25.07
C VAL J 7 -8.89 -35.41 -26.55
N ILE J 8 -8.43 -36.42 -27.27
CA ILE J 8 -8.69 -36.55 -28.70
C ILE J 8 -9.45 -37.85 -28.94
N GLU J 9 -10.64 -37.72 -29.54
CA GLU J 9 -11.50 -38.86 -29.86
C GLU J 9 -11.46 -39.10 -31.38
N THR J 10 -11.15 -40.34 -31.77
CA THR J 10 -11.17 -40.73 -33.18
C THR J 10 -12.60 -41.11 -33.60
N THR J 11 -13.15 -40.36 -34.56
CA THR J 11 -14.41 -40.69 -35.21
C THR J 11 -14.13 -41.16 -36.66
N ASN J 12 -15.18 -41.63 -37.34
CA ASN J 12 -15.05 -42.03 -38.76
C ASN J 12 -14.74 -40.87 -39.72
N ARG J 13 -15.05 -39.64 -39.31
CA ARG J 13 -14.65 -38.43 -40.06
C ARG J 13 -13.19 -38.03 -39.82
N GLY J 14 -12.73 -38.18 -38.58
CA GLY J 14 -11.37 -37.77 -38.18
C GLY J 14 -11.24 -37.56 -36.68
N GLU J 15 -10.13 -36.98 -36.24
CA GLU J 15 -9.87 -36.75 -34.81
C GLU J 15 -10.48 -35.43 -34.33
N ARG J 16 -11.24 -35.50 -33.22
CA ARG J 16 -11.87 -34.33 -32.60
C ARG J 16 -11.27 -34.04 -31.22
N ALA J 17 -10.69 -32.85 -31.05
CA ALA J 17 -10.06 -32.43 -29.80
C ALA J 17 -11.05 -31.71 -28.87
N TYR J 18 -11.13 -32.17 -27.62
CA TYR J 18 -11.96 -31.56 -26.57
C TYR J 18 -11.09 -31.28 -25.35
N ASP J 19 -11.30 -30.15 -24.69
CA ASP J 19 -10.87 -30.01 -23.29
C ASP J 19 -11.74 -30.96 -22.45
N ILE J 20 -11.21 -31.42 -21.31
CA ILE J 20 -11.85 -32.51 -20.56
C ILE J 20 -13.31 -32.20 -20.15
N TYR J 21 -13.61 -30.96 -19.79
CA TYR J 21 -14.98 -30.58 -19.37
C TYR J 21 -15.96 -30.59 -20.55
N SER J 22 -15.51 -30.12 -21.71
CA SER J 22 -16.32 -30.23 -22.94
C SER J 22 -16.58 -31.69 -23.34
N ARG J 23 -15.61 -32.58 -23.10
CA ARG J 23 -15.81 -34.01 -23.33
C ARG J 23 -16.89 -34.58 -22.41
N LEU J 24 -16.89 -34.19 -21.15
CA LEU J 24 -17.91 -34.64 -20.20
C LEU J 24 -19.32 -34.11 -20.58
N LEU J 25 -19.38 -32.88 -21.07
CA LEU J 25 -20.63 -32.30 -21.58
C LEU J 25 -21.24 -33.09 -22.75
N LYS J 26 -20.37 -33.71 -23.57
CA LYS J 26 -20.80 -34.59 -24.66
C LYS J 26 -21.63 -35.79 -24.16
N ASP J 27 -21.34 -36.25 -22.94
CA ASP J 27 -22.13 -37.32 -22.29
C ASP J 27 -23.12 -36.79 -21.23
N ARG J 28 -23.57 -35.54 -21.41
CA ARG J 28 -24.62 -34.92 -20.60
C ARG J 28 -24.25 -34.69 -19.13
N ILE J 29 -22.95 -34.50 -18.88
CA ILE J 29 -22.44 -34.21 -17.54
C ILE J 29 -22.05 -32.73 -17.46
N ILE J 30 -22.64 -32.01 -16.49
CA ILE J 30 -22.33 -30.61 -16.24
C ILE J 30 -21.57 -30.51 -14.92
N MET J 31 -20.51 -29.73 -14.90
CA MET J 31 -19.66 -29.56 -13.73
C MET J 31 -20.00 -28.26 -12.99
N LEU J 32 -20.62 -28.39 -11.82
CA LEU J 32 -20.75 -27.28 -10.87
C LEU J 32 -19.65 -27.45 -9.84
N GLY J 33 -18.46 -26.93 -10.16
CA GLY J 33 -17.25 -27.21 -9.39
C GLY J 33 -16.54 -26.00 -8.80
N SER J 34 -17.26 -24.92 -8.57
CA SER J 34 -16.65 -23.72 -7.98
C SER J 34 -17.69 -22.90 -7.24
N GLN J 35 -17.24 -21.81 -6.60
CA GLN J 35 -18.15 -20.83 -6.01
C GLN J 35 -19.16 -20.34 -7.05
N ILE J 36 -20.42 -20.28 -6.65
CA ILE J 36 -21.51 -19.91 -7.54
C ILE J 36 -21.58 -18.40 -7.62
N ASP J 37 -21.18 -17.86 -8.77
CA ASP J 37 -21.44 -16.47 -9.12
C ASP J 37 -22.21 -16.48 -10.45
N ASP J 38 -22.55 -15.29 -10.96
CA ASP J 38 -23.35 -15.18 -12.17
C ASP J 38 -22.73 -15.88 -13.40
N ASN J 39 -21.42 -15.79 -13.57
CA ASN J 39 -20.72 -16.44 -14.69
C ASN J 39 -20.91 -17.97 -14.68
N VAL J 40 -20.80 -18.56 -13.49
CA VAL J 40 -21.01 -20.01 -13.32
C VAL J 40 -22.46 -20.37 -13.65
N ALA J 41 -23.39 -19.58 -13.11
CA ALA J 41 -24.83 -19.77 -13.35
C ALA J 41 -25.19 -19.65 -14.83
N ASN J 42 -24.68 -18.63 -15.51
CA ASN J 42 -24.96 -18.43 -16.94
C ASN J 42 -24.45 -19.61 -17.77
N SER J 43 -23.26 -20.09 -17.43
CA SER J 43 -22.65 -21.21 -18.13
C SER J 43 -23.51 -22.45 -17.94
N ILE J 44 -23.82 -22.77 -16.68
CA ILE J 44 -24.65 -23.94 -16.36
C ILE J 44 -26.05 -23.86 -17.00
N VAL J 45 -26.68 -22.69 -16.94
CA VAL J 45 -28.00 -22.49 -17.57
C VAL J 45 -27.94 -22.80 -19.07
N SER J 46 -26.91 -22.29 -19.74
CA SER J 46 -26.73 -22.53 -21.18
C SER J 46 -26.51 -24.01 -21.49
N GLN J 47 -25.69 -24.68 -20.67
CA GLN J 47 -25.44 -26.11 -20.84
C GLN J 47 -26.73 -26.93 -20.70
N LEU J 48 -27.53 -26.62 -19.67
CA LEU J 48 -28.83 -27.27 -19.47
C LEU J 48 -29.76 -27.08 -20.67
N LEU J 49 -29.82 -25.86 -21.19
CA LEU J 49 -30.68 -25.54 -22.33
C LEU J 49 -30.19 -26.26 -23.58
N PHE J 50 -28.87 -26.27 -23.79
CA PHE J 50 -28.27 -26.98 -24.92
C PHE J 50 -28.56 -28.49 -24.89
N LEU J 51 -28.45 -29.10 -23.70
CA LEU J 51 -28.68 -30.54 -23.56
C LEU J 51 -30.15 -30.93 -23.77
N GLN J 52 -31.08 -30.10 -23.29
CA GLN J 52 -32.52 -30.30 -23.56
C GLN J 52 -32.81 -30.31 -25.06
N ALA J 53 -32.23 -29.36 -25.78
CA ALA J 53 -32.38 -29.25 -27.24
C ALA J 53 -31.83 -30.47 -28.00
N GLN J 54 -30.76 -31.06 -27.49
CA GLN J 54 -30.22 -32.30 -28.06
C GLN J 54 -31.15 -33.48 -27.79
N ASP J 55 -31.64 -33.58 -26.55
CA ASP J 55 -32.54 -34.65 -26.16
C ASP J 55 -33.33 -34.23 -24.92
N SER J 56 -34.64 -34.09 -25.09
CA SER J 56 -35.54 -33.72 -23.98
C SER J 56 -35.90 -34.88 -23.03
N GLU J 57 -35.46 -36.11 -23.36
CA GLU J 57 -35.76 -37.32 -22.56
C GLU J 57 -34.63 -37.80 -21.67
N LYS J 58 -33.42 -37.90 -22.24
CA LYS J 58 -32.28 -38.48 -21.52
C LYS J 58 -31.87 -37.66 -20.31
N ASP J 59 -31.42 -38.36 -19.27
CA ASP J 59 -30.95 -37.74 -18.04
C ASP J 59 -29.74 -36.83 -18.26
N ILE J 60 -29.64 -35.83 -17.40
CA ILE J 60 -28.47 -34.95 -17.32
C ILE J 60 -27.86 -35.18 -15.94
N TYR J 61 -26.54 -35.09 -15.87
CA TYR J 61 -25.80 -35.32 -14.63
C TYR J 61 -25.11 -34.02 -14.20
N LEU J 62 -25.53 -33.47 -13.06
CA LEU J 62 -24.91 -32.29 -12.47
C LEU J 62 -23.98 -32.72 -11.35
N TYR J 63 -22.68 -32.62 -11.62
CA TYR J 63 -21.64 -32.82 -10.62
C TYR J 63 -21.58 -31.58 -9.73
N ILE J 64 -21.64 -31.77 -8.41
CA ILE J 64 -21.56 -30.66 -7.45
C ILE J 64 -20.38 -30.81 -6.50
N ASN J 65 -19.38 -29.94 -6.70
CA ASN J 65 -18.30 -29.70 -5.75
C ASN J 65 -18.17 -28.19 -5.54
N SER J 66 -19.03 -27.62 -4.69
CA SER J 66 -19.15 -26.15 -4.56
C SER J 66 -19.43 -25.70 -3.13
N PRO J 67 -18.76 -24.60 -2.67
CA PRO J 67 -19.05 -24.02 -1.36
C PRO J 67 -20.28 -23.09 -1.34
N GLY J 68 -21.01 -23.01 -2.46
CA GLY J 68 -22.15 -22.10 -2.57
C GLY J 68 -21.72 -20.79 -3.18
N GLY J 69 -22.41 -19.71 -2.81
CA GLY J 69 -22.12 -18.39 -3.34
C GLY J 69 -23.38 -17.53 -3.42
N SER J 70 -23.62 -16.94 -4.59
CA SER J 70 -24.76 -16.02 -4.79
C SER J 70 -26.09 -16.78 -4.83
N VAL J 71 -27.05 -16.30 -4.06
CA VAL J 71 -28.37 -16.93 -3.94
C VAL J 71 -29.17 -16.80 -5.25
N THR J 72 -29.15 -15.62 -5.85
CA THR J 72 -29.87 -15.36 -7.10
C THR J 72 -29.27 -16.15 -8.26
N ALA J 73 -27.94 -16.23 -8.30
CA ALA J 73 -27.23 -17.11 -9.25
C ALA J 73 -27.60 -18.58 -9.03
N GLY J 74 -27.69 -18.99 -7.77
CA GLY J 74 -28.17 -20.31 -7.41
C GLY J 74 -29.58 -20.61 -7.91
N PHE J 75 -30.47 -19.62 -7.83
CA PHE J 75 -31.85 -19.77 -8.32
C PHE J 75 -31.94 -19.75 -9.85
N ALA J 76 -30.99 -19.11 -10.53
CA ALA J 76 -30.90 -19.23 -11.99
C ALA J 76 -30.72 -20.69 -12.41
N ILE J 77 -29.81 -21.39 -11.72
CA ILE J 77 -29.58 -22.81 -11.97
C ILE J 77 -30.81 -23.61 -11.56
N TYR J 78 -31.31 -23.38 -10.34
CA TYR J 78 -32.48 -24.10 -9.80
C TYR J 78 -33.67 -24.07 -10.75
N ASP J 79 -34.10 -22.86 -11.12
CA ASP J 79 -35.25 -22.68 -12.01
C ASP J 79 -35.07 -23.29 -13.39
N THR J 80 -33.84 -23.27 -13.92
CA THR J 80 -33.57 -23.88 -15.21
C THR J 80 -33.68 -25.40 -15.11
N ILE J 81 -33.23 -25.98 -13.99
CA ILE J 81 -33.41 -27.41 -13.75
C ILE J 81 -34.90 -27.77 -13.73
N GLN J 82 -35.71 -27.04 -12.96
CA GLN J 82 -37.14 -27.35 -12.87
C GLN J 82 -37.88 -27.07 -14.18
N HIS J 83 -37.41 -26.10 -14.97
CA HIS J 83 -38.06 -25.76 -16.24
C HIS J 83 -37.91 -26.83 -17.32
N ILE J 84 -36.71 -27.37 -17.50
CA ILE J 84 -36.48 -28.37 -18.55
C ILE J 84 -37.14 -29.74 -18.24
N LYS J 85 -37.43 -30.48 -19.32
CA LYS J 85 -38.10 -31.78 -19.25
C LYS J 85 -37.20 -32.87 -18.68
N PRO J 86 -35.93 -32.98 -19.14
CA PRO J 86 -35.04 -34.04 -18.63
C PRO J 86 -34.86 -34.04 -17.11
N ASP J 87 -34.82 -35.22 -16.50
CA ASP J 87 -34.39 -35.37 -15.11
C ASP J 87 -32.95 -34.93 -15.01
N VAL J 88 -32.65 -34.10 -14.01
CA VAL J 88 -31.28 -33.66 -13.72
C VAL J 88 -30.80 -34.36 -12.46
N GLN J 89 -29.97 -35.39 -12.64
CA GLN J 89 -29.34 -36.06 -11.49
C GLN J 89 -28.34 -35.10 -10.85
N THR J 90 -28.27 -35.11 -9.53
CA THR J 90 -27.25 -34.35 -8.79
C THR J 90 -26.33 -35.32 -8.04
N ILE J 91 -25.03 -35.04 -8.07
CA ILE J 91 -23.99 -35.88 -7.47
C ILE J 91 -23.04 -35.00 -6.67
N CYS J 92 -23.09 -35.09 -5.33
CA CYS J 92 -22.14 -34.38 -4.48
C CYS J 92 -20.85 -35.18 -4.32
N ILE J 93 -19.76 -34.62 -4.83
CA ILE J 93 -18.42 -35.19 -4.71
C ILE J 93 -17.51 -34.12 -4.11
N GLY J 94 -16.88 -34.43 -2.98
CA GLY J 94 -16.07 -33.45 -2.24
C GLY J 94 -16.91 -32.66 -1.24
N MET J 95 -17.52 -31.57 -1.69
CA MET J 95 -18.42 -30.80 -0.82
C MET J 95 -19.58 -30.14 -1.55
N ALA J 96 -20.70 -30.03 -0.86
CA ALA J 96 -21.81 -29.17 -1.26
C ALA J 96 -22.21 -28.36 -0.03
N ALA J 97 -21.87 -27.07 -0.03
CA ALA J 97 -22.18 -26.18 1.08
C ALA J 97 -23.13 -25.06 0.66
N SER J 98 -24.06 -24.71 1.55
CA SER J 98 -24.99 -23.58 1.36
C SER J 98 -25.84 -23.71 0.07
N MET J 99 -25.79 -22.76 -0.86
CA MET J 99 -26.50 -22.92 -2.15
C MET J 99 -26.07 -24.17 -2.93
N GLY J 100 -24.84 -24.63 -2.72
CA GLY J 100 -24.40 -25.93 -3.22
C GLY J 100 -25.32 -27.06 -2.78
N SER J 101 -25.60 -27.15 -1.48
CA SER J 101 -26.46 -28.19 -0.92
C SER J 101 -27.95 -27.99 -1.24
N PHE J 102 -28.36 -26.75 -1.47
CA PHE J 102 -29.70 -26.44 -1.97
C PHE J 102 -29.87 -27.05 -3.36
N LEU J 103 -28.89 -26.85 -4.23
CA LEU J 103 -28.96 -27.38 -5.59
C LEU J 103 -28.85 -28.91 -5.63
N LEU J 104 -28.08 -29.49 -4.72
CA LEU J 104 -28.01 -30.95 -4.55
C LEU J 104 -29.40 -31.52 -4.27
N ALA J 105 -30.10 -30.91 -3.32
CA ALA J 105 -31.48 -31.26 -2.98
C ALA J 105 -32.50 -30.99 -4.09
N ALA J 106 -32.15 -30.14 -5.05
CA ALA J 106 -33.00 -29.80 -6.19
C ALA J 106 -32.91 -30.76 -7.39
N GLY J 107 -32.07 -31.80 -7.30
CA GLY J 107 -32.01 -32.82 -8.35
C GLY J 107 -33.30 -33.63 -8.42
N ALA J 108 -33.54 -34.29 -9.55
CA ALA J 108 -34.75 -35.11 -9.73
C ALA J 108 -34.90 -36.13 -8.58
N LYS J 109 -36.13 -36.31 -8.11
CA LYS J 109 -36.41 -37.24 -7.00
C LYS J 109 -36.01 -38.67 -7.37
N GLY J 110 -35.38 -39.35 -6.42
CA GLY J 110 -34.76 -40.65 -6.65
C GLY J 110 -33.38 -40.64 -7.30
N LYS J 111 -32.90 -39.47 -7.76
CA LYS J 111 -31.63 -39.38 -8.49
C LYS J 111 -30.71 -38.28 -7.93
N ARG J 112 -30.79 -38.04 -6.62
CA ARG J 112 -29.86 -37.18 -5.91
C ARG J 112 -28.92 -38.09 -5.13
N PHE J 113 -27.62 -37.91 -5.34
CA PHE J 113 -26.60 -38.80 -4.77
C PHE J 113 -25.46 -38.03 -4.10
N ALA J 114 -24.78 -38.72 -3.18
CA ALA J 114 -23.48 -38.27 -2.67
C ALA J 114 -22.57 -39.48 -2.58
N LEU J 115 -21.29 -39.29 -2.88
CA LEU J 115 -20.27 -40.31 -2.65
C LEU J 115 -19.95 -40.36 -1.14
N PRO J 116 -19.42 -41.51 -0.64
CA PRO J 116 -19.46 -41.79 0.82
C PRO J 116 -18.81 -40.77 1.75
N ASN J 117 -17.69 -40.19 1.33
CA ASN J 117 -16.93 -39.22 2.13
C ASN J 117 -17.22 -37.76 1.76
N ALA J 118 -18.19 -37.53 0.89
CA ALA J 118 -18.63 -36.19 0.52
C ALA J 118 -19.21 -35.46 1.72
N GLU J 119 -18.92 -34.17 1.82
CA GLU J 119 -19.37 -33.32 2.90
C GLU J 119 -20.55 -32.48 2.39
N VAL J 120 -21.63 -32.46 3.18
CA VAL J 120 -22.77 -31.59 2.90
C VAL J 120 -22.89 -30.63 4.09
N MET J 121 -23.17 -29.35 3.79
CA MET J 121 -23.37 -28.34 4.83
C MET J 121 -24.54 -27.44 4.46
N ILE J 122 -25.40 -27.15 5.43
CA ILE J 122 -26.54 -26.26 5.25
C ILE J 122 -26.46 -25.11 6.25
N HIS J 123 -26.83 -23.91 5.80
CA HIS J 123 -26.91 -22.75 6.68
C HIS J 123 -27.82 -21.67 6.11
N GLN J 124 -28.10 -20.67 6.93
CA GLN J 124 -28.86 -19.50 6.48
C GLN J 124 -28.01 -18.58 5.61
N PRO J 125 -28.66 -17.79 4.72
CA PRO J 125 -27.90 -16.94 3.80
C PRO J 125 -27.21 -15.76 4.48
N LEU J 126 -26.20 -15.23 3.79
CA LEU J 126 -25.34 -14.18 4.29
C LEU J 126 -25.56 -12.94 3.45
N GLY J 127 -25.35 -11.78 4.06
CA GLY J 127 -25.52 -10.51 3.38
C GLY J 127 -24.95 -9.35 4.15
N GLY J 128 -25.35 -8.15 3.74
CA GLY J 128 -24.85 -6.92 4.33
C GLY J 128 -25.75 -5.74 4.02
N ALA J 129 -25.57 -4.67 4.79
CA ALA J 129 -26.30 -3.43 4.59
C ALA J 129 -25.61 -2.32 5.36
N GLN J 130 -25.45 -1.16 4.72
CA GLN J 130 -24.99 0.04 5.41
C GLN J 130 -25.72 1.26 4.88
N GLY J 131 -25.96 2.22 5.77
CA GLY J 131 -26.66 3.45 5.42
C GLY J 131 -27.73 3.79 6.45
N GLN J 132 -28.83 4.38 5.98
CA GLN J 132 -29.91 4.81 6.85
C GLN J 132 -30.71 3.64 7.41
N ALA J 133 -31.34 3.86 8.56
CA ALA J 133 -32.22 2.86 9.18
C ALA J 133 -33.29 2.29 8.23
N THR J 134 -33.80 3.13 7.32
CA THR J 134 -34.79 2.73 6.32
C THR J 134 -34.16 1.78 5.30
N GLU J 135 -32.92 2.05 4.92
CA GLU J 135 -32.18 1.20 3.99
C GLU J 135 -31.82 -0.13 4.65
N ILE J 136 -31.37 -0.08 5.91
CA ILE J 136 -31.08 -1.31 6.68
C ILE J 136 -32.34 -2.18 6.78
N GLU J 137 -33.49 -1.55 7.06
CA GLU J 137 -34.78 -2.24 7.12
C GLU J 137 -35.14 -2.98 5.81
N ILE J 138 -34.99 -2.29 4.68
CA ILE J 138 -35.29 -2.87 3.36
C ILE J 138 -34.40 -4.08 3.08
N ALA J 139 -33.10 -3.93 3.32
CA ALA J 139 -32.13 -5.02 3.14
C ALA J 139 -32.43 -6.22 4.07
N ALA J 140 -32.75 -5.94 5.33
CA ALA J 140 -33.11 -6.98 6.31
C ALA J 140 -34.36 -7.77 5.88
N ASN J 141 -35.41 -7.04 5.51
CA ASN J 141 -36.65 -7.67 5.02
C ASN J 141 -36.41 -8.50 3.75
N HIS J 142 -35.53 -8.01 2.88
CA HIS J 142 -35.20 -8.73 1.64
C HIS J 142 -34.49 -10.05 1.90
N ILE J 143 -33.44 -10.02 2.72
CA ILE J 143 -32.70 -11.24 3.08
C ILE J 143 -33.55 -12.23 3.92
N LEU J 144 -34.48 -11.73 4.73
CA LEU J 144 -35.42 -12.59 5.48
C LEU J 144 -36.44 -13.28 4.56
N LYS J 145 -37.01 -12.54 3.61
CA LYS J 145 -37.87 -13.13 2.56
C LYS J 145 -37.13 -14.18 1.72
N THR J 146 -35.87 -13.88 1.39
CA THR J 146 -35.01 -14.82 0.66
C THR J 146 -34.79 -16.12 1.45
N ARG J 147 -34.52 -15.99 2.75
CA ARG J 147 -34.39 -17.17 3.63
C ARG J 147 -35.67 -18.01 3.66
N GLU J 148 -36.82 -17.37 3.82
CA GLU J 148 -38.12 -18.06 3.79
C GLU J 148 -38.39 -18.79 2.46
N LYS J 149 -37.99 -18.16 1.35
CA LYS J 149 -38.06 -18.79 0.03
C LYS J 149 -37.16 -20.04 -0.03
N LEU J 150 -35.92 -19.92 0.43
CA LEU J 150 -35.00 -21.06 0.50
C LEU J 150 -35.51 -22.20 1.39
N ASN J 151 -36.03 -21.85 2.56
CA ASN J 151 -36.54 -22.84 3.51
C ASN J 151 -37.83 -23.53 3.05
N ARG J 152 -38.71 -22.77 2.38
CA ARG J 152 -39.94 -23.33 1.84
C ARG J 152 -39.63 -24.41 0.80
N ILE J 153 -38.74 -24.11 -0.13
CA ILE J 153 -38.32 -25.06 -1.16
C ILE J 153 -37.56 -26.24 -0.58
N LEU J 154 -36.68 -26.00 0.39
CA LEU J 154 -35.97 -27.10 1.07
C LEU J 154 -36.94 -28.08 1.73
N SER J 155 -37.95 -27.52 2.40
CA SER J 155 -39.03 -28.31 3.01
C SER J 155 -39.71 -29.20 1.98
N GLU J 156 -40.10 -28.60 0.87
CA GLU J 156 -40.72 -29.29 -0.27
C GLU J 156 -39.82 -30.42 -0.84
N ARG J 157 -38.52 -30.17 -0.89
CA ARG J 157 -37.53 -31.10 -1.46
C ARG J 157 -37.09 -32.22 -0.52
N THR J 158 -36.96 -31.90 0.76
CA THR J 158 -36.47 -32.85 1.76
C THR J 158 -37.58 -33.62 2.49
N GLY J 159 -38.77 -33.01 2.58
CA GLY J 159 -39.85 -33.54 3.44
C GLY J 159 -39.83 -33.04 4.87
N GLN J 160 -38.78 -32.31 5.27
CA GLN J 160 -38.70 -31.74 6.62
C GLN J 160 -39.58 -30.51 6.69
N SER J 161 -39.97 -30.13 7.90
CA SER J 161 -40.81 -28.95 8.11
C SER J 161 -39.98 -27.67 7.99
N ILE J 162 -40.65 -26.56 7.65
CA ILE J 162 -40.01 -25.25 7.57
C ILE J 162 -39.33 -24.87 8.90
N GLU J 163 -40.00 -25.16 10.02
CA GLU J 163 -39.48 -24.81 11.35
C GLU J 163 -38.27 -25.67 11.79
N LYS J 164 -38.19 -26.91 11.31
CA LYS J 164 -37.00 -27.73 11.54
C LYS J 164 -35.83 -27.23 10.68
N ILE J 165 -36.10 -26.90 9.41
CA ILE J 165 -35.09 -26.32 8.51
C ILE J 165 -34.55 -25.01 9.11
N GLN J 166 -35.45 -24.18 9.67
CA GLN J 166 -35.07 -22.94 10.37
C GLN J 166 -34.07 -23.17 11.50
N LYS J 167 -34.42 -24.04 12.45
CA LYS J 167 -33.51 -24.38 13.56
C LYS J 167 -32.19 -25.00 13.09
N ASP J 168 -32.26 -25.91 12.12
CA ASP J 168 -31.10 -26.65 11.64
C ASP J 168 -30.12 -25.84 10.78
N THR J 169 -30.56 -24.69 10.26
CA THR J 169 -29.71 -23.81 9.44
C THR J 169 -29.35 -22.50 10.13
N ASP J 170 -29.77 -22.34 11.39
CA ASP J 170 -29.47 -21.11 12.15
C ASP J 170 -27.96 -20.87 12.21
N ARG J 171 -27.21 -21.95 12.40
CA ARG J 171 -25.74 -21.92 12.35
C ARG J 171 -25.28 -22.97 11.36
N ASP J 172 -23.98 -22.97 11.06
CA ASP J 172 -23.40 -23.95 10.13
C ASP J 172 -23.68 -25.35 10.64
N ASN J 173 -24.21 -26.20 9.76
CA ASN J 173 -24.62 -27.56 10.12
C ASN J 173 -24.03 -28.53 9.10
N PHE J 174 -22.93 -29.17 9.51
CA PHE J 174 -22.19 -30.11 8.66
C PHE J 174 -22.79 -31.50 8.79
N LEU J 175 -22.96 -32.17 7.65
CA LEU J 175 -23.57 -33.49 7.59
C LEU J 175 -22.71 -34.42 6.75
N THR J 176 -22.63 -35.68 7.18
CA THR J 176 -22.04 -36.76 6.37
C THR J 176 -23.01 -37.09 5.23
N ALA J 177 -22.53 -37.86 4.24
CA ALA J 177 -23.39 -38.31 3.15
C ALA J 177 -24.60 -39.10 3.66
N GLU J 178 -24.34 -40.01 4.61
CA GLU J 178 -25.40 -40.82 5.21
C GLU J 178 -26.40 -39.95 5.97
N GLU J 179 -25.89 -38.99 6.74
CA GLU J 179 -26.74 -38.00 7.42
C GLU J 179 -27.57 -37.16 6.45
N ALA J 180 -26.97 -36.78 5.32
CA ALA J 180 -27.69 -36.03 4.29
C ALA J 180 -28.85 -36.84 3.66
N LYS J 181 -28.66 -38.15 3.56
CA LYS J 181 -29.68 -39.07 3.05
C LYS J 181 -30.87 -39.16 3.97
N GLU J 182 -30.63 -39.47 5.24
CA GLU J 182 -31.71 -39.54 6.23
C GLU J 182 -32.36 -38.19 6.54
N TYR J 183 -31.62 -37.09 6.28
CA TYR J 183 -32.21 -35.75 6.33
C TYR J 183 -33.18 -35.50 5.16
N GLY J 184 -32.89 -36.10 4.01
CA GLY J 184 -33.72 -35.96 2.80
C GLY J 184 -33.11 -35.08 1.72
N LEU J 185 -31.87 -34.62 1.93
CA LEU J 185 -31.16 -33.80 0.96
C LEU J 185 -30.73 -34.61 -0.26
N ILE J 186 -30.40 -35.88 -0.04
CA ILE J 186 -30.13 -36.83 -1.11
C ILE J 186 -30.98 -38.09 -0.95
N ASP J 187 -31.04 -38.88 -2.02
CA ASP J 187 -31.78 -40.13 -2.04
C ASP J 187 -30.92 -41.35 -1.66
N GLU J 188 -29.65 -41.35 -2.07
CA GLU J 188 -28.78 -42.52 -1.90
C GLU J 188 -27.33 -42.11 -1.69
N VAL J 189 -26.60 -42.90 -0.88
CA VAL J 189 -25.13 -42.82 -0.84
C VAL J 189 -24.58 -43.80 -1.87
N MET J 190 -23.96 -43.27 -2.93
CA MET J 190 -23.39 -44.08 -4.00
C MET J 190 -22.14 -44.79 -3.49
N VAL J 191 -22.29 -46.07 -3.13
CA VAL J 191 -21.20 -46.87 -2.57
C VAL J 191 -20.30 -47.46 -3.68
N PRO J 192 -18.99 -47.63 -3.41
CA PRO J 192 -18.11 -48.26 -4.40
C PRO J 192 -18.46 -49.74 -4.63
N GLU J 193 -19.05 -50.06 -5.79
CA GLU J 193 -19.53 -51.42 -6.09
C GLU J 193 -18.39 -52.31 -6.56
N LEU K 3 -13.60 -21.18 -17.34
CA LEU K 3 -13.55 -21.95 -18.62
C LEU K 3 -14.97 -22.20 -19.17
N ILE K 4 -15.22 -21.71 -20.38
CA ILE K 4 -16.51 -21.85 -21.06
C ILE K 4 -16.43 -23.11 -21.93
N PRO K 5 -17.40 -24.05 -21.77
CA PRO K 5 -17.30 -25.30 -22.53
C PRO K 5 -17.64 -25.14 -24.01
N THR K 6 -17.10 -26.06 -24.81
CA THR K 6 -17.27 -26.09 -26.26
C THR K 6 -18.24 -27.22 -26.63
N VAL K 7 -19.02 -27.00 -27.69
CA VAL K 7 -19.90 -28.02 -28.28
C VAL K 7 -19.66 -28.11 -29.79
N ILE K 8 -19.93 -29.28 -30.36
CA ILE K 8 -19.74 -29.55 -31.80
C ILE K 8 -21.05 -29.96 -32.47
N GLY K 14 -20.30 -30.19 -42.61
CA GLY K 14 -19.25 -30.74 -41.75
C GLY K 14 -19.43 -30.42 -40.28
N GLU K 15 -18.44 -30.82 -39.47
CA GLU K 15 -18.46 -30.56 -38.02
C GLU K 15 -17.95 -29.15 -37.71
N ARG K 16 -18.67 -28.44 -36.84
CA ARG K 16 -18.33 -27.06 -36.46
C ARG K 16 -18.33 -26.91 -34.94
N ALA K 17 -17.25 -26.34 -34.39
CA ALA K 17 -17.07 -26.18 -32.94
C ALA K 17 -17.46 -24.77 -32.47
N TYR K 18 -18.37 -24.70 -31.49
CA TYR K 18 -18.82 -23.44 -30.89
C TYR K 18 -18.57 -23.44 -29.39
N ASP K 19 -18.14 -22.30 -28.84
CA ASP K 19 -18.28 -22.10 -27.39
C ASP K 19 -19.78 -22.00 -27.09
N ILE K 20 -20.19 -22.35 -25.87
CA ILE K 20 -21.61 -22.51 -25.55
C ILE K 20 -22.46 -21.25 -25.79
N TYR K 21 -21.88 -20.07 -25.58
CA TYR K 21 -22.62 -18.82 -25.79
C TYR K 21 -22.80 -18.54 -27.28
N SER K 22 -21.75 -18.76 -28.06
CA SER K 22 -21.84 -18.66 -29.52
C SER K 22 -22.83 -19.66 -30.12
N ARG K 23 -22.97 -20.84 -29.50
CA ARG K 23 -23.99 -21.82 -29.92
C ARG K 23 -25.41 -21.31 -29.67
N LEU K 24 -25.64 -20.74 -28.49
CA LEU K 24 -26.94 -20.13 -28.19
C LEU K 24 -27.28 -19.01 -29.19
N LEU K 25 -26.29 -18.21 -29.56
CA LEU K 25 -26.46 -17.12 -30.55
C LEU K 25 -26.84 -17.64 -31.94
N LYS K 26 -26.37 -18.84 -32.29
CA LYS K 26 -26.80 -19.53 -33.51
C LYS K 26 -28.33 -19.71 -33.57
N ASP K 27 -28.96 -19.97 -32.42
CA ASP K 27 -30.45 -20.04 -32.31
C ASP K 27 -31.09 -18.73 -31.81
N ARG K 28 -30.46 -17.60 -32.13
CA ARG K 28 -31.00 -16.25 -31.85
C ARG K 28 -31.21 -15.95 -30.36
N ILE K 29 -30.39 -16.54 -29.49
CA ILE K 29 -30.42 -16.27 -28.05
C ILE K 29 -29.21 -15.41 -27.68
N ILE K 30 -29.46 -14.26 -27.03
CA ILE K 30 -28.42 -13.36 -26.55
C ILE K 30 -28.40 -13.40 -25.02
N MET K 31 -27.20 -13.39 -24.44
CA MET K 31 -27.02 -13.50 -22.99
C MET K 31 -26.60 -12.18 -22.35
N LEU K 32 -27.52 -11.52 -21.64
CA LEU K 32 -27.19 -10.39 -20.76
C LEU K 32 -27.04 -10.96 -19.36
N GLY K 33 -25.82 -11.37 -19.03
CA GLY K 33 -25.50 -12.12 -17.82
C GLY K 33 -24.48 -11.48 -16.89
N SER K 34 -24.32 -10.16 -16.97
CA SER K 34 -23.35 -9.45 -16.15
C SER K 34 -23.78 -8.04 -15.87
N GLN K 35 -22.99 -7.32 -15.07
CA GLN K 35 -23.15 -5.89 -14.91
C GLN K 35 -23.10 -5.19 -16.27
N ILE K 36 -23.99 -4.22 -16.47
CA ILE K 36 -24.10 -3.52 -17.75
C ILE K 36 -23.05 -2.42 -17.79
N ASP K 37 -22.03 -2.61 -18.64
CA ASP K 37 -21.08 -1.54 -18.98
C ASP K 37 -21.06 -1.38 -20.51
N ASP K 38 -20.23 -0.46 -21.00
CA ASP K 38 -20.19 -0.16 -22.43
C ASP K 38 -19.76 -1.35 -23.28
N ASN K 39 -18.81 -2.14 -22.79
CA ASN K 39 -18.37 -3.36 -23.49
C ASN K 39 -19.52 -4.35 -23.73
N VAL K 40 -20.30 -4.60 -22.67
CA VAL K 40 -21.44 -5.52 -22.73
C VAL K 40 -22.52 -4.99 -23.67
N ALA K 41 -22.79 -3.68 -23.61
CA ALA K 41 -23.80 -3.07 -24.45
C ALA K 41 -23.41 -3.13 -25.92
N ASN K 42 -22.16 -2.79 -26.23
CA ASN K 42 -21.66 -2.83 -27.61
C ASN K 42 -21.77 -4.24 -28.23
N SER K 43 -21.47 -5.27 -27.41
CA SER K 43 -21.58 -6.66 -27.85
C SER K 43 -23.04 -7.04 -28.12
N ILE K 44 -23.92 -6.68 -27.20
CA ILE K 44 -25.35 -7.02 -27.32
C ILE K 44 -25.99 -6.27 -28.47
N VAL K 45 -25.66 -4.99 -28.62
CA VAL K 45 -26.11 -4.20 -29.77
C VAL K 45 -25.66 -4.86 -31.07
N SER K 46 -24.40 -5.29 -31.13
CA SER K 46 -23.86 -5.94 -32.32
C SER K 46 -24.59 -7.25 -32.63
N GLN K 47 -24.88 -8.04 -31.60
CA GLN K 47 -25.61 -9.30 -31.77
C GLN K 47 -27.02 -9.08 -32.31
N LEU K 48 -27.71 -8.09 -31.76
CA LEU K 48 -29.05 -7.70 -32.21
C LEU K 48 -29.06 -7.29 -33.69
N LEU K 49 -28.11 -6.45 -34.08
CA LEU K 49 -27.97 -6.03 -35.47
C LEU K 49 -27.70 -7.24 -36.39
N PHE K 50 -26.89 -8.20 -35.91
CA PHE K 50 -26.57 -9.43 -36.66
C PHE K 50 -27.77 -10.36 -36.84
N LEU K 51 -28.54 -10.55 -35.75
CA LEU K 51 -29.73 -11.42 -35.81
C LEU K 51 -30.85 -10.83 -36.69
N GLN K 52 -30.95 -9.49 -36.75
CA GLN K 52 -31.88 -8.83 -37.71
C GLN K 52 -31.47 -9.13 -39.15
N ALA K 53 -30.17 -8.99 -39.45
CA ALA K 53 -29.65 -9.20 -40.81
C ALA K 53 -29.79 -10.64 -41.29
N GLN K 54 -29.64 -11.61 -40.37
CA GLN K 54 -29.91 -13.02 -40.67
C GLN K 54 -31.39 -13.29 -41.00
N ASP K 55 -32.27 -12.75 -40.16
CA ASP K 55 -33.71 -12.93 -40.33
C ASP K 55 -34.48 -11.83 -39.57
N SER K 56 -35.13 -10.94 -40.33
CA SER K 56 -35.89 -9.83 -39.77
C SER K 56 -37.28 -10.21 -39.23
N GLU K 57 -37.70 -11.47 -39.40
CA GLU K 57 -39.03 -11.94 -38.96
C GLU K 57 -39.00 -12.72 -37.64
N LYS K 58 -38.03 -13.62 -37.49
CA LYS K 58 -37.99 -14.54 -36.34
C LYS K 58 -37.64 -13.85 -35.02
N ASP K 59 -38.23 -14.34 -33.93
CA ASP K 59 -37.98 -13.78 -32.60
C ASP K 59 -36.51 -13.90 -32.17
N ILE K 60 -36.10 -12.95 -31.34
CA ILE K 60 -34.82 -12.97 -30.64
C ILE K 60 -35.14 -13.16 -29.16
N TYR K 61 -34.26 -13.86 -28.45
CA TYR K 61 -34.45 -14.16 -27.03
C TYR K 61 -33.32 -13.55 -26.21
N LEU K 62 -33.65 -12.54 -25.40
CA LEU K 62 -32.69 -11.90 -24.49
C LEU K 62 -32.83 -12.49 -23.09
N TYR K 63 -31.83 -13.27 -22.68
CA TYR K 63 -31.72 -13.80 -21.32
C TYR K 63 -31.17 -12.69 -20.43
N ILE K 64 -31.79 -12.47 -19.27
CA ILE K 64 -31.38 -11.42 -18.34
C ILE K 64 -31.11 -11.99 -16.94
N ASN K 65 -29.83 -12.01 -16.58
CA ASN K 65 -29.37 -12.21 -15.20
C ASN K 65 -28.33 -11.13 -14.94
N SER K 66 -28.81 -9.97 -14.48
CA SER K 66 -27.97 -8.76 -14.40
C SER K 66 -28.37 -7.89 -13.22
N PRO K 67 -27.38 -7.34 -12.48
CA PRO K 67 -27.66 -6.33 -11.46
C PRO K 67 -27.82 -4.89 -11.99
N GLY K 68 -27.81 -4.72 -13.32
CA GLY K 68 -27.89 -3.39 -13.92
C GLY K 68 -26.50 -2.83 -14.11
N GLY K 69 -26.37 -1.51 -14.01
CA GLY K 69 -25.09 -0.82 -14.20
C GLY K 69 -25.31 0.53 -14.86
N SER K 70 -24.54 0.82 -15.91
CA SER K 70 -24.64 2.11 -16.61
C SER K 70 -26.00 2.35 -17.29
N VAL K 71 -26.56 3.54 -17.08
CA VAL K 71 -27.85 3.92 -17.68
C VAL K 71 -27.73 4.08 -19.20
N THR K 72 -26.71 4.82 -19.65
CA THR K 72 -26.51 5.07 -21.08
C THR K 72 -26.25 3.77 -21.83
N ALA K 73 -25.42 2.91 -21.24
CA ALA K 73 -25.16 1.58 -21.81
C ALA K 73 -26.43 0.76 -21.91
N GLY K 74 -27.28 0.84 -20.88
CA GLY K 74 -28.61 0.23 -20.91
C GLY K 74 -29.51 0.78 -22.00
N PHE K 75 -29.51 2.11 -22.17
CA PHE K 75 -30.29 2.75 -23.25
C PHE K 75 -29.75 2.44 -24.66
N ALA K 76 -28.45 2.11 -24.77
CA ALA K 76 -27.89 1.61 -26.03
C ALA K 76 -28.55 0.30 -26.44
N ILE K 77 -28.74 -0.59 -25.46
CA ILE K 77 -29.43 -1.86 -25.66
C ILE K 77 -30.91 -1.60 -25.91
N TYR K 78 -31.54 -0.77 -25.08
CA TYR K 78 -32.97 -0.42 -25.21
C TYR K 78 -33.31 0.08 -26.61
N ASP K 79 -32.57 1.09 -27.06
CA ASP K 79 -32.84 1.71 -28.37
C ASP K 79 -32.65 0.73 -29.54
N THR K 80 -31.61 -0.10 -29.47
CA THR K 80 -31.37 -1.10 -30.49
C THR K 80 -32.51 -2.13 -30.56
N ILE K 81 -33.01 -2.54 -29.39
CA ILE K 81 -34.19 -3.43 -29.33
C ILE K 81 -35.40 -2.81 -30.01
N GLN K 82 -35.70 -1.55 -29.70
CA GLN K 82 -36.86 -0.88 -30.31
C GLN K 82 -36.65 -0.58 -31.79
N HIS K 83 -35.40 -0.36 -32.19
CA HIS K 83 -35.08 -0.08 -33.59
C HIS K 83 -35.37 -1.26 -34.53
N ILE K 84 -34.92 -2.46 -34.13
CA ILE K 84 -34.99 -3.62 -35.02
C ILE K 84 -36.41 -4.18 -35.22
N LYS K 85 -36.59 -4.87 -36.35
CA LYS K 85 -37.88 -5.42 -36.77
C LYS K 85 -38.34 -6.61 -35.93
N PRO K 86 -37.47 -7.63 -35.73
CA PRO K 86 -37.92 -8.79 -34.95
C PRO K 86 -38.30 -8.45 -33.51
N ASP K 87 -39.30 -9.15 -32.99
CA ASP K 87 -39.62 -9.08 -31.57
C ASP K 87 -38.45 -9.61 -30.77
N VAL K 88 -38.11 -8.92 -29.69
CA VAL K 88 -37.10 -9.37 -28.74
C VAL K 88 -37.82 -9.80 -27.47
N GLN K 89 -37.86 -11.11 -27.23
CA GLN K 89 -38.39 -11.63 -25.97
C GLN K 89 -37.36 -11.39 -24.88
N THR K 90 -37.83 -11.19 -23.65
CA THR K 90 -36.94 -11.02 -22.48
C THR K 90 -37.31 -12.04 -21.42
N ILE K 91 -36.29 -12.67 -20.83
CA ILE K 91 -36.46 -13.73 -19.84
C ILE K 91 -35.55 -13.46 -18.65
N CYS K 92 -36.14 -13.10 -17.51
CA CYS K 92 -35.38 -12.95 -16.26
C CYS K 92 -35.18 -14.32 -15.61
N ILE K 93 -33.92 -14.72 -15.48
CA ILE K 93 -33.52 -15.94 -14.75
C ILE K 93 -32.46 -15.51 -13.73
N GLY K 94 -32.66 -15.87 -12.47
CA GLY K 94 -31.81 -15.40 -11.39
C GLY K 94 -32.21 -14.04 -10.87
N MET K 95 -31.68 -12.97 -11.48
CA MET K 95 -32.11 -11.60 -11.14
C MET K 95 -32.08 -10.58 -12.28
N ALA K 96 -33.00 -9.62 -12.21
CA ALA K 96 -32.94 -8.41 -13.01
C ALA K 96 -33.10 -7.23 -12.05
N ALA K 97 -32.05 -6.44 -11.88
CA ALA K 97 -32.07 -5.29 -10.97
C ALA K 97 -31.74 -4.00 -11.71
N SER K 98 -32.41 -2.91 -11.32
CA SER K 98 -32.11 -1.56 -11.81
C SER K 98 -32.25 -1.47 -13.35
N MET K 99 -31.21 -1.07 -14.09
CA MET K 99 -31.25 -1.13 -15.56
C MET K 99 -31.46 -2.53 -16.13
N GLY K 100 -31.19 -3.58 -15.35
CA GLY K 100 -31.56 -4.95 -15.71
C GLY K 100 -33.06 -5.19 -15.76
N SER K 101 -33.78 -4.67 -14.77
CA SER K 101 -35.25 -4.77 -14.74
C SER K 101 -35.94 -3.82 -15.75
N PHE K 102 -35.28 -2.70 -16.04
CA PHE K 102 -35.73 -1.77 -17.10
C PHE K 102 -35.71 -2.46 -18.47
N LEU K 103 -34.62 -3.17 -18.77
CA LEU K 103 -34.50 -3.91 -20.03
C LEU K 103 -35.41 -5.15 -20.10
N LEU K 104 -35.69 -5.79 -18.96
CA LEU K 104 -36.71 -6.85 -18.87
C LEU K 104 -38.08 -6.31 -19.31
N ALA K 105 -38.43 -5.13 -18.82
CA ALA K 105 -39.68 -4.44 -19.19
C ALA K 105 -39.76 -3.98 -20.66
N ALA K 106 -38.60 -3.85 -21.31
CA ALA K 106 -38.50 -3.38 -22.69
C ALA K 106 -38.66 -4.44 -23.77
N GLY K 107 -38.83 -5.71 -23.39
CA GLY K 107 -39.07 -6.79 -24.35
C GLY K 107 -40.41 -6.62 -25.02
N ALA K 108 -40.64 -7.39 -26.10
CA ALA K 108 -41.87 -7.29 -26.88
C ALA K 108 -43.12 -7.54 -26.02
N LYS K 109 -44.16 -6.74 -26.26
CA LYS K 109 -45.44 -6.86 -25.52
C LYS K 109 -45.98 -8.28 -25.69
N GLY K 110 -46.30 -8.91 -24.56
CA GLY K 110 -46.71 -10.32 -24.53
C GLY K 110 -45.59 -11.35 -24.43
N LYS K 111 -44.33 -10.93 -24.55
CA LYS K 111 -43.19 -11.85 -24.62
C LYS K 111 -42.08 -11.48 -23.61
N ARG K 112 -42.49 -10.99 -22.44
CA ARG K 112 -41.58 -10.69 -21.33
C ARG K 112 -41.89 -11.69 -20.23
N PHE K 113 -40.88 -12.47 -19.84
CA PHE K 113 -41.06 -13.60 -18.94
C PHE K 113 -40.05 -13.55 -17.80
N ALA K 114 -40.39 -14.26 -16.73
CA ALA K 114 -39.45 -14.55 -15.66
C ALA K 114 -39.74 -15.95 -15.13
N LEU K 115 -38.69 -16.66 -14.71
CA LEU K 115 -38.86 -17.98 -14.10
C LEU K 115 -39.25 -17.81 -12.64
N PRO K 116 -39.99 -18.78 -12.07
CA PRO K 116 -40.74 -18.58 -10.81
C PRO K 116 -39.99 -17.95 -9.63
N ASN K 117 -38.74 -18.37 -9.40
CA ASN K 117 -37.94 -17.89 -8.26
C ASN K 117 -36.97 -16.74 -8.62
N ALA K 118 -37.07 -16.22 -9.84
CA ALA K 118 -36.27 -15.06 -10.26
C ALA K 118 -36.62 -13.82 -9.44
N GLU K 119 -35.60 -13.00 -9.17
CA GLU K 119 -35.73 -11.79 -8.35
C GLU K 119 -35.70 -10.55 -9.25
N VAL K 120 -36.69 -9.67 -9.10
CA VAL K 120 -36.72 -8.41 -9.85
C VAL K 120 -36.60 -7.27 -8.85
N MET K 121 -35.73 -6.30 -9.16
CA MET K 121 -35.53 -5.12 -8.31
C MET K 121 -35.57 -3.82 -9.12
N ILE K 122 -36.35 -2.86 -8.65
CA ILE K 122 -36.41 -1.53 -9.25
C ILE K 122 -35.96 -0.50 -8.22
N HIS K 123 -35.20 0.49 -8.67
CA HIS K 123 -34.80 1.64 -7.84
C HIS K 123 -34.49 2.86 -8.72
N GLN K 124 -34.16 3.98 -8.07
CA GLN K 124 -33.78 5.20 -8.80
C GLN K 124 -32.29 5.16 -9.18
N PRO K 125 -31.88 5.92 -10.22
CA PRO K 125 -30.47 5.85 -10.63
C PRO K 125 -29.50 6.44 -9.59
N LEU K 126 -28.27 5.93 -9.66
CA LEU K 126 -27.20 6.29 -8.74
C LEU K 126 -26.15 7.08 -9.50
N GLY K 127 -25.46 7.97 -8.79
CA GLY K 127 -24.42 8.79 -9.41
C GLY K 127 -23.62 9.58 -8.40
N GLY K 128 -23.00 10.65 -8.87
CA GLY K 128 -22.18 11.47 -8.00
C GLY K 128 -21.62 12.71 -8.66
N ALA K 129 -21.09 13.59 -7.82
CA ALA K 129 -20.53 14.86 -8.27
C ALA K 129 -19.71 15.47 -7.15
N GLN K 130 -18.58 16.06 -7.51
CA GLN K 130 -17.80 16.88 -6.60
C GLN K 130 -17.23 18.09 -7.33
N GLY K 131 -16.90 19.12 -6.56
CA GLY K 131 -16.35 20.36 -7.09
C GLY K 131 -17.23 21.55 -6.77
N GLN K 132 -17.31 22.48 -7.70
CA GLN K 132 -18.02 23.74 -7.47
C GLN K 132 -19.53 23.57 -7.40
N ALA K 133 -20.19 24.45 -6.65
CA ALA K 133 -21.66 24.46 -6.53
C ALA K 133 -22.40 24.35 -7.87
N THR K 134 -21.83 24.97 -8.90
CA THR K 134 -22.42 25.03 -10.25
C THR K 134 -22.26 23.68 -10.98
N GLU K 135 -21.16 22.98 -10.74
CA GLU K 135 -20.94 21.62 -11.25
C GLU K 135 -21.88 20.63 -10.55
N ILE K 136 -22.08 20.81 -9.25
CA ILE K 136 -23.01 19.95 -8.49
C ILE K 136 -24.44 20.13 -9.04
N GLU K 137 -24.82 21.38 -9.31
CA GLU K 137 -26.13 21.71 -9.90
C GLU K 137 -26.34 21.04 -11.26
N ILE K 138 -25.35 21.15 -12.15
CA ILE K 138 -25.42 20.53 -13.49
C ILE K 138 -25.58 19.02 -13.40
N ALA K 139 -24.78 18.39 -12.54
CA ALA K 139 -24.86 16.93 -12.31
C ALA K 139 -26.20 16.49 -11.69
N ALA K 140 -26.73 17.29 -10.77
CA ALA K 140 -28.03 17.01 -10.14
C ALA K 140 -29.16 17.07 -11.16
N ASN K 141 -29.22 18.17 -11.91
CA ASN K 141 -30.20 18.33 -12.99
C ASN K 141 -30.10 17.24 -14.05
N HIS K 142 -28.88 16.82 -14.38
CA HIS K 142 -28.67 15.76 -15.34
C HIS K 142 -29.26 14.42 -14.85
N ILE K 143 -28.92 14.01 -13.63
CA ILE K 143 -29.40 12.73 -13.09
C ILE K 143 -30.91 12.72 -12.80
N LEU K 144 -31.47 13.89 -12.45
CA LEU K 144 -32.92 14.05 -12.31
C LEU K 144 -33.65 13.89 -13.64
N LYS K 145 -33.12 14.54 -14.69
CA LYS K 145 -33.64 14.36 -16.05
C LYS K 145 -33.60 12.90 -16.49
N THR K 146 -32.47 12.24 -16.23
CA THR K 146 -32.29 10.82 -16.52
C THR K 146 -33.33 9.96 -15.77
N ARG K 147 -33.58 10.26 -14.50
CA ARG K 147 -34.63 9.56 -13.72
C ARG K 147 -36.03 9.74 -14.32
N GLU K 148 -36.38 10.97 -14.70
CA GLU K 148 -37.66 11.26 -15.37
C GLU K 148 -37.80 10.51 -16.70
N LYS K 149 -36.70 10.40 -17.45
CA LYS K 149 -36.67 9.65 -18.71
C LYS K 149 -36.94 8.17 -18.47
N LEU K 150 -36.24 7.59 -17.48
CA LEU K 150 -36.44 6.19 -17.10
C LEU K 150 -37.87 5.92 -16.62
N ASN K 151 -38.39 6.84 -15.81
CA ASN K 151 -39.75 6.71 -15.25
C ASN K 151 -40.85 6.92 -16.30
N ARG K 152 -40.64 7.84 -17.22
CA ARG K 152 -41.58 8.05 -18.34
C ARG K 152 -41.70 6.76 -19.18
N ILE K 153 -40.57 6.13 -19.48
CA ILE K 153 -40.57 4.92 -20.29
C ILE K 153 -41.14 3.72 -19.52
N LEU K 154 -40.72 3.53 -18.27
CA LEU K 154 -41.29 2.47 -17.42
C LEU K 154 -42.82 2.55 -17.32
N SER K 155 -43.33 3.77 -17.15
CA SER K 155 -44.76 4.03 -17.13
C SER K 155 -45.46 3.51 -18.40
N GLU K 156 -44.92 3.86 -19.55
CA GLU K 156 -45.42 3.41 -20.86
C GLU K 156 -45.33 1.88 -21.02
N ARG K 157 -44.25 1.30 -20.51
CA ARG K 157 -43.97 -0.14 -20.62
C ARG K 157 -44.78 -1.02 -19.66
N THR K 158 -45.11 -0.48 -18.48
CA THR K 158 -45.78 -1.24 -17.42
C THR K 158 -47.28 -0.95 -17.28
N GLY K 159 -47.74 0.21 -17.76
CA GLY K 159 -49.09 0.70 -17.49
C GLY K 159 -49.23 1.52 -16.20
N GLN K 160 -48.19 1.55 -15.37
CA GLN K 160 -48.23 2.28 -14.09
C GLN K 160 -48.05 3.77 -14.34
N SER K 161 -48.64 4.60 -13.50
CA SER K 161 -48.48 6.06 -13.60
C SER K 161 -47.06 6.47 -13.17
N ILE K 162 -46.62 7.61 -13.70
CA ILE K 162 -45.30 8.17 -13.35
C ILE K 162 -45.18 8.43 -11.84
N GLU K 163 -46.24 9.01 -11.25
CA GLU K 163 -46.26 9.32 -9.80
C GLU K 163 -46.03 8.07 -8.96
N LYS K 164 -46.68 6.96 -9.32
CA LYS K 164 -46.49 5.68 -8.62
C LYS K 164 -45.09 5.10 -8.86
N ILE K 165 -44.62 5.11 -10.11
CA ILE K 165 -43.24 4.68 -10.43
C ILE K 165 -42.24 5.46 -9.56
N GLN K 166 -42.43 6.76 -9.39
CA GLN K 166 -41.49 7.58 -8.63
C GLN K 166 -41.45 7.21 -7.14
N LYS K 167 -42.61 6.97 -6.54
CA LYS K 167 -42.69 6.51 -5.14
C LYS K 167 -42.12 5.10 -4.95
N ASP K 168 -42.46 4.20 -5.87
CA ASP K 168 -42.03 2.80 -5.80
C ASP K 168 -40.53 2.61 -5.98
N THR K 169 -39.88 3.50 -6.74
CA THR K 169 -38.43 3.43 -6.99
C THR K 169 -37.59 4.37 -6.08
N ASP K 170 -38.24 5.06 -5.15
CA ASP K 170 -37.55 5.99 -4.25
C ASP K 170 -36.45 5.28 -3.44
N ARG K 171 -36.75 4.07 -2.99
CA ARG K 171 -35.74 3.19 -2.39
C ARG K 171 -35.79 1.84 -3.08
N ASP K 172 -34.82 0.97 -2.78
CA ASP K 172 -34.76 -0.37 -3.34
C ASP K 172 -36.07 -1.13 -3.12
N ASN K 173 -36.66 -1.62 -4.20
CA ASN K 173 -37.95 -2.31 -4.17
C ASN K 173 -37.80 -3.69 -4.80
N PHE K 174 -37.75 -4.71 -3.95
CA PHE K 174 -37.60 -6.10 -4.40
C PHE K 174 -38.98 -6.69 -4.68
N LEU K 175 -39.09 -7.37 -5.83
CA LEU K 175 -40.32 -8.02 -6.24
C LEU K 175 -40.07 -9.49 -6.56
N THR K 176 -41.06 -10.33 -6.26
CA THR K 176 -41.08 -11.69 -6.77
C THR K 176 -41.43 -11.67 -8.26
N ALA K 177 -41.26 -12.81 -8.92
CA ALA K 177 -41.65 -12.97 -10.32
C ALA K 177 -43.14 -12.66 -10.50
N GLU K 178 -43.97 -13.15 -9.57
CA GLU K 178 -45.41 -12.90 -9.61
C GLU K 178 -45.69 -11.41 -9.44
N GLU K 179 -45.08 -10.78 -8.43
CA GLU K 179 -45.23 -9.33 -8.22
C GLU K 179 -44.77 -8.51 -9.44
N ALA K 180 -43.74 -8.98 -10.15
CA ALA K 180 -43.27 -8.32 -11.37
C ALA K 180 -44.31 -8.36 -12.49
N LYS K 181 -45.01 -9.49 -12.60
CA LYS K 181 -46.08 -9.66 -13.59
C LYS K 181 -47.27 -8.74 -13.32
N GLU K 182 -47.75 -8.71 -12.08
CA GLU K 182 -48.85 -7.78 -11.71
C GLU K 182 -48.43 -6.30 -11.77
N TYR K 183 -47.14 -6.01 -11.61
CA TYR K 183 -46.62 -4.65 -11.83
C TYR K 183 -46.61 -4.24 -13.31
N GLY K 184 -46.54 -5.22 -14.22
CA GLY K 184 -46.41 -4.94 -15.65
C GLY K 184 -44.98 -4.93 -16.19
N LEU K 185 -44.00 -5.26 -15.33
CA LEU K 185 -42.61 -5.44 -15.77
C LEU K 185 -42.46 -6.68 -16.67
N ILE K 186 -43.27 -7.70 -16.41
CA ILE K 186 -43.36 -8.87 -17.27
C ILE K 186 -44.82 -9.20 -17.59
N ASP K 187 -45.01 -10.04 -18.58
CA ASP K 187 -46.32 -10.51 -19.00
C ASP K 187 -46.71 -11.84 -18.37
N GLU K 188 -45.74 -12.71 -18.10
CA GLU K 188 -46.03 -14.07 -17.62
C GLU K 188 -44.91 -14.65 -16.78
N VAL K 189 -45.27 -15.37 -15.72
CA VAL K 189 -44.33 -16.25 -15.04
C VAL K 189 -44.32 -17.59 -15.80
N MET K 190 -43.15 -17.97 -16.31
CA MET K 190 -43.00 -19.18 -17.11
C MET K 190 -42.96 -20.41 -16.19
N VAL K 191 -43.96 -21.28 -16.28
CA VAL K 191 -44.08 -22.46 -15.41
C VAL K 191 -43.33 -23.67 -15.98
N PRO K 192 -42.94 -24.63 -15.11
CA PRO K 192 -42.22 -25.85 -15.53
C PRO K 192 -42.90 -26.71 -16.62
N GLU K 193 -42.08 -27.30 -17.49
CA GLU K 193 -42.56 -28.26 -18.52
C GLU K 193 -42.67 -29.67 -17.93
N LEU L 3 -16.39 -11.92 -22.79
CA LEU L 3 -16.54 -13.03 -23.79
C LEU L 3 -17.32 -12.57 -25.03
N ILE L 4 -16.59 -12.32 -26.11
CA ILE L 4 -17.17 -11.85 -27.37
C ILE L 4 -17.59 -13.08 -28.19
N PRO L 5 -18.88 -13.18 -28.57
CA PRO L 5 -19.34 -14.36 -29.33
C PRO L 5 -18.78 -14.44 -30.76
N THR L 6 -18.82 -15.65 -31.30
CA THR L 6 -18.38 -15.98 -32.66
C THR L 6 -19.59 -16.35 -33.51
N VAL L 7 -19.55 -15.96 -34.79
CA VAL L 7 -20.61 -16.29 -35.77
C VAL L 7 -19.99 -16.89 -37.03
N ILE L 8 -20.74 -17.77 -37.69
CA ILE L 8 -20.26 -18.55 -38.84
C ILE L 8 -21.21 -18.42 -40.03
N ARG L 16 -16.45 -19.61 -42.83
CA ARG L 16 -15.59 -18.62 -42.18
C ARG L 16 -16.18 -18.14 -40.84
N ALA L 17 -15.38 -18.23 -39.77
CA ALA L 17 -15.81 -17.84 -38.42
C ALA L 17 -15.33 -16.42 -38.06
N TYR L 18 -16.26 -15.56 -37.65
CA TYR L 18 -15.98 -14.17 -37.29
C TYR L 18 -16.33 -13.94 -35.82
N ASP L 19 -15.49 -13.21 -35.09
CA ASP L 19 -15.95 -12.57 -33.86
C ASP L 19 -16.95 -11.46 -34.27
N ILE L 20 -17.90 -11.14 -33.39
CA ILE L 20 -19.05 -10.32 -33.78
C ILE L 20 -18.67 -8.94 -34.38
N TYR L 21 -17.61 -8.32 -33.87
CA TYR L 21 -17.19 -7.00 -34.35
C TYR L 21 -16.58 -7.09 -35.74
N SER L 22 -15.75 -8.10 -35.97
CA SER L 22 -15.19 -8.37 -37.29
C SER L 22 -16.26 -8.68 -38.32
N ARG L 23 -17.36 -9.30 -37.89
CA ARG L 23 -18.52 -9.53 -38.73
C ARG L 23 -19.19 -8.22 -39.16
N LEU L 24 -19.29 -7.27 -38.23
CA LEU L 24 -19.82 -5.93 -38.56
C LEU L 24 -18.89 -5.17 -39.52
N LEU L 25 -17.58 -5.30 -39.31
CA LEU L 25 -16.58 -4.69 -40.20
C LEU L 25 -16.67 -5.18 -41.65
N LYS L 26 -17.08 -6.44 -41.83
CA LYS L 26 -17.38 -6.98 -43.16
C LYS L 26 -18.48 -6.20 -43.89
N ASP L 27 -19.49 -5.73 -43.16
CA ASP L 27 -20.54 -4.85 -43.72
C ASP L 27 -20.27 -3.35 -43.49
N ARG L 28 -18.99 -2.98 -43.40
CA ARG L 28 -18.53 -1.59 -43.35
C ARG L 28 -19.02 -0.81 -42.11
N ILE L 29 -19.21 -1.52 -40.99
CA ILE L 29 -19.55 -0.92 -39.69
C ILE L 29 -18.32 -0.94 -38.79
N ILE L 30 -17.95 0.23 -38.25
CA ILE L 30 -16.83 0.39 -37.31
C ILE L 30 -17.39 0.78 -35.94
N MET L 31 -16.85 0.17 -34.90
CA MET L 31 -17.33 0.38 -33.53
C MET L 31 -16.37 1.27 -32.75
N LEU L 32 -16.81 2.49 -32.48
CA LEU L 32 -16.17 3.36 -31.50
C LEU L 32 -17.00 3.22 -30.23
N GLY L 33 -16.65 2.20 -29.45
CA GLY L 33 -17.42 1.78 -28.27
C GLY L 33 -16.69 1.94 -26.95
N SER L 34 -15.65 2.76 -26.92
CA SER L 34 -14.87 2.94 -25.69
C SER L 34 -14.28 4.34 -25.59
N GLN L 35 -13.55 4.59 -24.51
CA GLN L 35 -12.76 5.80 -24.35
C GLN L 35 -11.73 5.91 -25.48
N ILE L 36 -11.63 7.10 -26.07
CA ILE L 36 -10.74 7.35 -27.20
C ILE L 36 -9.31 7.55 -26.68
N ASP L 37 -8.47 6.54 -26.86
CA ASP L 37 -7.02 6.68 -26.66
C ASP L 37 -6.33 6.41 -28.02
N ASP L 38 -5.01 6.44 -28.02
CA ASP L 38 -4.25 6.22 -29.24
C ASP L 38 -4.50 4.83 -29.85
N ASN L 39 -4.59 3.79 -29.02
CA ASN L 39 -4.86 2.42 -29.51
C ASN L 39 -6.19 2.33 -30.26
N VAL L 40 -7.24 2.92 -29.70
CA VAL L 40 -8.56 2.95 -30.31
C VAL L 40 -8.53 3.73 -31.63
N ALA L 41 -7.84 4.88 -31.63
CA ALA L 41 -7.70 5.71 -32.83
C ALA L 41 -6.95 4.98 -33.95
N ASN L 42 -5.81 4.38 -33.61
CA ASN L 42 -5.01 3.61 -34.57
C ASN L 42 -5.80 2.47 -35.22
N SER L 43 -6.66 1.81 -34.44
CA SER L 43 -7.51 0.73 -34.95
C SER L 43 -8.58 1.26 -35.89
N ILE L 44 -9.27 2.32 -35.47
CA ILE L 44 -10.30 2.97 -36.30
C ILE L 44 -9.73 3.56 -37.61
N VAL L 45 -8.55 4.19 -37.53
CA VAL L 45 -7.87 4.72 -38.72
C VAL L 45 -7.50 3.60 -39.71
N SER L 46 -7.03 2.46 -39.19
CA SER L 46 -6.75 1.28 -40.01
C SER L 46 -8.01 0.65 -40.62
N GLN L 47 -9.09 0.61 -39.85
CA GLN L 47 -10.38 0.11 -40.38
C GLN L 47 -10.90 1.02 -41.49
N LEU L 48 -10.80 2.33 -41.30
CA LEU L 48 -11.20 3.32 -42.30
C LEU L 48 -10.41 3.19 -43.61
N LEU L 49 -9.08 3.14 -43.48
CA LEU L 49 -8.19 2.99 -44.64
C LEU L 49 -8.43 1.68 -45.39
N PHE L 50 -8.73 0.61 -44.65
CA PHE L 50 -9.06 -0.70 -45.23
C PHE L 50 -10.38 -0.69 -46.00
N LEU L 51 -11.43 -0.12 -45.39
CA LEU L 51 -12.75 -0.07 -46.05
C LEU L 51 -12.74 0.78 -47.33
N GLN L 52 -12.01 1.90 -47.29
CA GLN L 52 -11.77 2.73 -48.49
CA GLN L 52 -11.79 2.73 -48.48
C GLN L 52 -11.24 1.89 -49.63
N ALA L 53 -10.19 1.13 -49.35
CA ALA L 53 -9.52 0.27 -50.34
C ALA L 53 -10.45 -0.79 -50.95
N GLN L 54 -11.32 -1.37 -50.13
CA GLN L 54 -12.30 -2.37 -50.62
C GLN L 54 -13.29 -1.77 -51.61
N ASP L 55 -13.84 -0.62 -51.23
CA ASP L 55 -14.80 0.12 -52.06
C ASP L 55 -14.77 1.59 -51.64
N SER L 56 -14.34 2.44 -52.58
CA SER L 56 -14.26 3.89 -52.34
C SER L 56 -15.59 4.63 -52.47
N GLU L 57 -16.63 3.95 -52.98
CA GLU L 57 -17.95 4.56 -53.21
C GLU L 57 -18.98 4.27 -52.10
N LYS L 58 -18.95 3.07 -51.50
CA LYS L 58 -19.97 2.66 -50.53
C LYS L 58 -19.78 3.36 -49.18
N ASP L 59 -20.89 3.62 -48.50
CA ASP L 59 -20.87 4.28 -47.19
C ASP L 59 -20.20 3.42 -46.12
N ILE L 60 -19.60 4.10 -45.15
CA ILE L 60 -19.09 3.50 -43.92
C ILE L 60 -19.97 3.98 -42.77
N TYR L 61 -20.16 3.13 -41.76
CA TYR L 61 -21.02 3.43 -40.61
C TYR L 61 -20.18 3.40 -39.33
N LEU L 62 -20.04 4.57 -38.70
CA LEU L 62 -19.30 4.68 -37.44
C LEU L 62 -20.30 4.71 -36.29
N TYR L 63 -20.39 3.61 -35.56
CA TYR L 63 -21.17 3.52 -34.33
C TYR L 63 -20.39 4.24 -33.25
N ILE L 64 -21.05 5.15 -32.52
CA ILE L 64 -20.40 5.92 -31.46
C ILE L 64 -21.13 5.72 -30.13
N ASN L 65 -20.51 4.95 -29.24
CA ASN L 65 -20.88 4.87 -27.83
C ASN L 65 -19.61 5.09 -27.02
N SER L 66 -19.33 6.36 -26.71
CA SER L 66 -18.03 6.74 -26.18
C SER L 66 -18.10 7.98 -25.30
N PRO L 67 -17.36 7.99 -24.18
CA PRO L 67 -17.26 9.21 -23.38
C PRO L 67 -16.16 10.18 -23.85
N GLY L 68 -15.60 9.97 -25.05
CA GLY L 68 -14.49 10.81 -25.56
C GLY L 68 -13.17 10.34 -25.00
N GLY L 69 -12.25 11.28 -24.76
CA GLY L 69 -10.89 10.96 -24.30
C GLY L 69 -9.84 11.92 -24.88
N SER L 70 -8.80 11.38 -25.48
CA SER L 70 -7.69 12.17 -26.01
C SER L 70 -8.14 12.97 -27.24
N VAL L 71 -7.76 14.25 -27.27
CA VAL L 71 -8.12 15.16 -28.36
C VAL L 71 -7.35 14.82 -29.63
N THR L 72 -6.04 14.58 -29.49
CA THR L 72 -5.18 14.24 -30.63
C THR L 72 -5.55 12.89 -31.25
N ALA L 73 -5.85 11.91 -30.40
CA ALA L 73 -6.40 10.63 -30.86
C ALA L 73 -7.73 10.78 -31.59
N GLY L 74 -8.59 11.68 -31.11
CA GLY L 74 -9.84 12.02 -31.79
C GLY L 74 -9.61 12.65 -33.15
N PHE L 75 -8.62 13.55 -33.24
CA PHE L 75 -8.28 14.20 -34.51
C PHE L 75 -7.66 13.25 -35.53
N ALA L 76 -6.95 12.23 -35.07
CA ALA L 76 -6.50 11.14 -35.96
C ALA L 76 -7.70 10.51 -36.67
N ILE L 77 -8.75 10.22 -35.91
CA ILE L 77 -9.99 9.68 -36.47
C ILE L 77 -10.69 10.73 -37.34
N TYR L 78 -10.73 11.99 -36.87
CA TYR L 78 -11.39 13.06 -37.61
C TYR L 78 -10.77 13.26 -38.98
N ASP L 79 -9.46 13.48 -39.00
CA ASP L 79 -8.75 13.75 -40.26
C ASP L 79 -8.82 12.60 -41.25
N THR L 80 -8.82 11.36 -40.74
CA THR L 80 -8.96 10.17 -41.57
C THR L 80 -10.35 10.06 -42.20
N ILE L 81 -11.39 10.37 -41.43
CA ILE L 81 -12.76 10.46 -41.97
C ILE L 81 -12.84 11.47 -43.11
N GLN L 82 -12.30 12.67 -42.91
CA GLN L 82 -12.35 13.73 -43.94
C GLN L 82 -11.48 13.43 -45.16
N HIS L 83 -10.35 12.76 -44.94
CA HIS L 83 -9.43 12.41 -46.03
C HIS L 83 -10.03 11.39 -47.02
N ILE L 84 -10.75 10.38 -46.53
CA ILE L 84 -11.25 9.31 -47.40
C ILE L 84 -12.45 9.74 -48.26
N LYS L 85 -12.61 9.06 -49.40
CA LYS L 85 -13.67 9.35 -50.38
C LYS L 85 -15.09 8.99 -49.89
N PRO L 86 -15.27 7.78 -49.31
CA PRO L 86 -16.62 7.39 -48.90
C PRO L 86 -17.23 8.28 -47.82
N ASP L 87 -18.54 8.41 -47.82
CA ASP L 87 -19.25 9.05 -46.72
C ASP L 87 -19.15 8.16 -45.49
N VAL L 88 -18.76 8.75 -44.37
CA VAL L 88 -18.77 8.07 -43.08
C VAL L 88 -19.98 8.58 -42.32
N GLN L 89 -21.00 7.73 -42.21
CA GLN L 89 -22.16 8.01 -41.36
C GLN L 89 -21.74 7.89 -39.91
N THR L 90 -22.36 8.69 -39.03
CA THR L 90 -22.14 8.58 -37.58
C THR L 90 -23.46 8.27 -36.89
N ILE L 91 -23.42 7.35 -35.94
CA ILE L 91 -24.62 6.85 -35.27
C ILE L 91 -24.36 6.79 -33.77
N CYS L 92 -25.00 7.70 -33.02
CA CYS L 92 -24.84 7.74 -31.57
C CYS L 92 -25.84 6.79 -30.95
N ILE L 93 -25.34 5.79 -30.23
CA ILE L 93 -26.16 4.84 -29.50
C ILE L 93 -25.59 4.80 -28.08
N GLY L 94 -26.44 4.97 -27.08
CA GLY L 94 -26.00 5.10 -25.69
C GLY L 94 -25.58 6.52 -25.37
N MET L 95 -24.30 6.83 -25.56
CA MET L 95 -23.81 8.20 -25.37
C MET L 95 -22.66 8.61 -26.27
N ALA L 96 -22.61 9.91 -26.55
CA ALA L 96 -21.44 10.54 -27.17
C ALA L 96 -21.11 11.79 -26.37
N ALA L 97 -20.01 11.77 -25.63
CA ALA L 97 -19.59 12.90 -24.81
C ALA L 97 -18.23 13.43 -25.27
N SER L 98 -18.05 14.75 -25.20
CA SER L 98 -16.76 15.39 -25.45
C SER L 98 -16.25 15.08 -26.87
N MET L 99 -15.04 14.56 -27.03
CA MET L 99 -14.54 14.16 -28.37
C MET L 99 -15.43 13.14 -29.09
N GLY L 100 -16.16 12.32 -28.34
CA GLY L 100 -17.15 11.42 -28.92
C GLY L 100 -18.24 12.18 -29.65
N SER L 101 -18.71 13.29 -29.05
CA SER L 101 -19.73 14.15 -29.68
C SER L 101 -19.15 15.02 -30.81
N PHE L 102 -17.89 15.41 -30.67
CA PHE L 102 -17.15 16.07 -31.75
C PHE L 102 -17.10 15.20 -33.00
N LEU L 103 -16.77 13.91 -32.81
CA LEU L 103 -16.72 12.95 -33.93
C LEU L 103 -18.10 12.62 -34.48
N LEU L 104 -19.11 12.52 -33.61
CA LEU L 104 -20.51 12.40 -34.06
C LEU L 104 -20.89 13.52 -35.04
N ALA L 105 -20.52 14.76 -34.72
CA ALA L 105 -20.78 15.93 -35.57
C ALA L 105 -19.93 15.98 -36.84
N ALA L 106 -18.83 15.22 -36.85
CA ALA L 106 -17.91 15.12 -37.98
C ALA L 106 -18.34 14.13 -39.08
N GLY L 107 -19.47 13.45 -38.91
CA GLY L 107 -19.97 12.50 -39.90
C GLY L 107 -20.48 13.19 -41.15
N ALA L 108 -20.64 12.40 -42.22
CA ALA L 108 -21.06 12.93 -43.52
C ALA L 108 -22.36 13.72 -43.40
N LYS L 109 -22.39 14.90 -44.04
CA LYS L 109 -23.56 15.78 -43.97
C LYS L 109 -24.81 15.12 -44.52
N GLY L 110 -25.90 15.22 -43.75
CA GLY L 110 -27.12 14.46 -43.98
C GLY L 110 -27.17 13.06 -43.36
N LYS L 111 -26.02 12.56 -42.86
CA LYS L 111 -25.91 11.17 -42.40
C LYS L 111 -25.33 11.03 -40.97
N ARG L 112 -25.69 11.98 -40.10
CA ARG L 112 -25.32 11.94 -38.69
C ARG L 112 -26.61 11.66 -37.91
N PHE L 113 -26.61 10.60 -37.13
CA PHE L 113 -27.83 10.14 -36.43
C PHE L 113 -27.59 9.91 -34.96
N ALA L 114 -28.66 9.97 -34.18
CA ALA L 114 -28.68 9.46 -32.82
C ALA L 114 -30.00 8.73 -32.63
N LEU L 115 -29.97 7.60 -31.93
CA LEU L 115 -31.20 6.89 -31.61
C LEU L 115 -31.93 7.67 -30.49
N PRO L 116 -33.27 7.49 -30.35
CA PRO L 116 -34.13 8.39 -29.55
C PRO L 116 -33.70 8.71 -28.11
N ASN L 117 -33.17 7.71 -27.40
CA ASN L 117 -32.77 7.88 -26.00
C ASN L 117 -31.26 8.00 -25.81
N ALA L 118 -30.53 8.23 -26.90
CA ALA L 118 -29.09 8.45 -26.83
C ALA L 118 -28.77 9.81 -26.21
N GLU L 119 -27.70 9.85 -25.44
CA GLU L 119 -27.28 11.05 -24.71
C GLU L 119 -26.10 11.66 -25.46
N VAL L 120 -26.18 12.96 -25.76
CA VAL L 120 -25.06 13.70 -26.34
C VAL L 120 -24.59 14.72 -25.31
N MET L 121 -23.27 14.86 -25.17
CA MET L 121 -22.69 15.80 -24.21
C MET L 121 -21.49 16.52 -24.80
N ILE L 122 -21.48 17.84 -24.65
CA ILE L 122 -20.39 18.68 -25.15
C ILE L 122 -19.79 19.46 -23.99
N HIS L 123 -18.47 19.53 -23.95
CA HIS L 123 -17.75 20.36 -23.00
C HIS L 123 -16.38 20.74 -23.52
N GLN L 124 -15.75 21.67 -22.80
CA GLN L 124 -14.41 22.13 -23.14
C GLN L 124 -13.38 21.05 -22.76
N PRO L 125 -12.21 21.06 -23.43
CA PRO L 125 -11.21 20.01 -23.16
C PRO L 125 -10.58 20.13 -21.77
N LEU L 126 -10.06 19.00 -21.30
CA LEU L 126 -9.46 18.89 -19.98
C LEU L 126 -7.96 18.62 -20.13
N GLY L 127 -7.18 19.06 -19.15
CA GLY L 127 -5.74 18.86 -19.22
C GLY L 127 -5.02 19.22 -17.93
N GLY L 128 -3.72 19.41 -18.04
CA GLY L 128 -2.91 19.72 -16.88
C GLY L 128 -1.55 20.29 -17.21
N ALA L 129 -0.91 20.83 -16.17
CA ALA L 129 0.40 21.45 -16.28
C ALA L 129 0.98 21.65 -14.88
N GLN L 130 2.22 21.21 -14.69
CA GLN L 130 2.97 21.45 -13.46
C GLN L 130 4.40 21.86 -13.78
N GLY L 131 5.04 22.53 -12.82
CA GLY L 131 6.41 23.02 -12.97
C GLY L 131 6.50 24.54 -12.92
N GLN L 132 7.43 25.09 -13.72
CA GLN L 132 7.73 26.52 -13.72
C GLN L 132 6.63 27.32 -14.40
N ALA L 133 6.47 28.58 -14.00
CA ALA L 133 5.48 29.50 -14.60
C ALA L 133 5.48 29.51 -16.14
N THR L 134 6.65 29.41 -16.74
CA THR L 134 6.81 29.44 -18.19
C THR L 134 6.32 28.13 -18.82
N GLU L 135 6.52 27.00 -18.13
CA GLU L 135 5.97 25.71 -18.56
C GLU L 135 4.45 25.72 -18.46
N ILE L 136 3.93 26.29 -17.37
CA ILE L 136 2.47 26.47 -17.19
C ILE L 136 1.89 27.37 -18.29
N GLU L 137 2.62 28.41 -18.67
CA GLU L 137 2.20 29.32 -19.75
C GLU L 137 2.06 28.59 -21.09
N ILE L 138 3.10 27.84 -21.44
CA ILE L 138 3.13 27.06 -22.69
C ILE L 138 1.99 26.05 -22.75
N ALA L 139 1.74 25.36 -21.63
CA ALA L 139 0.66 24.37 -21.57
C ALA L 139 -0.72 25.03 -21.66
N ALA L 140 -0.86 26.18 -20.99
CA ALA L 140 -2.10 26.96 -21.06
C ALA L 140 -2.42 27.40 -22.49
N ASN L 141 -1.44 28.03 -23.15
CA ASN L 141 -1.61 28.49 -24.53
C ASN L 141 -1.90 27.34 -25.50
N HIS L 142 -1.32 26.17 -25.24
CA HIS L 142 -1.57 24.98 -26.06
C HIS L 142 -3.01 24.49 -25.98
N ILE L 143 -3.51 24.27 -24.76
CA ILE L 143 -4.88 23.78 -24.57
C ILE L 143 -5.93 24.81 -24.99
N LEU L 144 -5.64 26.10 -24.82
CA LEU L 144 -6.52 27.18 -25.32
C LEU L 144 -6.58 27.18 -26.85
N LYS L 145 -5.43 27.04 -27.51
CA LYS L 145 -5.37 26.88 -28.98
C LYS L 145 -6.12 25.62 -29.44
N THR L 146 -5.95 24.52 -28.70
CA THR L 146 -6.68 23.28 -28.96
C THR L 146 -8.20 23.52 -28.89
N ARG L 147 -8.65 24.25 -27.87
CA ARG L 147 -10.08 24.55 -27.72
C ARG L 147 -10.62 25.43 -28.85
N GLU L 148 -9.87 26.48 -29.21
CA GLU L 148 -10.21 27.32 -30.37
C GLU L 148 -10.38 26.47 -31.64
N LYS L 149 -9.48 25.49 -31.83
CA LYS L 149 -9.55 24.57 -32.98
C LYS L 149 -10.82 23.71 -32.96
N LEU L 150 -11.08 23.07 -31.83
CA LEU L 150 -12.30 22.29 -31.62
C LEU L 150 -13.58 23.10 -31.84
N ASN L 151 -13.62 24.32 -31.29
CA ASN L 151 -14.78 25.20 -31.42
C ASN L 151 -14.99 25.68 -32.86
N ARG L 152 -13.90 26.01 -33.54
CA ARG L 152 -13.96 26.46 -34.93
C ARG L 152 -14.59 25.39 -35.81
N ILE L 153 -14.12 24.15 -35.67
CA ILE L 153 -14.63 23.02 -36.47
C ILE L 153 -16.07 22.66 -36.10
N LEU L 154 -16.40 22.66 -34.81
CA LEU L 154 -17.81 22.46 -34.36
C LEU L 154 -18.76 23.54 -34.91
N SER L 155 -18.30 24.78 -34.97
CA SER L 155 -19.10 25.87 -35.53
C SER L 155 -19.41 25.60 -37.01
N GLU L 156 -18.38 25.30 -37.77
CA GLU L 156 -18.52 24.93 -39.19
C GLU L 156 -19.49 23.76 -39.39
N ARG L 157 -19.37 22.74 -38.53
CA ARG L 157 -20.19 21.52 -38.64
C ARG L 157 -21.65 21.68 -38.18
N THR L 158 -21.90 22.58 -37.22
CA THR L 158 -23.25 22.77 -36.66
C THR L 158 -24.01 23.96 -37.20
N GLY L 159 -23.28 24.97 -37.69
CA GLY L 159 -23.90 26.25 -38.09
C GLY L 159 -24.06 27.25 -36.95
N GLN L 160 -23.65 26.87 -35.73
CA GLN L 160 -23.67 27.77 -34.57
C GLN L 160 -22.42 28.60 -34.56
N SER L 161 -22.51 29.80 -34.00
CA SER L 161 -21.35 30.69 -33.87
C SER L 161 -20.33 30.13 -32.88
N ILE L 162 -19.08 30.54 -33.03
CA ILE L 162 -18.00 30.14 -32.13
C ILE L 162 -18.24 30.58 -30.67
N GLU L 163 -18.76 31.80 -30.49
CA GLU L 163 -19.03 32.33 -29.13
C GLU L 163 -20.15 31.56 -28.45
N LYS L 164 -21.13 31.09 -29.22
CA LYS L 164 -22.18 30.20 -28.70
C LYS L 164 -21.61 28.85 -28.29
N ILE L 165 -20.72 28.29 -29.10
CA ILE L 165 -20.05 27.03 -28.80
C ILE L 165 -19.22 27.18 -27.52
N GLN L 166 -18.51 28.31 -27.37
CA GLN L 166 -17.67 28.55 -26.19
C GLN L 166 -18.49 28.63 -24.90
N LYS L 167 -19.63 29.33 -24.95
CA LYS L 167 -20.55 29.41 -23.81
C LYS L 167 -21.22 28.09 -23.47
N ASP L 168 -21.69 27.38 -24.49
CA ASP L 168 -22.40 26.11 -24.29
C ASP L 168 -21.47 24.96 -23.82
N THR L 169 -20.18 25.05 -24.11
CA THR L 169 -19.18 24.06 -23.69
C THR L 169 -18.39 24.46 -22.45
N ASP L 170 -18.63 25.65 -21.89
CA ASP L 170 -17.89 26.12 -20.71
C ASP L 170 -17.97 25.11 -19.56
N ARG L 171 -19.17 24.57 -19.39
CA ARG L 171 -19.38 23.51 -18.39
C ARG L 171 -20.04 22.34 -19.12
N ASP L 172 -20.26 21.24 -18.42
CA ASP L 172 -20.90 20.07 -19.01
C ASP L 172 -22.31 20.44 -19.48
N ASN L 173 -22.63 20.04 -20.71
CA ASN L 173 -23.89 20.37 -21.35
C ASN L 173 -24.47 19.11 -21.99
N PHE L 174 -25.49 18.57 -21.34
CA PHE L 174 -26.16 17.35 -21.77
C PHE L 174 -27.32 17.68 -22.69
N LEU L 175 -27.41 16.92 -23.79
CA LEU L 175 -28.44 17.11 -24.80
C LEU L 175 -29.16 15.81 -25.09
N THR L 176 -30.48 15.89 -25.24
CA THR L 176 -31.26 14.76 -25.79
C THR L 176 -30.93 14.64 -27.29
N ALA L 177 -31.34 13.52 -27.89
CA ALA L 177 -31.14 13.33 -29.33
C ALA L 177 -31.85 14.42 -30.13
N GLU L 178 -33.07 14.75 -29.72
CA GLU L 178 -33.87 15.81 -30.33
C GLU L 178 -33.18 17.18 -30.20
N GLU L 179 -32.63 17.47 -29.02
CA GLU L 179 -31.85 18.70 -28.80
C GLU L 179 -30.56 18.76 -29.62
N ALA L 180 -29.87 17.63 -29.77
CA ALA L 180 -28.66 17.56 -30.60
C ALA L 180 -28.94 17.80 -32.09
N LYS L 181 -30.16 17.46 -32.53
CA LYS L 181 -30.57 17.70 -33.93
C LYS L 181 -30.78 19.18 -34.20
N GLU L 182 -31.62 19.83 -33.39
CA GLU L 182 -31.86 21.27 -33.52
C GLU L 182 -30.60 22.12 -33.23
N TYR L 183 -29.67 21.57 -32.44
CA TYR L 183 -28.34 22.20 -32.27
C TYR L 183 -27.45 22.06 -33.51
N GLY L 184 -27.63 21.00 -34.30
CA GLY L 184 -26.86 20.76 -35.52
C GLY L 184 -25.70 19.77 -35.35
N LEU L 185 -25.65 19.06 -34.23
CA LEU L 185 -24.65 18.01 -34.02
C LEU L 185 -25.01 16.77 -34.83
N ILE L 186 -26.31 16.49 -34.94
CA ILE L 186 -26.81 15.43 -35.82
C ILE L 186 -27.84 15.99 -36.81
N ASP L 187 -28.15 15.20 -37.83
CA ASP L 187 -29.15 15.57 -38.84
C ASP L 187 -30.52 14.99 -38.55
N GLU L 188 -30.57 13.78 -37.97
CA GLU L 188 -31.84 13.09 -37.75
C GLU L 188 -31.81 12.25 -36.47
N VAL L 189 -32.96 12.16 -35.81
CA VAL L 189 -33.20 11.15 -34.78
C VAL L 189 -33.68 9.91 -35.52
N MET L 190 -32.82 8.89 -35.61
CA MET L 190 -33.15 7.66 -36.34
C MET L 190 -34.36 6.97 -35.73
N VAL L 191 -35.42 6.84 -36.52
CA VAL L 191 -36.65 6.18 -36.08
C VAL L 191 -36.56 4.67 -36.31
N PRO L 192 -37.40 3.87 -35.61
CA PRO L 192 -37.42 2.42 -35.81
C PRO L 192 -37.67 2.00 -37.26
N GLU L 193 -37.27 0.79 -37.60
CA GLU L 193 -37.52 0.25 -38.95
C GLU L 193 -38.99 -0.11 -39.11
N THR L 194 -39.44 -0.10 -40.37
CA THR L 194 -40.85 -0.32 -40.70
C THR L 194 -41.18 -1.81 -40.57
N LYS L 195 -42.26 -2.12 -39.84
CA LYS L 195 -42.67 -3.51 -39.52
C LYS L 195 -44.14 -3.75 -39.83
N LEU M 3 -9.64 -5.27 -28.19
CA LEU M 3 -9.90 -6.29 -29.25
C LEU M 3 -9.62 -5.71 -30.65
N ILE M 4 -8.60 -6.24 -31.32
CA ILE M 4 -8.24 -5.85 -32.68
C ILE M 4 -9.09 -6.67 -33.66
N PRO M 5 -9.87 -6.01 -34.54
CA PRO M 5 -10.72 -6.77 -35.46
C PRO M 5 -9.94 -7.48 -36.58
N THR M 6 -10.56 -8.53 -37.12
CA THR M 6 -9.98 -9.38 -38.15
C THR M 6 -10.67 -9.12 -39.49
N VAL M 7 -9.90 -9.20 -40.58
CA VAL M 7 -10.41 -9.08 -41.95
C VAL M 7 -9.97 -10.30 -42.75
N ILE M 8 -10.81 -10.71 -43.70
CA ILE M 8 -10.57 -11.93 -44.50
C ILE M 8 -10.42 -11.58 -45.98
N ARG M 16 -7.80 -16.31 -46.36
CA ARG M 16 -6.66 -15.80 -45.60
C ARG M 16 -7.08 -14.67 -44.64
N ALA M 17 -6.89 -14.90 -43.34
CA ALA M 17 -7.33 -13.97 -42.28
C ALA M 17 -6.16 -13.15 -41.72
N TYR M 18 -6.33 -11.82 -41.66
CA TYR M 18 -5.35 -10.90 -41.07
C TYR M 18 -6.01 -10.09 -39.97
N ASP M 19 -5.29 -9.86 -38.86
CA ASP M 19 -5.62 -8.73 -37.97
C ASP M 19 -5.37 -7.44 -38.76
N ILE M 20 -6.08 -6.37 -38.40
CA ILE M 20 -6.13 -5.15 -39.23
C ILE M 20 -4.75 -4.50 -39.49
N TYR M 21 -3.85 -4.53 -38.50
CA TYR M 21 -2.51 -3.97 -38.68
C TYR M 21 -1.65 -4.82 -39.62
N SER M 22 -1.78 -6.13 -39.50
CA SER M 22 -1.10 -7.08 -40.40
C SER M 22 -1.60 -7.00 -41.83
N ARG M 23 -2.88 -6.67 -42.02
CA ARG M 23 -3.42 -6.35 -43.36
C ARG M 23 -2.75 -5.10 -43.93
N LEU M 24 -2.61 -4.07 -43.09
CA LEU M 24 -1.89 -2.84 -43.50
C LEU M 24 -0.42 -3.10 -43.85
N LEU M 25 0.22 -4.02 -43.13
CA LEU M 25 1.60 -4.42 -43.41
C LEU M 25 1.75 -5.12 -44.78
N LYS M 26 0.73 -5.87 -45.19
CA LYS M 26 0.71 -6.49 -46.53
C LYS M 26 0.81 -5.46 -47.66
N ASP M 27 0.22 -4.27 -47.44
CA ASP M 27 0.38 -3.13 -48.36
C ASP M 27 1.47 -2.13 -47.89
N ARG M 28 2.50 -2.63 -47.22
CA ARG M 28 3.71 -1.86 -46.89
C ARG M 28 3.49 -0.65 -45.95
N ILE M 29 2.43 -0.70 -45.14
CA ILE M 29 2.13 0.35 -44.16
C ILE M 29 2.51 -0.14 -42.76
N ILE M 30 3.45 0.56 -42.11
CA ILE M 30 3.89 0.26 -40.75
C ILE M 30 3.29 1.30 -39.80
N MET M 31 2.75 0.82 -38.67
CA MET M 31 2.08 1.67 -37.70
C MET M 31 2.97 1.96 -36.49
N LEU M 32 3.43 3.20 -36.39
CA LEU M 32 4.08 3.70 -35.17
C LEU M 32 3.04 4.47 -34.38
N GLY M 33 2.29 3.74 -33.55
CA GLY M 33 1.08 4.27 -32.90
C GLY M 33 1.11 4.38 -31.38
N SER M 34 2.30 4.30 -30.79
CA SER M 34 2.43 4.28 -29.32
C SER M 34 3.73 4.95 -28.89
N GLN M 35 3.98 4.96 -27.58
CA GLN M 35 5.25 5.41 -27.03
C GLN M 35 6.39 4.57 -27.59
N ILE M 36 7.50 5.22 -27.94
CA ILE M 36 8.65 4.52 -28.50
C ILE M 36 9.48 3.95 -27.37
N ASP M 37 9.34 2.64 -27.14
CA ASP M 37 10.27 1.89 -26.30
C ASP M 37 11.01 0.90 -27.19
N ASP M 38 11.86 0.06 -26.59
CA ASP M 38 12.67 -0.90 -27.36
C ASP M 38 11.83 -1.90 -28.16
N ASN M 39 10.78 -2.44 -27.55
CA ASN M 39 9.88 -3.42 -28.20
C ASN M 39 9.23 -2.87 -29.46
N VAL M 40 8.78 -1.62 -29.40
CA VAL M 40 8.22 -0.93 -30.56
C VAL M 40 9.28 -0.74 -31.64
N ALA M 41 10.47 -0.29 -31.22
CA ALA M 41 11.59 -0.11 -32.16
C ALA M 41 11.99 -1.41 -32.85
N ASN M 42 12.11 -2.50 -32.08
CA ASN M 42 12.47 -3.82 -32.62
C ASN M 42 11.46 -4.35 -33.63
N SER M 43 10.18 -4.08 -33.38
CA SER M 43 9.11 -4.51 -34.29
C SER M 43 9.15 -3.73 -35.61
N ILE M 44 9.31 -2.42 -35.51
CA ILE M 44 9.34 -1.55 -36.68
C ILE M 44 10.60 -1.81 -37.52
N VAL M 45 11.73 -2.00 -36.85
CA VAL M 45 12.99 -2.39 -37.51
C VAL M 45 12.81 -3.70 -38.29
N SER M 46 12.15 -4.68 -37.67
CA SER M 46 11.83 -5.96 -38.32
C SER M 46 10.91 -5.78 -39.52
N GLN M 47 9.88 -4.96 -39.35
CA GLN M 47 8.94 -4.65 -40.43
C GLN M 47 9.64 -3.98 -41.62
N LEU M 48 10.49 -2.99 -41.35
CA LEU M 48 11.27 -2.33 -42.40
C LEU M 48 12.17 -3.30 -43.16
N LEU M 49 12.89 -4.16 -42.42
CA LEU M 49 13.73 -5.18 -43.04
C LEU M 49 12.91 -6.21 -43.86
N PHE M 50 11.74 -6.59 -43.35
CA PHE M 50 10.83 -7.48 -44.08
C PHE M 50 10.36 -6.86 -45.40
N LEU M 51 9.89 -5.63 -45.35
CA LEU M 51 9.35 -4.96 -46.54
C LEU M 51 10.42 -4.72 -47.62
N GLN M 52 11.66 -4.40 -47.19
CA GLN M 52 12.83 -4.34 -48.10
C GLN M 52 13.02 -5.65 -48.85
N ALA M 53 13.00 -6.77 -48.12
CA ALA M 53 13.21 -8.10 -48.71
C ALA M 53 12.12 -8.50 -49.71
N GLN M 54 10.88 -8.08 -49.46
CA GLN M 54 9.77 -8.31 -50.40
C GLN M 54 9.92 -7.48 -51.67
N ASP M 55 10.25 -6.20 -51.51
CA ASP M 55 10.44 -5.30 -52.64
C ASP M 55 11.37 -4.15 -52.22
N SER M 56 12.57 -4.11 -52.82
CA SER M 56 13.55 -3.07 -52.52
C SER M 56 13.26 -1.70 -53.15
N GLU M 57 12.24 -1.64 -54.03
CA GLU M 57 11.95 -0.42 -54.79
C GLU M 57 10.71 0.33 -54.28
N LYS M 58 9.60 -0.38 -54.11
CA LYS M 58 8.31 0.23 -53.70
C LYS M 58 8.39 0.99 -52.37
N ASP M 59 7.66 2.10 -52.30
CA ASP M 59 7.64 2.93 -51.10
C ASP M 59 7.03 2.19 -49.88
N ILE M 60 7.51 2.56 -48.70
CA ILE M 60 6.99 2.10 -47.42
C ILE M 60 6.35 3.31 -46.75
N TYR M 61 5.25 3.08 -46.03
CA TYR M 61 4.47 4.15 -45.42
C TYR M 61 4.47 4.03 -43.91
N LEU M 62 5.18 4.94 -43.24
CA LEU M 62 5.23 4.97 -41.78
C LEU M 62 4.17 5.93 -41.23
N TYR M 63 3.12 5.36 -40.66
CA TYR M 63 2.10 6.10 -39.92
C TYR M 63 2.67 6.46 -38.56
N ILE M 64 2.58 7.73 -38.19
CA ILE M 64 3.14 8.22 -36.93
C ILE M 64 2.03 8.89 -36.11
N ASN M 65 1.57 8.18 -35.08
CA ASN M 65 0.77 8.77 -34.01
C ASN M 65 1.44 8.40 -32.68
N SER M 66 2.39 9.23 -32.23
CA SER M 66 3.24 8.88 -31.09
C SER M 66 3.69 10.12 -30.31
N PRO M 67 3.75 10.01 -28.96
CA PRO M 67 4.33 11.08 -28.13
C PRO M 67 5.87 11.01 -27.98
N GLY M 68 6.53 10.14 -28.74
CA GLY M 68 7.98 9.95 -28.62
C GLY M 68 8.29 8.91 -27.57
N GLY M 69 9.45 9.06 -26.92
CA GLY M 69 9.93 8.08 -25.97
C GLY M 69 11.45 7.99 -25.97
N SER M 70 11.99 6.77 -26.02
CA SER M 70 13.43 6.55 -25.91
C SER M 70 14.19 7.05 -27.15
N VAL M 71 15.27 7.78 -26.90
CA VAL M 71 16.09 8.37 -27.96
C VAL M 71 16.84 7.27 -28.72
N THR M 72 17.38 6.30 -27.99
CA THR M 72 18.14 5.19 -28.60
C THR M 72 17.24 4.28 -29.41
N ALA M 73 16.05 4.00 -28.88
CA ALA M 73 15.02 3.25 -29.60
C ALA M 73 14.54 3.99 -30.87
N GLY M 74 14.47 5.31 -30.80
CA GLY M 74 14.14 6.13 -31.97
C GLY M 74 15.23 6.06 -33.04
N PHE M 75 16.48 6.16 -32.62
CA PHE M 75 17.62 6.02 -33.54
C PHE M 75 17.76 4.63 -34.16
N ALA M 76 17.21 3.60 -33.49
CA ALA M 76 17.11 2.27 -34.09
C ALA M 76 16.20 2.32 -35.31
N ILE M 77 15.07 3.02 -35.18
CA ILE M 77 14.13 3.22 -36.28
C ILE M 77 14.74 4.13 -37.35
N TYR M 78 15.32 5.26 -36.92
CA TYR M 78 15.94 6.22 -37.84
C TYR M 78 17.01 5.57 -38.74
N ASP M 79 18.01 4.94 -38.12
CA ASP M 79 19.11 4.31 -38.87
C ASP M 79 18.63 3.21 -39.82
N THR M 80 17.62 2.45 -39.39
CA THR M 80 17.05 1.40 -40.23
C THR M 80 16.31 1.99 -41.43
N ILE M 81 15.61 3.12 -41.23
CA ILE M 81 15.02 3.86 -42.36
C ILE M 81 16.11 4.26 -43.37
N GLN M 82 17.16 4.92 -42.88
CA GLN M 82 18.23 5.42 -43.76
C GLN M 82 18.99 4.29 -44.44
N HIS M 83 19.22 3.20 -43.71
CA HIS M 83 19.94 2.05 -44.25
C HIS M 83 19.26 1.40 -45.47
N ILE M 84 17.95 1.15 -45.39
CA ILE M 84 17.25 0.42 -46.44
C ILE M 84 17.07 1.22 -47.73
N LYS M 85 16.92 0.50 -48.84
CA LYS M 85 16.83 1.10 -50.18
C LYS M 85 15.51 1.85 -50.42
N PRO M 86 14.34 1.23 -50.10
CA PRO M 86 13.06 1.90 -50.38
C PRO M 86 12.89 3.25 -49.67
N ASP M 87 12.23 4.19 -50.33
CA ASP M 87 11.82 5.45 -49.71
C ASP M 87 10.80 5.13 -48.62
N VAL M 88 10.98 5.73 -47.44
CA VAL M 88 10.04 5.58 -46.34
C VAL M 88 9.27 6.88 -46.17
N GLN M 89 8.01 6.88 -46.56
CA GLN M 89 7.12 8.02 -46.34
C GLN M 89 6.73 8.10 -44.87
N THR M 90 6.59 9.32 -44.35
CA THR M 90 6.12 9.53 -42.98
C THR M 90 4.84 10.34 -43.00
N ILE M 91 3.84 9.88 -42.24
CA ILE M 91 2.50 10.49 -42.21
C ILE M 91 2.12 10.77 -40.75
N CYS M 92 2.12 12.03 -40.34
CA CYS M 92 1.70 12.40 -39.00
C CYS M 92 0.19 12.53 -38.96
N ILE M 93 -0.44 11.61 -38.23
CA ILE M 93 -1.87 11.63 -37.98
C ILE M 93 -2.06 11.61 -36.45
N GLY M 94 -2.89 12.50 -35.96
CA GLY M 94 -3.08 12.69 -34.52
C GLY M 94 -1.98 13.56 -33.95
N MET M 95 -0.87 12.94 -33.54
CA MET M 95 0.30 13.70 -33.10
C MET M 95 1.62 13.01 -33.33
N ALA M 96 2.67 13.82 -33.44
CA ALA M 96 4.04 13.35 -33.44
C ALA M 96 4.84 14.32 -32.56
N ALA M 97 5.29 13.83 -31.40
CA ALA M 97 6.00 14.65 -30.43
C ALA M 97 7.37 14.06 -30.09
N SER M 98 8.32 14.95 -29.78
CA SER M 98 9.68 14.58 -29.36
C SER M 98 10.38 13.69 -30.41
N MET M 99 10.77 12.46 -30.07
CA MET M 99 11.32 11.53 -31.06
C MET M 99 10.33 11.07 -32.13
N GLY M 100 9.03 11.23 -31.86
CA GLY M 100 8.01 11.03 -32.89
C GLY M 100 8.13 12.04 -34.02
N SER M 101 8.34 13.31 -33.66
CA SER M 101 8.51 14.39 -34.64
C SER M 101 9.89 14.34 -35.30
N PHE M 102 10.88 13.82 -34.58
CA PHE M 102 12.21 13.55 -35.14
C PHE M 102 12.12 12.50 -36.23
N LEU M 103 11.30 11.46 -36.02
CA LEU M 103 11.09 10.41 -37.02
C LEU M 103 10.20 10.87 -38.18
N LEU M 104 9.27 11.78 -37.91
CA LEU M 104 8.48 12.41 -38.97
C LEU M 104 9.36 13.19 -39.95
N ALA M 105 10.30 13.95 -39.41
CA ALA M 105 11.29 14.70 -40.22
C ALA M 105 12.25 13.77 -40.96
N ALA M 106 12.49 12.58 -40.41
CA ALA M 106 13.42 11.60 -40.97
C ALA M 106 12.95 10.84 -42.23
N GLY M 107 11.71 11.04 -42.65
CA GLY M 107 11.19 10.39 -43.87
C GLY M 107 11.89 10.85 -45.14
N ALA M 108 11.63 10.10 -46.22
CA ALA M 108 12.20 10.39 -47.53
C ALA M 108 11.81 11.79 -48.01
N LYS M 109 12.77 12.49 -48.61
CA LYS M 109 12.56 13.89 -49.03
C LYS M 109 11.45 14.01 -50.08
N GLY M 110 10.62 15.04 -49.92
CA GLY M 110 9.39 15.18 -50.69
C GLY M 110 8.28 14.20 -50.37
N LYS M 111 8.41 13.44 -49.27
CA LYS M 111 7.41 12.44 -48.88
C LYS M 111 7.19 12.38 -47.35
N ARG M 112 7.23 13.56 -46.71
CA ARG M 112 6.91 13.69 -45.29
C ARG M 112 5.62 14.50 -45.20
N PHE M 113 4.59 13.92 -44.57
CA PHE M 113 3.24 14.49 -44.61
C PHE M 113 2.62 14.60 -43.22
N ALA M 114 1.69 15.53 -43.09
CA ALA M 114 0.79 15.59 -41.93
C ALA M 114 -0.62 15.88 -42.44
N LEU M 115 -1.60 15.35 -41.72
CA LEU M 115 -3.00 15.69 -41.99
C LEU M 115 -3.32 16.99 -41.25
N PRO M 116 -4.31 17.77 -41.72
CA PRO M 116 -4.42 19.20 -41.35
C PRO M 116 -4.51 19.53 -39.85
N ASN M 117 -5.15 18.67 -39.07
CA ASN M 117 -5.36 18.89 -37.65
C ASN M 117 -4.38 18.09 -36.79
N ALA M 118 -3.37 17.48 -37.42
CA ALA M 118 -2.31 16.78 -36.71
C ALA M 118 -1.46 17.76 -35.94
N GLU M 119 -1.02 17.34 -34.76
CA GLU M 119 -0.23 18.15 -33.84
C GLU M 119 1.23 17.69 -33.94
N VAL M 120 2.15 18.64 -34.07
CA VAL M 120 3.59 18.34 -34.06
C VAL M 120 4.21 19.09 -32.89
N MET M 121 5.00 18.40 -32.07
CA MET M 121 5.70 19.03 -30.97
C MET M 121 7.17 18.63 -30.98
N ILE M 122 8.03 19.62 -30.70
CA ILE M 122 9.46 19.40 -30.60
C ILE M 122 9.93 19.91 -29.25
N HIS M 123 10.81 19.14 -28.61
CA HIS M 123 11.50 19.60 -27.39
C HIS M 123 12.85 18.92 -27.24
N GLN M 124 13.59 19.33 -26.22
CA GLN M 124 14.88 18.71 -25.91
C GLN M 124 14.68 17.38 -25.18
N PRO M 125 15.67 16.46 -25.25
CA PRO M 125 15.51 15.17 -24.60
C PRO M 125 15.44 15.23 -23.08
N LEU M 126 14.82 14.21 -22.50
CA LEU M 126 14.60 14.10 -21.07
C LEU M 126 15.42 12.95 -20.54
N GLY M 127 15.83 13.06 -19.27
CA GLY M 127 16.65 12.03 -18.65
C GLY M 127 16.81 12.23 -17.16
N GLY M 128 17.81 11.56 -16.60
CA GLY M 128 18.06 11.63 -15.16
C GLY M 128 19.36 11.02 -14.75
N ALA M 129 19.80 11.38 -13.54
CA ALA M 129 21.04 10.88 -12.97
C ALA M 129 21.02 11.07 -11.46
N GLN M 130 21.54 10.09 -10.75
CA GLN M 130 21.71 10.18 -9.29
C GLN M 130 23.03 9.50 -8.89
N GLY M 131 23.58 9.96 -7.77
CA GLY M 131 24.83 9.43 -7.23
C GLY M 131 25.91 10.49 -7.14
N GLN M 132 27.16 10.05 -7.29
CA GLN M 132 28.33 10.91 -7.12
C GLN M 132 28.41 11.99 -8.20
N ALA M 133 29.04 13.12 -7.85
CA ALA M 133 29.26 14.23 -8.80
C ALA M 133 29.88 13.81 -10.13
N THR M 134 30.77 12.82 -10.11
CA THR M 134 31.44 12.30 -11.31
C THR M 134 30.44 11.50 -12.17
N GLU M 135 29.57 10.73 -11.52
CA GLU M 135 28.49 10.01 -12.21
C GLU M 135 27.50 10.98 -12.82
N ILE M 136 27.14 12.02 -12.07
CA ILE M 136 26.26 13.09 -12.57
C ILE M 136 26.89 13.78 -13.78
N GLU M 137 28.19 14.07 -13.68
CA GLU M 137 28.95 14.72 -14.77
C GLU M 137 28.88 13.90 -16.08
N ILE M 138 29.12 12.59 -15.97
CA ILE M 138 29.08 11.67 -17.11
C ILE M 138 27.70 11.65 -17.78
N ALA M 139 26.64 11.56 -16.98
CA ALA M 139 25.26 11.57 -17.48
C ALA M 139 24.88 12.88 -18.17
N ALA M 140 25.30 14.00 -17.58
CA ALA M 140 25.11 15.33 -18.17
C ALA M 140 25.82 15.45 -19.52
N ASN M 141 27.09 15.06 -19.57
CA ASN M 141 27.87 15.11 -20.82
C ASN M 141 27.29 14.17 -21.87
N HIS M 142 26.87 12.97 -21.44
CA HIS M 142 26.20 12.02 -22.35
C HIS M 142 24.92 12.59 -22.98
N ILE M 143 24.02 13.14 -22.15
CA ILE M 143 22.73 13.66 -22.65
C ILE M 143 22.90 14.94 -23.49
N LEU M 144 23.85 15.80 -23.12
CA LEU M 144 24.18 16.99 -23.91
C LEU M 144 24.72 16.65 -25.32
N LYS M 145 25.63 15.67 -25.38
CA LYS M 145 26.09 15.09 -26.65
C LYS M 145 24.92 14.51 -27.48
N THR M 146 24.01 13.81 -26.81
CA THR M 146 22.83 13.25 -27.48
C THR M 146 21.93 14.35 -28.04
N ARG M 147 21.77 15.46 -27.32
CA ARG M 147 20.99 16.59 -27.83
C ARG M 147 21.64 17.24 -29.04
N GLU M 148 22.97 17.43 -28.97
CA GLU M 148 23.74 17.95 -30.12
C GLU M 148 23.56 17.04 -31.34
N LYS M 149 23.59 15.73 -31.11
CA LYS M 149 23.39 14.73 -32.17
C LYS M 149 22.02 14.88 -32.81
N LEU M 150 20.98 15.01 -31.98
CA LEU M 150 19.60 15.22 -32.46
C LEU M 150 19.45 16.52 -33.27
N ASN M 151 19.99 17.60 -32.72
CA ASN M 151 19.85 18.93 -33.33
C ASN M 151 20.62 19.05 -34.64
N ARG M 152 21.76 18.36 -34.73
CA ARG M 152 22.56 18.31 -35.95
C ARG M 152 21.80 17.61 -37.09
N ILE M 153 21.17 16.48 -36.78
CA ILE M 153 20.38 15.74 -37.77
C ILE M 153 19.10 16.50 -38.13
N LEU M 154 18.42 17.07 -37.13
CA LEU M 154 17.24 17.93 -37.42
C LEU M 154 17.59 19.11 -38.32
N SER M 155 18.74 19.74 -38.06
CA SER M 155 19.24 20.84 -38.88
C SER M 155 19.39 20.45 -40.35
N GLU M 156 20.03 19.30 -40.58
CA GLU M 156 20.21 18.75 -41.92
C GLU M 156 18.88 18.44 -42.61
N ARG M 157 17.94 17.89 -41.85
CA ARG M 157 16.63 17.48 -42.37
C ARG M 157 15.66 18.64 -42.64
N THR M 158 15.70 19.66 -41.78
CA THR M 158 14.76 20.78 -41.85
C THR M 158 15.28 21.98 -42.66
N GLY M 159 16.60 22.17 -42.69
CA GLY M 159 17.21 23.36 -43.28
C GLY M 159 17.43 24.50 -42.29
N GLN M 160 16.97 24.33 -41.05
CA GLN M 160 17.14 25.36 -40.00
C GLN M 160 18.52 25.21 -39.37
N SER M 161 19.04 26.30 -38.81
CA SER M 161 20.35 26.28 -38.14
C SER M 161 20.29 25.54 -36.81
N ILE M 162 21.40 24.91 -36.43
CA ILE M 162 21.53 24.21 -35.14
C ILE M 162 21.18 25.12 -33.95
N GLU M 163 21.58 26.39 -34.02
CA GLU M 163 21.29 27.38 -32.97
C GLU M 163 19.81 27.73 -32.86
N LYS M 164 19.09 27.75 -33.98
CA LYS M 164 17.63 27.98 -33.97
C LYS M 164 16.88 26.75 -33.42
N ILE M 165 17.33 25.56 -33.81
CA ILE M 165 16.75 24.32 -33.31
C ILE M 165 16.90 24.26 -31.78
N GLN M 166 18.08 24.67 -31.27
CA GLN M 166 18.35 24.63 -29.83
C GLN M 166 17.47 25.61 -29.03
N LYS M 167 17.23 26.81 -29.58
CA LYS M 167 16.31 27.78 -28.98
C LYS M 167 14.85 27.33 -29.05
N ASP M 168 14.45 26.81 -30.21
CA ASP M 168 13.08 26.34 -30.44
C ASP M 168 12.73 25.00 -29.76
N THR M 169 13.73 24.28 -29.24
CA THR M 169 13.51 23.03 -28.49
C THR M 169 13.82 23.13 -26.99
N ASP M 170 14.17 24.33 -26.51
CA ASP M 170 14.50 24.53 -25.09
C ASP M 170 13.31 24.20 -24.18
N ARG M 171 12.11 24.59 -24.63
CA ARG M 171 10.86 24.28 -23.93
C ARG M 171 9.92 23.67 -24.96
N ASP M 172 8.88 22.98 -24.46
CA ASP M 172 7.84 22.40 -25.31
C ASP M 172 7.36 23.43 -26.35
N ASN M 173 7.38 23.03 -27.61
CA ASN M 173 7.05 23.91 -28.74
C ASN M 173 6.07 23.18 -29.67
N PHE M 174 4.79 23.51 -29.53
CA PHE M 174 3.73 22.91 -30.33
C PHE M 174 3.60 23.62 -31.67
N LEU M 175 3.34 22.84 -32.72
CA LEU M 175 3.21 23.35 -34.08
C LEU M 175 2.00 22.73 -34.76
N THR M 176 1.27 23.55 -35.50
CA THR M 176 0.24 23.06 -36.41
C THR M 176 0.89 22.33 -37.58
N ALA M 177 0.07 21.64 -38.39
CA ALA M 177 0.55 20.96 -39.58
C ALA M 177 1.25 21.94 -40.52
N GLU M 178 0.57 23.07 -40.78
CA GLU M 178 1.10 24.12 -41.65
C GLU M 178 2.42 24.69 -41.10
N GLU M 179 2.44 25.01 -39.81
CA GLU M 179 3.66 25.50 -39.14
C GLU M 179 4.84 24.52 -39.24
N ALA M 180 4.55 23.21 -39.14
CA ALA M 180 5.56 22.16 -39.28
C ALA M 180 6.09 22.07 -40.72
N LYS M 181 5.25 22.33 -41.72
CA LYS M 181 5.68 22.39 -43.12
C LYS M 181 6.68 23.53 -43.34
N GLU M 182 6.27 24.74 -43.01
CA GLU M 182 7.16 25.92 -43.16
C GLU M 182 8.38 25.89 -42.25
N TYR M 183 8.34 25.11 -41.16
CA TYR M 183 9.53 24.82 -40.37
C TYR M 183 10.50 23.86 -41.07
N GLY M 184 9.98 23.01 -41.98
CA GLY M 184 10.78 22.01 -42.69
C GLY M 184 10.74 20.60 -42.10
N LEU M 185 9.86 20.37 -41.11
CA LEU M 185 9.67 19.04 -40.51
C LEU M 185 8.92 18.10 -41.46
N ILE M 186 7.99 18.65 -42.23
CA ILE M 186 7.29 17.92 -43.28
C ILE M 186 7.38 18.68 -44.59
N ASP M 187 7.01 18.01 -45.68
CA ASP M 187 7.02 18.59 -47.03
C ASP M 187 5.68 19.15 -47.45
N GLU M 188 4.58 18.50 -47.06
CA GLU M 188 3.24 18.89 -47.47
C GLU M 188 2.19 18.61 -46.39
N VAL M 189 1.13 19.42 -46.36
CA VAL M 189 -0.08 19.14 -45.59
C VAL M 189 -1.05 18.42 -46.53
N MET M 190 -1.35 17.16 -46.24
CA MET M 190 -2.21 16.33 -47.08
C MET M 190 -3.68 16.73 -46.87
N VAL M 191 -4.15 17.69 -47.67
CA VAL M 191 -5.52 18.23 -47.55
C VAL M 191 -6.58 17.23 -48.07
N PRO M 192 -7.81 17.32 -47.53
CA PRO M 192 -8.90 16.47 -48.04
C PRO M 192 -9.52 17.02 -49.32
N GLU M 193 -9.72 16.16 -50.31
CA GLU M 193 -10.38 16.54 -51.57
C GLU M 193 -11.89 16.73 -51.34
N THR M 194 -12.48 17.66 -52.10
CA THR M 194 -13.91 17.99 -51.98
C THR M 194 -14.78 16.88 -52.59
N ILE N 4 2.35 -7.32 -31.97
CA ILE N 4 3.38 -7.83 -32.93
C ILE N 4 2.69 -8.36 -34.20
N PRO N 5 2.94 -7.72 -35.37
CA PRO N 5 2.22 -8.10 -36.58
C PRO N 5 2.56 -9.50 -37.14
N THR N 6 1.66 -9.98 -37.99
CA THR N 6 1.77 -11.26 -38.69
C THR N 6 2.05 -11.01 -40.18
N VAL N 7 2.79 -11.94 -40.80
CA VAL N 7 2.99 -11.96 -42.26
C VAL N 7 2.65 -13.35 -42.79
N ILE N 8 2.22 -13.44 -44.05
CA ILE N 8 1.83 -14.71 -44.69
C ILE N 8 2.69 -14.96 -45.93
N ARG N 16 1.08 -20.51 -44.90
CA ARG N 16 1.53 -20.46 -43.51
C ARG N 16 1.69 -19.01 -43.03
N ALA N 17 1.50 -18.82 -41.72
CA ALA N 17 1.57 -17.48 -41.09
C ALA N 17 2.67 -17.42 -40.02
N TYR N 18 3.44 -16.33 -40.05
CA TYR N 18 4.53 -16.07 -39.11
C TYR N 18 4.28 -14.76 -38.41
N ASP N 19 4.58 -14.69 -37.11
CA ASP N 19 4.82 -13.39 -36.45
C ASP N 19 6.14 -12.85 -36.99
N ILE N 20 6.31 -11.53 -36.97
CA ILE N 20 7.42 -10.89 -37.67
C ILE N 20 8.82 -11.38 -37.22
N TYR N 21 9.00 -11.64 -35.92
CA TYR N 21 10.29 -12.12 -35.40
C TYR N 21 10.61 -13.54 -35.87
N SER N 22 9.60 -14.43 -35.88
CA SER N 22 9.73 -15.77 -36.46
C SER N 22 10.06 -15.76 -37.96
N ARG N 23 9.53 -14.77 -38.69
CA ARG N 23 9.86 -14.61 -40.11
C ARG N 23 11.33 -14.25 -40.28
N LEU N 24 11.85 -13.36 -39.44
CA LEU N 24 13.27 -13.00 -39.44
C LEU N 24 14.18 -14.18 -39.08
N LEU N 25 13.74 -15.03 -38.16
CA LEU N 25 14.47 -16.26 -37.81
C LEU N 25 14.57 -17.25 -38.99
N LYS N 26 13.56 -17.24 -39.86
CA LYS N 26 13.57 -18.02 -41.11
C LYS N 26 14.74 -17.66 -42.03
N ASP N 27 15.16 -16.39 -42.01
CA ASP N 27 16.36 -15.93 -42.74
C ASP N 27 17.59 -15.76 -41.83
N ARG N 28 17.67 -16.59 -40.78
CA ARG N 28 18.85 -16.68 -39.90
C ARG N 28 19.18 -15.40 -39.11
N ILE N 29 18.15 -14.60 -38.81
CA ILE N 29 18.31 -13.37 -38.03
C ILE N 29 17.73 -13.58 -36.63
N ILE N 30 18.54 -13.32 -35.61
CA ILE N 30 18.14 -13.43 -34.21
C ILE N 30 18.06 -12.03 -33.61
N MET N 31 16.99 -11.77 -32.85
CA MET N 31 16.74 -10.45 -32.27
C MET N 31 17.05 -10.44 -30.77
N LEU N 32 18.10 -9.74 -30.38
CA LEU N 32 18.38 -9.43 -28.98
C LEU N 32 17.96 -7.97 -28.76
N GLY N 33 16.70 -7.79 -28.39
CA GLY N 33 16.06 -6.48 -28.36
C GLY N 33 15.61 -6.00 -26.99
N SER N 34 16.13 -6.61 -25.93
CA SER N 34 15.66 -6.32 -24.57
C SER N 34 16.77 -6.52 -23.55
N GLN N 35 16.42 -6.31 -22.28
CA GLN N 35 17.31 -6.59 -21.16
C GLN N 35 17.60 -8.09 -21.14
N ILE N 36 18.87 -8.43 -20.93
CA ILE N 36 19.31 -9.82 -20.96
C ILE N 36 19.05 -10.48 -19.61
N ASP N 37 18.01 -11.31 -19.56
CA ASP N 37 17.77 -12.21 -18.43
C ASP N 37 17.83 -13.66 -18.92
N ASP N 38 17.66 -14.61 -18.00
CA ASP N 38 17.72 -16.03 -18.34
C ASP N 38 16.76 -16.45 -19.45
N ASN N 39 15.55 -15.88 -19.48
CA ASN N 39 14.56 -16.20 -20.53
C ASN N 39 15.01 -15.79 -21.92
N VAL N 40 15.57 -14.59 -22.02
CA VAL N 40 16.12 -14.10 -23.30
C VAL N 40 17.31 -14.97 -23.74
N ALA N 41 18.20 -15.28 -22.80
CA ALA N 41 19.37 -16.12 -23.07
C ALA N 41 18.99 -17.53 -23.52
N ASN N 42 18.00 -18.15 -22.87
CA ASN N 42 17.54 -19.50 -23.25
C ASN N 42 16.96 -19.51 -24.65
N SER N 43 16.22 -18.45 -25.00
CA SER N 43 15.64 -18.30 -26.32
C SER N 43 16.71 -18.16 -27.41
N ILE N 44 17.67 -17.26 -27.19
CA ILE N 44 18.74 -17.01 -28.17
C ILE N 44 19.66 -18.23 -28.33
N VAL N 45 20.00 -18.89 -27.21
CA VAL N 45 20.77 -20.13 -27.26
C VAL N 45 20.04 -21.21 -28.09
N SER N 46 18.73 -21.35 -27.88
CA SER N 46 17.91 -22.29 -28.63
C SER N 46 17.85 -21.95 -30.13
N GLN N 47 17.72 -20.66 -30.44
CA GLN N 47 17.74 -20.19 -31.83
C GLN N 47 19.07 -20.47 -32.52
N LEU N 48 20.18 -20.17 -31.85
CA LEU N 48 21.53 -20.46 -32.35
C LEU N 48 21.73 -21.94 -32.66
N LEU N 49 21.25 -22.79 -31.76
CA LEU N 49 21.37 -24.20 -31.93
C LEU N 49 20.55 -24.69 -33.11
N PHE N 50 19.35 -24.17 -33.23
CA PHE N 50 18.45 -24.48 -34.35
C PHE N 50 19.02 -24.06 -35.72
N LEU N 51 19.55 -22.85 -35.79
CA LEU N 51 20.16 -22.36 -37.03
C LEU N 51 21.43 -23.12 -37.43
N GLN N 52 22.19 -23.60 -36.45
CA GLN N 52 23.32 -24.51 -36.71
C GLN N 52 22.87 -25.82 -37.38
N ALA N 53 21.85 -26.44 -36.80
CA ALA N 53 21.31 -27.72 -37.29
C ALA N 53 20.74 -27.62 -38.71
N GLN N 54 20.09 -26.49 -39.01
CA GLN N 54 19.58 -26.24 -40.37
C GLN N 54 20.70 -26.13 -41.40
N ASP N 55 21.70 -25.32 -41.08
CA ASP N 55 22.86 -25.12 -41.95
C ASP N 55 24.06 -24.67 -41.11
N SER N 56 25.09 -25.52 -41.06
CA SER N 56 26.29 -25.28 -40.24
C SER N 56 27.30 -24.32 -40.87
N GLU N 57 27.08 -23.92 -42.13
CA GLU N 57 28.00 -23.04 -42.87
C GLU N 57 27.51 -21.59 -43.02
N LYS N 58 26.22 -21.39 -43.26
CA LYS N 58 25.67 -20.05 -43.51
C LYS N 58 25.75 -19.16 -42.28
N ASP N 59 26.05 -17.88 -42.53
CA ASP N 59 26.12 -16.88 -41.46
C ASP N 59 24.78 -16.71 -40.73
N ILE N 60 24.89 -16.45 -39.43
CA ILE N 60 23.79 -16.06 -38.57
C ILE N 60 23.96 -14.57 -38.26
N TYR N 61 22.85 -13.86 -38.11
CA TYR N 61 22.86 -12.41 -37.86
C TYR N 61 22.20 -12.08 -36.53
N LEU N 62 23.00 -11.64 -35.55
CA LEU N 62 22.49 -11.26 -34.24
C LEU N 62 22.29 -9.75 -34.19
N TYR N 63 21.03 -9.33 -34.22
CA TYR N 63 20.63 -7.94 -33.97
C TYR N 63 20.76 -7.64 -32.47
N ILE N 64 21.42 -6.54 -32.12
CA ILE N 64 21.61 -6.14 -30.72
C ILE N 64 21.07 -4.72 -30.49
N ASN N 65 19.94 -4.65 -29.77
CA ASN N 65 19.45 -3.41 -29.18
C ASN N 65 19.11 -3.70 -27.72
N SER N 66 20.11 -3.57 -26.85
CA SER N 66 20.01 -4.09 -25.48
C SER N 66 20.78 -3.22 -24.49
N PRO N 67 20.16 -2.92 -23.31
CA PRO N 67 20.89 -2.23 -22.24
C PRO N 67 21.80 -3.15 -21.42
N GLY N 68 21.87 -4.44 -21.77
CA GLY N 68 22.62 -5.43 -21.02
C GLY N 68 21.68 -6.16 -20.07
N GLY N 69 22.25 -6.68 -18.99
CA GLY N 69 21.47 -7.39 -17.98
C GLY N 69 22.35 -8.34 -17.19
N SER N 70 21.89 -9.57 -17.00
CA SER N 70 22.65 -10.56 -16.24
C SER N 70 23.94 -10.97 -16.95
N VAL N 71 25.02 -11.11 -16.18
CA VAL N 71 26.32 -11.51 -16.70
C VAL N 71 26.28 -12.98 -17.12
N THR N 72 25.79 -13.84 -16.24
CA THR N 72 25.73 -15.29 -16.52
C THR N 72 24.86 -15.60 -17.74
N ALA N 73 23.73 -14.91 -17.86
CA ALA N 73 22.85 -15.03 -19.01
C ALA N 73 23.54 -14.55 -20.30
N GLY N 74 24.29 -13.46 -20.20
CA GLY N 74 25.13 -13.00 -21.30
C GLY N 74 26.16 -14.03 -21.74
N PHE N 75 26.79 -14.68 -20.76
CA PHE N 75 27.78 -15.74 -21.04
C PHE N 75 27.18 -17.02 -21.65
N ALA N 76 25.91 -17.29 -21.36
CA ALA N 76 25.18 -18.35 -22.05
C ALA N 76 25.15 -18.08 -23.56
N ILE N 77 24.84 -16.85 -23.94
CA ILE N 77 24.82 -16.44 -25.34
C ILE N 77 26.23 -16.43 -25.94
N TYR N 78 27.19 -15.86 -25.20
CA TYR N 78 28.59 -15.79 -25.64
C TYR N 78 29.18 -17.16 -25.97
N ASP N 79 29.10 -18.08 -25.01
CA ASP N 79 29.64 -19.44 -25.18
C ASP N 79 28.99 -20.18 -26.34
N THR N 80 27.67 -20.02 -26.48
CA THR N 80 26.96 -20.70 -27.57
C THR N 80 27.37 -20.13 -28.94
N ILE N 81 27.53 -18.82 -29.04
CA ILE N 81 28.06 -18.21 -30.27
C ILE N 81 29.42 -18.83 -30.63
N GLN N 82 30.32 -18.87 -29.66
CA GLN N 82 31.65 -19.43 -29.88
C GLN N 82 31.63 -20.93 -30.16
N HIS N 83 30.69 -21.66 -29.55
CA HIS N 83 30.61 -23.10 -29.74
C HIS N 83 30.22 -23.54 -31.15
N ILE N 84 29.20 -22.89 -31.72
CA ILE N 84 28.65 -23.31 -33.02
C ILE N 84 29.60 -23.00 -34.20
N LYS N 85 29.39 -23.72 -35.29
CA LYS N 85 30.25 -23.62 -36.48
C LYS N 85 30.06 -22.31 -37.26
N PRO N 86 28.80 -21.91 -37.52
CA PRO N 86 28.59 -20.68 -38.30
C PRO N 86 29.15 -19.41 -37.65
N ASP N 87 29.57 -18.46 -38.49
CA ASP N 87 29.91 -17.11 -38.04
C ASP N 87 28.63 -16.42 -37.58
N VAL N 88 28.67 -15.80 -36.41
CA VAL N 88 27.57 -14.98 -35.93
C VAL N 88 27.98 -13.52 -36.14
N GLN N 89 27.29 -12.84 -37.06
CA GLN N 89 27.49 -11.39 -37.23
C GLN N 89 26.76 -10.67 -36.09
N THR N 90 27.36 -9.59 -35.58
CA THR N 90 26.70 -8.75 -34.57
C THR N 90 26.49 -7.34 -35.14
N ILE N 91 25.27 -6.84 -35.02
CA ILE N 91 24.87 -5.54 -35.55
C ILE N 91 24.20 -4.73 -34.44
N CYS N 92 24.86 -3.66 -34.00
CA CYS N 92 24.30 -2.77 -32.99
C CYS N 92 23.41 -1.74 -33.67
N ILE N 93 22.13 -1.77 -33.33
CA ILE N 93 21.15 -0.80 -33.81
C ILE N 93 20.45 -0.26 -32.56
N GLY N 94 20.41 1.06 -32.42
CA GLY N 94 19.84 1.70 -31.23
C GLY N 94 20.88 1.84 -30.13
N MET N 95 21.03 0.80 -29.32
CA MET N 95 22.09 0.78 -28.31
C MET N 95 22.59 -0.63 -27.95
N ALA N 96 23.85 -0.68 -27.50
CA ALA N 96 24.45 -1.89 -26.93
C ALA N 96 25.24 -1.44 -25.71
N ALA N 97 24.69 -1.69 -24.52
CA ALA N 97 25.29 -1.25 -23.25
C ALA N 97 25.66 -2.42 -22.37
N SER N 98 26.79 -2.28 -21.65
CA SER N 98 27.29 -3.30 -20.72
C SER N 98 27.43 -4.69 -21.37
N MET N 99 26.65 -5.70 -20.96
CA MET N 99 26.73 -7.03 -21.58
C MET N 99 26.24 -7.05 -23.02
N GLY N 100 25.41 -6.08 -23.40
CA GLY N 100 25.02 -5.88 -24.80
C GLY N 100 26.23 -5.54 -25.68
N SER N 101 27.09 -4.64 -25.18
CA SER N 101 28.32 -4.27 -25.89
C SER N 101 29.35 -5.38 -25.86
N PHE N 102 29.43 -6.10 -24.74
CA PHE N 102 30.26 -7.30 -24.63
C PHE N 102 29.88 -8.31 -25.71
N LEU N 103 28.57 -8.56 -25.86
CA LEU N 103 28.08 -9.48 -26.90
C LEU N 103 28.30 -8.95 -28.32
N LEU N 104 28.19 -7.64 -28.51
CA LEU N 104 28.52 -7.00 -29.79
C LEU N 104 29.97 -7.27 -30.20
N ALA N 105 30.90 -7.10 -29.27
CA ALA N 105 32.33 -7.39 -29.50
C ALA N 105 32.64 -8.87 -29.72
N ALA N 106 31.73 -9.76 -29.29
CA ALA N 106 31.89 -11.21 -29.44
C ALA N 106 31.54 -11.80 -30.82
N GLY N 107 31.03 -10.97 -31.73
CA GLY N 107 30.69 -11.44 -33.08
C GLY N 107 31.91 -11.88 -33.87
N ALA N 108 31.66 -12.64 -34.95
CA ALA N 108 32.73 -13.16 -35.80
C ALA N 108 33.66 -12.05 -36.25
N LYS N 109 34.97 -12.34 -36.28
CA LYS N 109 35.97 -11.34 -36.63
C LYS N 109 35.78 -10.83 -38.06
N GLY N 110 35.79 -9.51 -38.21
CA GLY N 110 35.46 -8.83 -39.46
C GLY N 110 33.98 -8.69 -39.80
N LYS N 111 33.09 -9.14 -38.90
CA LYS N 111 31.64 -9.12 -39.15
C LYS N 111 30.85 -8.53 -37.97
N ARG N 112 31.48 -7.65 -37.20
CA ARG N 112 30.84 -6.90 -36.12
C ARG N 112 30.58 -5.49 -36.62
N PHE N 113 29.31 -5.08 -36.59
CA PHE N 113 28.86 -3.84 -37.20
C PHE N 113 28.06 -2.97 -36.22
N ALA N 114 27.90 -1.71 -36.59
CA ALA N 114 26.98 -0.79 -35.94
C ALA N 114 26.52 0.24 -36.97
N LEU N 115 25.26 0.68 -36.86
CA LEU N 115 24.74 1.72 -37.75
C LEU N 115 25.14 3.08 -37.17
N PRO N 116 25.23 4.14 -38.02
CA PRO N 116 25.94 5.38 -37.67
C PRO N 116 25.58 6.02 -36.33
N ASN N 117 24.29 6.12 -36.03
CA ASN N 117 23.80 6.78 -34.82
C ASN N 117 23.62 5.84 -33.62
N ALA N 118 24.11 4.60 -33.72
CA ALA N 118 24.00 3.61 -32.65
C ALA N 118 24.93 3.93 -31.50
N GLU N 119 24.45 3.68 -30.28
CA GLU N 119 25.14 4.04 -29.04
C GLU N 119 25.76 2.80 -28.44
N VAL N 120 27.06 2.84 -28.17
CA VAL N 120 27.76 1.72 -27.54
C VAL N 120 28.26 2.23 -26.19
N MET N 121 27.97 1.50 -25.12
CA MET N 121 28.43 1.85 -23.78
C MET N 121 29.09 0.64 -23.12
N ILE N 122 30.18 0.89 -22.39
CA ILE N 122 30.89 -0.14 -21.63
C ILE N 122 31.05 0.34 -20.20
N HIS N 123 30.90 -0.57 -19.25
CA HIS N 123 31.23 -0.30 -17.86
C HIS N 123 31.58 -1.59 -17.12
N GLN N 124 31.84 -1.49 -15.82
CA GLN N 124 32.11 -2.66 -15.00
C GLN N 124 30.80 -3.30 -14.52
N PRO N 125 30.83 -4.60 -14.20
CA PRO N 125 29.60 -5.27 -13.77
C PRO N 125 29.05 -4.74 -12.44
N LEU N 126 27.74 -4.88 -12.29
CA LEU N 126 27.02 -4.44 -11.10
C LEU N 126 26.61 -5.66 -10.30
N GLY N 127 26.44 -5.47 -9.00
CA GLY N 127 25.98 -6.54 -8.13
C GLY N 127 25.66 -6.03 -6.74
N GLY N 128 25.57 -6.97 -5.80
CA GLY N 128 25.22 -6.64 -4.44
C GLY N 128 25.44 -7.78 -3.48
N ALA N 129 25.49 -7.45 -2.20
CA ALA N 129 25.73 -8.42 -1.14
C ALA N 129 25.25 -7.84 0.19
N GLN N 130 24.66 -8.69 1.02
CA GLN N 130 24.23 -8.30 2.36
C GLN N 130 24.30 -9.49 3.31
N GLY N 131 24.59 -9.20 4.57
CA GLY N 131 24.79 -10.22 5.60
C GLY N 131 26.17 -10.10 6.22
N GLN N 132 26.73 -11.25 6.60
CA GLN N 132 27.97 -11.28 7.37
C GLN N 132 29.19 -10.86 6.54
N ALA N 133 30.24 -10.40 7.21
CA ALA N 133 31.49 -10.00 6.53
C ALA N 133 32.07 -11.09 5.62
N THR N 134 31.95 -12.34 6.05
CA THR N 134 32.43 -13.50 5.29
C THR N 134 31.61 -13.70 4.02
N GLU N 135 30.29 -13.48 4.11
CA GLU N 135 29.40 -13.53 2.95
C GLU N 135 29.66 -12.37 1.97
N ILE N 136 30.00 -11.19 2.51
CA ILE N 136 30.34 -10.01 1.68
C ILE N 136 31.67 -10.25 0.95
N GLU N 137 32.64 -10.86 1.64
CA GLU N 137 33.96 -11.18 1.06
C GLU N 137 33.85 -12.10 -0.16
N ILE N 138 33.08 -13.19 0.01
CA ILE N 138 32.81 -14.16 -1.07
C ILE N 138 32.19 -13.48 -2.30
N ALA N 139 31.15 -12.68 -2.08
CA ALA N 139 30.49 -11.93 -3.16
C ALA N 139 31.43 -10.91 -3.83
N ALA N 140 32.28 -10.26 -3.04
CA ALA N 140 33.27 -9.33 -3.57
C ALA N 140 34.28 -10.04 -4.46
N ASN N 141 34.82 -11.16 -3.95
CA ASN N 141 35.81 -11.95 -4.71
C ASN N 141 35.21 -12.54 -5.97
N HIS N 142 33.93 -12.92 -5.91
CA HIS N 142 33.21 -13.45 -7.07
C HIS N 142 33.05 -12.43 -8.20
N ILE N 143 32.53 -11.24 -7.88
CA ILE N 143 32.31 -10.19 -8.89
C ILE N 143 33.63 -9.59 -9.40
N LEU N 144 34.67 -9.59 -8.55
CA LEU N 144 36.02 -9.22 -9.00
C LEU N 144 36.58 -10.22 -10.01
N LYS N 145 36.41 -11.52 -9.75
CA LYS N 145 36.78 -12.56 -10.72
C LYS N 145 36.01 -12.42 -12.02
N THR N 146 34.69 -12.22 -11.90
CA THR N 146 33.81 -12.00 -13.05
C THR N 146 34.27 -10.80 -13.90
N ARG N 147 34.71 -9.73 -13.23
CA ARG N 147 35.22 -8.54 -13.92
C ARG N 147 36.53 -8.81 -14.67
N GLU N 148 37.48 -9.47 -14.01
CA GLU N 148 38.75 -9.86 -14.66
C GLU N 148 38.51 -10.74 -15.89
N LYS N 149 37.56 -11.66 -15.79
CA LYS N 149 37.18 -12.56 -16.90
C LYS N 149 36.60 -11.78 -18.08
N LEU N 150 35.65 -10.88 -17.80
CA LEU N 150 35.06 -10.00 -18.82
C LEU N 150 36.10 -9.09 -19.48
N ASN N 151 36.96 -8.48 -18.66
CA ASN N 151 38.00 -7.56 -19.17
C ASN N 151 39.06 -8.29 -20.00
N ARG N 152 39.43 -9.50 -19.57
CA ARG N 152 40.33 -10.39 -20.34
C ARG N 152 39.82 -10.65 -21.75
N ILE N 153 38.55 -11.03 -21.86
CA ILE N 153 37.94 -11.37 -23.16
C ILE N 153 37.81 -10.13 -24.04
N LEU N 154 37.47 -8.98 -23.44
CA LEU N 154 37.40 -7.72 -24.19
C LEU N 154 38.77 -7.33 -24.75
N SER N 155 39.82 -7.50 -23.96
CA SER N 155 41.20 -7.27 -24.43
C SER N 155 41.49 -8.10 -25.68
N GLU N 156 41.17 -9.40 -25.63
CA GLU N 156 41.36 -10.32 -26.76
C GLU N 156 40.52 -9.93 -27.99
N ARG N 157 39.29 -9.50 -27.75
CA ARG N 157 38.35 -9.16 -28.84
C ARG N 157 38.57 -7.78 -29.46
N THR N 158 39.12 -6.84 -28.68
CA THR N 158 39.37 -5.46 -29.14
C THR N 158 40.83 -5.15 -29.55
N GLY N 159 41.79 -5.90 -29.01
CA GLY N 159 43.21 -5.59 -29.17
C GLY N 159 43.80 -4.65 -28.12
N GLN N 160 42.96 -4.13 -27.20
CA GLN N 160 43.43 -3.21 -26.15
C GLN N 160 43.99 -4.02 -24.99
N SER N 161 44.86 -3.40 -24.20
CA SER N 161 45.42 -4.08 -23.01
C SER N 161 44.39 -4.18 -21.88
N ILE N 162 44.56 -5.18 -21.02
CA ILE N 162 43.69 -5.38 -19.84
C ILE N 162 43.63 -4.14 -18.94
N GLU N 163 44.77 -3.48 -18.74
CA GLU N 163 44.82 -2.27 -17.89
C GLU N 163 44.11 -1.06 -18.53
N LYS N 164 44.07 -1.00 -19.86
CA LYS N 164 43.29 0.02 -20.56
C LYS N 164 41.78 -0.25 -20.48
N ILE N 165 41.39 -1.52 -20.62
CA ILE N 165 39.99 -1.92 -20.47
C ILE N 165 39.50 -1.63 -19.05
N GLN N 166 40.33 -1.89 -18.03
CA GLN N 166 39.92 -1.64 -16.64
C GLN N 166 39.73 -0.15 -16.34
N LYS N 167 40.61 0.71 -16.86
CA LYS N 167 40.47 2.17 -16.71
C LYS N 167 39.23 2.73 -17.42
N ASP N 168 39.01 2.30 -18.65
CA ASP N 168 37.90 2.81 -19.47
C ASP N 168 36.52 2.30 -19.04
N THR N 169 36.47 1.17 -18.33
CA THR N 169 35.22 0.61 -17.79
C THR N 169 34.98 0.91 -16.29
N ASP N 170 35.88 1.69 -15.67
CA ASP N 170 35.75 2.08 -14.27
C ASP N 170 34.42 2.80 -13.99
N ARG N 171 34.04 3.66 -14.92
CA ARG N 171 32.76 4.38 -14.88
C ARG N 171 32.09 4.23 -16.26
N ASP N 172 30.79 4.55 -16.32
CA ASP N 172 30.04 4.52 -17.59
C ASP N 172 30.81 5.29 -18.67
N ASN N 173 31.01 4.65 -19.83
CA ASN N 173 31.80 5.25 -20.91
C ASN N 173 31.03 5.08 -22.22
N PHE N 174 30.48 6.19 -22.71
CA PHE N 174 29.66 6.21 -23.91
C PHE N 174 30.51 6.44 -25.15
N LEU N 175 30.21 5.68 -26.20
CA LEU N 175 30.95 5.72 -27.45
C LEU N 175 30.00 5.83 -28.62
N THR N 176 30.38 6.63 -29.61
CA THR N 176 29.72 6.65 -30.91
C THR N 176 30.05 5.36 -31.68
N ALA N 177 29.37 5.14 -32.80
CA ALA N 177 29.67 4.01 -33.68
C ALA N 177 31.11 4.07 -34.18
N GLU N 178 31.54 5.26 -34.63
CA GLU N 178 32.90 5.48 -35.10
C GLU N 178 33.92 5.26 -33.99
N GLU N 179 33.64 5.77 -32.78
CA GLU N 179 34.52 5.53 -31.62
C GLU N 179 34.60 4.06 -31.23
N ALA N 180 33.51 3.32 -31.40
CA ALA N 180 33.50 1.87 -31.15
C ALA N 180 34.37 1.10 -32.14
N LYS N 181 34.43 1.57 -33.38
CA LYS N 181 35.28 0.97 -34.41
C LYS N 181 36.76 1.11 -34.08
N GLU N 182 37.19 2.34 -33.82
CA GLU N 182 38.60 2.61 -33.48
C GLU N 182 39.01 2.09 -32.10
N TYR N 183 38.04 1.84 -31.22
CA TYR N 183 38.31 1.14 -29.95
C TYR N 183 38.54 -0.36 -30.17
N GLY N 184 37.89 -0.92 -31.20
CA GLY N 184 37.98 -2.35 -31.52
C GLY N 184 36.77 -3.19 -31.13
N LEU N 185 35.70 -2.53 -30.67
CA LEU N 185 34.47 -3.23 -30.28
C LEU N 185 33.70 -3.75 -31.50
N ILE N 186 33.73 -2.97 -32.59
CA ILE N 186 33.20 -3.40 -33.90
C ILE N 186 34.28 -3.27 -34.97
N ASP N 187 33.99 -3.80 -36.15
CA ASP N 187 34.89 -3.75 -37.29
C ASP N 187 34.57 -2.63 -38.28
N GLU N 188 33.28 -2.41 -38.54
CA GLU N 188 32.83 -1.48 -39.57
C GLU N 188 31.61 -0.70 -39.11
N VAL N 189 31.54 0.58 -39.50
CA VAL N 189 30.30 1.36 -39.40
C VAL N 189 29.56 1.13 -40.72
N MET N 190 28.35 0.58 -40.62
CA MET N 190 27.54 0.26 -41.80
C MET N 190 26.79 1.51 -42.27
N VAL N 191 27.38 2.22 -43.23
CA VAL N 191 26.80 3.46 -43.76
C VAL N 191 25.66 3.19 -44.73
N PRO N 192 24.69 4.13 -44.85
CA PRO N 192 23.53 3.93 -45.74
C PRO N 192 23.88 3.96 -47.23
C10 A1EEE O . -3.46 -5.91 51.17
C17 A1EEE O . -1.44 -3.84 48.40
C20 A1EEE O . -1.10 -6.29 45.37
C21 A1EEE O . -1.98 -5.53 44.34
C22 A1EEE O . -3.43 -5.65 44.30
C24 A1EEE O . -5.54 -6.58 45.16
C26 A1EEE O . -5.57 -5.04 43.29
C28 A1EEE O . -3.46 -4.10 42.42
O01 A1EEE O . -2.89 -1.37 48.64
C02 A1EEE O . -1.76 -1.30 49.00
N03 A1EEE O . -0.90 -2.52 48.86
C04 A1EEE O . 0.48 -2.58 49.32
C05 A1EEE O . 0.43 -3.27 50.65
C06 A1EEE O . -0.21 -4.67 50.58
N07 A1EEE O . -1.15 -4.97 49.44
C08 A1EEE O . -1.69 -5.97 49.23
C09 A1EEE O . -3.23 -5.89 49.60
C11 A1EEE O . -4.38 -4.65 51.50
C18 A1EEE O . -0.82 -4.37 46.96
N19 A1EEE O . -1.19 -5.71 46.73
C23 A1EEE O . -4.14 -6.49 45.22
C25 A1EEE O . -6.26 -5.86 44.20
C27 A1EEE O . -4.14 -4.95 43.36
C29 A1EEE O . -2.07 -3.99 42.45
C30 A1EEE O . -1.33 -4.70 43.41
C31 A1EEE O . -1.59 -6.52 47.86
O32 A1EEE O . -1.89 -7.66 47.72
O33 A1EEE O . 0.06 -5.47 51.42
N34 A1EEE O . -1.22 -0.04 49.53
C35 A1EEE O . -2.03 1.18 49.65
C36 A1EEE O . -1.68 2.24 48.59
C37 A1EEE O . -2.35 1.98 47.40
C38 A1EEE O . -2.11 2.98 46.48
F40 A1EEE O . -0.75 3.09 46.24
F41 A1EEE O . -2.76 2.65 45.30
F42 A1EEE O . -2.58 4.21 46.92
N51 A1EEE O . -3.55 -3.47 51.95
N52 A1EEE O . -2.68 -2.31 52.33
N53 A1EEE O . -1.83 -1.14 52.77
C1 MPD P . 5.20 -20.72 30.44
C2 MPD P . 6.71 -20.78 30.23
O2 MPD P . 7.00 -21.88 29.35
CM MPD P . 7.42 -21.07 31.53
C3 MPD P . 7.23 -19.49 29.59
C4 MPD P . 7.46 -19.64 28.11
O4 MPD P . 6.22 -19.68 27.45
C5 MPD P . 8.27 -18.53 27.52
C10 A1EEE Q . 25.48 -4.54 44.68
C17 A1EEE Q . 24.23 -1.17 42.40
C20 A1EEE Q . 24.60 -2.77 38.81
C21 A1EEE Q . 23.12 -2.79 38.35
C22 A1EEE Q . 22.21 -3.85 38.73
C24 A1EEE Q . 21.71 -5.96 39.90
C26 A1EEE Q . 19.98 -4.83 38.65
C28 A1EEE Q . 20.46 -2.72 37.47
O01 A1EEE Q . 21.88 -0.13 43.74
C02 A1EEE Q . 22.78 0.66 43.65
N03 A1EEE Q . 24.02 0.23 42.93
C04 A1EEE Q . 25.20 1.07 42.80
C05 A1EEE Q . 26.15 0.53 43.83
C06 A1EEE Q . 26.54 -0.95 43.61
N07 A1EEE Q . 25.56 -1.83 42.88
C08 A1EEE Q . 25.67 -2.95 42.58
C09 A1EEE Q . 24.72 -3.90 43.44
C11 A1EEE Q . 25.44 -6.12 44.47
C18 A1EEE Q . 24.30 -1.18 40.72
N19 A1EEE Q . 24.77 -2.41 40.24
C23 A1EEE Q . 22.61 -4.96 39.55
C25 A1EEE Q . 20.38 -5.90 39.45
C27 A1EEE Q . 20.90 -3.80 38.29
C29 A1EEE Q . 21.34 -1.70 37.09
C30 A1EEE Q . 22.68 -1.74 37.54
C31 A1EEE Q . 25.47 -3.29 41.16
O32 A1EEE Q . 25.90 -4.33 40.78
O33 A1EEE Q . 27.58 -1.33 44.01
N34 A1EEE Q . 22.64 2.02 44.21
C35 A1EEE Q . 21.41 2.46 44.89
C36 A1EEE Q . 20.50 3.26 43.91
C37 A1EEE Q . 19.58 2.45 43.25
C38 A1EEE Q . 18.59 3.19 42.62
F40 A1EEE Q . 17.76 2.29 41.96
F41 A1EEE Q . 17.83 3.89 43.55
F42 A1EEE Q . 19.12 4.10 41.72
N51 A1EEE Q . 24.62 -6.77 45.54
N52 A1EEE Q . 23.76 -7.39 46.61
N53 A1EEE Q . 22.95 -8.04 47.69
C1 MPD R . 31.31 -7.13 17.73
C2 MPD R . 31.37 -8.56 17.24
O2 MPD R . 30.04 -8.92 16.86
CM MPD R . 32.27 -8.68 16.01
C3 MPD R . 31.83 -9.51 18.35
C4 MPD R . 30.80 -9.44 19.41
O4 MPD R . 29.77 -10.36 19.09
C5 MPD R . 31.36 -9.73 20.77
C10 A1EEE S . 40.05 16.25 27.75
C17 A1EEE S . 35.92 17.75 27.98
C20 A1EEE S . 35.33 16.69 24.21
C21 A1EEE S . 34.22 15.61 24.40
C22 A1EEE S . 34.54 14.26 24.86
C24 A1EEE S . 36.15 12.54 25.60
C26 A1EEE S . 33.79 12.02 25.48
C28 A1EEE S . 32.16 13.74 24.75
O01 A1EEE S . 34.37 17.02 30.36
C02 A1EEE S . 34.44 18.19 30.13
N03 A1EEE S . 35.17 18.66 28.91
C04 A1EEE S . 35.35 20.06 28.60
C05 A1EEE S . 36.75 20.37 29.05
C06 A1EEE S . 37.77 19.62 28.18
N07 A1EEE S . 37.35 18.29 27.62
C08 A1EEE S . 37.96 17.60 26.92
C09 A1EEE S . 38.46 16.29 27.68
C11 A1EEE S . 40.42 15.34 28.99
C18 A1EEE S . 35.09 17.55 26.55
N19 A1EEE S . 35.92 17.13 25.48
C23 A1EEE S . 35.88 13.85 25.16
C25 A1EEE S . 35.10 11.63 25.76
C27 A1EEE S . 33.51 13.36 25.03
C29 A1EEE S . 31.86 15.03 24.31
C30 A1EEE S . 32.89 15.97 24.14
C31 A1EEE S . 37.34 17.16 25.65
O32 A1EEE S . 38.06 16.83 24.78
O33 A1EEE S . 38.82 20.12 27.96
N34 A1EEE S . 33.79 19.16 31.01
C35 A1EEE S . 33.03 18.76 32.21
C36 A1EEE S . 31.51 18.77 31.88
C37 A1EEE S . 31.04 17.53 31.47
C38 A1EEE S . 29.66 17.46 31.59
F40 A1EEE S . 29.06 18.49 30.88
F41 A1EEE S . 29.23 16.24 31.08
F42 A1EEE S . 29.28 17.57 32.92
N51 A1EEE S . 41.61 14.49 28.63
N52 A1EEE S . 42.81 13.69 28.25
N53 A1EEE S . 44.01 12.89 27.82
C10 A1EEE T . 28.02 40.64 15.28
C17 A1EEE T . 24.61 39.10 16.17
C20 A1EEE T . 23.20 37.62 12.73
C21 A1EEE T . 23.35 36.10 12.99
C22 A1EEE T . 24.60 35.39 12.85
C24 A1EEE T . 27.02 35.33 12.33
C26 A1EEE T . 25.88 33.31 12.99
C28 A1EEE T . 23.46 33.35 13.53
O01 A1EEE T . 25.16 37.59 18.61
C02 A1EEE T . 24.41 38.51 18.75
N03 A1EEE T . 24.02 39.32 17.54
C04 A1EEE T . 23.14 40.48 17.62
C05 A1EEE T . 24.00 41.69 17.46
C06 A1EEE T . 24.71 41.73 16.10
N07 A1EEE T . 25.02 40.42 15.44
C08 A1EEE T . 25.54 40.27 14.41
C09 A1EEE T . 27.00 39.65 14.57
C11 A1EEE T . 29.32 40.63 14.35
C18 A1EEE T . 23.54 38.32 15.14
N19 A1EEE T . 23.87 38.45 13.77
C23 A1EEE T . 25.82 36.05 12.45
C25 A1EEE T . 27.04 33.96 12.60
C27 A1EEE T . 24.65 34.04 13.12
C29 A1EEE T . 22.26 34.03 13.66
C30 A1EEE T . 22.20 35.41 13.39
C31 A1EEE T . 24.85 39.43 13.40
O32 A1EEE T . 25.15 39.59 12.27
O33 A1EEE T . 24.99 42.79 15.62
N34 A1EEE T . 23.86 38.81 20.07
C35 A1EEE T . 24.21 38.02 21.27
C36 A1EEE T . 23.13 36.95 21.56
C37 A1EEE T . 23.49 35.72 21.02
C38 A1EEE T . 22.70 34.71 21.52
F40 A1EEE T . 22.97 34.48 22.86
F41 A1EEE T . 22.95 33.56 20.79
F42 A1EEE T . 21.36 35.05 21.39
N51 A1EEE T . 30.36 39.71 14.93
N52 A1EEE T . 31.40 38.77 15.48
N53 A1EEE T . 32.45 37.86 16.03
C10 A1EEE U . -0.43 49.87 13.90
C17 A1EEE U . -1.23 46.38 15.76
C20 A1EEE U . -2.81 44.19 12.87
C21 A1EEE U . -1.68 43.14 12.76
C22 A1EEE U . -0.48 43.35 11.98
C24 A1EEE U . 0.94 44.74 10.50
C26 A1EEE U . 1.69 42.53 11.18
C28 A1EEE U . 0.29 41.13 12.65
O01 A1EEE U . 1.21 45.85 17.19
C02 A1EEE U . 0.27 45.98 17.90
N03 A1EEE U . -1.07 46.21 17.25
C04 A1EEE U . -2.32 46.44 17.97
C05 A1EEE U . -2.63 47.89 17.84
C06 A1EEE U . -2.78 48.39 16.39
N07 A1EEE U . -2.06 47.62 15.32
C08 A1EEE U . -2.06 47.82 14.18
C09 A1EEE U . -0.63 48.31 13.67
C11 A1EEE U . 0.56 50.35 12.74
C18 A1EEE U . -2.01 45.07 15.08
N19 A1EEE U . -2.40 45.32 13.76
C23 A1EEE U . -0.24 44.56 11.25
C25 A1EEE U . 1.90 43.71 10.47
C27 A1EEE U . 0.48 42.36 11.94
C29 A1EEE U . -0.87 40.92 13.41
C30 A1EEE U . -1.85 41.93 13.46
C31 A1EEE U . -2.45 46.68 13.30
O32 A1EEE U . -2.80 46.95 12.20
O33 A1EEE U . -3.44 49.34 16.14
N34 A1EEE U . 0.43 45.87 19.35
C35 A1EEE U . 1.75 45.61 19.98
C36 A1EEE U . 1.82 44.17 20.55
C37 A1EEE U . 2.50 43.31 19.68
C38 A1EEE U . 2.88 42.13 20.31
F40 A1EEE U . 1.82 41.50 20.90
F41 A1EEE U . 3.83 42.36 21.30
F42 A1EEE U . 3.42 41.31 19.33
N51 A1EEE U . -0.23 50.92 11.60
N52 A1EEE U . -1.05 51.49 10.47
N53 A1EEE U . -1.86 52.09 9.36
C10 A1EEE V . -23.48 36.96 26.62
C17 A1EEE V . -22.01 34.04 27.44
C20 A1EEE V . -22.97 31.16 24.88
C21 A1EEE V . -21.72 31.22 23.96
C22 A1EEE V . -21.57 32.19 22.90
C24 A1EEE V . -22.40 34.11 21.59
C26 A1EEE V . -20.24 33.13 21.07
C28 A1EEE V . -19.39 31.22 22.37
O01 A1EEE V . -19.48 35.45 27.73
C02 A1EEE V . -19.86 34.91 28.72
N03 A1EEE V . -21.13 34.12 28.67
C04 A1EEE V . -21.73 33.45 29.83
C05 A1EEE V . -22.88 34.29 30.26
C06 A1EEE V . -23.96 34.43 29.17
N07 A1EEE V . -23.53 34.32 27.74
C08 A1EEE V . -24.21 34.36 26.79
C09 A1EEE V . -24.00 35.65 25.87
C11 A1EEE V . -22.17 37.43 25.82
C18 A1EEE V . -21.96 32.53 26.75
N19 A1EEE V . -23.01 32.31 25.83
C23 A1EEE V . -22.57 33.19 22.61
C25 A1EEE V . -21.23 34.09 20.82
C27 A1EEE V . -20.42 32.18 22.13
C29 A1EEE V . -19.54 30.28 23.39
C30 A1EEE V . -20.70 30.28 24.18
C31 A1EEE V . -24.14 33.21 25.87
O32 A1EEE V . -25.05 33.05 25.12
O33 A1EEE V . -25.09 34.62 29.51
N34 A1EEE V . -19.06 34.99 29.95
C35 A1EEE V . -17.78 35.75 30.01
C36 A1EEE V . -16.55 34.81 29.97
C37 A1EEE V . -16.13 34.59 28.67
C38 A1EEE V . -14.86 34.01 28.61
F40 A1EEE V . -14.59 33.69 27.29
F41 A1EEE V . -14.79 32.86 29.37
F42 A1EEE V . -13.89 34.88 29.08
N51 A1EEE V . -22.49 38.53 24.87
N52 A1EEE V . -22.79 39.63 23.88
N53 A1EEE V . -23.09 40.77 22.94
C10 A1EEE W . -26.24 11.72 42.29
C17 A1EEE W . -21.93 11.70 42.01
C20 A1EEE W . -22.17 8.73 39.41
C21 A1EEE W . -21.81 9.55 38.14
C22 A1EEE W . -22.79 10.32 37.40
C24 A1EEE W . -25.10 11.14 37.04
C26 A1EEE W . -23.33 11.80 35.53
C28 A1EEE W . -21.03 11.00 35.86
O01 A1EEE W . -21.18 14.46 41.72
C02 A1EEE W . -20.62 13.89 42.59
N03 A1EEE W . -20.87 12.44 42.79
C04 A1EEE W . -20.29 11.63 43.84
C05 A1EEE W . -21.34 11.59 44.91
C06 A1EEE W . -22.66 10.97 44.43
N07 A1EEE W . -22.95 11.01 42.96
C08 A1EEE W . -23.87 10.59 42.41
C09 A1EEE W . -24.74 11.80 41.83
C11 A1EEE W . -26.28 12.41 43.72
C18 A1EEE W . -21.34 10.50 41.00
N19 A1EEE W . -22.38 9.65 40.57
C23 A1EEE W . -24.18 10.39 37.78
C25 A1EEE W . -24.68 11.85 35.90
C27 A1EEE W . -22.39 11.02 36.29
C29 A1EEE W . -20.09 10.25 36.57
C30 A1EEE W . -20.49 9.53 37.71
C31 A1EEE W . -23.63 9.66 41.28
O32 A1EEE W . -24.51 8.95 40.95
O33 A1EEE W . -23.40 10.47 45.21
N34 A1EEE W . -19.65 14.62 43.41
C35 A1EEE W . -19.36 16.06 43.17
C36 A1EEE W . -18.05 16.19 42.38
C37 A1EEE W . -18.25 16.10 41.01
C38 A1EEE W . -17.07 16.43 40.33
F40 A1EEE W . -17.29 16.28 38.97
F41 A1EEE W . -16.05 15.56 40.72
F42 A1EEE W . -16.68 17.73 40.60
N51 A1EEE W . -27.55 11.97 44.39
N52 A1EEE W . -28.82 11.50 45.03
N53 A1EEE W . -30.11 11.04 45.66
C1 MPD X . -22.76 -11.85 29.07
C2 MPD X . -22.16 -10.46 28.94
O2 MPD X . -22.61 -9.85 27.74
CM MPD X . -22.62 -9.59 30.10
C3 MPD X . -20.62 -10.55 28.95
C4 MPD X . -20.01 -11.08 27.64
O4 MPD X . -20.28 -10.21 26.54
C5 MPD X . -18.50 -11.19 27.75
C10 A1EEE Y . 25.95 -30.80 -30.88
C17 A1EEE Y . 23.14 -31.34 -29.37
C20 A1EEE Y . 23.36 -30.08 -25.67
C21 A1EEE Y . 22.86 -28.62 -25.83
C22 A1EEE Y . 23.71 -27.54 -26.31
C24 A1EEE Y . 25.86 -26.66 -27.11
C26 A1EEE Y . 23.97 -25.17 -26.86
C28 A1EEE Y . 21.80 -26.03 -26.06
O01 A1EEE Y . 22.07 -29.95 -31.67
C02 A1EEE Y . 21.60 -31.02 -31.50
N03 A1EEE Y . 22.05 -31.81 -30.30
C04 A1EEE Y . 21.60 -33.15 -30.01
C05 A1EEE Y . 22.72 -34.04 -30.48
C06 A1EEE Y . 24.04 -33.79 -29.74
N07 A1EEE Y . 24.27 -32.40 -29.17
C08 A1EEE Y . 25.19 -32.04 -28.55
C09 A1EEE Y . 26.23 -31.12 -29.35
C11 A1EEE Y . 25.95 -29.21 -30.99
C18 A1EEE Y . 22.55 -30.97 -27.86
N19 A1EEE Y . 23.61 -30.79 -26.95
C23 A1EEE Y . 25.09 -27.73 -26.66
C25 A1EEE Y . 25.31 -25.37 -27.21
C27 A1EEE Y . 23.17 -26.27 -26.41
C29 A1EEE Y . 21.00 -27.07 -25.61
C30 A1EEE Y . 21.52 -28.36 -25.49
C31 A1EEE Y . 24.89 -31.33 -27.27
O32 A1EEE Y . 25.80 -31.21 -26.51
O33 A1EEE Y . 24.83 -34.66 -29.63
N34 A1EEE Y . 20.58 -31.53 -32.43
C35 A1EEE Y . 20.12 -30.74 -33.58
C36 A1EEE Y . 18.73 -30.13 -33.34
C37 A1EEE Y . 18.84 -28.85 -32.80
C38 A1EEE Y . 17.59 -28.23 -32.72
F40 A1EEE Y . 16.70 -29.06 -32.06
F41 A1EEE Y . 17.76 -27.06 -32.00
F42 A1EEE Y . 17.11 -27.94 -33.98
N51 A1EEE Y . 27.10 -28.76 -31.85
N52 A1EEE Y . 28.27 -28.36 -32.72
N53 A1EEE Y . 29.44 -28.00 -33.58
O TBU Z . 24.48 -28.81 -2.21
C TBU Z . 23.94 -28.47 -3.48
C1 TBU Z . 24.15 -29.63 -4.43
C2 TBU Z . 24.70 -27.27 -4.02
C3 TBU Z . 22.46 -28.14 -3.30
C10 A1EEE AA . -21.64 -44.41 -14.05
C17 A1EEE AA . -21.79 -41.22 -15.26
C20 A1EEE AA . -22.21 -38.63 -12.31
C21 A1EEE AA . -20.74 -38.13 -12.15
C22 A1EEE AA . -19.74 -38.87 -11.39
C24 A1EEE AA . -19.04 -40.78 -10.00
C26 A1EEE AA . -17.45 -39.05 -10.57
C28 A1EEE AA . -18.12 -37.14 -11.96
O01 A1EEE AA . -19.47 -41.78 -16.87
C02 A1EEE AA . -20.43 -41.50 -17.49
N03 A1EEE AA . -21.68 -41.14 -16.76
C04 A1EEE AA . -22.94 -40.81 -17.41
C05 A1EEE AA . -23.79 -42.04 -17.29
C06 A1EEE AA . -24.07 -42.42 -15.83
N07 A1EEE AA . -23.06 -42.00 -14.78
C08 A1EEE AA . -23.13 -42.18 -13.63
C09 A1EEE AA . -22.09 -43.25 -13.05
C11 A1EEE AA . -20.05 -44.33 -14.09
C18 A1EEE AA . -21.88 -39.71 -14.55
N19 A1EEE AA . -22.34 -39.78 -13.23
C23 A1EEE AA . -20.04 -40.11 -10.73
C25 A1EEE AA . -17.75 -40.26 -9.93
C27 A1EEE AA . -18.46 -38.36 -11.31
C29 A1EEE AA . -19.09 -36.44 -12.68
C30 A1EEE AA . -20.39 -36.94 -12.78
C31 A1EEE AA . -22.97 -40.99 -12.76
O32 A1EEE AA . -23.38 -41.08 -11.65
O33 A1EEE AA . -25.07 -43.00 -15.56
N34 A1EEE AA . -20.36 -41.47 -18.96
C35 A1EEE AA . -19.10 -41.80 -19.68
C36 A1EEE AA . -18.37 -40.53 -20.18
C37 A1EEE AA . -17.37 -40.11 -19.30
C38 A1EEE AA . -16.57 -39.14 -19.88
F40 A1EEE AA . -17.32 -38.11 -20.44
F41 A1EEE AA . -15.73 -38.62 -18.91
F42 A1EEE AA . -15.80 -39.68 -20.90
N51 A1EEE AA . -19.42 -45.43 -13.27
N52 A1EEE AA . -18.79 -46.52 -12.45
N53 A1EEE AA . -18.16 -47.59 -11.60
C10 A1EEE BA . 6.68 -48.85 -15.13
C17 A1EEE BA . 4.35 -45.58 -16.92
C20 A1EEE BA . 3.88 -43.79 -13.45
C21 A1EEE BA . 4.62 -42.45 -13.76
C22 A1EEE BA . 6.07 -42.34 -13.70
C24 A1EEE BA . 8.29 -43.31 -13.33
C26 A1EEE BA . 8.08 -40.98 -13.94
C28 A1EEE BA . 5.85 -39.98 -14.33
O01 A1EEE BA . 5.60 -44.65 -19.37
C02 A1EEE BA . 4.50 -45.06 -19.51
N03 A1EEE BA . 3.74 -45.52 -18.30
C04 A1EEE BA . 2.40 -46.09 -18.36
C05 A1EEE BA . 2.63 -47.57 -18.30
C06 A1EEE BA . 3.31 -48.01 -17.00
N07 A1EEE BA . 4.17 -47.00 -16.28
C08 A1EEE BA . 4.73 -47.15 -15.27
C09 A1EEE BA . 6.30 -47.35 -15.50
C11 A1EEE BA . 7.79 -48.79 -13.99
C18 A1EEE BA . 3.67 -44.51 -15.84
N19 A1EEE BA . 4.05 -44.81 -14.53
C23 A1EEE BA . 6.91 -43.46 -13.36
C25 A1EEE BA . 8.88 -42.07 -13.61
C27 A1EEE BA . 6.65 -41.12 -13.98
C29 A1EEE BA . 4.46 -40.09 -14.38
C30 A1EEE BA . 3.84 -41.33 -14.09
C31 A1EEE BA . 4.55 -46.11 -14.22
O32 A1EEE BA . 4.87 -46.41 -13.12
O33 A1EEE BA . 3.12 -49.11 -16.59
N34 A1EEE BA . 3.89 -45.08 -20.84
C35 A1EEE BA . 4.61 -44.60 -22.05
C36 A1EEE BA . 4.05 -43.24 -22.52
C37 A1EEE BA . 4.57 -42.20 -21.77
C38 A1EEE BA . 4.22 -40.96 -22.31
F40 A1EEE BA . 4.91 -39.98 -21.64
F41 A1EEE BA . 4.54 -40.87 -23.65
F42 A1EEE BA . 2.86 -40.76 -22.13
N51 A1EEE BA . 8.75 -49.88 -14.33
N52 A1EEE BA . 9.68 -50.99 -14.73
N53 A1EEE BA . 10.54 -52.14 -15.15
C10 A1EEE CA . -38.57 -23.13 -25.36
C17 A1EEE CA . -35.56 -21.11 -26.19
C20 A1EEE CA . -35.28 -18.16 -23.58
C21 A1EEE CA . -34.14 -18.73 -22.70
C22 A1EEE CA . -34.37 -19.66 -21.63
C24 A1EEE CA . -35.85 -21.05 -20.23
C26 A1EEE CA . -33.47 -21.05 -19.82
C28 A1EEE CA . -31.96 -19.67 -21.20
O01 A1EEE CA . -34.12 -23.59 -26.56
C02 A1EEE CA . -34.20 -22.91 -27.53
N03 A1EEE CA . -34.86 -21.57 -27.43
C04 A1EEE CA . -35.07 -20.69 -28.57
C05 A1EEE CA . -36.48 -20.97 -28.99
C06 A1EEE CA . -37.52 -20.71 -27.88
N07 A1EEE CA . -37.06 -20.79 -26.46
C08 A1EEE CA . -37.70 -20.59 -25.49
C09 A1EEE CA . -37.96 -21.87 -24.59
C11 A1EEE CA . -38.00 -24.38 -24.55
C18 A1EEE CA . -34.93 -19.71 -25.53
N19 A1EEE CA . -35.79 -19.17 -24.56
C23 A1EEE CA . -35.68 -20.15 -21.29
C25 A1EEE CA . -34.75 -21.50 -19.51
C27 A1EEE CA . -33.28 -20.12 -20.90
C29 A1EEE CA . -31.75 -18.77 -22.24
C30 A1EEE CA . -32.83 -18.30 -22.99
C31 A1EEE CA . -37.17 -19.58 -24.55
O32 A1EEE CA . -37.92 -19.15 -23.75
O33 A1EEE CA . -38.63 -20.49 -28.20
N34 A1EEE CA . -33.58 -23.39 -28.79
C35 A1EEE CA . -32.89 -24.69 -28.87
C36 A1EEE CA . -31.36 -24.49 -28.94
C37 A1EEE CA . -30.84 -24.19 -27.68
C38 A1EEE CA . -29.44 -24.19 -27.69
F40 A1EEE CA . -28.93 -25.38 -28.18
F41 A1EEE CA . -29.03 -24.01 -26.39
F42 A1EEE CA . -28.97 -23.16 -28.48
N51 A1EEE CA . -37.12 -25.20 -25.46
N52 A1EEE CA . -36.26 -26.02 -26.37
N53 A1EEE CA . -35.39 -26.82 -27.30
C10 A1EEE DA . -30.13 -0.08 -42.19
C17 A1EEE DA . -26.70 -0.83 -40.94
C20 A1EEE DA . -25.53 1.81 -38.30
C21 A1EEE DA . -25.49 0.93 -37.02
C22 A1EEE DA . -26.67 0.67 -36.22
C24 A1EEE DA . -29.09 0.92 -35.77
C26 A1EEE DA . -27.71 -0.40 -34.28
C28 A1EEE DA . -25.28 -0.67 -34.72
O01 A1EEE DA . -27.29 -3.62 -40.62
C02 A1EEE DA . -26.53 -3.39 -41.52
N03 A1EEE DA . -26.11 -1.97 -41.73
C04 A1EEE DA . -25.25 -1.53 -42.82
C05 A1EEE DA . -26.18 -1.01 -43.86
C06 A1EEE DA . -27.06 0.16 -43.36
N07 A1EEE DA . -27.31 0.25 -41.88
C08 A1EEE DA . -27.92 1.06 -41.32
C09 A1EEE DA . -29.36 0.50 -40.91
C11 A1EEE DA . -31.59 -0.53 -41.72
C18 A1EEE DA . -25.59 -0.06 -39.98
N19 A1EEE DA . -26.14 1.12 -39.47
C23 A1EEE DA . -27.97 1.20 -36.57
C25 A1EEE DA . -28.95 0.11 -34.62
C27 A1EEE DA . -26.55 -0.12 -35.10
C29 A1EEE DA . -24.15 -0.41 -35.49
C30 A1EEE DA . -24.26 0.39 -36.64
C31 A1EEE DA . -27.28 1.68 -40.14
O32 A1EEE DA . -27.75 2.70 -39.75
O33 A1EEE DA . -27.49 0.94 -44.13
N34 A1EEE DA . -25.99 -4.46 -42.35
C35 A1EEE DA . -26.35 -5.87 -42.15
C36 A1EEE DA . -25.20 -6.64 -41.45
C37 A1EEE DA . -25.15 -6.31 -40.10
C38 A1EEE DA . -24.33 -7.20 -39.40
F40 A1EEE DA . -23.00 -7.02 -39.77
F41 A1EEE DA . -24.69 -8.51 -39.64
F42 A1EEE DA . -24.47 -6.95 -38.05
N51 A1EEE DA . -32.36 0.67 -41.27
N52 A1EEE DA . -33.13 1.85 -40.75
N53 A1EEE DA . -33.89 3.05 -40.27
C10 A1EEE EA . -3.70 7.05 -50.95
C17 A1EEE EA . -2.00 4.51 -48.66
C20 A1EEE EA . -0.28 6.63 -45.79
C21 A1EEE EA . -1.23 6.28 -44.62
C22 A1EEE EA . -2.48 6.98 -44.39
C24 A1EEE EA . -4.14 8.71 -44.97
C26 A1EEE EA . -4.51 7.28 -43.06
C28 A1EEE EA . -2.87 5.54 -42.45
O01 A1EEE EA . -4.31 2.80 -48.83
C02 A1EEE EA . -3.30 2.29 -49.21
N03 A1EEE EA . -2.02 3.07 -49.12
C04 A1EEE EA . -0.73 2.61 -49.60
C05 A1EEE EA . -0.51 3.30 -50.92
C06 A1EEE EA . -0.60 4.84 -50.85
N07 A1EEE EA . -1.37 5.46 -49.71
C08 A1EEE EA . -1.53 6.59 -49.48
C09 A1EEE EA . -3.07 7.03 -49.48
C11 A1EEE EA . -4.16 5.57 -51.31
C18 A1EEE EA . -1.13 4.77 -47.26
N19 A1EEE EA . -0.82 6.14 -47.09
C23 A1EEE EA . -2.93 8.06 -45.23
C25 A1EEE EA . -4.93 8.32 -43.88
C27 A1EEE EA . -3.28 6.60 -43.32
C29 A1EEE EA . -1.66 4.87 -42.69
C30 A1EEE EA . -0.84 5.23 -43.77
C31 A1EEE EA . -1.00 7.06 -48.18
O32 A1EEE EA . -0.74 8.21 -48.07
O33 A1EEE EA . -0.09 5.49 -51.69
N34 A1EEE EA . -3.31 0.91 -49.74
C35 A1EEE EA . -4.57 0.12 -49.79
C36 A1EEE EA . -4.58 -0.96 -48.69
C37 A1EEE EA . -4.97 -0.43 -47.47
C38 A1EEE EA . -5.26 -1.44 -46.55
F40 A1EEE EA . -5.70 -0.83 -45.38
F41 A1EEE EA . -4.13 -2.18 -46.28
F42 A1EEE EA . -6.26 -2.28 -47.03
N51 A1EEE EA . -4.13 5.45 -52.80
N52 A1EEE EA . -4.02 5.33 -54.30
N53 A1EEE EA . -3.93 5.31 -55.80
C10 A1EEE FA . 22.11 -6.81 -46.05
C17 A1EEE FA . 20.42 -8.88 -43.53
C20 A1EEE FA . 21.48 -7.66 -39.91
C21 A1EEE FA . 20.17 -6.95 -39.46
C22 A1EEE FA . 19.85 -5.58 -39.82
C24 A1EEE FA . 20.36 -3.44 -40.95
C26 A1EEE FA . 18.29 -3.68 -39.71
C28 A1EEE FA . 17.75 -5.81 -38.57
O01 A1EEE FA . 17.78 -8.71 -44.72
C02 A1EEE FA . 18.23 -9.81 -44.71
N03 A1EEE FA . 19.58 -10.02 -44.06
C04 A1EEE FA . 20.27 -11.30 -44.02
C05 A1EEE FA . 21.35 -11.22 -45.06
C06 A1EEE FA . 22.38 -10.10 -44.79
N07 A1EEE FA . 21.91 -8.91 -44.00
C08 A1EEE FA . 22.54 -7.98 -43.67
C09 A1EEE FA . 22.17 -6.64 -44.47
C11 A1EEE FA . 20.68 -6.24 -46.45
C18 A1EEE FA . 20.46 -8.89 -41.86
N19 A1EEE FA . 21.47 -8.05 -41.35
C23 A1EEE FA . 20.72 -4.76 -40.61
C25 A1EEE FA . 19.15 -2.91 -40.49
C27 A1EEE FA . 18.65 -5.03 -39.37
C29 A1EEE FA . 18.08 -7.13 -38.23
C30 A1EEE FA . 19.28 -7.70 -38.67
C31 A1EEE FA . 22.52 -7.60 -42.23
O32 A1EEE FA . 23.40 -6.91 -41.84
O33 A1EEE FA . 23.49 -10.23 -45.18
N34 A1EEE FA . 17.47 -10.93 -45.26
C35 A1EEE FA . 16.13 -10.75 -45.87
C36 A1EEE FA . 15.00 -11.29 -44.95
C37 A1EEE FA . 14.52 -10.30 -44.10
C38 A1EEE FA . 13.33 -10.69 -43.48
F40 A1EEE FA . 12.92 -9.67 -42.62
F41 A1EEE FA . 13.51 -11.84 -42.73
F42 A1EEE FA . 12.35 -10.92 -44.45
N51 A1EEE FA . 20.74 -4.82 -46.92
N52 A1EEE FA . 20.80 -3.39 -47.39
N53 A1EEE FA . 20.82 -1.96 -47.87
#